data_6WHV
#
_entry.id   6WHV
#
_cell.length_a   1.00
_cell.length_b   1.00
_cell.length_c   1.00
_cell.angle_alpha   90.00
_cell.angle_beta   90.00
_cell.angle_gamma   90.00
#
_symmetry.space_group_name_H-M   'P 1'
#
loop_
_entity.id
_entity.type
_entity.pdbx_description
1 polymer 'Glutamate receptor ionotropic, NMDA 1'
2 polymer 'Glutamate receptor ionotropic, NMDA 2B'
3 branched 2-acetamido-2-deoxy-beta-D-glucopyranose-(1-4)-2-acetamido-2-deoxy-beta-D-glucopyranose
4 non-polymer 2-acetamido-2-deoxy-beta-D-glucopyranose
5 non-polymer "(2S)-2-amino-3-[2',4'-dichloro-4-hydroxy-5-(phosphonomethyl)biphenyl-3-yl]propanoic acid"
6 non-polymer '(2R,4S)-5,7-dichloro-4-[(phenylcarbamoyl)amino]-1,2,3,4-tetrahydroquinoline-2-carboxylic acid'
#
loop_
_entity_poly.entity_id
_entity_poly.type
_entity_poly.pdbx_seq_one_letter_code
_entity_poly.pdbx_strand_id
1 'polypeptide(L)'
;MSTMHLLTFALLFSCSFARAASDPKIVNIGAVLSTRKHEQMFREAVNQANKRHGSWKIQLQATSVTHKPNAIQMALSVCE
DLISSQVYAILVSHPPTPNDHFTPTPVSYTAGFYRIPVLGLTTRMSIYSDKSIHLSFLRTVPPYSHQSSVWFEMMRVYNW
NHIILLVSDDHEGRAAQKRLETLLEERESKSKKRNYENLDQLSYDNKRGPKAEKVLQFDPGTKNVTALLMEARELEARVI
ILSASEDDAATVYRAAAMLDMTGSGYVWLVGEREISGNALRYAPDGIIGLQLINGKNESAHISDAVGVVAQAVHELLEKE
NITDPPRGCVGNTNIWKTGPLFKRVLMSSKYADGVTGRVEFNEDGDRKFAQYSIMNLQNRKLVQVGIYNGTHVIPNDRKI
IWPGGETEKPRGYQMSTRLKIVTIHQEPFVYVKPTMSDGTCKEEFTVNGDPVKKVICTGPNDTSPGSPRHTVPQCCYGFC
IDLLIKLARTMQFTYEVHLVADGKFGTQERVQNSNKKEWNGMMGELLSGQADMIVAPLTINNERAQYIEFSKPFKYQGLT
ILVKKEIPRSTLDSFMQPFQSTLWLLVGLSVHVVAVMLYLLDRFSPFGRFKVNSQSESTDALTLSSAMWFSWGVLLNSGI
GEGAPRSFSARILGMVWAGFAMIIVASYTANLAAFLVLDRPEERITGINDPRLRNPSDKFIYATVKQSSVDIYFRRQVEL
STMYRHMEKHNYESAAEAIQAVRDNKLHAFIWDSAVLEFEASQKCDLVTTGELFFRSGFGIGMRKDSPWKQQVSLSILKS
HENGFMEDLDKTWVRYQECDSRSNAPATLTCENMAGVFMLVAGGIVAGIFLIFIEIAYKRHKDARRKQMQLAFAAVNVWR
KNLQDRKSGRAEPDPKKKATFRAITSTLASSFKRRRSSKDTSTGGGRGALQNQKDTVLPRRAIEREEGQLQLCSRHRES
;
A,C
2 'polypeptide(L)'
;MGTMRLFLLAVLFLFSFARATGWSHPQFEKGGGSGGGSGGSAWSHPQFEKGALVPRGRSQKSPPSIGIAVILVGTSDEVA
IKDAHEKDDFHHLSVVPRVELVAMNETDPKSIITRICDLMSDRKIQGVVFADDTDQEAIAQILDFISAQTLTPILGIHGG
SSMIMADKDESSMFFQFGPSIEQQASVMLNIMEEYDWYIFSIVTTYFPGYQDFVNKIRSTIENSFVGWELEEVLLLDMSL
DDGDSKIQNQLKKLQSPIILLYCTKEEATYIFEVANSVGLTGYGYTWIVPSLVAGDTDTVPSEFPTGLISVSYDEWDYGL
PARVRDGIAIITTAASDMLSEHSFIPEPKSSCYNTHEKRIYQSNMLNRYLINVTFEGRDLSFSEDGYQMHPKLVIILLNK
ERKWERVGKWKDKSLQMKYYVWPRMCPETEEQEDDHLSIVTLEEAPFVIVESVDPLSGTCMRNTVPCQKRIISENKTDEE
PGYIKKCCKGFCIDILKKISKSVKFTYDLYLVTNGKHGKKINGTWNGMIGEVVMKRAYMAVGSLTINEERSEVVDFSVPF
IETGISVMVSRSNGTVSPSAFLEPFSACVWVMMFVMLLIVSAVAVFVFEYFSPVGYNRSLADGREPGGPSFTIGKAIWLL
WGLVFNNSVPVQNPKGTTSKIMVSVWAFFAVIFLASYTANLAAFMIQEEYVDQVSGLSDKKFQRPNDFSPPFRFGTVPNG
STERNIRNNYAEMHAYMGKFNQRGVDDALLSLKTGKLDAFIYDAAVLNYMAGRDEGCKLVTIGSGKVFASTGYGIAIQKD
SGWKRQVDLAILQLFGDGEMEELEALWLTGICHNEKNEVMSSQLDIDNMAGVFYMLGAAMALSLITFISEHLFYWQFRHS
FMG
;
B,D
#
loop_
_chem_comp.id
_chem_comp.type
_chem_comp.name
_chem_comp.formula
NAG D-saccharide, beta linking 2-acetamido-2-deoxy-beta-D-glucopyranose 'C8 H15 N O6'
QGM non-polymer '(2R,4S)-5,7-dichloro-4-[(phenylcarbamoyl)amino]-1,2,3,4-tetrahydroquinoline-2-carboxylic acid' 'C17 H15 Cl2 N3 O3'
QGP non-polymer '(2S)-2-amino-3-[2',4'-dichloro-4-hydroxy-5-(phosphonomethyl)biphenyl-3-yl]propanoic acid' 'C16 H16 Cl2 N O6 P'
#
# COMPACT_ATOMS: atom_id res chain seq x y z
N LYS A 25 28.59 24.61 -69.46
CA LYS A 25 28.47 24.29 -68.05
C LYS A 25 29.80 23.80 -67.49
N ILE A 26 30.67 24.75 -67.14
CA ILE A 26 31.94 24.47 -66.51
C ILE A 26 31.94 25.16 -65.15
N VAL A 27 32.33 24.41 -64.11
CA VAL A 27 32.23 24.89 -62.75
C VAL A 27 33.23 26.01 -62.50
N ASN A 28 32.82 27.01 -61.72
CA ASN A 28 33.63 28.19 -61.45
C ASN A 28 33.84 28.33 -59.94
N ILE A 29 35.03 28.74 -59.54
CA ILE A 29 35.43 28.77 -58.13
C ILE A 29 36.40 29.93 -57.92
N GLY A 30 36.27 30.64 -56.80
CA GLY A 30 37.15 31.75 -56.46
C GLY A 30 37.71 31.63 -55.06
N ALA A 31 38.98 32.01 -54.91
CA ALA A 31 39.70 31.92 -53.64
C ALA A 31 40.24 33.28 -53.25
N VAL A 32 40.95 33.33 -52.12
CA VAL A 32 41.53 34.58 -51.62
C VAL A 32 42.92 34.27 -51.07
N LEU A 33 43.96 34.77 -51.75
CA LEU A 33 45.34 34.79 -51.24
C LEU A 33 46.17 35.69 -52.15
N SER A 34 47.43 35.90 -51.74
CA SER A 34 48.39 36.63 -52.55
C SER A 34 49.21 35.74 -53.47
N THR A 35 49.21 34.43 -53.23
CA THR A 35 49.87 33.47 -54.12
C THR A 35 48.91 33.18 -55.27
N ARG A 36 48.55 34.23 -56.00
CA ARG A 36 47.65 34.13 -57.14
C ARG A 36 48.08 33.05 -58.13
N LYS A 37 49.34 32.61 -58.06
CA LYS A 37 49.75 31.43 -58.82
C LYS A 37 48.96 30.19 -58.42
N HIS A 38 48.26 30.22 -57.29
CA HIS A 38 47.33 29.15 -56.95
C HIS A 38 46.26 28.98 -58.02
N GLU A 39 45.99 30.02 -58.81
CA GLU A 39 45.13 29.86 -59.97
C GLU A 39 45.70 28.83 -60.94
N GLN A 40 46.99 28.93 -61.26
CA GLN A 40 47.63 27.88 -62.04
C GLN A 40 47.61 26.55 -61.28
N MET A 41 47.74 26.61 -59.96
CA MET A 41 47.53 25.41 -59.16
C MET A 41 46.13 24.85 -59.37
N PHE A 42 45.14 25.73 -59.58
CA PHE A 42 43.80 25.24 -59.89
C PHE A 42 43.72 24.66 -61.29
N ARG A 43 44.56 25.12 -62.22
CA ARG A 43 44.59 24.49 -63.54
C ARG A 43 45.18 23.09 -63.44
N GLU A 44 46.27 22.93 -62.71
CA GLU A 44 46.77 21.58 -62.43
C GLU A 44 45.71 20.76 -61.70
N ALA A 45 44.90 21.42 -60.86
CA ALA A 45 43.83 20.75 -60.15
C ALA A 45 42.79 20.18 -61.10
N VAL A 46 42.33 20.98 -62.08
CA VAL A 46 41.35 20.46 -63.03
C VAL A 46 41.99 19.39 -63.90
N ASN A 47 43.29 19.50 -64.15
CA ASN A 47 43.99 18.42 -64.84
C ASN A 47 43.83 17.11 -64.07
N GLN A 48 44.30 17.08 -62.82
CA GLN A 48 44.16 15.89 -61.99
C GLN A 48 42.70 15.55 -61.70
N ALA A 49 41.78 16.48 -61.95
CA ALA A 49 40.36 16.26 -61.70
C ALA A 49 39.73 15.46 -62.83
N ASN A 50 39.76 16.01 -64.04
CA ASN A 50 39.28 15.25 -65.20
C ASN A 50 40.05 13.95 -65.35
N LYS A 51 41.34 13.94 -65.00
CA LYS A 51 42.09 12.68 -64.99
C LYS A 51 41.51 11.71 -63.97
N ARG A 52 40.96 12.21 -62.88
CA ARG A 52 40.38 11.36 -61.84
C ARG A 52 38.86 11.46 -61.84
N ILE A 58 32.95 18.03 -70.23
CA ILE A 58 32.85 19.00 -69.14
C ILE A 58 34.22 19.25 -68.54
N GLN A 59 34.35 20.37 -67.83
CA GLN A 59 35.63 20.73 -67.21
C GLN A 59 35.34 21.63 -66.02
N LEU A 60 36.41 22.04 -65.34
CA LEU A 60 36.34 22.93 -64.19
C LEU A 60 37.21 24.14 -64.43
N GLN A 61 36.64 25.33 -64.25
CA GLN A 61 37.37 26.57 -64.42
C GLN A 61 37.87 27.05 -63.07
N ALA A 62 38.61 28.15 -63.09
CA ALA A 62 39.21 28.72 -61.89
C ALA A 62 39.12 30.24 -61.93
N THR A 63 38.68 30.83 -60.84
CA THR A 63 38.62 32.28 -60.68
C THR A 63 39.24 32.67 -59.35
N SER A 64 39.46 33.98 -59.19
CA SER A 64 40.16 34.49 -58.02
C SER A 64 39.61 35.87 -57.65
N VAL A 65 39.74 36.21 -56.37
CA VAL A 65 39.34 37.51 -55.86
C VAL A 65 40.42 38.03 -54.92
N THR A 66 40.14 39.17 -54.29
CA THR A 66 41.09 39.94 -53.52
C THR A 66 40.72 39.98 -52.04
N HIS A 67 41.47 40.78 -51.28
CA HIS A 67 41.17 41.10 -49.89
C HIS A 67 41.32 42.60 -49.65
N LYS A 68 40.53 43.12 -48.72
CA LYS A 68 40.59 44.52 -48.30
C LYS A 68 40.28 44.61 -46.82
N PRO A 69 40.84 45.59 -46.12
CA PRO A 69 40.44 45.83 -44.72
C PRO A 69 39.05 46.42 -44.67
N ASN A 70 38.53 46.53 -43.44
CA ASN A 70 37.20 47.07 -43.18
C ASN A 70 36.14 46.25 -43.94
N ALA A 71 35.99 45.02 -43.49
CA ALA A 71 35.35 43.91 -44.22
C ALA A 71 33.96 44.19 -44.65
N ILE A 72 33.45 45.38 -44.33
CA ILE A 72 32.17 45.81 -44.87
C ILE A 72 32.16 45.63 -46.38
N GLN A 73 33.06 46.32 -47.08
CA GLN A 73 33.13 46.14 -48.53
C GLN A 73 33.58 44.76 -48.94
N MET A 74 34.21 44.00 -48.03
CA MET A 74 34.59 42.64 -48.38
C MET A 74 33.38 41.83 -48.81
N ALA A 75 32.27 42.00 -48.09
CA ALA A 75 31.02 41.43 -48.57
C ALA A 75 30.65 41.97 -49.93
N LEU A 76 30.72 43.30 -50.11
CA LEU A 76 30.45 43.89 -51.40
C LEU A 76 31.31 43.24 -52.47
N SER A 77 32.59 43.04 -52.18
CA SER A 77 33.50 42.51 -53.18
C SER A 77 33.19 41.06 -53.49
N VAL A 78 32.95 40.23 -52.47
CA VAL A 78 32.68 38.84 -52.75
C VAL A 78 31.40 38.71 -53.56
N CYS A 79 30.38 39.50 -53.23
CA CYS A 79 29.18 39.53 -54.08
C CYS A 79 29.56 39.87 -55.51
N GLU A 80 30.12 41.07 -55.71
CA GLU A 80 30.31 41.60 -57.05
C GLU A 80 31.21 40.71 -57.89
N ASP A 81 32.12 39.97 -57.26
CA ASP A 81 33.13 39.24 -58.00
C ASP A 81 32.82 37.75 -58.16
N LEU A 82 32.04 37.17 -57.27
CA LEU A 82 31.74 35.75 -57.41
C LEU A 82 30.27 35.49 -57.68
N ILE A 83 29.36 36.19 -57.00
CA ILE A 83 27.95 36.03 -57.32
C ILE A 83 27.64 36.48 -58.72
N SER A 84 28.53 37.29 -59.33
CA SER A 84 28.41 37.59 -60.74
C SER A 84 28.43 36.33 -61.59
N SER A 85 29.27 35.36 -61.22
CA SER A 85 29.37 34.10 -61.92
C SER A 85 28.59 33.03 -61.16
N GLN A 86 28.68 31.78 -61.64
CA GLN A 86 27.98 30.66 -61.03
C GLN A 86 28.96 29.96 -60.08
N VAL A 87 28.96 30.38 -58.84
CA VAL A 87 29.85 29.81 -57.83
C VAL A 87 29.31 28.46 -57.37
N TYR A 88 30.19 27.62 -56.84
CA TYR A 88 29.78 26.35 -56.29
C TYR A 88 30.46 26.09 -54.96
N ALA A 89 31.59 26.75 -54.73
CA ALA A 89 32.33 26.65 -53.48
C ALA A 89 33.42 27.71 -53.49
N ILE A 90 33.67 28.31 -52.34
CA ILE A 90 34.61 29.42 -52.24
C ILE A 90 35.73 29.01 -51.29
N LEU A 91 36.86 29.70 -51.41
CA LEU A 91 38.04 29.40 -50.62
C LEU A 91 38.59 30.68 -50.02
N VAL A 92 38.94 30.63 -48.74
CA VAL A 92 39.54 31.77 -48.05
C VAL A 92 40.40 31.25 -46.91
N SER A 93 41.66 31.63 -46.87
CA SER A 93 42.52 31.15 -45.81
C SER A 93 42.50 32.02 -44.56
N HIS A 94 43.16 33.16 -44.62
CA HIS A 94 43.24 34.16 -43.56
C HIS A 94 44.17 35.28 -44.01
N PRO A 95 44.18 36.41 -43.30
CA PRO A 95 45.34 37.28 -43.34
C PRO A 95 46.30 36.91 -42.22
N PRO A 96 47.59 36.79 -42.50
CA PRO A 96 48.57 36.57 -41.43
C PRO A 96 48.63 37.69 -40.41
N THR A 97 47.93 38.79 -40.63
CA THR A 97 47.77 39.80 -39.58
C THR A 97 47.12 39.12 -38.38
N PRO A 98 47.67 39.28 -37.17
CA PRO A 98 47.25 38.46 -36.04
C PRO A 98 45.89 38.81 -35.45
N ASN A 99 45.08 39.62 -36.12
CA ASN A 99 43.72 39.88 -35.66
C ASN A 99 42.94 38.57 -35.60
N ASP A 100 42.69 37.97 -36.77
CA ASP A 100 42.26 36.59 -36.91
C ASP A 100 41.09 36.22 -35.99
N HIS A 101 40.26 37.19 -35.62
CA HIS A 101 39.13 36.89 -34.75
C HIS A 101 37.85 36.64 -35.53
N PHE A 102 37.57 37.50 -36.51
CA PHE A 102 36.37 37.38 -37.32
C PHE A 102 36.65 37.67 -38.79
N THR A 103 37.91 37.56 -39.20
CA THR A 103 38.28 37.83 -40.58
C THR A 103 37.62 36.87 -41.58
N PRO A 104 37.29 35.63 -41.22
CA PRO A 104 36.56 34.79 -42.17
C PRO A 104 35.05 34.99 -42.20
N THR A 105 34.46 35.62 -41.20
CA THR A 105 33.01 35.73 -41.15
C THR A 105 32.41 36.46 -42.34
N PRO A 106 32.85 37.67 -42.72
CA PRO A 106 32.05 38.48 -43.64
C PRO A 106 31.71 37.80 -44.95
N VAL A 107 32.28 36.63 -45.22
CA VAL A 107 31.88 35.81 -46.35
C VAL A 107 31.12 34.57 -45.94
N SER A 108 31.30 34.10 -44.70
CA SER A 108 30.52 32.97 -44.24
C SER A 108 29.04 33.27 -44.21
N TYR A 109 28.69 34.55 -44.09
CA TYR A 109 27.29 34.95 -44.10
C TYR A 109 26.75 35.04 -45.52
N THR A 110 27.47 35.73 -46.40
CA THR A 110 26.93 36.07 -47.70
C THR A 110 26.50 34.83 -48.47
N ALA A 111 27.46 34.00 -48.87
CA ALA A 111 27.09 32.76 -49.54
C ALA A 111 26.34 31.82 -48.61
N GLY A 112 26.38 32.07 -47.31
CA GLY A 112 25.47 31.38 -46.42
C GLY A 112 24.03 31.64 -46.80
N PHE A 113 23.72 32.89 -47.14
CA PHE A 113 22.48 33.16 -47.85
C PHE A 113 22.52 32.41 -49.17
N TYR A 114 21.39 31.79 -49.53
CA TYR A 114 21.27 30.86 -50.65
C TYR A 114 21.98 29.57 -50.32
N ARG A 115 22.73 29.54 -49.23
CA ARG A 115 23.47 28.37 -48.75
C ARG A 115 24.35 27.77 -49.85
N ILE A 116 25.36 28.52 -50.23
CA ILE A 116 26.43 28.06 -51.13
C ILE A 116 27.58 27.58 -50.27
N PRO A 117 27.95 26.30 -50.31
CA PRO A 117 29.00 25.82 -49.41
C PRO A 117 30.35 26.45 -49.72
N VAL A 118 31.15 26.64 -48.68
CA VAL A 118 32.50 27.18 -48.79
C VAL A 118 33.44 26.35 -47.94
N LEU A 119 34.74 26.58 -48.11
CA LEU A 119 35.78 25.76 -47.51
C LEU A 119 36.71 26.65 -46.69
N GLY A 120 37.09 26.16 -45.50
CA GLY A 120 37.92 26.92 -44.58
C GLY A 120 39.35 26.40 -44.59
N LEU A 121 40.31 27.33 -44.44
CA LEU A 121 41.71 26.99 -44.60
C LEU A 121 42.56 27.23 -43.36
N THR A 122 42.56 28.45 -42.80
CA THR A 122 43.55 28.79 -41.79
C THR A 122 42.99 28.80 -40.37
N THR A 123 41.98 29.62 -40.09
CA THR A 123 41.57 29.86 -38.72
C THR A 123 41.09 28.58 -38.05
N ARG A 124 41.22 28.54 -36.73
CA ARG A 124 40.94 27.31 -36.00
C ARG A 124 40.13 27.54 -34.73
N MET A 125 39.42 28.66 -34.61
CA MET A 125 38.53 28.84 -33.47
C MET A 125 37.31 27.94 -33.64
N SER A 126 36.60 27.71 -32.54
CA SER A 126 35.52 26.74 -32.55
C SER A 126 34.16 27.34 -32.87
N ILE A 127 34.02 28.67 -32.78
CA ILE A 127 32.74 29.30 -33.07
C ILE A 127 32.24 28.91 -34.46
N TYR A 128 33.14 28.81 -35.43
CA TYR A 128 32.73 28.59 -36.80
C TYR A 128 32.25 27.17 -37.07
N SER A 129 32.03 26.37 -36.05
CA SER A 129 31.68 24.98 -36.26
C SER A 129 30.18 24.70 -36.18
N ASP A 130 29.41 25.59 -35.55
CA ASP A 130 28.02 25.29 -35.26
C ASP A 130 27.18 25.25 -36.52
N LYS A 131 26.20 24.35 -36.53
CA LYS A 131 25.29 24.20 -37.65
C LYS A 131 24.12 25.17 -37.59
N SER A 132 24.04 25.99 -36.55
CA SER A 132 22.91 26.90 -36.39
C SER A 132 23.27 28.35 -36.62
N ILE A 133 24.54 28.71 -36.56
CA ILE A 133 24.94 30.10 -36.73
C ILE A 133 25.56 30.27 -38.11
N HIS A 134 26.10 29.19 -38.67
CA HIS A 134 26.71 29.23 -39.98
C HIS A 134 26.42 27.93 -40.70
N LEU A 135 25.87 28.03 -41.91
CA LEU A 135 25.62 26.88 -42.76
C LEU A 135 26.65 26.77 -43.87
N SER A 136 27.82 27.36 -43.68
CA SER A 136 28.75 27.57 -44.77
C SER A 136 30.12 26.92 -44.57
N PHE A 137 30.66 26.98 -43.36
CA PHE A 137 32.02 26.47 -43.14
C PHE A 137 32.11 24.98 -43.45
N LEU A 138 33.23 24.59 -44.04
CA LEU A 138 33.63 23.18 -44.15
C LEU A 138 35.13 23.18 -43.91
N ARG A 139 35.52 22.67 -42.74
CA ARG A 139 36.82 22.97 -42.17
C ARG A 139 37.87 21.94 -42.56
N THR A 140 38.98 22.43 -43.12
CA THR A 140 40.11 21.58 -43.48
C THR A 140 41.10 21.40 -42.35
N VAL A 141 41.11 22.29 -41.37
CA VAL A 141 42.07 22.22 -40.27
C VAL A 141 41.32 22.06 -38.95
N PRO A 142 41.44 20.93 -38.27
CA PRO A 142 40.67 20.69 -37.05
C PRO A 142 40.89 21.80 -36.03
N PRO A 143 39.81 22.36 -35.49
CA PRO A 143 39.93 23.54 -34.64
C PRO A 143 40.37 23.14 -33.23
N TYR A 144 40.95 24.13 -32.55
CA TYR A 144 41.61 23.92 -31.26
C TYR A 144 40.80 23.08 -30.29
N SER A 145 39.48 23.11 -30.41
CA SER A 145 38.65 22.33 -29.49
C SER A 145 39.10 20.89 -29.41
N HIS A 146 39.02 20.16 -30.53
CA HIS A 146 39.23 18.72 -30.53
C HIS A 146 40.52 18.30 -29.86
N GLN A 147 41.55 19.15 -29.86
CA GLN A 147 42.84 18.76 -29.33
C GLN A 147 42.79 18.37 -27.86
N SER A 148 41.65 18.56 -27.21
CA SER A 148 41.49 18.05 -25.85
C SER A 148 41.76 16.57 -25.78
N SER A 149 41.16 15.79 -26.67
CA SER A 149 41.20 14.35 -26.58
C SER A 149 42.61 13.80 -26.50
N VAL A 150 43.57 14.46 -27.15
CA VAL A 150 44.95 14.01 -27.07
C VAL A 150 45.41 13.97 -25.61
N TRP A 151 44.90 14.87 -24.77
CA TRP A 151 45.23 14.80 -23.36
C TRP A 151 44.57 13.59 -22.71
N PHE A 152 43.28 13.40 -22.97
CA PHE A 152 42.64 12.16 -22.56
C PHE A 152 43.43 10.96 -23.04
N GLU A 153 44.01 11.05 -24.24
CA GLU A 153 44.84 9.96 -24.74
C GLU A 153 46.09 9.79 -23.88
N MET A 154 46.76 10.89 -23.55
CA MET A 154 47.87 10.84 -22.62
C MET A 154 47.48 10.14 -21.33
N MET A 155 46.23 10.29 -20.92
CA MET A 155 45.80 9.70 -19.66
C MET A 155 45.78 8.18 -19.70
N ARG A 156 45.66 7.57 -20.88
CA ARG A 156 45.66 6.12 -20.96
C ARG A 156 47.04 5.51 -20.83
N VAL A 157 48.10 6.32 -20.79
CA VAL A 157 49.46 5.83 -20.57
C VAL A 157 50.16 6.61 -19.47
N TYR A 158 49.42 7.40 -18.70
CA TYR A 158 50.00 8.07 -17.55
C TYR A 158 49.11 8.07 -16.31
N ASN A 159 47.86 7.65 -16.42
CA ASN A 159 47.06 7.17 -15.30
C ASN A 159 46.80 8.22 -14.23
N TRP A 160 47.13 9.49 -14.48
CA TRP A 160 46.90 10.52 -13.48
C TRP A 160 45.40 10.83 -13.46
N ASN A 161 44.62 9.88 -12.96
CA ASN A 161 43.17 9.98 -13.05
C ASN A 161 42.62 11.23 -12.41
N HIS A 162 43.23 11.71 -11.32
CA HIS A 162 42.84 12.98 -10.73
C HIS A 162 43.45 14.10 -11.55
N ILE A 163 42.72 15.21 -11.66
CA ILE A 163 43.04 16.19 -12.69
C ILE A 163 42.44 17.55 -12.39
N ILE A 164 43.20 18.60 -12.68
CA ILE A 164 42.75 19.98 -12.51
C ILE A 164 42.64 20.61 -13.89
N LEU A 165 41.68 21.50 -14.06
CA LEU A 165 41.46 22.17 -15.32
C LEU A 165 41.27 23.66 -15.07
N LEU A 166 41.83 24.49 -15.94
CA LEU A 166 41.68 25.94 -15.86
C LEU A 166 41.15 26.44 -17.19
N VAL A 167 39.84 26.39 -17.37
CA VAL A 167 39.22 26.94 -18.57
C VAL A 167 39.17 28.46 -18.43
N SER A 168 39.68 29.16 -19.44
CA SER A 168 39.48 30.59 -19.53
C SER A 168 38.07 30.87 -20.08
N ASP A 169 37.38 31.82 -19.46
CA ASP A 169 35.94 31.98 -19.66
C ASP A 169 35.66 32.81 -20.90
N ASP A 170 35.34 32.12 -21.99
CA ASP A 170 34.69 32.71 -23.15
C ASP A 170 34.11 31.55 -23.94
N HIS A 171 33.47 31.84 -25.07
CA HIS A 171 32.96 30.73 -25.87
C HIS A 171 34.08 29.81 -26.31
N GLU A 172 35.26 30.38 -26.58
CA GLU A 172 36.40 29.55 -26.94
C GLU A 172 36.67 28.51 -25.87
N GLY A 173 36.94 28.93 -24.64
CA GLY A 173 37.13 27.98 -23.56
C GLY A 173 35.87 27.21 -23.23
N ARG A 174 34.71 27.83 -23.44
CA ARG A 174 33.45 27.16 -23.18
C ARG A 174 33.41 25.81 -23.88
N ALA A 175 33.69 25.79 -25.18
CA ALA A 175 33.67 24.54 -25.91
C ALA A 175 34.73 23.58 -25.40
N ALA A 176 35.90 24.10 -25.03
CA ALA A 176 36.94 23.22 -24.49
C ALA A 176 36.43 22.48 -23.28
N GLN A 177 35.82 23.21 -22.34
CA GLN A 177 35.26 22.59 -21.17
C GLN A 177 34.18 21.59 -21.56
N LYS A 178 33.28 21.99 -22.46
CA LYS A 178 32.23 21.08 -22.90
C LYS A 178 32.83 19.75 -23.34
N ARG A 179 33.77 19.81 -24.28
CA ARG A 179 34.31 18.60 -24.86
C ARG A 179 35.01 17.76 -23.80
N LEU A 180 35.90 18.38 -23.01
CA LEU A 180 36.64 17.61 -22.03
C LEU A 180 35.71 16.96 -21.03
N GLU A 181 34.74 17.71 -20.52
CA GLU A 181 33.76 17.12 -19.61
C GLU A 181 33.05 15.96 -20.25
N THR A 182 32.70 16.07 -21.53
CA THR A 182 31.99 15.00 -22.20
C THR A 182 32.85 13.76 -22.42
N LEU A 183 34.17 13.89 -22.48
CA LEU A 183 35.00 12.73 -22.74
C LEU A 183 34.80 11.62 -21.70
N LEU A 184 34.54 11.98 -20.45
CA LEU A 184 34.59 11.01 -19.36
C LEU A 184 33.41 10.05 -19.33
N GLU A 185 32.42 10.24 -20.19
CA GLU A 185 31.15 9.55 -20.05
C GLU A 185 31.17 8.10 -20.51
N GLU A 186 32.33 7.57 -20.89
CA GLU A 186 32.41 6.22 -21.42
C GLU A 186 32.39 5.22 -20.27
N ARG A 187 32.73 3.96 -20.58
CA ARG A 187 32.91 2.90 -19.59
C ARG A 187 31.61 2.65 -18.80
N GLU A 188 30.61 2.15 -19.53
CA GLU A 188 29.32 1.81 -18.92
C GLU A 188 29.46 0.94 -17.68
N SER A 189 30.54 0.15 -17.59
CA SER A 189 30.84 -0.67 -16.41
C SER A 189 29.81 -1.79 -16.22
N LYS A 190 29.34 -2.33 -17.35
CA LYS A 190 28.38 -3.44 -17.36
C LYS A 190 27.17 -3.19 -16.46
N TYR A 204 36.29 -5.56 -18.91
CA TYR A 204 36.42 -4.31 -18.17
C TYR A 204 36.29 -4.55 -16.67
N ASP A 205 35.05 -4.49 -16.18
CA ASP A 205 34.72 -4.73 -14.77
C ASP A 205 35.41 -3.72 -13.85
N ASN A 206 34.94 -2.48 -13.97
CA ASN A 206 35.20 -1.42 -12.99
C ASN A 206 36.69 -1.12 -12.84
N LYS A 207 37.26 -0.58 -13.92
CA LYS A 207 38.58 0.03 -13.85
C LYS A 207 38.46 1.48 -13.36
N ARG A 208 39.54 1.97 -12.77
CA ARG A 208 39.52 3.31 -12.17
C ARG A 208 39.30 4.36 -13.25
N GLY A 209 38.25 5.15 -13.10
CA GLY A 209 37.88 6.14 -14.10
C GLY A 209 38.36 7.54 -13.78
N PRO A 210 39.13 8.14 -14.69
CA PRO A 210 39.68 9.48 -14.45
C PRO A 210 38.58 10.52 -14.54
N LYS A 211 38.44 11.32 -13.48
CA LYS A 211 37.36 12.29 -13.39
C LYS A 211 37.92 13.66 -13.04
N ALA A 212 37.24 14.69 -13.54
CA ALA A 212 37.68 16.06 -13.35
C ALA A 212 37.41 16.53 -11.93
N GLU A 213 38.42 17.14 -11.32
CA GLU A 213 38.26 17.78 -10.03
C GLU A 213 37.66 19.16 -10.21
N LYS A 214 37.76 20.00 -9.18
CA LYS A 214 37.18 21.34 -9.22
C LYS A 214 37.65 22.10 -10.45
N VAL A 215 36.74 22.32 -11.39
CA VAL A 215 37.11 23.00 -12.62
C VAL A 215 37.06 24.50 -12.40
N LEU A 216 38.15 25.05 -11.87
CA LEU A 216 38.20 26.46 -11.57
C LEU A 216 38.07 27.27 -12.84
N GLN A 217 36.96 27.99 -12.99
CA GLN A 217 36.71 28.79 -14.17
C GLN A 217 37.62 30.02 -14.11
N PHE A 218 37.38 30.98 -14.99
CA PHE A 218 38.34 32.07 -15.13
C PHE A 218 37.61 33.34 -15.56
N ASP A 219 38.40 34.38 -15.77
CA ASP A 219 37.98 35.60 -16.43
C ASP A 219 39.15 36.03 -17.30
N PRO A 220 38.94 36.26 -18.59
CA PRO A 220 40.07 36.55 -19.49
C PRO A 220 40.91 37.75 -19.09
N GLY A 221 40.30 38.93 -19.03
CA GLY A 221 41.07 40.14 -18.77
C GLY A 221 41.31 40.42 -17.31
N THR A 222 42.27 39.73 -16.70
CA THR A 222 42.51 39.89 -15.27
C THR A 222 44.00 39.82 -14.98
N LYS A 223 44.47 40.68 -14.07
CA LYS A 223 45.88 40.79 -13.75
C LYS A 223 46.23 40.26 -12.37
N ASN A 224 45.29 39.62 -11.68
CA ASN A 224 45.57 39.01 -10.39
C ASN A 224 44.84 37.69 -10.28
N VAL A 225 45.60 36.61 -10.13
CA VAL A 225 45.05 35.26 -10.07
C VAL A 225 45.45 34.57 -8.78
N THR A 226 46.10 35.32 -7.87
CA THR A 226 46.59 34.75 -6.63
C THR A 226 45.50 34.04 -5.86
N ALA A 227 44.26 34.51 -5.95
CA ALA A 227 43.16 33.85 -5.26
C ALA A 227 42.84 32.49 -5.87
N LEU A 228 43.48 32.13 -6.97
CA LEU A 228 43.09 30.90 -7.66
C LEU A 228 44.08 29.78 -7.40
N LEU A 229 45.37 30.11 -7.28
CA LEU A 229 46.37 29.06 -7.25
C LEU A 229 46.49 28.40 -5.89
N MET A 230 46.48 29.18 -4.80
CA MET A 230 46.54 28.56 -3.48
C MET A 230 45.33 27.67 -3.25
N GLU A 231 44.12 28.17 -3.53
CA GLU A 231 42.96 27.30 -3.53
C GLU A 231 43.06 26.20 -4.57
N ALA A 232 43.98 26.33 -5.53
CA ALA A 232 44.31 25.21 -6.40
C ALA A 232 45.45 24.37 -5.86
N ARG A 233 46.52 25.00 -5.36
CA ARG A 233 47.66 24.23 -4.89
C ARG A 233 47.30 23.39 -3.68
N GLU A 234 46.37 23.86 -2.85
CA GLU A 234 45.97 23.13 -1.66
C GLU A 234 44.93 22.07 -1.95
N LEU A 235 44.78 21.68 -3.21
CA LEU A 235 43.88 20.60 -3.57
C LEU A 235 44.65 19.28 -3.56
N GLU A 236 44.05 18.23 -4.12
CA GLU A 236 44.62 16.89 -4.00
C GLU A 236 45.41 16.45 -5.22
N ALA A 237 45.41 17.20 -6.30
CA ALA A 237 46.00 16.75 -7.55
C ALA A 237 47.31 17.48 -7.84
N ARG A 238 47.98 17.07 -8.92
CA ARG A 238 49.26 17.66 -9.29
C ARG A 238 49.42 17.87 -10.80
N VAL A 239 48.35 17.80 -11.58
CA VAL A 239 48.42 18.03 -13.01
C VAL A 239 47.61 19.27 -13.35
N ILE A 240 48.09 20.05 -14.30
CA ILE A 240 47.46 21.30 -14.69
C ILE A 240 47.27 21.28 -16.19
N ILE A 241 46.01 21.37 -16.62
CA ILE A 241 45.69 21.51 -18.04
C ILE A 241 45.09 22.88 -18.25
N LEU A 242 45.88 23.79 -18.78
CA LEU A 242 45.44 25.15 -19.02
C LEU A 242 45.23 25.34 -20.51
N SER A 243 43.97 25.57 -20.89
CA SER A 243 43.66 26.05 -22.23
C SER A 243 43.30 27.52 -22.11
N ALA A 244 43.92 28.35 -22.93
CA ALA A 244 43.83 29.77 -22.71
C ALA A 244 44.17 30.49 -24.00
N SER A 245 44.48 31.78 -23.90
CA SER A 245 44.99 32.57 -24.99
C SER A 245 46.31 33.21 -24.56
N GLU A 246 46.83 34.08 -25.40
CA GLU A 246 48.19 34.54 -25.25
C GLU A 246 48.36 35.55 -24.12
N ASP A 247 47.43 36.47 -23.96
CA ASP A 247 47.43 37.31 -22.76
C ASP A 247 47.44 36.46 -21.50
N ASP A 248 46.76 35.31 -21.55
CA ASP A 248 46.54 34.54 -20.34
C ASP A 248 47.80 33.87 -19.84
N ALA A 249 48.52 33.16 -20.71
CA ALA A 249 49.73 32.46 -20.30
C ALA A 249 50.69 33.41 -19.61
N ALA A 250 50.67 34.70 -19.97
CA ALA A 250 51.53 35.68 -19.33
C ALA A 250 51.30 35.71 -17.82
N THR A 251 50.09 36.08 -17.40
CA THR A 251 49.80 36.12 -15.98
C THR A 251 49.88 34.72 -15.36
N VAL A 252 49.48 33.68 -16.08
CA VAL A 252 49.53 32.34 -15.53
C VAL A 252 50.95 31.98 -15.12
N TYR A 253 51.90 32.14 -16.03
CA TYR A 253 53.27 31.77 -15.76
C TYR A 253 53.91 32.72 -14.76
N ARG A 254 53.83 34.02 -15.01
CA ARG A 254 54.41 34.97 -14.08
C ARG A 254 53.83 34.82 -12.68
N ALA A 255 52.67 34.19 -12.56
CA ALA A 255 52.16 33.85 -11.24
C ALA A 255 52.81 32.57 -10.72
N ALA A 256 52.60 31.46 -11.45
CA ALA A 256 52.96 30.14 -10.94
C ALA A 256 54.44 29.97 -10.72
N ALA A 257 55.28 30.66 -11.49
CA ALA A 257 56.72 30.47 -11.36
C ALA A 257 57.30 31.22 -10.17
N MET A 258 56.50 32.03 -9.46
CA MET A 258 57.03 32.81 -8.35
C MET A 258 56.31 32.57 -7.02
N LEU A 259 55.04 32.15 -7.04
CA LEU A 259 54.30 31.93 -5.79
C LEU A 259 54.48 30.52 -5.25
N ASP A 260 55.62 29.89 -5.54
CA ASP A 260 55.91 28.54 -5.06
C ASP A 260 54.90 27.55 -5.62
N MET A 261 54.69 27.61 -6.93
CA MET A 261 53.79 26.70 -7.60
C MET A 261 54.50 25.72 -8.51
N THR A 262 55.61 26.13 -9.13
CA THR A 262 56.33 25.30 -10.08
C THR A 262 57.25 24.29 -9.41
N GLY A 263 57.02 24.01 -8.13
CA GLY A 263 57.77 22.97 -7.47
C GLY A 263 57.65 21.64 -8.17
N SER A 264 58.60 20.76 -7.85
CA SER A 264 58.65 19.46 -8.47
C SER A 264 57.35 18.69 -8.23
N GLY A 265 57.14 17.65 -9.03
CA GLY A 265 55.90 16.91 -9.00
C GLY A 265 54.75 17.58 -9.72
N TYR A 266 54.88 18.85 -10.09
CA TYR A 266 53.86 19.52 -10.87
C TYR A 266 53.97 19.08 -12.32
N VAL A 267 52.83 18.74 -12.92
CA VAL A 267 52.77 18.32 -14.32
C VAL A 267 51.85 19.26 -15.07
N TRP A 268 52.31 19.76 -16.20
CA TRP A 268 51.57 20.75 -16.97
C TRP A 268 51.22 20.22 -18.35
N LEU A 269 50.21 20.82 -18.94
CA LEU A 269 49.87 20.64 -20.34
C LEU A 269 49.28 21.95 -20.82
N VAL A 270 49.42 22.24 -22.11
CA VAL A 270 48.80 23.41 -22.71
C VAL A 270 48.30 23.02 -24.09
N GLY A 271 47.64 23.97 -24.73
CA GLY A 271 47.17 23.81 -26.09
C GLY A 271 48.22 24.28 -27.10
N GLU A 272 47.79 24.37 -28.36
CA GLU A 272 48.71 24.82 -29.39
C GLU A 272 49.00 26.32 -29.29
N ARG A 273 48.21 27.06 -28.51
CA ARG A 273 48.33 28.52 -28.46
C ARG A 273 49.16 29.02 -27.28
N GLU A 274 49.86 28.14 -26.58
CA GLU A 274 50.65 28.55 -25.42
C GLU A 274 52.12 28.21 -25.59
N ILE A 275 52.49 27.61 -26.71
CA ILE A 275 53.86 27.24 -26.96
C ILE A 275 54.60 28.34 -27.71
N SER A 276 54.03 29.54 -27.76
CA SER A 276 54.59 30.62 -28.54
C SER A 276 54.24 31.94 -27.86
N GLY A 277 54.35 33.04 -28.60
CA GLY A 277 54.00 34.34 -28.08
C GLY A 277 54.85 34.72 -26.87
N ASN A 278 54.36 35.71 -26.12
CA ASN A 278 55.03 36.13 -24.91
C ASN A 278 55.14 35.01 -23.87
N ALA A 279 54.34 33.96 -24.01
CA ALA A 279 54.40 32.85 -23.06
C ALA A 279 55.81 32.29 -22.98
N LEU A 280 56.41 31.96 -24.13
CA LEU A 280 57.80 31.50 -24.12
C LEU A 280 58.72 32.49 -23.44
N ARG A 281 58.46 33.78 -23.59
CA ARG A 281 59.21 34.82 -22.89
C ARG A 281 58.88 34.86 -21.40
N TYR A 282 58.01 33.98 -20.94
CA TYR A 282 57.86 33.70 -19.51
C TYR A 282 57.67 32.22 -19.27
N ALA A 283 58.07 31.38 -20.21
CA ALA A 283 57.77 29.96 -20.15
C ALA A 283 58.45 29.29 -18.96
N PRO A 284 57.70 28.67 -18.05
CA PRO A 284 58.33 27.81 -17.05
C PRO A 284 58.83 26.53 -17.69
N ASP A 285 59.69 25.85 -16.96
CA ASP A 285 60.37 24.68 -17.49
C ASP A 285 59.39 23.54 -17.73
N GLY A 286 59.87 22.54 -18.47
CA GLY A 286 59.22 21.25 -18.56
C GLY A 286 57.77 21.26 -18.99
N ILE A 287 57.22 22.41 -19.38
CA ILE A 287 55.86 22.41 -19.84
C ILE A 287 55.76 21.61 -21.14
N ILE A 288 54.56 21.16 -21.44
CA ILE A 288 54.32 20.29 -22.58
C ILE A 288 53.28 20.96 -23.47
N GLY A 289 53.48 20.87 -24.79
CA GLY A 289 52.56 21.44 -25.75
C GLY A 289 52.10 20.41 -26.76
N LEU A 290 51.14 20.81 -27.59
CA LEU A 290 50.62 19.97 -28.66
C LEU A 290 50.78 20.69 -29.99
N GLN A 291 50.91 19.92 -31.06
CA GLN A 291 51.17 20.48 -32.38
C GLN A 291 50.74 19.49 -33.45
N LEU A 292 50.10 20.02 -34.50
CA LEU A 292 49.75 19.21 -35.64
C LEU A 292 51.00 18.89 -36.45
N ILE A 293 50.91 17.84 -37.26
CA ILE A 293 52.03 17.49 -38.13
C ILE A 293 52.28 18.61 -39.14
N ASN A 294 51.23 19.21 -39.70
CA ASN A 294 51.39 20.25 -40.71
C ASN A 294 51.73 21.59 -40.11
N GLY A 295 50.92 22.07 -39.17
CA GLY A 295 51.02 23.45 -38.78
C GLY A 295 50.43 24.31 -39.88
N LYS A 296 50.79 25.59 -39.83
CA LYS A 296 50.35 26.52 -40.86
C LYS A 296 50.91 26.08 -42.21
N ASN A 297 50.07 26.17 -43.25
CA ASN A 297 50.52 25.96 -44.62
C ASN A 297 49.56 26.66 -45.57
N GLU A 298 49.96 27.82 -46.08
CA GLU A 298 49.12 28.59 -46.98
C GLU A 298 48.91 27.91 -48.34
N SER A 299 49.61 26.82 -48.60
CA SER A 299 49.60 26.24 -49.94
C SER A 299 49.14 24.78 -49.99
N ALA A 300 49.63 23.93 -49.08
CA ALA A 300 49.44 22.50 -49.24
C ALA A 300 47.96 22.13 -49.27
N HIS A 301 47.19 22.61 -48.29
CA HIS A 301 45.79 22.23 -48.23
C HIS A 301 44.99 22.73 -49.43
N ILE A 302 45.51 23.68 -50.19
CA ILE A 302 44.80 24.15 -51.38
C ILE A 302 44.61 22.98 -52.34
N SER A 303 45.70 22.26 -52.61
CA SER A 303 45.62 21.08 -53.45
C SER A 303 44.63 20.08 -52.91
N ASP A 304 44.66 19.87 -51.60
CA ASP A 304 43.72 18.95 -50.98
C ASP A 304 42.29 19.36 -51.27
N ALA A 305 41.99 20.64 -51.07
CA ALA A 305 40.62 21.13 -51.23
C ALA A 305 40.17 21.03 -52.68
N VAL A 306 41.03 21.38 -53.62
CA VAL A 306 40.62 21.27 -55.00
C VAL A 306 40.48 19.82 -55.42
N GLY A 307 41.22 18.90 -54.80
CA GLY A 307 40.94 17.50 -55.01
C GLY A 307 39.59 17.09 -54.47
N VAL A 308 39.21 17.65 -53.32
CA VAL A 308 37.87 17.41 -52.79
C VAL A 308 36.83 17.85 -53.80
N VAL A 309 36.96 19.09 -54.30
CA VAL A 309 35.94 19.60 -55.22
C VAL A 309 35.96 18.81 -56.52
N ALA A 310 37.12 18.30 -56.93
CA ALA A 310 37.19 17.41 -58.08
C ALA A 310 36.35 16.17 -57.84
N GLN A 311 36.64 15.44 -56.77
CA GLN A 311 35.85 14.25 -56.44
C GLN A 311 34.37 14.59 -56.34
N ALA A 312 34.05 15.82 -55.97
CA ALA A 312 32.65 16.22 -55.86
C ALA A 312 32.02 16.40 -57.23
N VAL A 313 32.75 16.99 -58.18
CA VAL A 313 32.15 17.37 -59.45
C VAL A 313 31.61 16.14 -60.19
N HIS A 314 32.47 15.18 -60.51
CA HIS A 314 32.01 14.05 -61.31
C HIS A 314 31.01 13.16 -60.57
N GLU A 315 30.82 13.37 -59.26
CA GLU A 315 29.69 12.79 -58.58
C GLU A 315 28.43 13.64 -58.73
N LEU A 316 28.60 14.95 -58.96
CA LEU A 316 27.45 15.83 -59.14
C LEU A 316 26.63 15.47 -60.36
N LEU A 317 27.24 14.88 -61.39
CA LEU A 317 26.48 14.42 -62.55
C LEU A 317 25.44 13.36 -62.18
N GLU A 318 25.63 12.65 -61.07
CA GLU A 318 24.70 11.61 -60.68
C GLU A 318 23.32 12.18 -60.38
N LYS A 319 23.25 13.40 -59.88
CA LYS A 319 21.98 14.07 -59.64
C LYS A 319 21.81 15.29 -60.54
N GLU A 320 22.69 16.27 -60.43
CA GLU A 320 22.75 17.43 -61.34
C GLU A 320 21.39 18.08 -61.57
N ASN A 321 20.43 17.90 -60.65
CA ASN A 321 19.14 18.55 -60.74
C ASN A 321 19.16 19.97 -60.20
N ILE A 322 20.34 20.51 -59.96
CA ILE A 322 20.46 21.86 -59.40
C ILE A 322 19.94 22.89 -60.38
N THR A 323 20.33 22.76 -61.64
CA THR A 323 19.93 23.58 -62.78
C THR A 323 20.51 24.98 -62.73
N ASP A 324 21.02 25.40 -61.56
CA ASP A 324 21.87 26.57 -61.40
C ASP A 324 22.19 26.79 -59.93
N PRO A 325 23.34 27.35 -59.60
CA PRO A 325 23.44 28.17 -58.41
C PRO A 325 23.09 29.60 -58.77
N PRO A 326 22.04 30.15 -58.19
CA PRO A 326 21.53 31.46 -58.61
C PRO A 326 22.58 32.56 -58.54
N ARG A 327 22.90 33.15 -59.69
CA ARG A 327 23.80 34.28 -59.78
C ARG A 327 23.00 35.57 -59.86
N GLY A 328 23.70 36.67 -60.07
CA GLY A 328 23.06 37.97 -60.08
C GLY A 328 22.68 38.44 -58.68
N CYS A 329 22.64 39.75 -58.52
CA CYS A 329 22.43 40.33 -57.19
C CYS A 329 20.96 40.31 -56.79
N VAL A 330 20.13 41.05 -57.50
CA VAL A 330 18.77 41.35 -57.08
C VAL A 330 17.79 40.39 -57.75
N GLY A 331 16.70 40.08 -57.06
CA GLY A 331 15.58 39.39 -57.66
C GLY A 331 15.45 37.93 -57.30
N ASN A 332 16.58 37.23 -57.30
CA ASN A 332 16.58 35.79 -57.04
C ASN A 332 16.72 35.49 -55.55
N THR A 333 15.86 36.13 -54.74
CA THR A 333 15.89 35.95 -53.30
C THR A 333 15.12 34.68 -52.96
N ASN A 334 15.79 33.55 -53.15
CA ASN A 334 15.25 32.26 -52.74
C ASN A 334 16.41 31.31 -52.51
N ILE A 335 16.37 30.63 -51.37
CA ILE A 335 17.39 29.62 -51.07
C ILE A 335 17.44 28.61 -52.20
N TRP A 336 18.61 28.47 -52.80
CA TRP A 336 18.77 27.52 -53.90
C TRP A 336 18.48 26.11 -53.41
N LYS A 337 17.47 25.48 -54.02
CA LYS A 337 16.80 24.30 -53.47
C LYS A 337 17.66 23.06 -53.42
N THR A 338 18.96 23.17 -53.69
CA THR A 338 19.87 22.03 -53.59
C THR A 338 21.16 22.38 -52.86
N GLY A 339 21.23 23.56 -52.25
CA GLY A 339 22.38 23.97 -51.47
C GLY A 339 22.77 22.98 -50.41
N PRO A 340 21.86 22.69 -49.47
CA PRO A 340 22.18 21.73 -48.41
C PRO A 340 22.49 20.34 -48.94
N LEU A 341 21.81 19.89 -49.98
CA LEU A 341 22.08 18.56 -50.53
C LEU A 341 23.47 18.49 -51.15
N PHE A 342 23.79 19.45 -52.01
CA PHE A 342 25.14 19.52 -52.58
C PHE A 342 26.19 19.67 -51.48
N LYS A 343 25.85 20.34 -50.39
CA LYS A 343 26.79 20.45 -49.28
C LYS A 343 27.01 19.10 -48.61
N ARG A 344 25.93 18.32 -48.43
CA ARG A 344 26.09 16.95 -47.95
C ARG A 344 26.99 16.16 -48.88
N VAL A 345 26.81 16.34 -50.19
CA VAL A 345 27.68 15.67 -51.15
C VAL A 345 29.13 16.06 -50.93
N LEU A 346 29.41 17.37 -50.95
CA LEU A 346 30.78 17.84 -50.84
C LEU A 346 31.44 17.36 -49.55
N MET A 347 30.77 17.53 -48.42
CA MET A 347 31.30 17.05 -47.16
C MET A 347 31.37 15.53 -47.11
N SER A 348 30.72 14.84 -48.04
CA SER A 348 30.84 13.39 -48.17
C SER A 348 31.83 12.99 -49.26
N SER A 349 32.90 13.74 -49.44
CA SER A 349 33.92 13.44 -50.45
C SER A 349 35.06 12.64 -49.85
N LYS A 350 35.30 11.45 -50.39
CA LYS A 350 36.27 10.50 -49.84
C LYS A 350 37.41 10.31 -50.82
N TYR A 351 38.57 10.87 -50.50
CA TYR A 351 39.81 10.59 -51.20
C TYR A 351 40.90 10.39 -50.16
N ALA A 352 42.07 9.95 -50.62
CA ALA A 352 43.11 9.54 -49.67
C ALA A 352 44.50 9.97 -50.11
N ASP A 353 44.62 11.01 -50.93
CA ASP A 353 45.91 11.34 -51.51
C ASP A 353 46.00 12.85 -51.73
N GLY A 354 46.59 13.55 -50.77
CA GLY A 354 46.92 14.95 -50.89
C GLY A 354 48.25 15.23 -50.24
N VAL A 355 48.28 16.17 -49.30
CA VAL A 355 49.41 16.24 -48.38
C VAL A 355 49.16 15.41 -47.13
N THR A 356 47.90 15.15 -46.79
CA THR A 356 47.53 14.21 -45.75
C THR A 356 46.54 13.20 -46.32
N GLY A 357 46.48 12.03 -45.70
CA GLY A 357 45.70 10.91 -46.21
C GLY A 357 44.33 10.83 -45.56
N ARG A 358 43.33 10.54 -46.38
CA ARG A 358 41.96 10.30 -45.93
C ARG A 358 41.38 11.52 -45.21
N VAL A 359 41.48 12.67 -45.88
CA VAL A 359 40.91 13.91 -45.34
C VAL A 359 39.40 13.70 -45.25
N GLU A 360 38.89 13.68 -44.03
CA GLU A 360 37.49 13.36 -43.78
C GLU A 360 36.78 14.54 -43.15
N PHE A 361 35.47 14.47 -43.11
CA PHE A 361 34.65 15.52 -42.52
C PHE A 361 33.79 14.94 -41.39
N ASN A 362 33.81 15.63 -40.25
CA ASN A 362 33.29 15.11 -38.99
C ASN A 362 31.77 15.01 -39.04
N GLU A 363 31.20 14.52 -37.94
CA GLU A 363 29.75 14.54 -37.79
C GLU A 363 29.22 15.94 -38.01
N ASP A 364 29.78 16.92 -37.31
CA ASP A 364 29.49 18.30 -37.61
C ASP A 364 30.14 18.77 -38.91
N GLY A 365 31.01 17.96 -39.49
CA GLY A 365 31.60 18.28 -40.78
C GLY A 365 32.92 19.02 -40.70
N ASP A 366 33.86 18.48 -39.94
CA ASP A 366 35.17 19.08 -39.81
C ASP A 366 36.25 18.04 -40.09
N ARG A 367 37.47 18.52 -40.27
CA ARG A 367 38.58 17.68 -40.72
C ARG A 367 38.80 16.58 -39.70
N LYS A 368 38.36 15.37 -40.04
CA LYS A 368 38.49 14.25 -39.13
C LYS A 368 39.80 13.50 -39.36
N PHE A 369 40.41 13.06 -38.27
CA PHE A 369 41.62 12.24 -38.30
C PHE A 369 42.79 12.97 -38.96
N ALA A 370 43.19 14.05 -38.31
CA ALA A 370 44.46 14.68 -38.59
C ALA A 370 45.53 13.99 -37.75
N GLN A 371 46.72 14.57 -37.66
CA GLN A 371 47.82 13.95 -36.92
C GLN A 371 48.63 15.00 -36.17
N TYR A 372 48.93 14.70 -34.91
CA TYR A 372 49.69 15.58 -34.04
C TYR A 372 51.02 14.94 -33.66
N SER A 373 51.77 15.65 -32.84
CA SER A 373 53.07 15.17 -32.37
C SER A 373 53.43 15.99 -31.15
N ILE A 374 53.72 15.32 -30.03
CA ILE A 374 53.84 16.01 -28.76
C ILE A 374 55.22 16.65 -28.67
N MET A 375 55.25 17.97 -28.75
CA MET A 375 56.51 18.71 -28.65
C MET A 375 56.90 18.84 -27.18
N ASN A 376 57.92 19.66 -26.92
CA ASN A 376 58.37 19.93 -25.56
C ASN A 376 59.42 21.03 -25.60
N LEU A 377 59.51 21.80 -24.52
CA LEU A 377 60.50 22.85 -24.40
C LEU A 377 61.72 22.33 -23.66
N GLN A 378 62.89 22.46 -24.29
CA GLN A 378 64.17 22.14 -23.65
C GLN A 378 64.86 23.40 -23.13
N ASN A 379 64.10 24.15 -22.32
CA ASN A 379 64.55 25.30 -21.54
C ASN A 379 64.93 26.48 -22.44
N ARG A 380 65.19 26.20 -23.69
CA ARG A 380 65.27 27.25 -24.69
C ARG A 380 64.82 26.75 -26.05
N LYS A 381 64.39 25.50 -26.17
CA LYS A 381 64.25 24.87 -27.47
C LYS A 381 63.07 23.92 -27.46
N LEU A 382 62.18 24.10 -28.42
CA LEU A 382 61.12 23.14 -28.66
C LEU A 382 61.70 21.90 -29.32
N VAL A 383 61.20 20.74 -28.91
CA VAL A 383 61.72 19.49 -29.42
C VAL A 383 60.60 18.46 -29.40
N GLN A 384 60.38 17.80 -30.53
CA GLN A 384 59.32 16.82 -30.61
C GLN A 384 59.70 15.58 -29.83
N VAL A 385 58.69 14.87 -29.34
CA VAL A 385 58.89 13.66 -28.56
C VAL A 385 58.16 12.47 -29.18
N GLY A 386 56.90 12.65 -29.57
CA GLY A 386 56.10 11.56 -30.08
C GLY A 386 55.33 11.96 -31.32
N ILE A 387 54.46 11.05 -31.76
CA ILE A 387 53.64 11.26 -32.94
C ILE A 387 52.19 10.89 -32.64
N TYR A 388 51.32 11.89 -32.57
CA TYR A 388 49.94 11.70 -32.16
C TYR A 388 49.05 11.58 -33.38
N ASN A 389 48.29 10.49 -33.46
CA ASN A 389 47.42 10.22 -34.61
C ASN A 389 46.25 9.39 -34.10
N GLY A 390 45.14 10.07 -33.79
CA GLY A 390 44.01 9.36 -33.22
C GLY A 390 44.42 8.73 -31.92
N THR A 391 44.58 7.40 -31.92
CA THR A 391 45.20 6.71 -30.80
C THR A 391 46.69 6.46 -31.01
N HIS A 392 47.18 6.59 -32.24
CA HIS A 392 48.61 6.41 -32.51
C HIS A 392 49.36 7.56 -31.85
N VAL A 393 49.92 7.30 -30.67
CA VAL A 393 50.72 8.28 -29.94
C VAL A 393 51.88 7.51 -29.34
N ILE A 394 53.06 7.64 -29.94
CA ILE A 394 54.25 6.89 -29.54
C ILE A 394 55.40 7.87 -29.41
N PRO A 395 56.17 7.84 -28.32
CA PRO A 395 57.29 8.76 -28.16
C PRO A 395 58.53 8.29 -28.90
N ASN A 396 59.18 9.22 -29.58
CA ASN A 396 60.34 8.94 -30.42
C ASN A 396 61.61 8.91 -29.58
N ASP A 397 62.76 8.97 -30.24
CA ASP A 397 64.04 8.85 -29.58
C ASP A 397 64.39 10.12 -28.81
N ARG A 398 63.98 10.15 -27.54
CA ARG A 398 64.33 11.24 -26.63
C ARG A 398 64.02 10.79 -25.22
N LYS A 399 64.10 11.72 -24.27
CA LYS A 399 63.81 11.44 -22.88
C LYS A 399 62.87 12.52 -22.36
N ILE A 400 61.66 12.10 -21.99
CA ILE A 400 60.67 13.05 -21.51
C ILE A 400 61.12 13.58 -20.14
N ILE A 401 61.59 14.81 -20.11
CA ILE A 401 62.10 15.42 -18.90
C ILE A 401 60.98 16.25 -18.30
N TRP A 402 60.73 16.04 -17.01
CA TRP A 402 59.61 16.66 -16.33
C TRP A 402 60.09 17.84 -15.48
N PRO A 403 59.21 18.80 -15.20
CA PRO A 403 59.66 20.07 -14.59
C PRO A 403 60.11 19.87 -13.16
N GLY A 404 60.46 20.99 -12.53
CA GLY A 404 60.94 20.98 -11.17
C GLY A 404 62.20 20.19 -10.95
N GLY A 405 62.97 19.92 -12.00
CA GLY A 405 64.20 19.16 -11.87
C GLY A 405 63.93 17.72 -11.50
N GLU A 406 63.36 16.96 -12.44
CA GLU A 406 63.11 15.55 -12.20
C GLU A 406 63.14 14.80 -13.52
N THR A 407 63.22 13.48 -13.43
CA THR A 407 63.28 12.65 -14.63
C THR A 407 62.42 11.40 -14.58
N GLU A 408 61.93 10.99 -13.42
CA GLU A 408 61.07 9.83 -13.35
C GLU A 408 59.63 10.21 -13.70
N LYS A 409 58.86 9.22 -14.10
CA LYS A 409 57.44 9.42 -14.38
C LYS A 409 56.73 9.75 -13.07
N PRO A 410 56.32 10.99 -12.84
CA PRO A 410 55.80 11.38 -11.53
C PRO A 410 54.33 11.02 -11.38
N ARG A 411 54.00 10.33 -10.30
CA ARG A 411 52.61 9.99 -10.00
C ARG A 411 51.86 11.27 -9.65
N GLY A 412 50.87 11.62 -10.47
CA GLY A 412 50.21 12.90 -10.34
C GLY A 412 49.37 13.07 -9.09
N TYR A 413 49.35 12.09 -8.21
CA TYR A 413 48.55 12.15 -7.00
C TYR A 413 49.44 12.31 -5.79
N GLN A 414 48.98 13.13 -4.84
CA GLN A 414 49.67 13.33 -3.57
C GLN A 414 48.61 13.34 -2.48
N MET A 415 48.31 12.16 -1.94
CA MET A 415 47.27 12.06 -0.93
C MET A 415 47.73 12.74 0.36
N SER A 416 46.91 13.67 0.85
CA SER A 416 47.27 14.50 1.98
C SER A 416 46.98 13.79 3.28
N THR A 417 47.75 14.11 4.31
CA THR A 417 47.54 13.53 5.63
C THR A 417 46.79 14.46 6.57
N ARG A 418 46.86 15.77 6.37
CA ARG A 418 46.13 16.70 7.20
C ARG A 418 44.64 16.59 6.92
N LEU A 419 43.84 17.10 7.86
CA LEU A 419 42.40 17.16 7.69
C LEU A 419 41.87 18.33 8.48
N LYS A 420 40.64 18.70 8.19
CA LYS A 420 39.92 19.73 8.94
C LYS A 420 38.57 19.16 9.31
N ILE A 421 38.28 19.10 10.60
CA ILE A 421 37.09 18.44 11.11
C ILE A 421 36.25 19.43 11.88
N VAL A 422 34.95 19.43 11.62
CA VAL A 422 34.01 20.30 12.30
C VAL A 422 33.07 19.45 13.15
N THR A 423 32.58 20.03 14.23
CA THR A 423 31.70 19.30 15.14
C THR A 423 30.89 20.30 15.94
N ILE A 424 29.74 19.86 16.42
CA ILE A 424 28.73 20.71 17.00
C ILE A 424 28.86 20.73 18.51
N HIS A 425 28.13 21.63 19.15
CA HIS A 425 28.07 21.71 20.60
C HIS A 425 26.96 20.82 21.12
N GLN A 426 27.26 20.02 22.14
CA GLN A 426 26.29 19.07 22.65
C GLN A 426 26.77 18.55 24.00
N GLU A 427 25.88 18.58 24.99
CA GLU A 427 26.27 18.31 26.36
C GLU A 427 26.91 16.94 26.56
N PRO A 428 26.30 15.83 26.12
CA PRO A 428 26.86 14.52 26.46
C PRO A 428 27.98 14.06 25.57
N PHE A 429 28.33 14.81 24.53
CA PHE A 429 29.31 14.32 23.57
C PHE A 429 30.47 15.28 23.37
N VAL A 430 30.23 16.57 23.34
CA VAL A 430 31.29 17.56 23.10
C VAL A 430 31.02 18.76 24.01
N TYR A 431 31.75 18.86 25.12
CA TYR A 431 31.62 20.02 25.97
C TYR A 431 32.44 21.18 25.42
N VAL A 432 32.14 22.36 25.93
CA VAL A 432 32.84 23.59 25.55
C VAL A 432 33.19 24.34 26.81
N LYS A 433 34.47 24.69 26.96
CA LYS A 433 34.94 25.48 28.09
C LYS A 433 35.89 26.56 27.60
N PRO A 434 35.77 27.78 28.12
CA PRO A 434 36.67 28.85 27.70
C PRO A 434 38.09 28.57 28.17
N THR A 435 39.04 29.21 27.48
CA THR A 435 40.43 29.11 27.88
C THR A 435 40.63 29.73 29.26
N MET A 436 41.85 29.65 29.77
CA MET A 436 42.18 30.31 31.02
C MET A 436 42.37 31.80 30.74
N SER A 437 42.94 32.51 31.70
CA SER A 437 43.09 33.96 31.57
C SER A 437 44.47 34.39 31.08
N ASP A 438 45.25 33.49 30.49
CA ASP A 438 46.54 33.84 29.92
C ASP A 438 46.82 33.20 28.56
N GLY A 439 46.02 32.23 28.13
CA GLY A 439 46.26 31.55 26.87
C GLY A 439 46.30 30.04 27.02
N THR A 440 45.80 29.55 28.14
CA THR A 440 45.87 28.14 28.51
C THR A 440 44.47 27.65 28.86
N CYS A 441 44.37 26.38 29.19
CA CYS A 441 43.14 25.87 29.80
C CYS A 441 43.47 24.69 30.70
N LYS A 442 42.58 24.47 31.67
CA LYS A 442 42.93 23.79 32.92
C LYS A 442 42.78 22.28 32.83
N GLU A 443 43.72 21.57 33.45
CA GLU A 443 43.73 20.11 33.45
C GLU A 443 42.69 19.56 34.41
N GLU A 444 42.48 18.25 34.32
CA GLU A 444 41.51 17.55 35.15
C GLU A 444 41.72 16.05 34.99
N PHE A 445 41.34 15.30 36.01
CA PHE A 445 41.45 13.84 36.01
C PHE A 445 40.09 13.22 36.31
N THR A 446 40.06 11.89 36.36
CA THR A 446 38.83 11.14 36.46
C THR A 446 38.54 10.74 37.90
N VAL A 447 37.49 9.94 38.08
CA VAL A 447 37.25 9.31 39.37
C VAL A 447 38.40 8.36 39.71
N ASN A 448 38.89 7.63 38.73
CA ASN A 448 40.14 6.91 38.85
C ASN A 448 41.34 7.82 38.61
N GLY A 449 41.12 9.12 38.50
CA GLY A 449 42.21 10.06 38.32
C GLY A 449 42.88 10.00 36.98
N ASP A 450 42.24 9.39 35.99
CA ASP A 450 42.87 9.24 34.70
C ASP A 450 42.93 10.59 33.98
N PRO A 451 44.00 10.86 33.24
CA PRO A 451 44.06 12.12 32.48
C PRO A 451 43.07 12.10 31.34
N VAL A 452 42.24 13.14 31.27
CA VAL A 452 41.28 13.30 30.19
C VAL A 452 41.81 14.34 29.21
N LYS A 453 41.62 14.05 27.93
CA LYS A 453 42.27 14.85 26.90
C LYS A 453 41.58 16.19 26.73
N LYS A 454 42.31 17.12 26.12
CA LYS A 454 41.77 18.42 25.77
C LYS A 454 42.51 18.90 24.54
N VAL A 455 41.77 19.41 23.55
CA VAL A 455 42.37 19.84 22.30
C VAL A 455 41.91 21.26 22.00
N ILE A 456 42.81 22.01 21.37
CA ILE A 456 42.58 23.43 21.10
C ILE A 456 41.54 23.55 20.00
N CYS A 457 40.63 24.52 20.15
CA CYS A 457 39.39 24.53 19.41
C CYS A 457 39.08 25.98 19.05
N THR A 458 39.08 26.28 17.75
CA THR A 458 38.91 27.64 17.27
C THR A 458 37.43 27.87 16.98
N GLY A 459 36.68 28.22 18.01
CA GLY A 459 35.26 28.45 17.90
C GLY A 459 34.95 29.86 17.48
N PRO A 460 34.15 30.00 16.44
CA PRO A 460 33.81 31.34 15.94
C PRO A 460 32.68 32.00 16.71
N ASN A 461 32.37 31.48 17.90
CA ASN A 461 31.17 31.85 18.62
C ASN A 461 31.48 32.17 20.08
N ASP A 462 32.50 33.00 20.29
CA ASP A 462 32.81 33.43 21.65
C ASP A 462 31.60 34.08 22.33
N THR A 463 30.79 34.81 21.55
CA THR A 463 29.56 35.39 22.04
C THR A 463 28.40 34.86 21.18
N SER A 464 27.21 34.91 21.77
CA SER A 464 26.06 34.20 21.23
C SER A 464 25.54 34.84 19.94
N PRO A 465 24.76 34.09 19.16
CA PRO A 465 24.02 34.71 18.06
C PRO A 465 23.06 35.77 18.58
N GLY A 466 22.45 36.49 17.63
CA GLY A 466 21.81 37.75 17.97
C GLY A 466 22.81 38.78 18.44
N SER A 467 24.07 38.62 18.08
CA SER A 467 25.16 39.43 18.62
C SER A 467 26.38 39.21 17.72
N PRO A 468 27.48 39.91 17.99
CA PRO A 468 28.72 39.65 17.25
C PRO A 468 29.19 38.21 17.37
N ARG A 469 30.23 37.90 16.60
CA ARG A 469 30.84 36.57 16.58
C ARG A 469 32.34 36.70 16.36
N HIS A 470 33.11 36.00 17.18
CA HIS A 470 34.56 36.13 17.15
C HIS A 470 35.19 34.74 17.14
N THR A 471 36.20 34.56 16.30
CA THR A 471 36.79 33.26 16.03
C THR A 471 37.96 33.03 16.98
N VAL A 472 37.69 33.11 18.27
CA VAL A 472 38.73 32.97 19.27
C VAL A 472 38.98 31.48 19.50
N PRO A 473 40.19 31.10 19.90
CA PRO A 473 40.40 29.72 20.36
C PRO A 473 39.65 29.49 21.66
N GLN A 474 39.12 28.29 21.83
CA GLN A 474 38.42 27.94 23.06
C GLN A 474 38.47 26.42 23.19
N CYS A 475 39.41 25.91 23.99
CA CYS A 475 39.72 24.49 23.97
C CYS A 475 38.48 23.66 24.28
N CYS A 476 38.22 22.67 23.43
CA CYS A 476 37.01 21.87 23.51
C CYS A 476 37.38 20.41 23.60
N TYR A 477 36.57 19.64 24.32
CA TYR A 477 36.81 18.22 24.55
C TYR A 477 35.48 17.49 24.55
N GLY A 478 35.55 16.18 24.77
CA GLY A 478 34.33 15.41 24.96
C GLY A 478 34.50 13.91 24.90
N PHE A 479 33.52 13.24 24.32
CA PHE A 479 33.53 11.80 24.11
C PHE A 479 34.00 11.44 22.70
N CYS A 480 33.29 11.93 21.68
CA CYS A 480 33.75 11.74 20.33
C CYS A 480 35.14 12.31 20.12
N ILE A 481 35.54 13.30 20.91
CA ILE A 481 36.93 13.74 20.90
C ILE A 481 37.84 12.57 21.22
N ASP A 482 37.48 11.79 22.24
CA ASP A 482 38.26 10.62 22.59
C ASP A 482 38.26 9.61 21.46
N LEU A 483 37.10 9.42 20.81
CA LEU A 483 37.07 8.49 19.69
C LEU A 483 38.02 8.93 18.58
N LEU A 484 37.99 10.23 18.26
CA LEU A 484 38.86 10.79 17.24
C LEU A 484 40.33 10.55 17.57
N ILE A 485 40.74 10.89 18.79
CA ILE A 485 42.13 10.69 19.16
C ILE A 485 42.49 9.22 19.11
N LYS A 486 41.57 8.33 19.45
CA LYS A 486 41.86 6.91 19.29
C LYS A 486 42.12 6.57 17.83
N LEU A 487 41.32 7.14 16.92
CA LEU A 487 41.53 6.86 15.51
C LEU A 487 42.87 7.40 15.02
N ALA A 488 43.27 8.56 15.52
CA ALA A 488 44.47 9.23 15.01
C ALA A 488 45.69 8.34 15.12
N ARG A 489 45.95 7.80 16.31
CA ARG A 489 47.09 6.90 16.48
C ARG A 489 46.95 5.63 15.66
N THR A 490 45.75 5.32 15.18
CA THR A 490 45.56 4.10 14.43
C THR A 490 45.78 4.29 12.95
N MET A 491 45.58 5.49 12.42
CA MET A 491 45.70 5.68 10.97
C MET A 491 46.60 6.84 10.57
N GLN A 492 47.53 7.26 11.42
CA GLN A 492 48.59 8.19 11.03
C GLN A 492 48.00 9.50 10.48
N PHE A 493 47.34 10.23 11.37
CA PHE A 493 46.64 11.44 11.00
C PHE A 493 47.31 12.67 11.60
N THR A 494 46.67 13.81 11.38
CA THR A 494 46.97 15.07 12.06
C THR A 494 45.86 16.04 11.67
N TYR A 495 45.36 16.80 12.64
CA TYR A 495 44.06 17.42 12.48
C TYR A 495 44.02 18.80 13.13
N GLU A 496 43.07 19.61 12.67
CA GLU A 496 42.71 20.87 13.30
C GLU A 496 41.20 20.95 13.33
N VAL A 497 40.66 21.37 14.47
CA VAL A 497 39.24 21.25 14.76
C VAL A 497 38.64 22.64 14.93
N HIS A 498 37.38 22.80 14.50
CA HIS A 498 36.66 24.03 14.80
C HIS A 498 35.16 23.76 14.73
N LEU A 499 34.40 24.62 15.39
CA LEU A 499 32.97 24.39 15.60
C LEU A 499 32.19 24.78 14.34
N VAL A 500 30.87 24.85 14.48
CA VAL A 500 29.97 25.15 13.37
C VAL A 500 29.60 26.63 13.43
N ALA A 501 29.66 27.29 12.28
CA ALA A 501 29.26 28.69 12.22
C ALA A 501 27.82 28.87 12.65
N ASP A 502 26.90 28.10 12.07
CA ASP A 502 25.48 28.31 12.32
C ASP A 502 25.09 27.91 13.74
N GLY A 503 25.18 26.62 14.04
CA GLY A 503 24.74 26.13 15.34
C GLY A 503 23.54 25.20 15.32
N LYS A 504 23.27 24.53 14.21
CA LYS A 504 22.23 23.52 14.14
C LYS A 504 22.74 22.35 13.32
N PHE A 505 22.14 21.18 13.59
CA PHE A 505 22.52 19.96 12.87
C PHE A 505 22.71 20.23 11.38
N GLY A 506 21.72 20.83 10.75
CA GLY A 506 21.79 21.05 9.31
C GLY A 506 20.68 20.35 8.58
N THR A 507 20.04 21.04 7.65
CA THR A 507 18.82 20.56 7.03
C THR A 507 18.82 21.00 5.57
N GLN A 508 17.66 20.88 4.92
CA GLN A 508 17.39 21.49 3.64
C GLN A 508 16.42 22.66 3.80
N GLU A 509 16.35 23.49 2.78
CA GLU A 509 15.55 24.71 2.86
C GLU A 509 15.41 25.30 1.46
N ARG A 510 14.85 26.49 1.38
CA ARG A 510 14.72 27.21 0.13
C ARG A 510 15.15 28.66 0.35
N VAL A 511 16.23 29.06 -0.30
CA VAL A 511 16.79 30.39 -0.14
C VAL A 511 16.24 31.28 -1.25
N GLN A 512 16.49 32.58 -1.11
CA GLN A 512 15.93 33.61 -1.99
C GLN A 512 14.41 33.64 -1.93
N ASN A 513 13.83 32.93 -0.97
CA ASN A 513 12.38 32.75 -0.87
C ASN A 513 11.80 32.25 -2.19
N SER A 514 12.61 31.45 -2.90
CA SER A 514 12.23 30.83 -4.16
C SER A 514 12.46 29.33 -4.07
N ASN A 515 12.42 28.65 -5.21
CA ASN A 515 12.49 27.19 -5.23
C ASN A 515 13.91 26.65 -5.14
N LYS A 516 14.88 27.47 -4.74
CA LYS A 516 16.26 27.01 -4.68
C LYS A 516 16.43 26.00 -3.53
N LYS A 517 17.54 25.27 -3.57
CA LYS A 517 17.79 24.21 -2.59
C LYS A 517 19.29 24.08 -2.36
N GLU A 518 19.69 24.09 -1.09
CA GLU A 518 21.08 23.90 -0.70
C GLU A 518 21.07 23.43 0.76
N TRP A 519 22.20 23.54 1.44
CA TRP A 519 22.35 22.93 2.75
C TRP A 519 22.87 23.93 3.78
N ASN A 520 22.20 23.98 4.92
CA ASN A 520 22.65 24.78 6.05
C ASN A 520 23.47 23.91 7.00
N GLY A 521 23.85 24.49 8.13
CA GLY A 521 24.49 23.73 9.19
C GLY A 521 25.82 23.11 8.80
N MET A 522 26.21 22.12 9.60
CA MET A 522 27.50 21.48 9.39
C MET A 522 27.52 20.67 8.10
N MET A 523 26.40 20.04 7.74
CA MET A 523 26.35 19.33 6.48
C MET A 523 26.67 20.26 5.32
N GLY A 524 26.18 21.49 5.40
CA GLY A 524 26.49 22.47 4.37
C GLY A 524 27.91 22.98 4.46
N GLU A 525 28.41 23.20 5.67
CA GLU A 525 29.81 23.56 5.82
C GLU A 525 30.73 22.49 5.26
N LEU A 526 30.24 21.26 5.16
CA LEU A 526 31.04 20.21 4.53
C LEU A 526 30.87 20.17 3.03
N LEU A 527 29.64 19.97 2.55
CA LEU A 527 29.41 19.91 1.10
C LEU A 527 29.79 21.20 0.40
N SER A 528 30.09 22.26 1.13
CA SER A 528 30.73 23.42 0.53
C SER A 528 32.09 23.06 -0.05
N GLY A 529 32.71 22.00 0.44
CA GLY A 529 34.11 21.75 0.22
C GLY A 529 34.99 22.37 1.27
N GLN A 530 34.43 23.19 2.16
CA GLN A 530 35.21 23.81 3.23
C GLN A 530 35.74 22.76 4.19
N ALA A 531 34.86 22.03 4.84
CA ALA A 531 35.27 21.00 5.78
C ALA A 531 35.77 19.77 5.03
N ASP A 532 36.25 18.78 5.78
CA ASP A 532 36.79 17.56 5.20
C ASP A 532 36.32 16.28 5.86
N MET A 533 35.86 16.30 7.12
CA MET A 533 35.38 15.11 7.78
C MET A 533 34.53 15.53 8.97
N ILE A 534 33.44 14.80 9.22
CA ILE A 534 32.46 15.17 10.22
C ILE A 534 32.34 14.04 11.23
N VAL A 535 32.57 14.37 12.50
CA VAL A 535 32.36 13.45 13.61
C VAL A 535 31.65 14.22 14.73
N ALA A 536 30.44 13.80 15.03
CA ALA A 536 29.56 14.40 16.01
C ALA A 536 28.32 13.51 16.01
N PRO A 537 27.41 13.67 16.93
CA PRO A 537 26.19 12.86 16.86
C PRO A 537 25.31 13.28 15.69
N LEU A 538 25.64 12.81 14.50
CA LEU A 538 24.89 13.12 13.30
C LEU A 538 24.06 11.91 12.88
N THR A 539 22.77 12.13 12.65
CA THR A 539 21.86 11.04 12.34
C THR A 539 22.20 10.42 10.99
N ILE A 540 21.45 9.39 10.61
CA ILE A 540 21.58 8.76 9.31
C ILE A 540 20.18 8.54 8.76
N ASN A 541 19.72 9.47 7.94
CA ASN A 541 18.41 9.37 7.33
C ASN A 541 18.57 8.84 5.91
N ASN A 542 17.47 8.84 5.17
CA ASN A 542 17.55 8.55 3.75
C ASN A 542 17.99 9.77 2.96
N GLU A 543 17.23 10.86 3.09
CA GLU A 543 17.47 12.03 2.24
C GLU A 543 18.90 12.54 2.36
N ARG A 544 19.48 12.56 3.54
CA ARG A 544 20.84 13.07 3.65
C ARG A 544 21.85 12.08 3.11
N ALA A 545 21.44 10.87 2.77
CA ALA A 545 22.40 9.92 2.22
C ALA A 545 22.76 10.23 0.78
N GLN A 546 21.82 10.69 -0.03
CA GLN A 546 22.06 10.90 -1.46
C GLN A 546 23.00 12.07 -1.74
N TYR A 547 23.58 12.68 -0.71
CA TYR A 547 24.56 13.72 -0.91
C TYR A 547 25.89 13.41 -0.26
N ILE A 548 26.01 12.28 0.45
CA ILE A 548 27.20 12.03 1.24
C ILE A 548 27.33 10.54 1.49
N GLU A 549 28.53 10.11 1.84
CA GLU A 549 28.84 8.74 2.19
C GLU A 549 28.98 8.64 3.70
N PHE A 550 28.40 7.61 4.30
CA PHE A 550 28.46 7.41 5.74
C PHE A 550 29.26 6.19 6.14
N SER A 551 29.71 6.21 7.38
CA SER A 551 30.48 5.12 7.96
C SER A 551 29.53 3.98 8.30
N LYS A 552 30.03 3.02 9.07
CA LYS A 552 29.14 2.14 9.79
C LYS A 552 28.67 2.86 11.04
N PRO A 553 27.64 2.34 11.72
CA PRO A 553 27.15 3.02 12.91
C PRO A 553 28.00 2.68 14.12
N PHE A 554 28.03 3.58 15.08
CA PHE A 554 28.86 3.39 16.26
C PHE A 554 28.14 3.62 17.58
N LYS A 555 26.84 3.91 17.58
CA LYS A 555 26.03 3.84 18.79
C LYS A 555 24.56 3.90 18.39
N TYR A 556 23.83 2.83 18.61
CA TYR A 556 22.42 2.85 18.29
C TYR A 556 21.65 3.66 19.31
N GLN A 557 20.47 4.14 18.91
CA GLN A 557 19.60 4.87 19.82
C GLN A 557 18.28 5.17 19.11
N GLY A 558 17.39 5.82 19.84
CA GLY A 558 16.12 6.25 19.31
C GLY A 558 15.67 7.52 19.97
N LEU A 559 14.37 7.76 19.96
CA LEU A 559 13.78 8.95 20.55
C LEU A 559 13.03 8.59 21.82
N THR A 560 12.96 9.54 22.75
CA THR A 560 12.25 9.33 24.02
C THR A 560 11.49 10.57 24.43
N ILE A 561 11.06 10.61 25.68
CA ILE A 561 10.28 11.70 26.22
C ILE A 561 11.01 12.23 27.45
N LEU A 562 10.54 13.35 27.99
CA LEU A 562 11.07 13.89 29.23
C LEU A 562 10.03 14.78 29.89
N VAL A 563 9.77 14.53 31.18
CA VAL A 563 8.79 15.29 31.94
C VAL A 563 9.17 15.25 33.41
N LYS A 564 8.86 16.33 34.11
CA LYS A 564 9.17 16.39 35.54
C LYS A 564 8.34 15.36 36.29
N LYS A 565 8.91 14.83 37.37
CA LYS A 565 8.25 13.86 38.23
C LYS A 565 8.73 14.07 39.66
N GLU A 566 7.81 13.95 40.61
CA GLU A 566 8.12 14.29 42.00
C GLU A 566 7.17 13.52 42.91
N ILE A 567 7.52 13.51 44.18
CA ILE A 567 6.65 12.91 45.19
C ILE A 567 5.36 13.72 45.27
N PRO A 568 4.20 13.10 45.10
CA PRO A 568 2.94 13.85 45.23
C PRO A 568 2.70 14.24 46.68
N ARG A 569 1.61 14.97 46.88
CA ARG A 569 1.19 15.40 48.21
C ARG A 569 -0.32 15.25 48.34
N SER A 570 -0.86 14.17 47.79
CA SER A 570 -2.29 13.89 47.88
C SER A 570 -2.74 14.08 49.31
N THR A 571 -3.62 15.04 49.55
CA THR A 571 -3.94 15.41 50.92
C THR A 571 -5.42 15.68 51.06
N LEU A 572 -5.94 15.40 52.25
CA LEU A 572 -7.34 15.67 52.56
C LEU A 572 -7.55 17.16 52.73
N ASP A 573 -8.74 17.62 52.37
CA ASP A 573 -9.09 19.01 52.58
C ASP A 573 -9.10 19.35 54.07
N SER A 574 -9.60 18.43 54.88
CA SER A 574 -9.72 18.63 56.32
C SER A 574 -10.00 17.28 56.94
N PHE A 575 -9.80 17.18 58.25
CA PHE A 575 -10.15 15.94 58.93
C PHE A 575 -11.63 15.62 58.76
N MET A 576 -12.47 16.63 58.60
CA MET A 576 -13.89 16.44 58.38
C MET A 576 -14.23 16.13 56.94
N GLN A 577 -13.22 15.96 56.08
CA GLN A 577 -13.51 15.79 54.65
C GLN A 577 -14.50 14.66 54.38
N PRO A 578 -14.29 13.43 54.86
CA PRO A 578 -15.11 12.31 54.39
C PRO A 578 -16.55 12.32 54.86
N PHE A 579 -17.01 13.39 55.49
CA PHE A 579 -18.43 13.60 55.75
C PHE A 579 -18.89 14.90 55.10
N GLN A 580 -20.20 14.99 54.88
CA GLN A 580 -20.84 16.23 54.49
C GLN A 580 -21.10 17.08 55.72
N SER A 581 -21.32 18.37 55.50
CA SER A 581 -21.50 19.27 56.64
C SER A 581 -22.82 19.08 57.35
N THR A 582 -23.73 18.24 56.83
CA THR A 582 -25.02 18.07 57.46
C THR A 582 -24.99 16.95 58.50
N LEU A 583 -24.62 15.75 58.08
CA LEU A 583 -24.63 14.59 58.96
C LEU A 583 -23.81 14.84 60.21
N TRP A 584 -22.73 15.60 60.10
CA TRP A 584 -21.96 16.00 61.28
C TRP A 584 -22.87 16.56 62.36
N LEU A 585 -23.84 17.38 61.99
CA LEU A 585 -24.75 17.93 62.97
C LEU A 585 -25.93 17.03 63.24
N LEU A 586 -26.29 16.17 62.29
CA LEU A 586 -27.35 15.21 62.53
C LEU A 586 -27.01 14.34 63.73
N VAL A 587 -25.82 13.74 63.72
CA VAL A 587 -25.47 12.90 64.86
C VAL A 587 -25.41 13.72 66.13
N GLY A 588 -24.94 14.96 66.03
CA GLY A 588 -24.82 15.80 67.21
C GLY A 588 -26.15 16.07 67.87
N LEU A 589 -27.20 16.24 67.07
CA LEU A 589 -28.50 16.42 67.69
C LEU A 589 -29.05 15.07 68.18
N SER A 590 -28.88 14.02 67.39
CA SER A 590 -29.48 12.74 67.74
C SER A 590 -28.93 12.19 69.03
N VAL A 591 -27.67 12.49 69.34
CA VAL A 591 -27.11 12.00 70.58
C VAL A 591 -27.87 12.57 71.78
N HIS A 592 -28.13 13.88 71.77
CA HIS A 592 -28.91 14.45 72.86
C HIS A 592 -30.35 13.94 72.82
N VAL A 593 -30.89 13.70 71.62
CA VAL A 593 -32.23 13.12 71.54
C VAL A 593 -32.28 11.83 72.32
N VAL A 594 -31.40 10.89 71.99
CA VAL A 594 -31.46 9.59 72.67
C VAL A 594 -31.04 9.69 74.13
N ALA A 595 -30.19 10.66 74.47
CA ALA A 595 -29.88 10.87 75.88
C ALA A 595 -31.14 11.22 76.67
N VAL A 596 -31.82 12.29 76.28
CA VAL A 596 -33.00 12.68 77.03
C VAL A 596 -34.07 11.62 76.93
N MET A 597 -34.12 10.85 75.85
CA MET A 597 -35.06 9.74 75.82
C MET A 597 -34.73 8.72 76.88
N LEU A 598 -33.45 8.44 77.08
CA LEU A 598 -33.05 7.62 78.22
C LEU A 598 -33.50 8.24 79.53
N TYR A 599 -33.35 9.56 79.64
CA TYR A 599 -33.63 10.21 80.92
C TYR A 599 -35.11 10.13 81.26
N LEU A 600 -35.97 10.24 80.25
CA LEU A 600 -37.39 10.08 80.44
C LEU A 600 -37.85 8.65 80.25
N LEU A 601 -36.92 7.72 80.04
CA LEU A 601 -37.26 6.32 79.96
C LEU A 601 -36.93 5.55 81.23
N ASP A 602 -35.82 5.86 81.88
CA ASP A 602 -35.43 5.11 83.06
C ASP A 602 -36.19 5.55 84.30
N ARG A 603 -36.71 6.78 84.31
CA ARG A 603 -37.19 7.40 85.54
C ARG A 603 -38.44 6.75 86.11
N PHE A 604 -39.02 5.75 85.45
CA PHE A 604 -40.30 5.20 85.87
C PHE A 604 -40.34 3.72 85.55
N SER A 605 -40.62 2.91 86.56
CA SER A 605 -40.66 1.46 86.40
C SER A 605 -41.80 1.03 85.49
N THR A 623 -30.58 11.60 87.98
CA THR A 623 -29.47 11.07 87.24
C THR A 623 -29.35 11.76 85.89
N LEU A 624 -29.60 13.07 85.87
CA LEU A 624 -29.66 13.78 84.60
C LEU A 624 -28.29 13.93 83.96
N SER A 625 -27.39 14.66 84.61
CA SER A 625 -26.08 14.87 84.04
C SER A 625 -25.33 13.55 83.87
N SER A 626 -25.58 12.59 84.76
CA SER A 626 -24.93 11.30 84.64
C SER A 626 -25.33 10.60 83.33
N ALA A 627 -26.63 10.49 83.07
CA ALA A 627 -27.06 9.86 81.83
C ALA A 627 -26.60 10.67 80.64
N MET A 628 -26.56 12.00 80.76
CA MET A 628 -25.99 12.81 79.70
C MET A 628 -24.56 12.36 79.40
N TRP A 629 -23.73 12.22 80.43
CA TRP A 629 -22.35 11.82 80.23
C TRP A 629 -22.27 10.45 79.58
N PHE A 630 -22.95 9.46 80.15
CA PHE A 630 -22.95 8.13 79.55
C PHE A 630 -23.33 8.18 78.08
N SER A 631 -24.39 8.89 77.77
CA SER A 631 -24.86 8.94 76.41
C SER A 631 -23.84 9.56 75.49
N TRP A 632 -23.25 10.69 75.89
CA TRP A 632 -22.38 11.41 74.99
C TRP A 632 -20.96 10.91 75.02
N GLY A 633 -20.63 9.96 75.90
CA GLY A 633 -19.29 9.44 75.92
C GLY A 633 -19.03 8.39 74.87
N VAL A 634 -19.85 7.33 74.85
CA VAL A 634 -19.57 6.18 74.01
C VAL A 634 -19.27 6.55 72.57
N LEU A 635 -19.71 7.72 72.13
CA LEU A 635 -19.26 8.15 70.81
C LEU A 635 -17.79 8.57 70.83
N LEU A 636 -17.13 8.45 71.98
CA LEU A 636 -15.73 8.84 72.08
C LEU A 636 -14.84 7.72 72.59
N ASN A 637 -15.41 6.56 72.90
CA ASN A 637 -14.64 5.42 73.41
C ASN A 637 -13.77 5.81 74.60
N SER A 638 -14.17 6.83 75.34
CA SER A 638 -13.38 7.26 76.47
C SER A 638 -13.58 6.29 77.62
N GLY A 639 -13.14 6.68 78.81
CA GLY A 639 -13.40 5.91 80.00
C GLY A 639 -14.31 6.68 80.93
N ILE A 640 -14.63 7.90 80.54
CA ILE A 640 -15.45 8.77 81.38
C ILE A 640 -16.86 8.19 81.44
N GLY A 641 -17.52 8.39 82.58
CA GLY A 641 -18.86 7.88 82.75
C GLY A 641 -18.97 6.97 83.96
N GLU A 642 -19.87 7.30 84.87
CA GLU A 642 -20.06 6.52 86.09
C GLU A 642 -21.41 5.84 86.16
N GLY A 643 -22.48 6.53 85.77
CA GLY A 643 -23.80 5.95 85.84
C GLY A 643 -24.02 4.88 84.79
N ALA A 644 -25.26 4.41 84.75
CA ALA A 644 -25.67 3.36 83.83
C ALA A 644 -27.19 3.27 83.89
N PRO A 645 -27.80 2.57 82.95
CA PRO A 645 -29.24 2.32 83.07
C PRO A 645 -29.53 1.28 84.15
N ARG A 646 -30.50 1.62 85.00
CA ARG A 646 -30.95 0.71 86.06
C ARG A 646 -32.32 0.12 85.77
N SER A 647 -32.88 0.39 84.60
CA SER A 647 -34.13 -0.21 84.16
C SER A 647 -33.83 -1.46 83.34
N PHE A 648 -34.83 -1.92 82.59
CA PHE A 648 -34.65 -2.94 81.57
C PHE A 648 -34.71 -2.35 80.17
N SER A 649 -35.72 -1.52 79.91
CA SER A 649 -35.86 -0.91 78.61
C SER A 649 -34.67 -0.02 78.27
N ALA A 650 -34.19 0.77 79.23
CA ALA A 650 -33.03 1.62 78.97
C ALA A 650 -31.83 0.78 78.58
N ARG A 651 -31.69 -0.42 79.16
CA ARG A 651 -30.64 -1.34 78.72
C ARG A 651 -30.83 -1.74 77.27
N ILE A 652 -32.05 -2.15 76.92
CA ILE A 652 -32.27 -2.60 75.55
C ILE A 652 -32.09 -1.45 74.59
N LEU A 653 -32.13 -0.22 75.07
CA LEU A 653 -31.78 0.90 74.19
C LEU A 653 -30.28 1.06 74.09
N GLY A 654 -29.61 1.19 75.24
CA GLY A 654 -28.18 1.45 75.24
C GLY A 654 -27.40 0.48 74.39
N MET A 655 -27.85 -0.78 74.33
CA MET A 655 -27.16 -1.74 73.48
C MET A 655 -27.08 -1.24 72.04
N VAL A 656 -28.22 -0.95 71.44
CA VAL A 656 -28.22 -0.50 70.05
C VAL A 656 -27.55 0.86 69.93
N TRP A 657 -27.63 1.68 70.97
CA TRP A 657 -26.89 2.94 70.92
C TRP A 657 -25.41 2.69 70.71
N ALA A 658 -24.84 1.77 71.49
CA ALA A 658 -23.43 1.45 71.35
C ALA A 658 -23.13 0.86 69.98
N GLY A 659 -24.00 0.00 69.49
CA GLY A 659 -23.79 -0.53 68.15
C GLY A 659 -23.70 0.58 67.11
N PHE A 660 -24.59 1.55 67.22
CA PHE A 660 -24.53 2.70 66.32
C PHE A 660 -23.21 3.43 66.48
N ALA A 661 -22.75 3.58 67.72
CA ALA A 661 -21.48 4.26 67.94
C ALA A 661 -20.34 3.52 67.28
N MET A 662 -20.41 2.21 67.23
CA MET A 662 -19.40 1.45 66.51
C MET A 662 -19.48 1.73 65.02
N ILE A 663 -20.69 1.67 64.47
CA ILE A 663 -20.86 1.79 63.03
C ILE A 663 -20.37 3.14 62.53
N ILE A 664 -20.63 4.20 63.28
CA ILE A 664 -20.24 5.52 62.81
C ILE A 664 -18.74 5.57 62.56
N VAL A 665 -17.95 5.38 63.60
CA VAL A 665 -16.52 5.51 63.46
C VAL A 665 -15.97 4.46 62.49
N ALA A 666 -16.59 3.28 62.44
CA ALA A 666 -16.12 2.27 61.50
C ALA A 666 -16.26 2.75 60.07
N SER A 667 -17.45 3.19 59.69
CA SER A 667 -17.64 3.73 58.36
C SER A 667 -16.68 4.86 58.09
N TYR A 668 -16.42 5.70 59.09
CA TYR A 668 -15.45 6.78 58.88
C TYR A 668 -14.11 6.22 58.44
N THR A 669 -13.59 5.25 59.20
CA THR A 669 -12.31 4.66 58.84
C THR A 669 -12.37 4.07 57.43
N ALA A 670 -13.43 3.33 57.14
CA ALA A 670 -13.54 2.70 55.83
C ALA A 670 -13.46 3.73 54.72
N ASN A 671 -14.20 4.82 54.86
CA ASN A 671 -14.25 5.82 53.81
C ASN A 671 -12.91 6.51 53.65
N LEU A 672 -12.30 6.93 54.76
CA LEU A 672 -11.01 7.59 54.63
C LEU A 672 -10.00 6.68 53.96
N ALA A 673 -9.98 5.40 54.34
CA ALA A 673 -9.05 4.48 53.70
C ALA A 673 -9.31 4.38 52.22
N ALA A 674 -10.54 4.03 51.85
CA ALA A 674 -10.87 3.89 50.43
C ALA A 674 -10.50 5.15 49.65
N PHE A 675 -10.58 6.31 50.29
CA PHE A 675 -10.15 7.52 49.61
C PHE A 675 -8.64 7.51 49.41
N LEU A 676 -7.88 7.27 50.47
CA LEU A 676 -6.44 7.45 50.38
C LEU A 676 -5.74 6.31 49.65
N VAL A 677 -6.40 5.20 49.41
CA VAL A 677 -5.79 4.18 48.55
C VAL A 677 -6.07 4.47 47.09
N LEU A 678 -7.25 4.98 46.78
CA LEU A 678 -7.61 5.20 45.38
C LEU A 678 -6.81 6.33 44.77
N ASP A 679 -6.74 7.47 45.45
CA ASP A 679 -6.16 8.68 44.87
C ASP A 679 -4.65 8.53 44.77
N ARG A 680 -4.24 7.70 43.83
CA ARG A 680 -2.86 7.70 43.37
C ARG A 680 -2.76 8.62 42.15
N PRO A 681 -1.82 9.57 42.14
CA PRO A 681 -1.88 10.66 41.15
C PRO A 681 -1.79 10.16 39.72
N GLU A 682 -2.00 11.07 38.77
CA GLU A 682 -2.15 10.70 37.37
C GLU A 682 -0.90 9.98 36.87
N GLU A 683 -1.13 9.09 35.92
CA GLU A 683 -0.07 8.33 35.26
C GLU A 683 0.98 9.24 34.63
N ARG A 684 2.16 8.68 34.40
CA ARG A 684 3.15 9.40 33.62
C ARG A 684 2.80 9.32 32.14
N ILE A 685 3.41 10.20 31.35
CA ILE A 685 3.20 10.18 29.91
C ILE A 685 3.80 8.89 29.37
N THR A 686 2.95 7.97 28.94
CA THR A 686 3.40 6.61 28.67
C THR A 686 4.06 6.46 27.31
N GLY A 687 3.65 7.22 26.31
CA GLY A 687 4.31 7.09 25.02
C GLY A 687 3.52 7.76 23.93
N ILE A 688 3.97 7.50 22.69
CA ILE A 688 3.36 8.14 21.53
C ILE A 688 1.89 7.82 21.44
N ASN A 689 1.49 6.61 21.79
CA ASN A 689 0.09 6.23 21.72
C ASN A 689 -0.69 6.60 22.96
N ASP A 690 -0.06 7.29 23.91
CA ASP A 690 -0.72 7.60 25.16
C ASP A 690 -1.97 8.44 24.92
N PRO A 691 -3.06 8.17 25.63
CA PRO A 691 -4.23 9.03 25.51
C PRO A 691 -3.97 10.46 25.93
N ARG A 692 -3.40 10.66 27.12
CA ARG A 692 -3.25 11.99 27.69
C ARG A 692 -2.50 12.96 26.78
N LEU A 693 -1.90 12.46 25.71
CA LEU A 693 -1.37 13.33 24.67
C LEU A 693 -1.73 12.83 23.28
N ARG A 694 -2.69 11.91 23.16
CA ARG A 694 -3.00 11.33 21.86
C ARG A 694 -3.49 12.39 20.88
N ASN A 695 -4.25 13.35 21.36
CA ASN A 695 -4.65 14.44 20.48
C ASN A 695 -3.75 15.65 20.70
N PRO A 696 -3.67 16.56 19.74
CA PRO A 696 -3.09 17.87 20.05
C PRO A 696 -3.98 18.58 21.04
N SER A 697 -3.36 19.21 22.03
CA SER A 697 -4.12 19.80 23.12
C SER A 697 -3.40 21.04 23.63
N ASP A 698 -4.19 21.99 24.11
CA ASP A 698 -3.67 23.27 24.56
C ASP A 698 -3.57 23.37 26.09
N LYS A 699 -4.35 22.58 26.83
CA LYS A 699 -4.19 22.51 28.27
C LYS A 699 -2.99 21.68 28.68
N PHE A 700 -2.20 21.19 27.72
CA PHE A 700 -1.07 20.30 27.99
C PHE A 700 -0.03 20.55 26.89
N ILE A 701 0.90 21.47 27.18
CA ILE A 701 1.75 22.07 26.15
C ILE A 701 3.15 21.48 26.22
N TYR A 702 3.72 21.19 25.04
CA TYR A 702 5.03 20.59 24.92
C TYR A 702 5.68 21.09 23.64
N ALA A 703 7.00 20.97 23.58
CA ALA A 703 7.77 21.57 22.48
C ALA A 703 8.63 20.51 21.81
N THR A 704 9.53 20.97 20.96
CA THR A 704 10.41 20.11 20.19
C THR A 704 11.61 20.96 19.76
N VAL A 705 12.47 20.41 18.90
CA VAL A 705 13.73 21.03 18.51
C VAL A 705 13.61 21.59 17.11
N LYS A 706 14.00 22.86 16.93
CA LYS A 706 13.89 23.54 15.65
C LYS A 706 14.99 23.11 14.70
N GLN A 707 14.69 23.22 13.39
CA GLN A 707 15.68 23.09 12.33
C GLN A 707 16.52 21.84 12.48
N SER A 708 15.98 20.82 13.13
CA SER A 708 16.76 19.66 13.52
C SER A 708 16.29 18.40 12.81
N SER A 709 16.88 17.25 13.13
CA SER A 709 16.40 16.03 12.53
C SER A 709 14.97 15.71 12.95
N VAL A 710 14.51 16.27 14.07
CA VAL A 710 13.21 15.86 14.59
C VAL A 710 12.08 16.42 13.73
N ASP A 711 12.12 17.71 13.39
CA ASP A 711 11.09 18.20 12.49
C ASP A 711 11.36 17.78 11.05
N ILE A 712 12.54 17.25 10.75
CA ILE A 712 12.75 16.58 9.47
C ILE A 712 11.92 15.31 9.40
N TYR A 713 12.08 14.44 10.39
CA TYR A 713 11.27 13.24 10.42
C TYR A 713 9.79 13.56 10.63
N PHE A 714 9.49 14.71 11.21
CA PHE A 714 8.10 15.12 11.36
C PHE A 714 7.57 15.87 10.16
N ARG A 715 8.42 16.18 9.17
CA ARG A 715 7.93 16.69 7.90
C ARG A 715 7.03 15.65 7.24
N ARG A 716 7.60 14.52 6.85
CA ARG A 716 6.84 13.45 6.21
C ARG A 716 6.12 12.64 7.29
N GLN A 717 5.02 13.23 7.77
CA GLN A 717 4.11 12.55 8.70
C GLN A 717 2.71 12.58 8.10
N VAL A 718 2.40 11.55 7.31
CA VAL A 718 1.09 11.45 6.69
C VAL A 718 -0.02 11.52 7.73
N GLU A 719 0.12 10.79 8.82
CA GLU A 719 -0.88 10.82 9.87
C GLU A 719 -0.60 11.88 10.93
N LEU A 720 0.64 11.97 11.40
CA LEU A 720 0.98 12.75 12.57
C LEU A 720 0.83 14.25 12.36
N SER A 721 0.41 14.69 11.17
CA SER A 721 0.40 16.11 10.85
C SER A 721 -0.39 16.92 11.87
N THR A 722 -1.42 16.32 12.47
CA THR A 722 -2.24 17.03 13.44
C THR A 722 -1.42 17.53 14.62
N MET A 723 -0.53 16.71 15.17
CA MET A 723 0.38 17.17 16.20
C MET A 723 1.62 17.83 15.62
N TYR A 724 1.94 17.54 14.35
CA TYR A 724 3.05 18.21 13.69
C TYR A 724 2.86 19.71 13.70
N ARG A 725 1.68 20.16 13.30
CA ARG A 725 1.38 21.59 13.38
C ARG A 725 1.35 22.06 14.82
N HIS A 726 0.79 21.24 15.72
CA HIS A 726 0.70 21.65 17.12
C HIS A 726 2.07 21.90 17.72
N MET A 727 3.09 21.18 17.24
CA MET A 727 4.45 21.42 17.69
C MET A 727 5.03 22.64 16.98
N GLU A 728 4.98 22.64 15.65
CA GLU A 728 5.55 23.73 14.87
C GLU A 728 4.93 25.08 15.21
N LYS A 729 3.87 25.12 16.01
CA LYS A 729 3.41 26.37 16.56
C LYS A 729 4.06 26.71 17.92
N HIS A 730 4.94 25.83 18.44
CA HIS A 730 5.66 26.13 19.67
C HIS A 730 7.10 25.61 19.66
N ASN A 731 7.70 25.47 18.48
CA ASN A 731 8.99 24.84 18.37
C ASN A 731 10.06 25.59 19.15
N TYR A 732 11.13 24.87 19.51
CA TYR A 732 12.21 25.42 20.31
C TYR A 732 13.55 25.20 19.61
N GLU A 733 14.55 25.97 20.03
CA GLU A 733 15.79 26.13 19.27
C GLU A 733 16.92 25.22 19.75
N SER A 734 17.31 25.35 21.01
CA SER A 734 18.44 24.59 21.54
C SER A 734 18.05 23.94 22.87
N ALA A 735 18.79 22.89 23.24
CA ALA A 735 18.43 22.10 24.42
C ALA A 735 18.42 22.94 25.70
N ALA A 736 19.40 23.82 25.88
CA ALA A 736 19.46 24.63 27.09
C ALA A 736 18.18 25.41 27.30
N GLU A 737 17.46 25.75 26.22
CA GLU A 737 16.10 26.23 26.37
C GLU A 737 15.26 25.21 27.10
N ALA A 738 15.14 24.02 26.52
CA ALA A 738 14.12 23.05 26.90
C ALA A 738 14.33 22.50 28.29
N ILE A 739 15.54 22.02 28.57
CA ILE A 739 15.78 21.41 29.88
C ILE A 739 15.57 22.44 30.98
N GLN A 740 16.22 23.59 30.86
CA GLN A 740 16.05 24.62 31.88
C GLN A 740 14.61 25.05 32.01
N ALA A 741 13.85 25.02 30.92
CA ALA A 741 12.45 25.42 31.00
C ALA A 741 11.64 24.38 31.76
N VAL A 742 11.71 23.12 31.34
CA VAL A 742 10.90 22.10 31.99
C VAL A 742 11.28 21.91 33.44
N ARG A 743 12.57 22.06 33.78
CA ARG A 743 12.94 22.10 35.18
C ARG A 743 12.16 23.18 35.92
N ASP A 744 11.85 24.28 35.25
CA ASP A 744 11.09 25.36 35.82
C ASP A 744 9.59 25.20 35.61
N ASN A 745 9.14 24.00 35.26
CA ASN A 745 7.71 23.66 35.19
C ASN A 745 6.94 24.58 34.25
N LYS A 746 7.64 25.25 33.34
CA LYS A 746 6.94 26.06 32.35
C LYS A 746 6.18 25.17 31.36
N LEU A 747 6.86 24.19 30.80
CA LEU A 747 6.26 23.28 29.84
C LEU A 747 5.83 21.98 30.54
N HIS A 748 5.18 21.12 29.77
CA HIS A 748 4.74 19.82 30.27
C HIS A 748 5.66 18.68 29.82
N ALA A 749 5.84 18.53 28.51
CA ALA A 749 6.59 17.42 27.97
C ALA A 749 7.68 17.93 27.04
N PHE A 750 8.44 17.00 26.48
CA PHE A 750 9.56 17.34 25.62
C PHE A 750 10.02 16.10 24.87
N ILE A 751 10.70 16.31 23.75
CA ILE A 751 11.20 15.23 22.91
C ILE A 751 12.66 15.50 22.56
N TRP A 752 13.41 14.43 22.33
CA TRP A 752 14.76 14.50 21.77
C TRP A 752 15.21 13.10 21.40
N ASP A 753 16.45 13.00 20.94
CA ASP A 753 17.13 11.74 20.84
C ASP A 753 17.50 11.25 22.23
N SER A 754 17.79 9.95 22.33
CA SER A 754 17.89 9.31 23.63
C SER A 754 19.07 9.82 24.45
N ALA A 755 20.29 9.60 23.95
CA ALA A 755 21.48 9.74 24.77
C ALA A 755 21.48 11.03 25.58
N VAL A 756 21.09 12.14 24.95
CA VAL A 756 21.13 13.42 25.64
C VAL A 756 20.25 13.38 26.89
N LEU A 757 18.99 13.03 26.74
CA LEU A 757 18.12 13.06 27.91
C LEU A 757 18.40 11.92 28.88
N GLU A 758 18.83 10.75 28.39
CA GLU A 758 19.24 9.70 29.30
C GLU A 758 20.30 10.20 30.27
N PHE A 759 21.39 10.74 29.73
CA PHE A 759 22.42 11.32 30.59
C PHE A 759 21.82 12.39 31.49
N GLU A 760 21.09 13.34 30.93
CA GLU A 760 20.60 14.45 31.73
C GLU A 760 19.72 13.98 32.88
N ALA A 761 19.05 12.84 32.71
CA ALA A 761 18.29 12.28 33.81
C ALA A 761 19.20 11.68 34.86
N SER A 762 20.12 10.80 34.45
CA SER A 762 20.96 10.17 35.45
C SER A 762 21.95 11.13 36.10
N GLN A 763 22.06 12.36 35.63
CA GLN A 763 22.99 13.30 36.26
C GLN A 763 22.35 13.96 37.47
N LYS A 764 21.31 14.75 37.24
CA LYS A 764 20.51 15.31 38.31
C LYS A 764 19.16 14.63 38.29
N CYS A 765 18.60 14.36 39.47
CA CYS A 765 17.52 13.39 39.59
C CYS A 765 16.18 14.06 39.85
N ASP A 766 15.91 15.15 39.14
CA ASP A 766 14.59 15.75 39.18
C ASP A 766 13.71 15.32 38.02
N LEU A 767 14.30 14.74 36.97
CA LEU A 767 13.56 14.36 35.77
C LEU A 767 13.79 12.89 35.47
N VAL A 768 12.84 12.29 34.76
CA VAL A 768 12.96 10.92 34.32
C VAL A 768 12.47 10.83 32.88
N THR A 769 12.58 9.63 32.32
CA THR A 769 12.12 9.37 30.98
C THR A 769 11.01 8.33 31.01
N THR A 770 10.35 8.17 29.88
CA THR A 770 9.38 7.09 29.73
C THR A 770 10.04 5.78 29.36
N GLY A 771 11.32 5.80 29.04
CA GLY A 771 12.01 4.61 28.59
C GLY A 771 11.46 3.98 27.34
N GLU A 772 10.40 4.54 26.76
CA GLU A 772 9.78 3.97 25.57
C GLU A 772 10.55 4.44 24.33
N LEU A 773 11.08 3.49 23.57
CA LEU A 773 11.76 3.85 22.34
C LEU A 773 10.75 4.37 21.34
N PHE A 774 11.20 5.17 20.41
CA PHE A 774 10.20 5.85 19.61
C PHE A 774 10.41 5.72 18.11
N PHE A 775 11.65 5.79 17.64
CA PHE A 775 11.94 5.65 16.22
C PHE A 775 13.43 5.37 16.06
N ARG A 776 13.75 4.19 15.55
CA ARG A 776 15.14 3.78 15.46
C ARG A 776 15.93 4.72 14.57
N SER A 777 17.23 4.78 14.83
CA SER A 777 18.19 5.48 13.98
C SER A 777 19.58 5.03 14.42
N GLY A 778 20.60 5.79 14.03
CA GLY A 778 21.93 5.56 14.56
C GLY A 778 22.94 6.55 14.06
N PHE A 779 23.78 7.10 14.93
CA PHE A 779 24.79 8.02 14.45
C PHE A 779 25.86 7.27 13.67
N GLY A 780 26.81 8.04 13.15
CA GLY A 780 27.90 7.48 12.39
C GLY A 780 28.86 8.57 11.99
N ILE A 781 29.73 8.24 11.04
CA ILE A 781 30.67 9.21 10.51
C ILE A 781 30.45 9.31 9.01
N GLY A 782 30.70 10.49 8.47
CA GLY A 782 30.55 10.72 7.04
C GLY A 782 31.66 11.58 6.48
N MET A 783 31.98 11.33 5.21
CA MET A 783 32.88 12.17 4.45
C MET A 783 32.27 12.42 3.08
N ARG A 784 32.78 13.44 2.40
CA ARG A 784 32.37 13.67 1.02
C ARG A 784 32.69 12.43 0.19
N LYS A 785 31.84 12.20 -0.82
CA LYS A 785 31.78 10.88 -1.44
C LYS A 785 33.12 10.44 -1.98
N ASP A 786 33.36 9.13 -1.92
CA ASP A 786 34.53 8.48 -2.52
C ASP A 786 35.85 9.02 -2.00
N SER A 787 35.86 9.55 -0.79
CA SER A 787 37.16 9.89 -0.26
C SER A 787 37.88 8.61 0.15
N PRO A 788 39.20 8.53 -0.02
CA PRO A 788 39.92 7.27 0.13
C PRO A 788 40.02 6.75 1.57
N TRP A 789 39.31 7.36 2.52
CA TRP A 789 39.39 6.92 3.90
C TRP A 789 38.39 5.84 4.26
N LYS A 790 37.21 5.83 3.63
CA LYS A 790 36.05 5.14 4.19
C LYS A 790 36.37 3.73 4.65
N GLN A 791 37.10 2.95 3.84
CA GLN A 791 37.34 1.56 4.20
C GLN A 791 38.15 1.45 5.49
N GLN A 792 39.19 2.26 5.63
CA GLN A 792 40.04 2.16 6.80
C GLN A 792 39.26 2.47 8.08
N VAL A 793 38.50 3.57 8.07
CA VAL A 793 37.75 3.94 9.27
C VAL A 793 36.65 2.93 9.54
N SER A 794 36.06 2.36 8.48
CA SER A 794 34.99 1.39 8.70
C SER A 794 35.53 0.12 9.34
N LEU A 795 36.70 -0.34 8.93
CA LEU A 795 37.27 -1.49 9.62
C LEU A 795 37.78 -1.13 11.00
N SER A 796 38.27 0.09 11.20
CA SER A 796 38.72 0.50 12.52
C SER A 796 37.59 0.46 13.53
N ILE A 797 36.45 1.06 13.19
CA ILE A 797 35.32 1.06 14.12
C ILE A 797 34.93 -0.36 14.48
N LEU A 798 34.82 -1.23 13.48
CA LEU A 798 34.49 -2.63 13.78
C LEU A 798 35.53 -3.25 14.69
N LYS A 799 36.81 -2.91 14.52
CA LYS A 799 37.80 -3.35 15.49
C LYS A 799 37.52 -2.81 16.88
N SER A 800 36.88 -1.65 16.95
CA SER A 800 36.63 -0.99 18.22
C SER A 800 35.32 -1.39 18.85
N HIS A 801 34.81 -2.59 18.55
CA HIS A 801 33.67 -3.11 19.28
C HIS A 801 33.77 -4.58 19.64
N GLU A 802 34.90 -5.22 19.37
CA GLU A 802 35.15 -6.51 19.98
C GLU A 802 36.02 -6.37 21.21
N ASN A 803 37.11 -5.64 21.11
CA ASN A 803 37.95 -5.38 22.28
C ASN A 803 37.25 -4.53 23.32
N GLY A 804 36.02 -4.10 23.06
CA GLY A 804 35.27 -3.37 24.06
C GLY A 804 35.84 -2.04 24.45
N PHE A 805 36.60 -1.40 23.56
CA PHE A 805 37.08 -0.05 23.87
C PHE A 805 35.92 0.92 24.05
N MET A 806 34.91 0.81 23.19
CA MET A 806 33.73 1.65 23.36
C MET A 806 32.95 1.27 24.61
N GLU A 807 32.97 -0.01 24.98
CA GLU A 807 32.42 -0.40 26.27
C GLU A 807 33.05 0.42 27.38
N ASP A 808 34.35 0.65 27.31
CA ASP A 808 35.00 1.49 28.30
C ASP A 808 34.60 2.95 28.14
N LEU A 809 34.51 3.43 26.90
CA LEU A 809 34.10 4.81 26.69
C LEU A 809 32.76 5.11 27.33
N ASP A 810 31.86 4.13 27.29
CA ASP A 810 30.58 4.27 27.97
C ASP A 810 30.79 4.73 29.41
N LYS A 811 31.45 3.90 30.21
CA LYS A 811 31.71 4.26 31.60
C LYS A 811 32.52 5.53 31.71
N THR A 812 33.31 5.85 30.69
CA THR A 812 34.07 7.09 30.74
C THR A 812 33.15 8.30 30.68
N TRP A 813 32.05 8.19 29.97
CA TRP A 813 31.29 9.41 29.86
C TRP A 813 29.80 9.28 30.14
N VAL A 814 29.17 8.18 29.75
CA VAL A 814 27.72 8.20 29.66
C VAL A 814 27.04 7.53 30.84
N ARG A 815 27.19 6.21 30.96
CA ARG A 815 26.60 5.49 32.10
C ARG A 815 27.43 5.83 33.32
N TYR A 816 27.34 7.10 33.72
CA TYR A 816 28.33 7.74 34.58
C TYR A 816 27.92 7.81 36.03
N GLN A 817 26.65 7.95 36.32
CA GLN A 817 26.17 8.16 37.67
C GLN A 817 25.09 7.13 37.98
N GLU A 818 24.35 7.38 39.05
CA GLU A 818 23.23 6.52 39.41
C GLU A 818 22.26 7.30 40.27
N CYS A 819 20.98 7.26 39.91
CA CYS A 819 19.89 7.64 40.78
C CYS A 819 18.85 6.54 40.76
N ASP A 820 18.53 6.00 41.93
CA ASP A 820 17.70 4.81 42.01
C ASP A 820 16.28 5.11 41.53
N SER A 821 15.62 4.07 41.01
CA SER A 821 14.26 4.21 40.51
C SER A 821 13.30 4.48 41.66
N ARG A 822 13.19 3.51 42.58
CA ARG A 822 12.48 3.69 43.85
C ARG A 822 11.09 4.29 43.62
N SER A 823 10.24 3.50 42.97
CA SER A 823 8.86 3.88 42.70
C SER A 823 8.26 4.61 43.90
N ASN A 824 7.68 5.78 43.63
CA ASN A 824 7.27 6.67 44.69
C ASN A 824 6.16 6.05 45.54
N ALA A 825 5.82 6.73 46.63
CA ALA A 825 4.93 6.20 47.64
C ALA A 825 3.62 6.99 47.66
N PRO A 826 2.65 6.55 48.45
CA PRO A 826 1.42 7.31 48.60
C PRO A 826 1.55 8.57 49.43
N ALA A 827 2.77 9.06 49.64
CA ALA A 827 2.95 10.44 50.09
C ALA A 827 2.35 10.71 51.45
N THR A 828 3.02 10.21 52.49
CA THR A 828 2.59 10.36 53.87
C THR A 828 1.89 11.70 54.13
N LEU A 829 0.79 11.62 54.87
CA LEU A 829 0.24 12.80 55.50
C LEU A 829 1.33 13.48 56.31
N THR A 830 1.12 14.76 56.56
CA THR A 830 2.23 15.51 57.10
C THR A 830 1.72 16.65 57.97
N CYS A 831 2.67 17.45 58.43
CA CYS A 831 2.52 18.67 59.20
C CYS A 831 1.58 19.65 58.54
N GLU A 832 1.12 19.31 57.34
CA GLU A 832 0.36 20.22 56.48
C GLU A 832 -1.03 20.50 57.02
N ASN A 833 -1.87 19.47 57.10
CA ASN A 833 -3.30 19.70 57.22
C ASN A 833 -3.91 19.06 58.45
N MET A 834 -3.19 18.19 59.13
CA MET A 834 -3.71 17.65 60.38
C MET A 834 -3.91 18.74 61.43
N ALA A 835 -3.36 19.93 61.21
CA ALA A 835 -3.65 21.06 62.07
C ALA A 835 -5.10 21.46 62.02
N GLY A 836 -5.85 21.01 61.01
CA GLY A 836 -7.29 21.12 61.09
C GLY A 836 -7.82 20.54 62.39
N VAL A 837 -7.29 19.37 62.78
CA VAL A 837 -7.63 18.83 64.09
C VAL A 837 -7.07 19.71 65.19
N PHE A 838 -5.78 20.05 65.11
CA PHE A 838 -5.15 20.86 66.15
C PHE A 838 -5.91 22.14 66.44
N MET A 839 -6.72 22.61 65.50
CA MET A 839 -7.64 23.70 65.78
C MET A 839 -8.57 23.37 66.94
N LEU A 840 -8.63 22.10 67.36
CA LEU A 840 -9.55 21.74 68.42
C LEU A 840 -9.02 22.11 69.80
N VAL A 841 -7.71 22.03 70.01
CA VAL A 841 -7.22 22.27 71.36
C VAL A 841 -7.39 23.73 71.75
N ALA A 842 -7.30 24.65 70.78
CA ALA A 842 -7.52 26.06 71.10
C ALA A 842 -8.96 26.30 71.52
N GLY A 843 -9.91 25.74 70.78
CA GLY A 843 -11.30 25.82 71.20
C GLY A 843 -11.52 25.19 72.56
N GLY A 844 -10.82 24.10 72.85
CA GLY A 844 -10.89 23.52 74.17
C GLY A 844 -10.43 24.50 75.24
N ILE A 845 -9.29 25.16 75.01
CA ILE A 845 -8.76 26.09 76.00
C ILE A 845 -9.71 27.26 76.21
N VAL A 846 -10.24 27.81 75.11
CA VAL A 846 -11.16 28.93 75.22
C VAL A 846 -12.41 28.53 76.01
N ALA A 847 -13.03 27.42 75.61
CA ALA A 847 -14.21 26.96 76.32
C ALA A 847 -13.91 26.69 77.79
N GLY A 848 -12.71 26.21 78.10
CA GLY A 848 -12.38 25.95 79.49
C GLY A 848 -12.26 27.22 80.31
N ILE A 849 -11.57 28.22 79.77
CA ILE A 849 -11.42 29.45 80.53
C ILE A 849 -12.75 30.19 80.63
N PHE A 850 -13.69 29.92 79.72
CA PHE A 850 -15.05 30.41 79.93
C PHE A 850 -15.72 29.63 81.04
N LEU A 851 -15.74 28.31 80.91
CA LEU A 851 -16.53 27.45 81.77
C LEU A 851 -16.04 27.47 83.20
N ILE A 852 -14.79 27.81 83.46
CA ILE A 852 -14.35 27.89 84.84
C ILE A 852 -15.08 29.02 85.56
N PHE A 853 -15.09 30.22 84.98
CA PHE A 853 -15.81 31.32 85.60
C PHE A 853 -17.30 31.04 85.63
N ILE A 854 -17.84 30.48 84.56
CA ILE A 854 -19.26 30.19 84.56
C ILE A 854 -19.58 29.16 85.64
N GLU A 855 -18.64 28.26 85.93
CA GLU A 855 -18.85 27.28 87.00
C GLU A 855 -18.78 27.95 88.35
N ILE A 856 -17.84 28.87 88.53
CA ILE A 856 -17.79 29.65 89.76
C ILE A 856 -19.14 30.30 90.01
N ALA A 857 -19.70 30.92 88.99
CA ALA A 857 -21.02 31.52 89.10
C ALA A 857 -22.08 30.49 89.48
N TYR A 858 -22.20 29.42 88.69
CA TYR A 858 -23.24 28.42 88.93
C TYR A 858 -23.08 27.74 90.28
N LYS A 859 -21.87 27.76 90.84
CA LYS A 859 -21.63 27.15 92.14
C LYS A 859 -21.95 28.10 93.28
N ARG A 860 -21.76 29.40 93.07
CA ARG A 860 -21.98 30.35 94.17
C ARG A 860 -23.43 30.29 94.68
N HIS A 861 -24.40 30.56 93.82
CA HIS A 861 -25.79 30.69 94.25
C HIS A 861 -26.73 29.96 93.29
N LYS A 862 -26.45 28.69 93.02
CA LYS A 862 -27.31 27.88 92.16
C LYS A 862 -28.76 27.87 92.63
N ILE B 66 20.33 62.16 -34.36
CA ILE B 66 19.95 60.75 -34.36
C ILE B 66 19.07 60.47 -35.57
N GLY B 67 19.17 59.25 -36.09
CA GLY B 67 18.37 58.87 -37.24
C GLY B 67 17.81 57.48 -37.15
N ILE B 68 16.48 57.37 -37.22
CA ILE B 68 15.76 56.13 -37.01
C ILE B 68 14.89 55.87 -38.23
N ALA B 69 14.87 54.63 -38.71
CA ALA B 69 14.11 54.26 -39.88
C ALA B 69 13.40 52.94 -39.66
N VAL B 70 12.37 52.70 -40.45
CA VAL B 70 11.63 51.45 -40.42
C VAL B 70 11.65 50.91 -41.85
N ILE B 71 12.65 50.09 -42.15
CA ILE B 71 12.85 49.55 -43.48
C ILE B 71 11.89 48.39 -43.69
N LEU B 72 11.33 48.30 -44.88
CA LEU B 72 10.29 47.32 -45.17
C LEU B 72 10.74 46.50 -46.37
N VAL B 73 10.93 45.21 -46.16
CA VAL B 73 11.47 44.32 -47.19
C VAL B 73 10.28 43.62 -47.84
N GLY B 74 9.76 44.23 -48.90
CA GLY B 74 8.84 43.58 -49.82
C GLY B 74 7.68 42.83 -49.21
N THR B 75 6.73 43.54 -48.62
CA THR B 75 5.56 42.91 -48.02
C THR B 75 4.31 43.65 -48.46
N SER B 76 3.17 43.12 -48.04
CA SER B 76 1.91 43.86 -48.05
C SER B 76 1.66 44.35 -46.63
N ASP B 77 2.42 45.36 -46.22
CA ASP B 77 2.30 45.94 -44.90
C ASP B 77 2.33 47.46 -44.97
N GLU B 78 1.57 48.03 -45.90
CA GLU B 78 1.29 49.46 -45.84
C GLU B 78 0.67 49.86 -44.52
N VAL B 79 0.16 48.88 -43.77
CA VAL B 79 -0.16 49.10 -42.36
C VAL B 79 1.00 49.81 -41.67
N ALA B 80 2.24 49.49 -42.05
CA ALA B 80 3.37 50.25 -41.53
C ALA B 80 3.32 51.70 -42.02
N ILE B 81 2.99 51.92 -43.30
CA ILE B 81 2.91 53.28 -43.82
C ILE B 81 1.93 54.10 -42.99
N LYS B 82 0.89 53.46 -42.47
CA LYS B 82 -0.05 54.16 -41.62
C LYS B 82 0.31 54.10 -40.13
N ASP B 83 1.28 53.26 -39.76
CA ASP B 83 1.50 52.92 -38.36
C ASP B 83 2.03 54.10 -37.55
N ALA B 84 3.20 54.62 -37.93
CA ALA B 84 4.02 55.44 -37.05
C ALA B 84 3.35 56.72 -36.55
N HIS B 85 2.12 57.00 -36.98
CA HIS B 85 1.39 58.15 -36.45
C HIS B 85 0.96 57.80 -35.03
N GLU B 86 1.76 58.21 -34.06
CA GLU B 86 1.53 57.86 -32.67
C GLU B 86 1.82 59.08 -31.80
N LYS B 87 1.68 58.91 -30.48
CA LYS B 87 1.79 60.04 -29.56
C LYS B 87 2.21 59.54 -28.18
N ASP B 88 3.49 59.72 -27.84
CA ASP B 88 3.99 59.52 -26.48
C ASP B 88 5.04 60.57 -26.15
N ASP B 89 4.77 61.82 -26.51
CA ASP B 89 5.70 62.91 -26.25
C ASP B 89 5.77 63.16 -24.75
N PHE B 90 6.92 62.86 -24.15
CA PHE B 90 7.12 63.04 -22.72
C PHE B 90 8.34 63.92 -22.48
N HIS B 91 8.51 64.33 -21.22
CA HIS B 91 9.60 65.24 -20.84
C HIS B 91 10.89 64.45 -20.66
N HIS B 92 11.27 63.75 -21.73
CA HIS B 92 12.57 63.08 -21.80
C HIS B 92 13.44 63.83 -22.80
N LEU B 93 14.64 63.32 -23.08
CA LEU B 93 15.51 64.00 -24.03
C LEU B 93 14.83 64.16 -25.38
N SER B 94 14.56 63.02 -26.05
CA SER B 94 13.90 63.00 -27.35
C SER B 94 14.37 64.15 -28.23
N VAL B 95 15.68 64.27 -28.37
CA VAL B 95 16.27 65.48 -28.94
C VAL B 95 15.88 65.61 -30.41
N VAL B 96 16.05 64.56 -31.19
CA VAL B 96 15.71 64.62 -32.62
C VAL B 96 14.99 63.34 -33.06
N PRO B 97 13.79 63.05 -32.58
CA PRO B 97 13.06 61.88 -33.11
C PRO B 97 12.59 62.16 -34.54
N ARG B 98 13.28 61.56 -35.51
CA ARG B 98 13.03 61.83 -36.92
C ARG B 98 12.91 60.47 -37.63
N VAL B 99 11.69 59.94 -37.66
CA VAL B 99 11.47 58.61 -38.20
C VAL B 99 11.64 58.63 -39.71
N GLU B 100 11.74 57.44 -40.30
CA GLU B 100 11.95 57.30 -41.73
C GLU B 100 11.37 55.96 -42.17
N LEU B 101 10.71 55.97 -43.34
CA LEU B 101 9.93 54.84 -43.82
C LEU B 101 10.37 54.55 -45.25
N VAL B 102 11.39 53.73 -45.42
CA VAL B 102 11.89 53.40 -46.75
C VAL B 102 11.63 51.91 -46.97
N ALA B 103 10.64 51.61 -47.80
CA ALA B 103 10.40 50.22 -48.15
C ALA B 103 11.31 49.79 -49.29
N MET B 104 11.32 48.49 -49.55
CA MET B 104 12.03 47.91 -50.68
C MET B 104 11.28 46.67 -51.14
N ASN B 105 11.69 46.16 -52.30
CA ASN B 105 11.18 44.89 -52.78
C ASN B 105 11.87 43.75 -52.03
N GLU B 106 11.40 42.53 -52.26
CA GLU B 106 12.07 41.36 -51.69
C GLU B 106 13.42 41.23 -52.37
N THR B 107 14.47 41.63 -51.67
CA THR B 107 15.77 41.86 -52.29
C THR B 107 16.81 40.93 -51.65
N ASP B 108 18.07 41.14 -52.03
CA ASP B 108 19.21 40.32 -51.65
C ASP B 108 20.00 40.96 -50.52
N PRO B 109 20.69 40.16 -49.72
CA PRO B 109 21.46 40.73 -48.61
C PRO B 109 22.47 41.78 -49.03
N LYS B 110 23.08 41.64 -50.20
CA LYS B 110 24.05 42.65 -50.64
C LYS B 110 23.37 44.00 -50.78
N SER B 111 22.29 44.07 -51.55
CA SER B 111 21.54 45.31 -51.65
C SER B 111 20.92 45.69 -50.32
N ILE B 112 20.56 44.68 -49.50
CA ILE B 112 20.02 44.96 -48.17
C ILE B 112 21.00 45.84 -47.39
N ILE B 113 22.24 45.39 -47.29
CA ILE B 113 23.26 46.13 -46.55
C ILE B 113 23.61 47.42 -47.27
N THR B 114 23.63 47.38 -48.60
CA THR B 114 23.85 48.57 -49.39
C THR B 114 22.94 49.70 -48.92
N ARG B 115 21.63 49.46 -49.03
CA ARG B 115 20.67 50.45 -48.57
C ARG B 115 20.79 50.68 -47.07
N ILE B 116 21.12 49.64 -46.31
CA ILE B 116 21.20 49.78 -44.86
C ILE B 116 22.16 50.89 -44.49
N CYS B 117 23.42 50.76 -44.91
CA CYS B 117 24.39 51.76 -44.49
C CYS B 117 24.38 52.99 -45.39
N ASP B 118 23.81 52.91 -46.59
CA ASP B 118 23.61 54.12 -47.37
C ASP B 118 22.58 55.03 -46.72
N LEU B 119 21.37 54.52 -46.53
CA LEU B 119 20.35 55.24 -45.77
C LEU B 119 20.82 55.61 -44.38
N MET B 120 21.65 54.78 -43.75
CA MET B 120 22.30 55.21 -42.52
C MET B 120 23.11 56.47 -42.74
N SER B 121 23.77 56.57 -43.88
CA SER B 121 24.57 57.73 -44.24
C SER B 121 23.80 58.76 -45.04
N ASP B 122 22.49 58.57 -45.22
CA ASP B 122 21.72 59.46 -46.08
C ASP B 122 21.52 60.82 -45.41
N ARG B 123 20.81 60.84 -44.28
CA ARG B 123 20.59 62.08 -43.54
C ARG B 123 21.17 62.02 -42.13
N LYS B 124 20.79 61.02 -41.35
CA LYS B 124 21.30 60.85 -39.99
C LYS B 124 20.92 59.46 -39.52
N ILE B 125 21.77 58.88 -38.68
CA ILE B 125 21.46 57.58 -38.08
C ILE B 125 22.19 57.47 -36.75
N GLN B 126 21.44 57.25 -35.67
CA GLN B 126 22.03 56.97 -34.37
C GLN B 126 21.24 55.90 -33.63
N GLY B 127 20.67 54.96 -34.36
CA GLY B 127 19.84 53.93 -33.78
C GLY B 127 18.81 53.47 -34.79
N VAL B 128 18.66 52.16 -34.94
CA VAL B 128 17.92 51.63 -36.06
C VAL B 128 16.93 50.60 -35.55
N VAL B 129 15.78 50.52 -36.22
CA VAL B 129 14.83 49.43 -36.06
C VAL B 129 14.54 48.89 -37.45
N PHE B 130 13.96 47.69 -37.49
CA PHE B 130 13.77 47.00 -38.75
C PHE B 130 12.79 45.85 -38.57
N ALA B 131 12.07 45.55 -39.64
CA ALA B 131 11.25 44.35 -39.70
C ALA B 131 11.14 43.91 -41.14
N ASP B 132 10.63 42.71 -41.35
CA ASP B 132 10.46 42.18 -42.69
C ASP B 132 9.53 40.98 -42.63
N ASP B 133 9.34 40.35 -43.79
CA ASP B 133 8.60 39.09 -43.90
C ASP B 133 9.45 38.12 -44.71
N THR B 134 10.03 37.15 -44.02
CA THR B 134 10.81 36.10 -44.64
C THR B 134 10.81 34.93 -43.66
N ASP B 135 11.24 33.76 -44.14
CA ASP B 135 11.43 32.64 -43.26
C ASP B 135 12.58 32.94 -42.31
N GLN B 136 12.91 31.97 -41.46
CA GLN B 136 13.83 32.18 -40.35
C GLN B 136 15.30 32.07 -40.74
N GLU B 137 15.65 32.30 -42.00
CA GLU B 137 16.94 31.80 -42.48
C GLU B 137 18.12 32.61 -41.95
N ALA B 138 18.31 33.84 -42.45
CA ALA B 138 19.60 34.48 -42.23
C ALA B 138 19.57 35.97 -41.97
N ILE B 139 18.46 36.67 -42.24
CA ILE B 139 18.51 38.12 -42.27
C ILE B 139 18.94 38.67 -40.92
N ALA B 140 18.59 37.97 -39.84
CA ALA B 140 19.01 38.39 -38.51
C ALA B 140 20.52 38.30 -38.37
N GLN B 141 21.12 37.22 -38.86
CA GLN B 141 22.56 37.08 -38.76
C GLN B 141 23.26 38.18 -39.57
N ILE B 142 22.73 38.46 -40.77
CA ILE B 142 23.29 39.54 -41.57
C ILE B 142 23.28 40.83 -40.79
N LEU B 143 22.09 41.23 -40.32
CA LEU B 143 21.97 42.41 -39.49
C LEU B 143 22.91 42.36 -38.30
N ASP B 144 23.12 41.17 -37.74
CA ASP B 144 23.95 41.05 -36.55
C ASP B 144 25.36 41.49 -36.85
N PHE B 145 25.95 40.95 -37.92
CA PHE B 145 27.26 41.43 -38.31
C PHE B 145 27.21 42.92 -38.58
N ILE B 146 26.17 43.39 -39.26
CA ILE B 146 26.08 44.81 -39.60
C ILE B 146 26.21 45.65 -38.34
N SER B 147 25.52 45.23 -37.27
CA SER B 147 25.51 45.99 -36.03
C SER B 147 26.91 46.29 -35.53
N ALA B 148 27.85 45.40 -35.78
CA ALA B 148 29.19 45.58 -35.26
C ALA B 148 29.88 46.77 -35.92
N GLN B 149 29.91 46.79 -37.25
CA GLN B 149 30.85 47.63 -37.97
C GLN B 149 30.62 49.12 -37.79
N THR B 150 29.59 49.54 -37.07
CA THR B 150 29.47 50.96 -36.75
C THR B 150 28.92 51.22 -35.36
N LEU B 151 28.87 50.22 -34.47
CA LEU B 151 28.50 50.42 -33.07
C LEU B 151 27.11 51.07 -32.97
N THR B 152 26.09 50.31 -33.36
CA THR B 152 24.76 50.86 -33.44
C THR B 152 23.73 49.83 -33.01
N PRO B 153 22.69 50.25 -32.30
CA PRO B 153 21.66 49.29 -31.88
C PRO B 153 20.67 49.00 -32.99
N ILE B 154 20.18 47.76 -33.01
CA ILE B 154 19.21 47.31 -33.99
C ILE B 154 18.22 46.40 -33.27
N LEU B 155 16.93 46.58 -33.56
CA LEU B 155 15.87 45.85 -32.89
C LEU B 155 14.94 45.25 -33.93
N GLY B 156 15.26 44.05 -34.39
CA GLY B 156 14.38 43.35 -35.29
C GLY B 156 13.03 43.11 -34.62
N ILE B 157 11.97 43.12 -35.43
CA ILE B 157 10.61 42.97 -34.94
C ILE B 157 9.80 42.24 -35.99
N HIS B 158 8.60 41.81 -35.60
CA HIS B 158 7.80 40.92 -36.43
C HIS B 158 8.64 39.72 -36.86
N GLY B 159 8.95 38.88 -35.88
CA GLY B 159 10.04 37.94 -36.02
C GLY B 159 9.82 36.82 -37.03
N GLY B 160 9.54 37.22 -38.27
CA GLY B 160 9.88 36.42 -39.41
C GLY B 160 11.31 36.79 -39.73
N SER B 161 11.75 37.91 -39.15
CA SER B 161 13.13 38.36 -39.20
C SER B 161 13.84 38.13 -37.89
N SER B 162 13.26 37.31 -37.00
CA SER B 162 13.90 37.01 -35.71
C SER B 162 13.48 35.59 -35.30
N MET B 163 14.33 34.62 -35.62
CA MET B 163 14.33 33.31 -34.98
C MET B 163 15.65 33.25 -34.24
N ILE B 164 15.62 33.52 -32.93
CA ILE B 164 16.79 34.03 -32.22
C ILE B 164 17.99 33.12 -32.40
N MET B 165 19.16 33.74 -32.35
CA MET B 165 20.44 33.07 -32.51
C MET B 165 21.12 32.96 -31.15
N ALA B 166 21.88 31.88 -30.96
CA ALA B 166 22.47 31.62 -29.65
C ALA B 166 23.59 32.61 -29.36
N ASP B 167 24.64 32.59 -30.16
CA ASP B 167 25.84 33.37 -29.85
C ASP B 167 25.72 34.80 -30.36
N LYS B 168 26.57 35.66 -29.83
CA LYS B 168 26.63 37.06 -30.23
C LYS B 168 28.08 37.50 -30.27
N ASP B 169 28.38 38.41 -31.20
CA ASP B 169 29.71 38.97 -31.26
C ASP B 169 30.02 39.73 -29.97
N GLU B 170 31.30 40.05 -29.78
CA GLU B 170 31.74 40.59 -28.50
C GLU B 170 31.11 41.93 -28.19
N SER B 171 31.06 42.84 -29.16
CA SER B 171 30.67 44.22 -28.91
C SER B 171 29.64 44.69 -29.92
N SER B 172 28.61 43.89 -30.14
CA SER B 172 27.50 44.25 -31.01
C SER B 172 26.31 44.66 -30.16
N MET B 173 25.83 45.88 -30.35
CA MET B 173 24.74 46.41 -29.54
C MET B 173 23.38 45.94 -30.02
N PHE B 174 23.33 44.86 -30.78
CA PHE B 174 22.07 44.42 -31.37
C PHE B 174 21.23 43.63 -30.36
N PHE B 175 19.92 43.65 -30.56
CA PHE B 175 19.00 42.80 -29.81
C PHE B 175 17.86 42.41 -30.71
N GLN B 176 17.06 41.45 -30.25
CA GLN B 176 15.87 41.05 -30.98
C GLN B 176 14.85 40.52 -30.01
N PHE B 177 13.62 40.38 -30.49
CA PHE B 177 12.52 39.90 -29.67
C PHE B 177 12.49 38.38 -29.69
N GLY B 178 11.42 37.81 -29.14
CA GLY B 178 11.30 36.37 -29.06
C GLY B 178 11.76 35.84 -27.72
N PRO B 179 11.55 34.56 -27.49
CA PRO B 179 11.88 33.96 -26.20
C PRO B 179 13.25 33.29 -26.19
N SER B 180 13.91 33.38 -25.05
CA SER B 180 15.10 32.59 -24.85
C SER B 180 14.70 31.16 -24.52
N ILE B 181 15.45 30.21 -25.08
CA ILE B 181 15.03 28.82 -25.06
C ILE B 181 14.84 28.32 -23.63
N GLU B 182 15.61 28.83 -22.68
CA GLU B 182 15.33 28.53 -21.29
C GLU B 182 13.93 28.96 -20.91
N GLN B 183 13.50 30.13 -21.37
CA GLN B 183 12.17 30.59 -21.00
C GLN B 183 11.09 29.72 -21.61
N GLN B 184 11.32 29.22 -22.83
CA GLN B 184 10.38 28.27 -23.39
C GLN B 184 10.31 27.02 -22.53
N ALA B 185 11.45 26.52 -22.09
CA ALA B 185 11.44 25.40 -21.17
C ALA B 185 10.63 25.74 -19.93
N SER B 186 10.79 26.95 -19.41
CA SER B 186 10.10 27.34 -18.19
C SER B 186 8.60 27.33 -18.39
N VAL B 187 8.14 27.89 -19.50
CA VAL B 187 6.69 27.96 -19.71
C VAL B 187 6.11 26.58 -19.96
N MET B 188 6.80 25.75 -20.75
CA MET B 188 6.28 24.41 -20.97
C MET B 188 6.26 23.61 -19.68
N LEU B 189 7.20 23.87 -18.78
CA LEU B 189 7.14 23.22 -17.48
C LEU B 189 5.98 23.74 -16.66
N ASN B 190 5.68 25.04 -16.73
CA ASN B 190 4.51 25.54 -16.02
C ASN B 190 3.25 24.84 -16.50
N ILE B 191 3.12 24.68 -17.81
CA ILE B 191 1.98 23.95 -18.35
C ILE B 191 1.96 22.52 -17.82
N MET B 192 3.08 21.81 -17.94
CA MET B 192 3.16 20.46 -17.41
C MET B 192 2.77 20.42 -15.94
N GLU B 193 3.07 21.48 -15.22
CA GLU B 193 2.81 21.55 -13.79
C GLU B 193 1.32 21.66 -13.53
N GLU B 194 0.68 22.69 -14.04
CA GLU B 194 -0.63 23.05 -13.56
C GLU B 194 -1.72 22.12 -14.03
N TYR B 195 -1.38 20.97 -14.58
CA TYR B 195 -2.41 19.98 -14.91
C TYR B 195 -2.08 18.63 -14.31
N ASP B 196 -1.03 18.53 -13.51
CA ASP B 196 -0.82 17.48 -12.51
C ASP B 196 -0.33 16.16 -13.08
N TRP B 197 -0.09 16.07 -14.38
CA TRP B 197 0.69 14.96 -14.93
C TRP B 197 2.12 15.44 -15.11
N TYR B 198 3.06 14.75 -14.50
CA TYR B 198 4.40 15.30 -14.32
C TYR B 198 5.38 14.74 -15.33
N ILE B 199 6.45 15.50 -15.56
CA ILE B 199 7.31 15.34 -16.72
C ILE B 199 7.82 13.92 -16.82
N PHE B 200 8.07 13.47 -18.03
CA PHE B 200 8.72 12.20 -18.24
C PHE B 200 9.67 12.32 -19.42
N SER B 201 10.06 11.19 -20.02
CA SER B 201 11.21 11.07 -20.90
C SER B 201 11.35 12.17 -21.96
N ILE B 202 12.59 12.42 -22.38
CA ILE B 202 12.92 13.48 -23.33
C ILE B 202 13.74 12.86 -24.46
N VAL B 203 13.40 13.20 -25.69
CA VAL B 203 14.14 12.75 -26.86
C VAL B 203 14.56 13.97 -27.67
N THR B 204 15.74 13.89 -28.29
CA THR B 204 16.24 14.97 -29.14
C THR B 204 17.29 14.42 -30.08
N THR B 205 17.70 15.24 -31.05
CA THR B 205 18.66 14.79 -32.05
C THR B 205 19.71 15.87 -32.37
N TYR B 206 20.76 15.91 -31.56
CA TYR B 206 22.04 16.58 -31.87
C TYR B 206 21.86 17.96 -32.50
N PHE B 207 20.77 18.60 -32.25
CA PHE B 207 20.71 19.86 -32.97
C PHE B 207 21.36 20.96 -32.13
N PRO B 208 22.11 21.86 -32.76
CA PRO B 208 22.82 22.91 -32.02
C PRO B 208 21.88 23.67 -31.09
N GLY B 209 22.18 23.63 -29.81
CA GLY B 209 21.32 24.23 -28.81
C GLY B 209 20.36 23.23 -28.22
N TYR B 210 20.88 22.11 -27.71
CA TYR B 210 20.06 21.13 -27.02
C TYR B 210 20.57 20.77 -25.64
N GLN B 211 21.88 20.66 -25.46
CA GLN B 211 22.41 20.37 -24.13
C GLN B 211 22.01 21.46 -23.16
N ASP B 212 22.07 22.72 -23.60
CA ASP B 212 21.53 23.82 -22.82
C ASP B 212 20.10 23.55 -22.40
N PHE B 213 19.27 23.12 -23.34
CA PHE B 213 17.88 22.83 -23.05
C PHE B 213 17.76 21.77 -21.95
N VAL B 214 18.31 20.59 -22.19
CA VAL B 214 18.11 19.47 -21.27
C VAL B 214 18.74 19.77 -19.92
N ASN B 215 19.88 20.45 -19.91
CA ASN B 215 20.48 20.82 -18.63
C ASN B 215 19.63 21.83 -17.90
N LYS B 216 18.98 22.75 -18.60
CA LYS B 216 18.03 23.62 -17.94
C LYS B 216 16.94 22.80 -17.29
N ILE B 217 16.40 21.83 -18.02
CA ILE B 217 15.37 20.96 -17.46
C ILE B 217 15.85 20.31 -16.18
N ARG B 218 17.02 19.66 -16.22
CA ARG B 218 17.49 18.94 -15.05
C ARG B 218 17.78 19.87 -13.90
N SER B 219 18.57 20.92 -14.14
CA SER B 219 18.91 21.88 -13.11
C SER B 219 17.70 22.54 -12.49
N THR B 220 16.58 22.63 -13.20
CA THR B 220 15.37 23.16 -12.60
C THR B 220 14.46 22.08 -12.05
N ILE B 221 14.72 20.82 -12.35
CA ILE B 221 13.94 19.75 -11.76
C ILE B 221 14.55 19.21 -10.47
N GLU B 222 15.85 19.41 -10.26
CA GLU B 222 16.47 19.08 -8.98
C GLU B 222 16.38 20.23 -7.99
N ASN B 223 15.96 21.40 -8.46
CA ASN B 223 15.92 22.59 -7.64
C ASN B 223 14.47 22.93 -7.42
N SER B 224 13.66 21.93 -7.09
CA SER B 224 12.26 22.15 -6.82
C SER B 224 11.85 21.43 -5.55
N PHE B 225 11.03 22.09 -4.74
CA PHE B 225 10.49 21.51 -3.53
C PHE B 225 9.29 20.62 -3.81
N VAL B 226 8.90 20.46 -5.07
CA VAL B 226 7.72 19.70 -5.43
C VAL B 226 8.14 18.30 -5.89
N GLY B 227 7.27 17.32 -5.69
CA GLY B 227 7.62 15.94 -5.94
C GLY B 227 7.76 15.61 -7.41
N TRP B 228 8.80 16.14 -8.04
CA TRP B 228 9.02 15.89 -9.45
C TRP B 228 9.50 14.46 -9.69
N GLU B 229 9.81 14.17 -10.95
CA GLU B 229 10.38 12.89 -11.33
C GLU B 229 10.91 13.03 -12.76
N LEU B 230 11.60 11.99 -13.21
CA LEU B 230 12.20 12.02 -14.54
C LEU B 230 12.43 10.59 -15.00
N GLU B 231 12.29 10.38 -16.30
CA GLU B 231 12.45 9.06 -16.89
C GLU B 231 13.60 9.06 -17.88
N GLU B 232 13.72 7.98 -18.63
CA GLU B 232 14.88 7.73 -19.47
C GLU B 232 14.95 8.77 -20.57
N VAL B 233 15.92 9.67 -20.49
CA VAL B 233 16.22 10.54 -21.62
C VAL B 233 16.93 9.75 -22.69
N LEU B 234 16.57 9.99 -23.94
CA LEU B 234 17.12 9.27 -25.07
C LEU B 234 18.06 10.17 -25.85
N LEU B 235 18.51 9.67 -27.00
CA LEU B 235 19.31 10.46 -27.92
C LEU B 235 19.14 9.86 -29.31
N LEU B 236 19.13 10.72 -30.31
CA LEU B 236 18.83 10.31 -31.66
C LEU B 236 19.99 10.60 -32.60
N ASP B 237 19.74 10.39 -33.89
CA ASP B 237 20.69 10.58 -34.96
C ASP B 237 19.95 10.87 -36.25
N MET B 238 20.40 11.87 -36.99
CA MET B 238 19.89 12.10 -38.33
C MET B 238 20.67 11.31 -39.39
N SER B 239 21.70 10.57 -38.97
CA SER B 239 22.59 9.95 -39.95
C SER B 239 21.90 8.84 -40.72
N LEU B 240 21.47 7.79 -40.02
CA LEU B 240 20.81 6.66 -40.67
C LEU B 240 19.52 6.32 -39.94
N ASP B 241 18.84 5.28 -40.43
CA ASP B 241 17.44 5.05 -40.10
C ASP B 241 17.15 3.81 -39.27
N ASP B 242 17.90 2.71 -39.44
CA ASP B 242 17.53 1.47 -38.78
C ASP B 242 17.65 1.56 -37.26
N GLY B 243 18.71 2.20 -36.75
CA GLY B 243 18.86 2.34 -35.31
C GLY B 243 17.81 3.21 -34.66
N ASP B 244 17.19 4.11 -35.41
CA ASP B 244 16.17 4.98 -34.85
C ASP B 244 15.01 4.17 -34.28
N SER B 245 14.36 3.38 -35.12
CA SER B 245 13.33 2.47 -34.64
C SER B 245 13.90 1.45 -33.66
N LYS B 246 15.22 1.25 -33.65
CA LYS B 246 15.82 0.30 -32.72
C LYS B 246 15.95 0.88 -31.33
N ILE B 247 15.89 2.20 -31.20
CA ILE B 247 16.01 2.84 -29.89
C ILE B 247 14.81 3.70 -29.52
N GLN B 248 14.09 4.25 -30.50
CA GLN B 248 12.94 5.08 -30.18
C GLN B 248 11.80 4.29 -29.56
N ASN B 249 11.95 2.97 -29.41
CA ASN B 249 10.87 2.14 -28.88
C ASN B 249 11.03 1.85 -27.40
N GLN B 250 12.26 1.87 -26.87
CA GLN B 250 12.44 1.70 -25.44
C GLN B 250 11.69 2.76 -24.66
N LEU B 251 11.61 3.97 -25.20
CA LEU B 251 10.79 5.00 -24.58
C LEU B 251 9.32 4.61 -24.54
N LYS B 252 8.84 3.90 -25.56
CA LYS B 252 7.44 3.50 -25.57
C LYS B 252 7.12 2.62 -24.37
N LYS B 253 7.94 1.58 -24.13
CA LYS B 253 7.76 0.76 -22.93
C LYS B 253 7.85 1.61 -21.67
N LEU B 254 8.64 2.68 -21.71
CA LEU B 254 8.58 3.66 -20.62
C LEU B 254 7.21 4.31 -20.67
N GLN B 255 6.35 3.93 -19.72
CA GLN B 255 4.96 4.37 -19.73
C GLN B 255 4.96 5.85 -19.37
N SER B 256 5.45 6.66 -20.30
CA SER B 256 5.68 8.08 -20.09
C SER B 256 4.62 8.85 -20.85
N PRO B 257 3.51 9.22 -20.21
CA PRO B 257 2.44 9.92 -20.94
C PRO B 257 2.86 11.28 -21.47
N ILE B 258 4.08 11.73 -21.22
CA ILE B 258 4.52 13.07 -21.58
C ILE B 258 5.92 12.96 -22.17
N ILE B 259 6.06 13.40 -23.41
CA ILE B 259 7.32 13.30 -24.13
C ILE B 259 7.69 14.69 -24.65
N LEU B 260 8.94 15.07 -24.48
CA LEU B 260 9.45 16.33 -25.00
C LEU B 260 10.40 16.05 -26.16
N LEU B 261 10.20 16.76 -27.26
CA LEU B 261 11.02 16.58 -28.44
C LEU B 261 11.68 17.90 -28.79
N TYR B 262 12.81 17.84 -29.47
CA TYR B 262 13.51 19.06 -29.87
C TYR B 262 14.23 18.76 -31.19
N CYS B 263 13.73 19.36 -32.28
CA CYS B 263 14.35 19.22 -33.58
C CYS B 263 13.78 20.28 -34.51
N THR B 264 14.06 20.16 -35.80
CA THR B 264 13.44 20.97 -36.84
C THR B 264 12.36 20.18 -37.57
N LYS B 265 11.55 20.91 -38.34
CA LYS B 265 10.28 20.38 -38.82
C LYS B 265 10.45 19.12 -39.67
N GLU B 266 11.59 18.97 -40.34
CA GLU B 266 11.74 17.89 -41.30
C GLU B 266 12.01 16.55 -40.62
N GLU B 267 13.11 16.46 -39.88
CA GLU B 267 13.32 15.28 -39.04
C GLU B 267 12.19 15.13 -38.04
N ALA B 268 11.52 16.23 -37.69
CA ALA B 268 10.32 16.11 -36.90
C ALA B 268 9.27 15.26 -37.61
N THR B 269 9.00 15.59 -38.87
CA THR B 269 8.06 14.79 -39.64
C THR B 269 8.51 13.34 -39.72
N TYR B 270 9.80 13.12 -39.95
CA TYR B 270 10.27 11.74 -40.08
C TYR B 270 10.11 10.95 -38.80
N ILE B 271 10.51 11.52 -37.67
CA ILE B 271 10.37 10.84 -36.38
C ILE B 271 8.90 10.64 -36.06
N PHE B 272 8.04 11.58 -36.44
CA PHE B 272 6.61 11.36 -36.27
C PHE B 272 6.12 10.19 -37.09
N GLU B 273 6.64 10.03 -38.30
CA GLU B 273 6.26 8.87 -39.10
C GLU B 273 6.73 7.60 -38.43
N VAL B 274 7.94 7.60 -37.87
CA VAL B 274 8.40 6.44 -37.13
C VAL B 274 7.50 6.18 -35.93
N ALA B 275 6.97 7.24 -35.32
CA ALA B 275 6.09 7.06 -34.18
C ALA B 275 4.79 6.41 -34.59
N ASN B 276 4.16 6.93 -35.65
CA ASN B 276 2.98 6.27 -36.19
C ASN B 276 3.29 4.85 -36.62
N SER B 277 4.54 4.57 -36.99
CA SER B 277 4.96 3.20 -37.24
C SER B 277 4.97 2.38 -35.96
N VAL B 278 5.31 3.01 -34.84
CA VAL B 278 5.02 2.39 -33.55
C VAL B 278 3.55 2.60 -33.17
N GLY B 279 2.86 3.49 -33.87
CA GLY B 279 1.45 3.75 -33.61
C GLY B 279 1.28 5.02 -32.83
N LEU B 280 0.96 4.88 -31.54
CA LEU B 280 1.10 5.95 -30.56
C LEU B 280 0.09 7.07 -30.76
N THR B 281 -0.99 6.81 -31.48
CA THR B 281 -2.05 7.80 -31.68
C THR B 281 -3.22 7.64 -30.72
N GLY B 282 -3.21 6.63 -29.86
CA GLY B 282 -4.30 6.45 -28.92
C GLY B 282 -4.35 7.54 -27.87
N TYR B 283 -5.36 7.45 -27.03
CA TYR B 283 -5.50 8.40 -25.94
C TYR B 283 -4.39 8.22 -24.92
N GLY B 284 -3.87 9.33 -24.41
CA GLY B 284 -2.89 9.28 -23.34
C GLY B 284 -1.52 9.81 -23.69
N TYR B 285 -1.04 9.48 -24.90
CA TYR B 285 0.25 9.95 -25.37
C TYR B 285 0.11 11.35 -25.97
N THR B 286 0.74 12.33 -25.34
CA THR B 286 0.80 13.68 -25.85
C THR B 286 2.21 14.00 -26.33
N TRP B 287 2.41 15.24 -26.71
CA TRP B 287 3.72 15.74 -27.09
C TRP B 287 3.77 17.22 -26.75
N ILE B 288 4.92 17.67 -26.27
CA ILE B 288 5.15 19.07 -25.96
C ILE B 288 6.46 19.45 -26.64
N VAL B 289 6.37 20.18 -27.74
CA VAL B 289 7.55 20.46 -28.55
C VAL B 289 7.67 21.97 -28.77
N PRO B 290 8.86 22.54 -28.69
CA PRO B 290 8.98 24.00 -28.76
C PRO B 290 8.73 24.58 -30.15
N SER B 291 8.83 25.91 -30.25
CA SER B 291 8.43 26.64 -31.44
C SER B 291 9.22 26.26 -32.68
N LEU B 292 10.46 25.79 -32.52
CA LEU B 292 11.33 25.58 -33.65
C LEU B 292 10.79 24.56 -34.64
N VAL B 293 9.68 23.90 -34.32
CA VAL B 293 9.00 23.07 -35.30
C VAL B 293 7.69 23.69 -35.78
N ALA B 294 7.05 24.50 -34.95
CA ALA B 294 5.81 25.15 -35.36
C ALA B 294 6.18 26.27 -36.32
N GLY B 295 6.19 25.92 -37.61
CA GLY B 295 6.59 26.86 -38.65
C GLY B 295 5.56 27.93 -38.89
N ASP B 296 5.47 28.37 -40.14
CA ASP B 296 4.39 29.28 -40.53
C ASP B 296 3.05 28.69 -40.12
N THR B 297 2.38 29.38 -39.19
CA THR B 297 1.34 28.73 -38.40
C THR B 297 0.05 28.55 -39.20
N ASP B 298 0.15 27.96 -40.39
CA ASP B 298 -1.02 27.55 -41.14
C ASP B 298 -0.82 26.26 -41.92
N THR B 299 0.32 25.60 -41.79
CA THR B 299 0.62 24.39 -42.54
C THR B 299 0.49 23.19 -41.62
N VAL B 300 -0.27 22.19 -42.06
CA VAL B 300 -0.64 21.06 -41.20
C VAL B 300 -0.27 19.75 -41.88
N PRO B 301 0.96 19.27 -41.75
CA PRO B 301 1.26 17.93 -42.26
C PRO B 301 0.41 16.91 -41.54
N SER B 302 -0.06 15.92 -42.31
CA SER B 302 -0.91 14.88 -41.77
C SER B 302 -0.20 13.99 -40.75
N GLU B 303 1.13 14.05 -40.70
CA GLU B 303 1.87 13.23 -39.74
C GLU B 303 1.56 13.63 -38.30
N PHE B 304 1.57 14.93 -38.00
CA PHE B 304 1.41 15.41 -36.63
C PHE B 304 0.14 14.84 -36.02
N PRO B 305 0.24 14.01 -34.99
CA PRO B 305 -0.96 13.58 -34.27
C PRO B 305 -1.59 14.77 -33.53
N THR B 306 -2.78 14.52 -33.01
CA THR B 306 -3.48 15.57 -32.30
C THR B 306 -2.85 15.81 -30.94
N GLY B 307 -3.29 16.87 -30.28
CA GLY B 307 -2.82 17.21 -28.95
C GLY B 307 -1.43 17.81 -28.89
N LEU B 308 -0.81 18.07 -30.03
CA LEU B 308 0.57 18.51 -30.05
C LEU B 308 0.66 19.97 -29.65
N ILE B 309 0.82 20.23 -28.36
CA ILE B 309 0.93 21.58 -27.85
C ILE B 309 2.30 22.13 -28.18
N SER B 310 2.42 23.45 -28.19
CA SER B 310 3.70 24.11 -28.27
C SER B 310 3.56 25.53 -27.77
N VAL B 311 4.64 26.10 -27.31
CA VAL B 311 4.67 27.53 -27.03
C VAL B 311 5.06 28.27 -28.29
N SER B 312 4.35 29.36 -28.59
CA SER B 312 4.69 30.21 -29.70
C SER B 312 4.59 31.66 -29.25
N TYR B 313 4.86 32.57 -30.18
CA TYR B 313 4.90 33.99 -29.85
C TYR B 313 4.40 34.74 -31.07
N ASP B 314 3.09 34.99 -31.10
CA ASP B 314 2.39 35.36 -32.32
C ASP B 314 1.93 36.81 -32.28
N GLU B 315 1.91 37.42 -33.47
CA GLU B 315 1.50 38.80 -33.62
C GLU B 315 0.00 39.00 -33.39
N TRP B 316 -0.76 37.93 -33.23
CA TRP B 316 -2.22 38.02 -33.18
C TRP B 316 -2.70 38.95 -32.09
N ASP B 317 -1.84 39.33 -31.16
CA ASP B 317 -2.02 40.52 -30.36
C ASP B 317 -0.86 41.48 -30.45
N TYR B 318 0.30 41.00 -30.90
CA TYR B 318 1.47 41.82 -31.20
C TYR B 318 1.18 42.64 -32.45
N GLY B 319 0.68 43.85 -32.25
CA GLY B 319 0.26 44.68 -33.38
C GLY B 319 1.40 45.48 -33.98
N LEU B 320 1.78 45.12 -35.20
CA LEU B 320 2.93 45.75 -35.86
C LEU B 320 3.00 47.26 -35.66
N PRO B 321 1.93 48.03 -35.82
CA PRO B 321 2.04 49.47 -35.51
C PRO B 321 2.32 49.73 -34.05
N ALA B 322 1.56 49.12 -33.14
CA ALA B 322 1.83 49.29 -31.72
C ALA B 322 3.24 48.86 -31.37
N ARG B 323 3.76 47.85 -32.06
CA ARG B 323 5.11 47.41 -31.76
C ARG B 323 6.15 48.39 -32.28
N VAL B 324 5.90 48.99 -33.44
CA VAL B 324 6.74 50.10 -33.88
C VAL B 324 6.74 51.19 -32.83
N ARG B 325 5.57 51.50 -32.28
CA ARG B 325 5.48 52.48 -31.22
C ARG B 325 6.33 52.07 -30.03
N ASP B 326 6.22 50.81 -29.61
CA ASP B 326 6.99 50.33 -28.47
C ASP B 326 8.49 50.45 -28.73
N GLY B 327 8.91 50.14 -29.95
CA GLY B 327 10.33 50.18 -30.26
C GLY B 327 10.89 51.59 -30.30
N ILE B 328 10.16 52.50 -30.95
CA ILE B 328 10.57 53.90 -30.92
C ILE B 328 10.64 54.39 -29.49
N ALA B 329 9.66 54.00 -28.67
CA ALA B 329 9.70 54.31 -27.26
C ALA B 329 10.99 53.82 -26.63
N ILE B 330 11.29 52.53 -26.81
CA ILE B 330 12.48 51.95 -26.21
C ILE B 330 13.72 52.75 -26.58
N ILE B 331 13.93 52.96 -27.88
CA ILE B 331 15.18 53.57 -28.32
C ILE B 331 15.29 55.01 -27.85
N THR B 332 14.23 55.79 -28.02
CA THR B 332 14.28 57.19 -27.65
C THR B 332 14.45 57.36 -26.15
N THR B 333 13.68 56.61 -25.36
CA THR B 333 13.79 56.72 -23.91
C THR B 333 15.13 56.20 -23.39
N ALA B 334 15.74 55.25 -24.08
CA ALA B 334 17.07 54.81 -23.68
C ALA B 334 18.10 55.89 -23.96
N ALA B 335 17.99 56.55 -25.12
CA ALA B 335 18.85 57.71 -25.37
C ALA B 335 18.64 58.78 -24.31
N SER B 336 17.39 58.97 -23.88
CA SER B 336 17.10 59.92 -22.81
C SER B 336 17.81 59.55 -21.53
N ASP B 337 17.66 58.30 -21.09
CA ASP B 337 18.34 57.85 -19.87
C ASP B 337 19.85 57.99 -19.99
N MET B 338 20.40 57.76 -21.18
CA MET B 338 21.83 57.99 -21.40
C MET B 338 22.18 59.46 -21.19
N LEU B 339 21.38 60.37 -21.75
CA LEU B 339 21.58 61.79 -21.48
C LEU B 339 21.56 62.06 -19.98
N SER B 340 20.61 61.46 -19.26
CA SER B 340 20.57 61.62 -17.81
C SER B 340 21.87 61.16 -17.16
N GLU B 341 22.46 60.08 -17.67
CA GLU B 341 23.77 59.65 -17.20
C GLU B 341 24.85 60.63 -17.64
N HIS B 342 24.99 60.83 -18.94
CA HIS B 342 26.04 61.66 -19.52
C HIS B 342 25.42 62.80 -20.30
N SER B 343 25.86 64.02 -20.01
CA SER B 343 25.26 65.21 -20.59
C SER B 343 25.70 65.46 -22.03
N PHE B 344 26.31 64.48 -22.69
CA PHE B 344 26.58 64.56 -24.12
C PHE B 344 26.08 63.30 -24.79
N ILE B 345 26.07 63.32 -26.12
CA ILE B 345 25.51 62.23 -26.92
C ILE B 345 26.38 62.02 -28.15
N PRO B 346 26.63 60.78 -28.56
CA PRO B 346 27.47 60.53 -29.74
C PRO B 346 26.83 61.04 -31.03
N GLU B 347 27.56 60.87 -32.12
CA GLU B 347 27.23 61.37 -33.42
C GLU B 347 27.15 60.23 -34.43
N PRO B 348 26.39 60.42 -35.51
CA PRO B 348 26.34 59.38 -36.54
C PRO B 348 27.69 59.16 -37.20
N LYS B 349 28.00 57.90 -37.48
CA LYS B 349 29.25 57.55 -38.12
C LYS B 349 29.29 58.11 -39.54
N SER B 350 30.43 58.69 -39.91
CA SER B 350 30.55 59.30 -41.22
C SER B 350 30.33 58.30 -42.35
N SER B 351 30.76 57.05 -42.16
CA SER B 351 30.59 56.02 -43.16
C SER B 351 30.41 54.68 -42.48
N CYS B 352 29.72 53.78 -43.17
CA CYS B 352 29.61 52.41 -42.71
C CYS B 352 30.91 51.65 -42.88
N TYR B 353 31.75 52.07 -43.81
CA TYR B 353 33.01 51.39 -44.09
C TYR B 353 34.23 52.30 -44.04
N ASN B 354 34.12 53.52 -44.53
CA ASN B 354 35.27 54.40 -44.59
C ASN B 354 35.60 55.04 -43.25
N THR B 355 34.61 55.21 -42.38
CA THR B 355 34.86 55.76 -41.05
C THR B 355 35.85 54.89 -40.28
N HIS B 356 35.97 53.62 -40.66
CA HIS B 356 36.88 52.69 -39.99
C HIS B 356 38.30 53.23 -39.91
N GLU B 357 38.77 53.93 -40.94
CA GLU B 357 40.12 54.48 -40.90
C GLU B 357 40.24 55.59 -39.85
N LYS B 358 39.10 56.12 -39.37
CA LYS B 358 39.09 57.20 -38.40
C LYS B 358 38.16 56.91 -37.22
N ARG B 359 37.74 55.66 -37.06
CA ARG B 359 36.85 55.29 -35.96
C ARG B 359 37.65 55.30 -34.66
N ILE B 360 37.94 56.50 -34.18
CA ILE B 360 38.68 56.70 -32.94
C ILE B 360 37.78 57.48 -32.00
N TYR B 361 37.18 56.78 -31.04
CA TYR B 361 36.23 57.38 -30.13
C TYR B 361 36.22 56.58 -28.84
N GLN B 362 35.35 56.98 -27.92
CA GLN B 362 35.27 56.32 -26.62
C GLN B 362 34.71 54.92 -26.76
N SER B 363 34.66 54.21 -25.63
CA SER B 363 34.06 52.89 -25.55
C SER B 363 32.63 53.04 -25.07
N ASN B 364 31.69 52.63 -25.90
CA ASN B 364 30.28 52.82 -25.60
C ASN B 364 29.80 51.76 -24.62
N MET B 365 29.28 52.23 -23.47
CA MET B 365 28.66 51.37 -22.48
C MET B 365 27.14 51.33 -22.63
N LEU B 366 26.66 51.42 -23.87
CA LEU B 366 25.23 51.54 -24.13
C LEU B 366 24.43 50.46 -23.41
N ASN B 367 24.71 49.19 -23.75
CA ASN B 367 23.99 48.08 -23.14
C ASN B 367 24.02 48.15 -21.62
N ARG B 368 25.08 48.67 -21.01
CA ARG B 368 25.12 48.80 -19.56
C ARG B 368 23.92 49.60 -19.05
N TYR B 369 23.40 50.52 -19.86
CA TYR B 369 22.13 51.16 -19.59
C TYR B 369 21.03 50.78 -20.56
N LEU B 370 21.35 50.62 -21.85
CA LEU B 370 20.32 50.40 -22.85
C LEU B 370 19.52 49.13 -22.60
N ILE B 371 20.16 48.09 -22.05
CA ILE B 371 19.41 46.93 -21.61
C ILE B 371 18.33 47.36 -20.62
N ASN B 372 18.68 48.27 -19.72
CA ASN B 372 17.79 48.68 -18.63
C ASN B 372 17.09 49.98 -19.01
N VAL B 373 15.94 49.86 -19.65
CA VAL B 373 15.08 51.01 -19.87
C VAL B 373 13.64 50.51 -19.94
N THR B 374 12.74 51.36 -19.45
CA THR B 374 11.33 51.00 -19.39
C THR B 374 10.53 52.27 -19.17
N PHE B 375 9.45 52.42 -19.93
CA PHE B 375 8.58 53.57 -19.81
C PHE B 375 7.21 53.18 -20.36
N GLU B 376 6.35 54.19 -20.54
CA GLU B 376 4.99 53.97 -21.00
C GLU B 376 4.25 52.99 -20.11
N GLY B 377 4.59 53.00 -18.82
CA GLY B 377 3.97 52.06 -17.88
C GLY B 377 4.48 50.64 -17.97
N ARG B 378 4.32 50.01 -19.13
CA ARG B 378 4.83 48.66 -19.32
C ARG B 378 6.34 48.64 -19.21
N ASP B 379 6.85 47.73 -18.38
CA ASP B 379 8.27 47.62 -18.11
C ASP B 379 8.94 46.71 -19.13
N LEU B 380 10.09 47.15 -19.63
CA LEU B 380 10.81 46.42 -20.67
C LEU B 380 12.29 46.32 -20.33
N SER B 381 12.60 45.91 -19.09
CA SER B 381 13.96 45.55 -18.77
C SER B 381 14.41 44.38 -19.63
N PHE B 382 15.57 44.51 -20.24
CA PHE B 382 16.07 43.50 -21.15
C PHE B 382 16.98 42.53 -20.40
N SER B 383 17.64 41.66 -21.16
CA SER B 383 18.64 40.74 -20.65
C SER B 383 20.00 41.10 -21.21
N GLU B 384 21.04 40.80 -20.43
CA GLU B 384 22.39 41.08 -20.91
C GLU B 384 22.75 40.17 -22.09
N ASP B 385 22.45 38.89 -21.99
CA ASP B 385 22.88 37.90 -22.96
C ASP B 385 22.12 37.98 -24.28
N GLY B 386 21.31 39.01 -24.47
CA GLY B 386 20.71 39.24 -25.77
C GLY B 386 19.34 38.62 -26.00
N TYR B 387 18.37 38.94 -25.15
CA TYR B 387 16.96 38.74 -25.45
C TYR B 387 16.14 39.51 -24.42
N GLN B 388 14.84 39.33 -24.44
CA GLN B 388 13.94 40.11 -23.62
C GLN B 388 13.88 39.59 -22.19
N MET B 389 13.00 40.19 -21.41
CA MET B 389 12.61 39.71 -20.10
C MET B 389 11.11 39.89 -19.98
N HIS B 390 10.46 38.94 -19.32
CA HIS B 390 9.01 38.88 -19.27
C HIS B 390 8.44 38.90 -20.68
N PRO B 391 8.69 37.86 -21.48
CA PRO B 391 8.15 37.85 -22.84
C PRO B 391 6.71 37.38 -22.85
N LYS B 392 5.91 38.00 -23.71
CA LYS B 392 4.52 37.59 -23.85
C LYS B 392 4.42 36.40 -24.78
N LEU B 393 3.80 35.33 -24.31
CA LEU B 393 3.74 34.10 -25.06
C LEU B 393 2.31 33.66 -25.25
N VAL B 394 2.11 32.76 -26.19
CA VAL B 394 0.82 32.14 -26.45
C VAL B 394 1.01 30.64 -26.41
N ILE B 395 -0.11 29.93 -26.43
CA ILE B 395 -0.10 28.46 -26.42
C ILE B 395 -1.12 27.98 -27.42
N ILE B 396 -0.70 27.12 -28.33
CA ILE B 396 -1.61 26.59 -29.33
C ILE B 396 -1.86 25.12 -29.05
N LEU B 397 -2.99 24.63 -29.55
CA LEU B 397 -3.31 23.21 -29.53
C LEU B 397 -3.76 22.79 -30.91
N LEU B 398 -3.12 21.76 -31.45
CA LEU B 398 -3.53 21.25 -32.74
C LEU B 398 -4.85 20.53 -32.57
N ASN B 399 -5.95 21.27 -32.75
CA ASN B 399 -7.28 20.72 -32.65
C ASN B 399 -7.50 19.67 -33.75
N LYS B 400 -8.49 18.81 -33.54
CA LYS B 400 -8.83 17.85 -34.58
C LYS B 400 -9.30 18.52 -35.85
N GLU B 401 -9.56 19.82 -35.83
CA GLU B 401 -9.90 20.58 -37.01
C GLU B 401 -8.70 20.86 -37.89
N ARG B 402 -7.56 20.22 -37.60
CA ARG B 402 -6.34 20.37 -38.39
C ARG B 402 -5.95 21.84 -38.51
N LYS B 403 -6.17 22.60 -37.44
CA LYS B 403 -5.73 23.97 -37.35
C LYS B 403 -5.32 24.25 -35.91
N TRP B 404 -5.00 25.51 -35.63
CA TRP B 404 -4.78 25.96 -34.27
C TRP B 404 -4.86 27.48 -34.21
N GLU B 405 -5.56 27.99 -33.19
CA GLU B 405 -5.53 29.42 -32.94
C GLU B 405 -5.03 29.75 -31.54
N ARG B 406 -5.66 29.23 -30.48
CA ARG B 406 -5.32 29.60 -29.11
C ARG B 406 -5.89 28.58 -28.15
N VAL B 407 -5.32 28.54 -26.93
CA VAL B 407 -6.01 28.00 -25.77
C VAL B 407 -5.94 28.99 -24.61
N GLY B 408 -4.74 29.41 -24.23
CA GLY B 408 -4.58 30.29 -23.09
C GLY B 408 -3.36 31.17 -23.23
N LYS B 409 -3.34 32.24 -22.46
CA LYS B 409 -2.28 33.24 -22.52
C LYS B 409 -1.44 33.20 -21.25
N TRP B 410 -0.22 33.71 -21.37
CA TRP B 410 0.74 33.69 -20.27
C TRP B 410 1.42 35.04 -20.16
N LYS B 411 1.78 35.43 -18.94
CA LYS B 411 2.46 36.69 -18.73
C LYS B 411 2.96 36.75 -17.30
N ASP B 412 4.11 37.40 -17.12
CA ASP B 412 4.73 37.68 -15.82
C ASP B 412 4.54 36.53 -14.82
N LYS B 413 4.88 35.32 -15.28
CA LYS B 413 4.84 34.12 -14.46
C LYS B 413 3.44 33.86 -13.90
N SER B 414 2.46 33.95 -14.78
CA SER B 414 1.08 33.70 -14.40
C SER B 414 0.38 32.98 -15.53
N LEU B 415 -0.35 31.92 -15.18
CA LEU B 415 -1.02 31.08 -16.16
C LEU B 415 -2.50 31.43 -16.19
N GLN B 416 -2.88 32.34 -17.09
CA GLN B 416 -4.27 32.69 -17.31
C GLN B 416 -4.81 31.73 -18.36
N MET B 417 -5.63 30.78 -17.93
CA MET B 417 -6.09 29.71 -18.78
C MET B 417 -7.54 29.92 -19.18
N LYS B 418 -8.07 28.94 -19.91
CA LYS B 418 -9.45 28.94 -20.37
C LYS B 418 -10.09 27.57 -20.28
N TYR B 419 -9.38 26.58 -19.75
CA TYR B 419 -9.80 25.18 -19.81
C TYR B 419 -9.57 24.52 -18.45
N TYR B 420 -10.14 25.11 -17.39
CA TYR B 420 -9.87 24.73 -16.01
C TYR B 420 -9.75 23.22 -15.81
N VAL B 421 -10.39 22.42 -16.65
CA VAL B 421 -10.13 20.99 -16.75
C VAL B 421 -9.77 20.67 -18.19
N TRP B 422 -8.82 19.78 -18.38
CA TRP B 422 -8.33 19.48 -19.72
C TRP B 422 -9.29 18.52 -20.42
N PRO B 423 -9.53 18.71 -21.71
CA PRO B 423 -10.45 17.84 -22.45
C PRO B 423 -9.82 16.48 -22.72
N ARG B 424 -10.51 15.70 -23.53
CA ARG B 424 -9.98 14.45 -24.05
C ARG B 424 -10.02 14.51 -25.57
N MET B 425 -9.76 13.37 -26.21
CA MET B 425 -9.84 13.29 -27.66
C MET B 425 -11.29 13.14 -28.11
N ASP B 435 -14.39 6.36 -20.76
CA ASP B 435 -14.07 5.92 -19.41
C ASP B 435 -13.45 7.03 -18.59
N HIS B 436 -14.21 8.10 -18.40
CA HIS B 436 -13.77 9.19 -17.54
C HIS B 436 -15.02 9.75 -16.86
N LEU B 437 -15.04 9.69 -15.54
CA LEU B 437 -16.23 10.02 -14.78
C LEU B 437 -16.02 11.31 -13.99
N SER B 438 -17.12 11.86 -13.49
CA SER B 438 -17.12 13.12 -12.75
C SER B 438 -17.89 12.93 -11.47
N ILE B 439 -17.31 13.40 -10.36
CA ILE B 439 -17.84 13.11 -9.03
C ILE B 439 -17.88 14.37 -8.18
N VAL B 440 -18.84 14.39 -7.25
CA VAL B 440 -19.17 15.56 -6.45
C VAL B 440 -19.37 15.16 -5.00
N THR B 441 -19.15 16.10 -4.10
CA THR B 441 -19.28 15.88 -2.66
C THR B 441 -19.95 17.10 -2.03
N LEU B 442 -19.81 17.24 -0.71
CA LEU B 442 -20.40 18.36 0.00
C LEU B 442 -19.47 19.04 0.99
N GLU B 443 -18.36 18.40 1.38
CA GLU B 443 -17.33 19.00 2.23
C GLU B 443 -17.83 19.18 3.66
N GLU B 444 -19.11 18.92 3.88
CA GLU B 444 -19.73 19.29 5.15
C GLU B 444 -19.18 18.49 6.32
N ALA B 445 -18.88 17.23 6.11
CA ALA B 445 -18.66 16.30 7.21
C ALA B 445 -17.17 16.13 7.47
N PRO B 446 -16.80 15.60 8.63
CA PRO B 446 -15.39 15.31 8.91
C PRO B 446 -14.85 14.12 8.13
N PHE B 447 -15.56 13.64 7.13
CA PHE B 447 -15.02 12.66 6.20
C PHE B 447 -14.43 13.30 4.96
N VAL B 448 -14.81 14.55 4.67
CA VAL B 448 -14.53 15.19 3.40
C VAL B 448 -13.80 16.51 3.62
N ILE B 449 -12.94 16.55 4.64
CA ILE B 449 -12.27 17.79 4.99
C ILE B 449 -11.56 18.39 3.79
N VAL B 450 -11.63 19.72 3.66
CA VAL B 450 -10.79 20.44 2.73
C VAL B 450 -9.89 21.39 3.51
N GLU B 451 -8.91 21.96 2.83
CA GLU B 451 -7.88 22.71 3.51
C GLU B 451 -7.38 23.80 2.56
N SER B 452 -6.18 24.32 2.82
CA SER B 452 -5.59 25.36 2.01
C SER B 452 -4.39 24.85 1.24
N VAL B 453 -4.17 25.43 0.07
CA VAL B 453 -3.03 25.07 -0.77
C VAL B 453 -1.74 25.30 -0.01
N ASP B 454 -0.79 24.39 -0.16
CA ASP B 454 0.52 24.59 0.45
C ASP B 454 1.28 25.63 -0.36
N PRO B 455 1.54 26.82 0.21
CA PRO B 455 2.15 27.89 -0.58
C PRO B 455 3.66 27.77 -0.72
N LEU B 456 4.29 26.81 -0.07
CA LEU B 456 5.74 26.68 -0.12
C LEU B 456 6.22 25.63 -1.10
N SER B 457 5.45 24.56 -1.32
CA SER B 457 5.85 23.47 -2.19
C SER B 457 4.85 23.24 -3.31
N GLY B 458 4.43 24.33 -3.96
CA GLY B 458 3.63 24.30 -5.16
C GLY B 458 2.13 24.16 -4.97
N THR B 459 1.60 22.96 -4.73
CA THR B 459 0.18 22.82 -4.44
C THR B 459 -0.07 22.21 -3.06
N CYS B 460 0.10 20.89 -2.90
CA CYS B 460 0.35 20.31 -1.58
C CYS B 460 1.29 19.12 -1.69
N MET B 461 1.10 18.33 -2.75
CA MET B 461 1.85 17.10 -2.99
C MET B 461 1.94 16.24 -1.74
N ARG B 462 0.80 15.94 -1.14
CA ARG B 462 0.82 15.15 0.09
C ARG B 462 -0.44 14.29 0.17
N ASN B 463 -0.33 13.05 -0.32
CA ASN B 463 -1.29 11.97 -0.12
C ASN B 463 -2.74 12.44 -0.17
N THR B 464 -3.07 13.27 -1.16
CA THR B 464 -4.37 13.89 -1.22
C THR B 464 -4.81 13.94 -2.67
N VAL B 465 -6.05 14.37 -2.90
CA VAL B 465 -6.56 14.50 -4.26
C VAL B 465 -7.13 15.89 -4.44
N PRO B 466 -6.88 16.56 -5.57
CA PRO B 466 -7.34 17.94 -5.72
C PRO B 466 -8.82 18.05 -6.05
N CYS B 467 -9.47 19.00 -5.41
CA CYS B 467 -10.87 19.32 -5.67
C CYS B 467 -10.97 20.48 -6.64
N GLN B 468 -12.20 20.90 -6.90
CA GLN B 468 -12.50 22.11 -7.65
C GLN B 468 -13.67 22.83 -7.00
N LYS B 469 -13.53 24.13 -6.82
CA LYS B 469 -14.64 24.97 -6.38
C LYS B 469 -15.01 25.90 -7.50
N ARG B 470 -16.31 26.10 -7.69
CA ARG B 470 -16.82 26.83 -8.83
C ARG B 470 -17.66 27.99 -8.30
N ILE B 471 -17.00 29.10 -7.98
CA ILE B 471 -17.68 30.26 -7.44
C ILE B 471 -18.69 30.78 -8.45
N ILE B 472 -19.94 30.94 -8.03
CA ILE B 472 -21.03 31.38 -8.90
C ILE B 472 -21.75 32.50 -8.16
N SER B 473 -21.37 33.75 -8.45
CA SER B 473 -21.99 34.91 -7.84
C SER B 473 -21.58 36.16 -8.60
N GLU B 474 -22.48 37.14 -8.66
CA GLU B 474 -22.22 38.45 -9.25
C GLU B 474 -21.69 38.31 -10.68
N ASN B 475 -22.56 37.76 -11.52
CA ASN B 475 -22.19 37.48 -12.90
C ASN B 475 -22.19 38.75 -13.75
N LYS B 476 -21.25 38.82 -14.68
CA LYS B 476 -21.26 39.81 -15.76
C LYS B 476 -21.92 39.27 -17.01
N THR B 477 -22.80 38.26 -16.85
CA THR B 477 -23.56 37.56 -17.88
C THR B 477 -22.69 36.60 -18.70
N ASP B 478 -21.37 36.64 -18.50
CA ASP B 478 -20.48 35.70 -19.16
C ASP B 478 -19.31 35.34 -18.24
N GLU B 479 -19.52 35.42 -16.93
CA GLU B 479 -18.46 35.15 -15.97
C GLU B 479 -18.16 33.65 -15.99
N GLU B 480 -16.98 33.28 -16.49
CA GLU B 480 -16.58 31.88 -16.57
C GLU B 480 -16.01 31.46 -15.22
N PRO B 481 -16.71 30.64 -14.45
CA PRO B 481 -16.26 30.31 -13.09
C PRO B 481 -15.19 29.21 -13.12
N GLY B 482 -14.83 28.75 -11.92
CA GLY B 482 -13.97 27.60 -11.78
C GLY B 482 -12.57 27.93 -11.33
N TYR B 483 -12.20 27.48 -10.13
CA TYR B 483 -10.87 27.72 -9.61
C TYR B 483 -10.54 26.65 -8.58
N ILE B 484 -9.24 26.48 -8.34
CA ILE B 484 -8.78 25.45 -7.44
C ILE B 484 -9.27 25.73 -6.03
N LYS B 485 -10.11 24.83 -5.49
CA LYS B 485 -10.49 24.92 -4.10
C LYS B 485 -9.30 24.61 -3.22
N LYS B 486 -8.83 23.36 -3.30
CA LYS B 486 -7.65 22.86 -2.61
C LYS B 486 -7.50 21.39 -2.97
N CYS B 487 -6.47 20.77 -2.42
CA CYS B 487 -6.38 19.31 -2.40
C CYS B 487 -7.14 18.84 -1.17
N CYS B 488 -8.35 18.36 -1.40
CA CYS B 488 -9.28 17.95 -0.35
C CYS B 488 -8.97 16.53 0.09
N LYS B 489 -8.98 16.30 1.41
CA LYS B 489 -8.68 14.99 1.96
C LYS B 489 -9.80 14.51 2.86
N GLY B 490 -9.55 13.43 3.60
CA GLY B 490 -10.54 12.96 4.55
C GLY B 490 -10.75 11.47 4.56
N PHE B 491 -12.02 11.04 4.63
CA PHE B 491 -12.35 9.63 4.68
C PHE B 491 -12.84 9.09 3.34
N CYS B 492 -13.95 9.63 2.84
CA CYS B 492 -14.49 9.12 1.58
C CYS B 492 -13.62 9.54 0.40
N ILE B 493 -13.06 10.75 0.45
CA ILE B 493 -12.10 11.14 -0.56
C ILE B 493 -11.00 10.10 -0.66
N ASP B 494 -10.56 9.57 0.48
CA ASP B 494 -9.60 8.48 0.42
C ASP B 494 -10.22 7.21 -0.12
N ILE B 495 -11.46 6.90 0.26
CA ILE B 495 -12.05 5.66 -0.23
C ILE B 495 -12.13 5.63 -1.74
N LEU B 496 -12.26 6.81 -2.37
CA LEU B 496 -12.33 6.83 -3.83
C LEU B 496 -11.05 6.35 -4.47
N LYS B 497 -9.89 6.68 -3.89
CA LYS B 497 -8.65 6.20 -4.47
C LYS B 497 -8.61 4.67 -4.48
N LYS B 498 -8.66 4.07 -3.29
CA LYS B 498 -8.58 2.63 -3.18
C LYS B 498 -9.71 1.93 -3.92
N ILE B 499 -10.80 2.63 -4.23
CA ILE B 499 -11.81 2.02 -5.08
C ILE B 499 -11.52 2.25 -6.55
N SER B 500 -10.69 3.25 -6.87
CA SER B 500 -10.33 3.51 -8.26
C SER B 500 -9.26 2.54 -8.76
N LYS B 501 -8.24 2.29 -7.95
CA LYS B 501 -7.23 1.32 -8.35
C LYS B 501 -7.80 -0.09 -8.50
N SER B 502 -9.09 -0.26 -8.23
CA SER B 502 -9.73 -1.56 -8.39
C SER B 502 -10.23 -1.74 -9.83
N VAL B 503 -11.09 -0.84 -10.28
CA VAL B 503 -11.68 -0.94 -11.62
C VAL B 503 -11.02 0.02 -12.60
N LYS B 504 -10.04 0.81 -12.17
CA LYS B 504 -9.11 1.50 -13.05
C LYS B 504 -9.82 2.49 -13.98
N PHE B 505 -10.32 3.57 -13.37
CA PHE B 505 -10.80 4.71 -14.14
C PHE B 505 -10.14 5.97 -13.61
N THR B 506 -10.64 7.12 -14.04
CA THR B 506 -10.15 8.42 -13.59
C THR B 506 -11.31 9.29 -13.13
N TYR B 507 -10.99 10.49 -12.64
CA TYR B 507 -12.02 11.30 -12.00
C TYR B 507 -11.52 12.71 -11.78
N ASP B 508 -12.42 13.54 -11.24
CA ASP B 508 -12.18 14.94 -10.97
C ASP B 508 -13.23 15.43 -9.99
N LEU B 509 -12.82 16.24 -9.02
CA LEU B 509 -13.64 16.58 -7.87
C LEU B 509 -14.09 18.03 -7.96
N TYR B 510 -15.39 18.25 -8.07
CA TYR B 510 -15.91 19.60 -7.95
C TYR B 510 -17.08 19.60 -6.99
N LEU B 511 -17.05 20.54 -6.04
CA LEU B 511 -18.03 20.61 -4.97
C LEU B 511 -19.28 21.34 -5.43
N VAL B 512 -20.43 20.81 -5.04
CA VAL B 512 -21.68 21.47 -5.36
C VAL B 512 -21.70 22.85 -4.74
N THR B 513 -22.46 23.76 -5.34
CA THR B 513 -22.57 25.11 -4.83
C THR B 513 -23.98 25.46 -4.39
N ASN B 514 -24.97 25.36 -5.28
CA ASN B 514 -26.32 25.85 -5.01
C ASN B 514 -27.04 24.88 -4.06
N GLY B 515 -26.50 24.78 -2.86
CA GLY B 515 -27.19 24.07 -1.80
C GLY B 515 -26.41 22.95 -1.16
N LYS B 516 -27.13 22.13 -0.41
CA LYS B 516 -26.59 20.92 0.21
C LYS B 516 -27.52 19.80 -0.25
N HIS B 517 -27.47 18.67 0.44
CA HIS B 517 -28.45 17.61 0.23
C HIS B 517 -29.82 18.23 -0.01
N GLY B 518 -30.41 17.92 -1.16
CA GLY B 518 -31.53 18.73 -1.64
C GLY B 518 -32.88 18.06 -1.75
N LYS B 519 -33.86 18.60 -1.06
CA LYS B 519 -35.22 18.10 -1.14
C LYS B 519 -35.88 18.60 -2.42
N LYS B 520 -37.07 18.07 -2.69
CA LYS B 520 -37.81 18.44 -3.90
C LYS B 520 -38.58 19.72 -3.65
N ILE B 521 -38.52 20.65 -4.60
CA ILE B 521 -39.35 21.84 -4.59
C ILE B 521 -40.35 21.68 -5.73
N ASN B 522 -41.56 21.27 -5.38
CA ASN B 522 -42.62 21.00 -6.35
C ASN B 522 -42.14 20.02 -7.42
N GLY B 523 -41.31 19.08 -7.00
CA GLY B 523 -40.78 18.09 -7.92
C GLY B 523 -39.44 18.44 -8.52
N THR B 524 -38.58 19.15 -7.78
CA THR B 524 -37.26 19.53 -8.26
C THR B 524 -36.22 19.19 -7.20
N TRP B 525 -35.47 18.11 -7.41
CA TRP B 525 -34.37 17.75 -6.53
C TRP B 525 -33.12 18.47 -7.00
N ASN B 526 -32.77 19.54 -6.30
CA ASN B 526 -31.63 20.36 -6.63
C ASN B 526 -30.39 19.83 -5.92
N GLY B 527 -29.35 20.65 -5.92
CA GLY B 527 -28.27 20.48 -4.96
C GLY B 527 -27.42 19.25 -5.22
N MET B 528 -26.98 18.63 -4.12
CA MET B 528 -26.09 17.48 -4.21
C MET B 528 -26.68 16.40 -5.09
N ILE B 529 -28.01 16.24 -5.04
CA ILE B 529 -28.64 15.29 -5.94
C ILE B 529 -28.93 15.93 -7.28
N GLY B 530 -29.21 17.24 -7.29
CA GLY B 530 -29.43 17.92 -8.55
C GLY B 530 -28.30 17.72 -9.52
N GLU B 531 -27.07 17.74 -9.04
CA GLU B 531 -25.91 17.58 -9.89
C GLU B 531 -25.76 16.19 -10.45
N VAL B 532 -26.62 15.24 -10.10
CA VAL B 532 -26.55 13.90 -10.64
C VAL B 532 -27.83 13.52 -11.36
N VAL B 533 -28.95 14.15 -11.03
CA VAL B 533 -30.14 13.90 -11.81
C VAL B 533 -30.04 14.55 -13.17
N MET B 534 -29.35 15.70 -13.25
CA MET B 534 -29.24 16.47 -14.47
C MET B 534 -28.14 15.95 -15.39
N LYS B 535 -27.59 14.77 -15.12
CA LYS B 535 -26.61 14.12 -15.98
C LYS B 535 -25.37 14.97 -16.21
N ARG B 536 -25.18 16.03 -15.43
CA ARG B 536 -23.99 16.85 -15.54
C ARG B 536 -22.80 16.28 -14.77
N ALA B 537 -23.00 15.19 -14.05
CA ALA B 537 -21.93 14.57 -13.29
C ALA B 537 -22.32 13.12 -13.01
N TYR B 538 -21.36 12.23 -13.11
CA TYR B 538 -21.71 10.82 -13.14
C TYR B 538 -22.05 10.28 -11.76
N MET B 539 -21.08 10.30 -10.85
CA MET B 539 -21.25 9.73 -9.52
C MET B 539 -21.24 10.81 -8.46
N ALA B 540 -21.64 10.43 -7.25
CA ALA B 540 -21.69 11.34 -6.12
C ALA B 540 -21.27 10.58 -4.87
N VAL B 541 -20.22 11.06 -4.20
CA VAL B 541 -19.78 10.46 -2.95
C VAL B 541 -19.76 11.53 -1.88
N GLY B 542 -19.38 11.14 -0.67
CA GLY B 542 -19.51 11.97 0.50
C GLY B 542 -20.62 11.44 1.39
N SER B 543 -20.67 12.00 2.58
CA SER B 543 -21.69 11.59 3.54
C SER B 543 -23.07 11.76 2.92
N LEU B 544 -23.85 10.68 2.92
CA LEU B 544 -25.16 10.68 2.28
C LEU B 544 -25.92 9.47 2.77
N THR B 545 -27.23 9.63 2.96
CA THR B 545 -28.06 8.52 3.42
C THR B 545 -28.70 7.80 2.24
N ILE B 546 -29.55 6.82 2.55
CA ILE B 546 -30.33 6.12 1.56
C ILE B 546 -31.74 6.00 2.11
N ASN B 547 -32.60 6.92 1.74
CA ASN B 547 -34.00 6.83 2.13
C ASN B 547 -34.78 6.30 0.94
N GLU B 548 -36.10 6.29 1.08
CA GLU B 548 -36.94 5.89 -0.04
C GLU B 548 -36.90 6.92 -1.15
N GLU B 549 -37.20 8.17 -0.82
CA GLU B 549 -37.43 9.19 -1.83
C GLU B 549 -36.25 9.33 -2.76
N ARG B 550 -35.11 9.75 -2.24
CA ARG B 550 -33.92 9.90 -3.06
C ARG B 550 -33.51 8.60 -3.74
N SER B 551 -34.02 7.47 -3.29
CA SER B 551 -33.82 6.23 -4.03
C SER B 551 -34.76 6.08 -5.20
N GLU B 552 -35.51 7.13 -5.53
CA GLU B 552 -36.35 7.05 -6.72
C GLU B 552 -35.61 7.50 -7.96
N VAL B 553 -35.05 8.70 -7.92
CA VAL B 553 -34.31 9.23 -9.05
C VAL B 553 -33.00 8.50 -9.16
N VAL B 554 -32.18 8.61 -8.14
CA VAL B 554 -30.85 8.03 -8.17
C VAL B 554 -30.94 6.58 -7.72
N ASP B 555 -29.93 5.79 -8.04
CA ASP B 555 -29.80 4.44 -7.50
C ASP B 555 -28.59 4.37 -6.58
N PHE B 556 -28.48 3.28 -5.84
CA PHE B 556 -27.57 3.27 -4.70
C PHE B 556 -26.72 2.02 -4.68
N SER B 557 -25.62 2.12 -3.95
CA SER B 557 -24.65 1.06 -3.77
C SER B 557 -24.67 0.56 -2.34
N VAL B 558 -24.22 -0.68 -2.15
CA VAL B 558 -24.21 -1.31 -0.84
C VAL B 558 -23.45 -0.43 0.14
N PRO B 559 -24.05 -0.08 1.27
CA PRO B 559 -23.49 0.98 2.10
C PRO B 559 -22.23 0.51 2.80
N PHE B 560 -21.57 1.46 3.47
CA PHE B 560 -20.29 1.18 4.08
C PHE B 560 -20.14 1.70 5.51
N ILE B 561 -21.15 2.33 6.08
CA ILE B 561 -21.13 2.76 7.48
C ILE B 561 -22.53 2.66 8.04
N GLU B 562 -22.73 1.79 9.02
CA GLU B 562 -24.02 1.69 9.67
C GLU B 562 -24.42 3.04 10.26
N THR B 563 -25.71 3.29 10.36
CA THR B 563 -26.18 4.55 10.90
C THR B 563 -27.66 4.48 11.23
N GLY B 564 -28.14 5.52 11.88
CA GLY B 564 -29.54 5.63 12.22
C GLY B 564 -29.75 6.48 13.46
N ILE B 565 -31.00 6.51 13.89
CA ILE B 565 -31.36 7.20 15.12
C ILE B 565 -30.72 6.50 16.30
N SER B 566 -30.08 7.27 17.17
CA SER B 566 -29.47 6.73 18.37
C SER B 566 -29.48 7.79 19.47
N VAL B 567 -29.20 7.36 20.69
CA VAL B 567 -29.26 8.23 21.85
C VAL B 567 -27.84 8.43 22.34
N MET B 568 -27.67 9.19 23.42
CA MET B 568 -26.35 9.45 23.96
C MET B 568 -26.51 10.01 25.36
N VAL B 569 -25.78 9.45 26.33
CA VAL B 569 -25.95 9.83 27.73
C VAL B 569 -24.59 10.08 28.37
N SER B 570 -24.59 10.40 29.66
CA SER B 570 -23.39 10.41 30.47
C SER B 570 -23.52 9.41 31.61
N ARG B 571 -22.47 9.32 32.41
CA ARG B 571 -22.40 8.33 33.47
C ARG B 571 -22.92 8.92 34.78
N SER B 572 -22.66 8.25 35.90
CA SER B 572 -23.10 8.75 37.20
C SER B 572 -22.15 8.27 38.29
N ASN B 573 -21.73 9.19 39.16
CA ASN B 573 -20.72 8.89 40.17
C ASN B 573 -21.35 8.17 41.34
N GLY B 574 -21.32 6.85 41.34
CA GLY B 574 -21.40 6.12 42.61
C GLY B 574 -22.77 6.00 43.23
N THR B 575 -23.14 4.80 43.63
CA THR B 575 -24.45 4.52 44.22
C THR B 575 -24.30 3.61 45.43
N VAL B 576 -23.42 3.99 46.36
CA VAL B 576 -23.27 3.27 47.61
C VAL B 576 -24.65 2.96 48.20
N SER B 577 -24.92 1.67 48.38
CA SER B 577 -26.25 1.22 48.71
C SER B 577 -26.74 1.84 50.02
N PRO B 578 -28.05 1.98 50.17
CA PRO B 578 -28.61 2.31 51.49
C PRO B 578 -28.46 1.19 52.48
N SER B 579 -28.15 -0.02 52.02
CA SER B 579 -27.93 -1.17 52.90
C SER B 579 -26.47 -1.60 52.90
N ALA B 580 -25.55 -0.65 52.86
CA ALA B 580 -24.14 -1.00 52.97
C ALA B 580 -23.78 -1.46 54.36
N PHE B 581 -24.20 -0.70 55.37
CA PHE B 581 -23.73 -0.97 56.73
C PHE B 581 -24.07 -2.38 57.20
N LEU B 582 -24.89 -3.11 56.45
CA LEU B 582 -25.07 -4.53 56.72
C LEU B 582 -24.59 -5.39 55.57
N GLU B 583 -24.13 -4.76 54.48
CA GLU B 583 -23.74 -5.53 53.30
C GLU B 583 -22.62 -6.52 53.58
N PRO B 584 -21.48 -6.12 54.15
CA PRO B 584 -20.27 -6.94 54.05
C PRO B 584 -20.26 -8.18 54.92
N PHE B 585 -21.39 -8.62 55.44
CA PHE B 585 -21.41 -9.86 56.20
C PHE B 585 -22.69 -10.62 55.94
N SER B 586 -22.55 -11.90 55.62
CA SER B 586 -23.71 -12.77 55.54
C SER B 586 -24.41 -12.84 56.88
N ALA B 587 -25.74 -12.87 56.84
CA ALA B 587 -26.52 -12.97 58.07
C ALA B 587 -26.19 -14.20 58.87
N CYS B 588 -25.54 -15.20 58.25
CA CYS B 588 -25.16 -16.40 58.98
C CYS B 588 -24.25 -16.07 60.15
N VAL B 589 -23.17 -15.32 59.91
CA VAL B 589 -22.24 -15.04 61.00
C VAL B 589 -22.89 -14.27 62.13
N TRP B 590 -23.88 -13.44 61.84
CA TRP B 590 -24.49 -12.63 62.90
C TRP B 590 -25.24 -13.49 63.90
N VAL B 591 -26.13 -14.36 63.41
CA VAL B 591 -26.89 -15.19 64.33
C VAL B 591 -25.99 -16.20 65.02
N MET B 592 -24.93 -16.65 64.33
CA MET B 592 -23.99 -17.51 65.01
C MET B 592 -23.29 -16.77 66.14
N MET B 593 -22.96 -15.50 65.93
CA MET B 593 -22.42 -14.69 67.01
C MET B 593 -23.44 -14.51 68.13
N PHE B 594 -24.71 -14.39 67.76
CA PHE B 594 -25.79 -14.29 68.74
C PHE B 594 -25.80 -15.49 69.67
N VAL B 595 -25.91 -16.69 69.09
CA VAL B 595 -25.93 -17.89 69.90
C VAL B 595 -24.61 -18.09 70.63
N MET B 596 -23.50 -17.61 70.06
CA MET B 596 -22.24 -17.70 70.78
C MET B 596 -22.28 -16.85 72.04
N LEU B 597 -22.81 -15.64 71.92
CA LEU B 597 -23.03 -14.82 73.11
C LEU B 597 -23.83 -15.58 74.14
N LEU B 598 -24.96 -16.16 73.72
CA LEU B 598 -25.80 -16.89 74.67
C LEU B 598 -25.02 -17.99 75.39
N ILE B 599 -24.36 -18.85 74.62
CA ILE B 599 -23.73 -20.02 75.22
C ILE B 599 -22.59 -19.61 76.13
N VAL B 600 -21.76 -18.66 75.71
CA VAL B 600 -20.67 -18.28 76.58
C VAL B 600 -21.18 -17.61 77.82
N SER B 601 -22.29 -16.88 77.73
CA SER B 601 -22.85 -16.28 78.93
C SER B 601 -23.26 -17.35 79.92
N ALA B 602 -23.99 -18.35 79.45
CA ALA B 602 -24.43 -19.42 80.35
C ALA B 602 -23.23 -20.11 80.99
N VAL B 603 -22.23 -20.44 80.19
CA VAL B 603 -21.09 -21.15 80.74
C VAL B 603 -20.32 -20.27 81.72
N ALA B 604 -20.28 -18.96 81.49
CA ALA B 604 -19.63 -18.07 82.44
C ALA B 604 -20.37 -18.08 83.77
N VAL B 605 -21.69 -18.03 83.71
CA VAL B 605 -22.49 -18.13 84.94
C VAL B 605 -22.14 -19.42 85.68
N PHE B 606 -22.15 -20.55 84.98
CA PHE B 606 -22.07 -21.84 85.65
C PHE B 606 -20.65 -22.21 86.02
N VAL B 607 -19.64 -21.53 85.48
CA VAL B 607 -18.28 -21.65 85.98
C VAL B 607 -17.96 -20.60 87.03
N PHE B 608 -18.81 -19.60 87.19
CA PHE B 608 -18.73 -18.70 88.33
C PHE B 608 -19.50 -19.21 89.54
N GLU B 609 -20.40 -20.19 89.33
CA GLU B 609 -21.19 -20.73 90.44
C GLU B 609 -20.34 -21.36 91.54
N TYR B 610 -19.03 -21.45 91.37
CA TYR B 610 -18.15 -22.09 92.35
C TYR B 610 -17.32 -21.07 93.12
N SER B 630 -22.46 -11.15 93.55
CA SER B 630 -23.37 -10.06 93.22
C SER B 630 -23.38 -9.77 91.72
N PHE B 631 -23.32 -10.83 90.91
CA PHE B 631 -23.40 -10.72 89.47
C PHE B 631 -23.73 -12.07 88.88
N THR B 632 -24.91 -12.16 88.25
CA THR B 632 -25.30 -13.47 87.72
C THR B 632 -25.47 -13.52 86.21
N ILE B 633 -26.41 -12.75 85.66
CA ILE B 633 -26.76 -12.94 84.25
C ILE B 633 -26.79 -11.64 83.47
N GLY B 634 -27.61 -10.70 83.93
CA GLY B 634 -27.85 -9.49 83.15
C GLY B 634 -26.60 -8.67 82.96
N LYS B 635 -25.90 -8.37 84.05
CA LYS B 635 -24.64 -7.64 83.94
C LYS B 635 -23.68 -8.35 83.01
N ALA B 636 -23.66 -9.68 83.04
CA ALA B 636 -22.70 -10.43 82.24
C ALA B 636 -23.00 -10.30 80.74
N ILE B 637 -24.25 -10.55 80.35
CA ILE B 637 -24.57 -10.40 78.94
C ILE B 637 -24.40 -8.96 78.50
N TRP B 638 -24.71 -8.01 79.39
CA TRP B 638 -24.48 -6.61 79.07
C TRP B 638 -23.03 -6.35 78.76
N LEU B 639 -22.14 -6.76 79.66
CA LEU B 639 -20.72 -6.67 79.41
C LEU B 639 -20.36 -7.24 78.05
N LEU B 640 -20.65 -8.51 77.84
CA LEU B 640 -20.15 -9.14 76.62
C LEU B 640 -20.73 -8.52 75.36
N TRP B 641 -21.91 -7.91 75.44
CA TRP B 641 -22.38 -7.14 74.30
C TRP B 641 -21.60 -5.86 74.13
N GLY B 642 -21.28 -5.20 75.23
CA GLY B 642 -20.51 -3.98 75.16
C GLY B 642 -19.07 -4.19 74.76
N LEU B 643 -18.71 -5.39 74.32
CA LEU B 643 -17.32 -5.66 73.98
C LEU B 643 -17.10 -5.87 72.50
N VAL B 644 -17.97 -6.61 71.82
CA VAL B 644 -17.85 -6.71 70.37
C VAL B 644 -17.88 -5.33 69.76
N PHE B 645 -18.97 -4.60 69.94
CA PHE B 645 -18.92 -3.17 69.72
C PHE B 645 -18.04 -2.57 70.80
N ASN B 646 -17.47 -1.40 70.52
CA ASN B 646 -16.12 -1.14 71.01
C ASN B 646 -15.97 -1.26 72.52
N ASN B 647 -16.54 -0.34 73.30
CA ASN B 647 -16.32 -0.37 74.75
C ASN B 647 -17.16 0.69 75.44
N SER B 648 -17.57 0.40 76.67
CA SER B 648 -18.28 1.32 77.55
C SER B 648 -18.51 0.72 78.93
N VAL B 649 -19.30 1.38 79.76
CA VAL B 649 -20.00 0.79 80.91
C VAL B 649 -19.10 -0.02 81.83
N PRO B 650 -18.35 0.63 82.69
CA PRO B 650 -17.43 -0.09 83.57
C PRO B 650 -18.06 -1.14 84.47
N VAL B 651 -17.72 -2.41 84.23
CA VAL B 651 -17.96 -3.49 85.16
C VAL B 651 -16.71 -4.36 85.11
N GLN B 652 -16.55 -5.25 86.10
CA GLN B 652 -15.33 -6.05 86.16
C GLN B 652 -15.58 -7.55 86.04
N ASN B 653 -16.55 -8.08 86.78
CA ASN B 653 -16.75 -9.51 86.94
C ASN B 653 -15.43 -10.22 87.27
N PRO B 654 -14.66 -9.72 88.24
CA PRO B 654 -13.27 -10.14 88.39
C PRO B 654 -13.06 -11.28 89.36
N LYS B 655 -14.13 -11.98 89.73
CA LYS B 655 -14.14 -12.73 90.98
C LYS B 655 -12.97 -13.71 91.09
N GLY B 656 -12.92 -14.71 90.20
CA GLY B 656 -12.05 -15.84 90.47
C GLY B 656 -10.99 -16.19 89.45
N THR B 657 -10.66 -15.24 88.58
CA THR B 657 -9.55 -15.33 87.64
C THR B 657 -9.81 -16.35 86.55
N THR B 658 -10.78 -17.22 86.75
CA THR B 658 -11.10 -18.19 85.71
C THR B 658 -12.21 -17.68 84.81
N SER B 659 -13.19 -16.96 85.37
CA SER B 659 -14.02 -16.11 84.53
C SER B 659 -13.16 -15.17 83.71
N LYS B 660 -12.04 -14.72 84.29
CA LYS B 660 -11.13 -13.85 83.56
C LYS B 660 -10.54 -14.58 82.36
N ILE B 661 -9.93 -15.74 82.59
CA ILE B 661 -9.40 -16.52 81.48
C ILE B 661 -10.49 -16.93 80.51
N MET B 662 -11.75 -16.86 80.92
CA MET B 662 -12.82 -17.15 79.95
C MET B 662 -13.09 -15.94 79.07
N VAL B 663 -13.46 -14.80 79.67
CA VAL B 663 -13.75 -13.63 78.85
C VAL B 663 -12.57 -13.20 78.01
N SER B 664 -11.37 -13.62 78.36
CA SER B 664 -10.21 -13.24 77.57
C SER B 664 -10.34 -13.69 76.12
N VAL B 665 -10.54 -14.99 75.90
CA VAL B 665 -10.63 -15.47 74.53
C VAL B 665 -11.77 -14.80 73.80
N TRP B 666 -12.86 -14.51 74.51
CA TRP B 666 -13.97 -13.82 73.88
C TRP B 666 -13.52 -12.47 73.35
N ALA B 667 -12.87 -11.66 74.19
CA ALA B 667 -12.41 -10.36 73.72
C ALA B 667 -11.45 -10.50 72.55
N PHE B 668 -10.63 -11.55 72.57
CA PHE B 668 -9.74 -11.79 71.44
C PHE B 668 -10.53 -11.93 70.16
N PHE B 669 -11.46 -12.88 70.15
CA PHE B 669 -12.33 -13.05 68.99
C PHE B 669 -12.97 -11.74 68.61
N ALA B 670 -13.29 -10.92 69.60
CA ALA B 670 -13.90 -9.63 69.31
C ALA B 670 -12.97 -8.76 68.49
N VAL B 671 -11.71 -8.65 68.90
CA VAL B 671 -10.86 -7.72 68.18
C VAL B 671 -10.67 -8.20 66.77
N ILE B 672 -10.50 -9.51 66.57
CA ILE B 672 -10.28 -9.91 65.19
C ILE B 672 -11.54 -9.70 64.38
N PHE B 673 -12.71 -9.87 64.99
CA PHE B 673 -13.96 -9.66 64.28
C PHE B 673 -14.08 -8.21 63.81
N LEU B 674 -13.95 -7.28 64.74
CA LEU B 674 -14.01 -5.86 64.39
C LEU B 674 -13.05 -5.52 63.28
N ALA B 675 -11.82 -6.02 63.36
CA ALA B 675 -10.87 -5.71 62.31
C ALA B 675 -11.37 -6.20 60.95
N SER B 676 -11.73 -7.48 60.88
CA SER B 676 -12.18 -8.03 59.60
C SER B 676 -13.33 -7.19 59.05
N TYR B 677 -14.23 -6.77 59.91
CA TYR B 677 -15.35 -5.96 59.43
C TYR B 677 -14.85 -4.68 58.82
N THR B 678 -14.01 -3.94 59.53
CA THR B 678 -13.55 -2.67 58.98
C THR B 678 -12.95 -2.87 57.62
N ALA B 679 -12.16 -3.92 57.45
CA ALA B 679 -11.54 -4.13 56.15
C ALA B 679 -12.59 -4.38 55.09
N ASN B 680 -13.37 -5.43 55.26
CA ASN B 680 -14.26 -5.80 54.17
C ASN B 680 -15.37 -4.81 53.94
N LEU B 681 -15.55 -3.85 54.84
CA LEU B 681 -16.48 -2.76 54.54
C LEU B 681 -15.78 -1.66 53.78
N ALA B 682 -14.53 -1.34 54.13
CA ALA B 682 -13.76 -0.48 53.26
C ALA B 682 -13.62 -1.05 51.88
N ALA B 683 -13.96 -2.33 51.71
CA ALA B 683 -14.06 -2.87 50.36
C ALA B 683 -15.17 -2.20 49.55
N PHE B 684 -16.36 -2.02 50.14
CA PHE B 684 -17.51 -1.54 49.38
C PHE B 684 -17.52 -0.04 49.16
N MET B 685 -16.88 0.75 50.00
CA MET B 685 -16.91 2.19 49.77
C MET B 685 -16.20 2.59 48.49
N ILE B 686 -15.57 1.64 47.80
CA ILE B 686 -15.02 1.90 46.47
C ILE B 686 -16.00 1.33 45.45
N GLN B 687 -16.70 2.22 44.75
CA GLN B 687 -17.77 1.83 43.84
C GLN B 687 -17.42 2.26 42.43
N GLU B 688 -17.84 1.44 41.48
CA GLU B 688 -17.56 1.70 40.07
C GLU B 688 -18.55 2.71 39.50
N GLU B 689 -18.16 3.32 38.40
CA GLU B 689 -19.04 4.26 37.71
C GLU B 689 -20.32 3.58 37.30
N TYR B 690 -21.42 4.30 37.47
CA TYR B 690 -22.75 3.72 37.28
C TYR B 690 -23.19 4.00 35.85
N VAL B 691 -22.94 3.04 34.98
CA VAL B 691 -23.38 3.15 33.59
C VAL B 691 -24.90 3.05 33.56
N ASP B 692 -25.53 4.04 32.96
CA ASP B 692 -26.98 4.07 32.90
C ASP B 692 -27.49 3.06 31.89
N GLN B 693 -28.69 2.54 32.12
CA GLN B 693 -29.31 1.64 31.15
C GLN B 693 -30.53 2.35 30.57
N VAL B 694 -30.44 2.72 29.30
CA VAL B 694 -31.57 3.25 28.55
C VAL B 694 -31.79 2.37 27.33
N SER B 695 -32.96 1.74 27.26
CA SER B 695 -33.26 0.80 26.20
C SER B 695 -33.61 1.55 24.93
N GLY B 696 -34.07 0.83 23.91
CA GLY B 696 -34.48 1.45 22.68
C GLY B 696 -35.64 2.41 22.89
N LEU B 697 -35.87 3.26 21.88
CA LEU B 697 -36.83 4.34 22.01
C LEU B 697 -38.27 3.82 21.94
N SER B 698 -38.56 2.89 22.84
CA SER B 698 -39.93 2.51 23.14
C SER B 698 -40.09 2.21 24.62
N ASP B 699 -39.23 2.80 25.44
CA ASP B 699 -39.14 2.41 26.84
C ASP B 699 -40.20 3.12 27.67
N LYS B 700 -40.70 2.40 28.67
CA LYS B 700 -41.50 3.03 29.70
C LYS B 700 -40.80 4.23 30.30
N LYS B 701 -39.47 4.24 30.29
CA LYS B 701 -38.71 5.42 30.67
C LYS B 701 -38.99 6.60 29.77
N PHE B 702 -39.71 6.42 28.68
CA PHE B 702 -39.98 7.57 27.84
C PHE B 702 -41.46 7.91 27.72
N GLN B 703 -42.28 6.97 27.24
CA GLN B 703 -43.63 7.34 26.79
C GLN B 703 -44.52 7.81 27.92
N ARG B 704 -44.01 7.80 29.15
CA ARG B 704 -44.63 8.46 30.30
C ARG B 704 -43.56 9.33 30.94
N PRO B 705 -43.21 10.45 30.31
CA PRO B 705 -42.13 11.29 30.85
C PRO B 705 -42.47 11.98 32.16
N ASN B 706 -43.69 11.80 32.65
CA ASN B 706 -44.10 12.35 33.93
C ASN B 706 -43.95 11.36 35.06
N ASP B 707 -43.60 10.09 34.77
CA ASP B 707 -43.27 9.15 35.82
C ASP B 707 -42.13 9.67 36.68
N PHE B 708 -41.24 10.48 36.10
CA PHE B 708 -40.16 11.07 36.86
C PHE B 708 -40.18 12.58 36.71
N SER B 709 -39.16 13.25 37.22
CA SER B 709 -39.10 14.70 37.16
C SER B 709 -39.15 15.19 35.72
N PRO B 710 -39.86 16.28 35.46
CA PRO B 710 -39.93 16.83 34.10
C PRO B 710 -38.57 17.16 33.50
N PRO B 711 -37.58 17.69 34.29
CA PRO B 711 -36.27 18.01 33.69
C PRO B 711 -35.64 16.88 32.90
N PHE B 712 -36.13 15.66 33.06
CA PHE B 712 -35.68 14.52 32.28
C PHE B 712 -36.20 14.69 30.86
N ARG B 713 -35.50 15.48 30.06
CA ARG B 713 -35.96 15.93 28.76
C ARG B 713 -34.97 15.49 27.67
N PHE B 714 -35.16 16.04 26.48
CA PHE B 714 -34.37 15.66 25.32
C PHE B 714 -33.87 16.90 24.62
N GLY B 715 -32.75 16.75 23.92
CA GLY B 715 -32.19 17.83 23.11
C GLY B 715 -32.15 17.45 21.64
N THR B 716 -32.78 18.26 20.81
CA THR B 716 -32.82 17.99 19.37
C THR B 716 -32.64 19.29 18.61
N VAL B 717 -31.76 19.24 17.61
CA VAL B 717 -31.52 20.39 16.75
C VAL B 717 -32.69 20.49 15.79
N PRO B 718 -33.22 21.69 15.53
CA PRO B 718 -34.44 21.81 14.73
C PRO B 718 -34.17 21.76 13.23
N ASN B 719 -35.26 21.60 12.47
CA ASN B 719 -35.25 21.73 11.02
C ASN B 719 -34.30 20.72 10.37
N GLY B 720 -34.41 19.47 10.80
CA GLY B 720 -33.55 18.44 10.26
C GLY B 720 -34.29 17.14 10.01
N SER B 721 -33.60 16.10 9.56
CA SER B 721 -34.32 14.89 9.18
C SER B 721 -34.90 14.17 10.39
N THR B 722 -34.09 13.98 11.43
CA THR B 722 -34.56 13.33 12.64
C THR B 722 -35.90 13.89 13.08
N GLU B 723 -36.03 15.21 13.09
CA GLU B 723 -37.32 15.83 13.39
C GLU B 723 -38.42 15.24 12.54
N ARG B 724 -38.23 15.24 11.23
CA ARG B 724 -39.26 14.73 10.33
C ARG B 724 -39.38 13.21 10.35
N ASN B 725 -38.67 12.52 11.24
CA ASN B 725 -38.91 11.10 11.43
C ASN B 725 -39.69 10.80 12.68
N ILE B 726 -39.26 11.33 13.82
CA ILE B 726 -39.99 11.10 15.07
C ILE B 726 -41.40 11.64 14.95
N ARG B 727 -41.50 12.91 14.52
CA ARG B 727 -42.79 13.57 14.42
C ARG B 727 -43.76 12.79 13.55
N ASN B 728 -43.25 12.05 12.57
CA ASN B 728 -44.10 11.20 11.76
C ASN B 728 -44.38 9.86 12.42
N ASN B 729 -43.83 9.60 13.57
CA ASN B 729 -44.07 8.30 14.17
C ASN B 729 -44.58 8.38 15.60
N TYR B 730 -44.05 9.32 16.39
CA TYR B 730 -44.34 9.38 17.82
C TYR B 730 -44.81 10.79 18.16
N ALA B 731 -46.11 11.03 18.01
CA ALA B 731 -46.67 12.34 18.30
C ALA B 731 -46.40 12.75 19.74
N GLU B 732 -46.43 11.78 20.66
CA GLU B 732 -46.08 12.05 22.04
C GLU B 732 -44.74 12.76 22.12
N MET B 733 -43.68 12.14 21.60
CA MET B 733 -42.38 12.80 21.56
C MET B 733 -42.45 14.14 20.84
N HIS B 734 -43.13 14.19 19.69
CA HIS B 734 -43.20 15.41 18.90
C HIS B 734 -43.65 16.59 19.74
N ALA B 735 -44.67 16.40 20.58
CA ALA B 735 -45.07 17.45 21.51
C ALA B 735 -43.92 17.81 22.44
N TYR B 736 -43.34 16.82 23.13
CA TYR B 736 -42.18 17.10 23.96
C TYR B 736 -40.99 17.53 23.12
N MET B 737 -40.86 16.97 21.92
CA MET B 737 -39.89 17.52 20.98
C MET B 737 -40.14 19.00 20.75
N GLY B 738 -41.41 19.42 20.76
CA GLY B 738 -41.73 20.83 20.78
C GLY B 738 -41.57 21.47 22.15
N LYS B 739 -41.53 20.66 23.20
CA LYS B 739 -41.37 21.23 24.53
C LYS B 739 -39.95 21.74 24.75
N PHE B 740 -38.96 21.00 24.27
CA PHE B 740 -37.56 21.33 24.49
C PHE B 740 -36.83 21.39 23.16
N ASN B 741 -35.90 22.33 23.03
CA ASN B 741 -35.14 22.50 21.81
C ASN B 741 -33.75 23.01 22.15
N GLN B 742 -32.89 23.07 21.12
CA GLN B 742 -31.49 23.43 21.29
C GLN B 742 -30.90 23.68 19.91
N ARG B 743 -29.92 24.59 19.84
CA ARG B 743 -29.28 24.95 18.58
C ARG B 743 -27.87 24.38 18.53
N GLY B 744 -27.48 23.88 17.35
CA GLY B 744 -26.17 23.31 17.15
C GLY B 744 -25.98 22.01 17.91
N VAL B 745 -24.86 21.35 17.62
CA VAL B 745 -24.52 20.11 18.32
C VAL B 745 -23.53 20.40 19.43
N ASP B 746 -22.63 21.35 19.18
CA ASP B 746 -21.67 21.72 20.21
C ASP B 746 -22.37 22.28 21.43
N ASP B 747 -23.38 23.12 21.22
CA ASP B 747 -24.12 23.67 22.35
C ASP B 747 -24.94 22.61 23.06
N ALA B 748 -25.50 21.64 22.32
CA ALA B 748 -26.18 20.55 22.98
C ALA B 748 -25.24 19.74 23.86
N LEU B 749 -24.04 19.44 23.35
CA LEU B 749 -23.10 18.66 24.14
C LEU B 749 -22.56 19.47 25.33
N LEU B 750 -22.47 20.79 25.18
CA LEU B 750 -22.15 21.63 26.34
C LEU B 750 -23.27 21.55 27.37
N SER B 751 -24.53 21.60 26.92
CA SER B 751 -25.66 21.52 27.84
C SER B 751 -25.73 20.19 28.56
N LEU B 752 -25.30 19.12 27.89
CA LEU B 752 -25.32 17.81 28.52
C LEU B 752 -24.11 17.59 29.43
N LYS B 753 -22.96 18.16 29.08
CA LYS B 753 -21.73 17.87 29.82
C LYS B 753 -21.75 18.43 31.23
N THR B 754 -22.71 19.30 31.57
CA THR B 754 -22.73 19.95 32.88
C THR B 754 -24.00 19.67 33.66
N GLY B 755 -24.79 18.70 33.23
CA GLY B 755 -25.97 18.31 33.99
C GLY B 755 -27.22 19.12 33.74
N LYS B 756 -27.23 19.98 32.72
CA LYS B 756 -28.46 20.68 32.37
C LYS B 756 -29.45 19.78 31.64
N LEU B 757 -28.98 18.73 30.97
CA LEU B 757 -29.86 17.75 30.36
C LEU B 757 -29.07 16.46 30.14
N ASP B 758 -29.77 15.33 30.16
CA ASP B 758 -29.16 14.00 30.17
C ASP B 758 -29.29 13.29 28.84
N ALA B 759 -30.43 13.42 28.18
CA ALA B 759 -30.73 12.65 26.98
C ALA B 759 -30.41 13.45 25.74
N PHE B 760 -30.25 12.74 24.63
CA PHE B 760 -29.90 13.36 23.36
C PHE B 760 -30.39 12.48 22.22
N ILE B 761 -30.99 13.09 21.21
CA ILE B 761 -31.57 12.37 20.09
C ILE B 761 -30.97 12.90 18.81
N TYR B 762 -30.29 12.05 18.06
CA TYR B 762 -29.58 12.44 16.85
C TYR B 762 -29.16 11.15 16.14
N ASP B 763 -28.30 11.27 15.13
CA ASP B 763 -27.89 10.08 14.41
C ASP B 763 -26.49 9.64 14.82
N ALA B 764 -26.36 8.33 15.04
CA ALA B 764 -25.11 7.77 15.56
C ALA B 764 -23.93 8.00 14.63
N ALA B 765 -24.18 8.12 13.32
CA ALA B 765 -23.07 8.23 12.38
C ALA B 765 -22.09 9.31 12.80
N VAL B 766 -22.57 10.31 13.51
CA VAL B 766 -21.70 11.39 13.94
C VAL B 766 -21.51 11.40 15.45
N LEU B 767 -22.51 10.93 16.21
CA LEU B 767 -22.37 10.88 17.65
C LEU B 767 -21.30 9.89 18.08
N ASN B 768 -21.33 8.71 17.49
CA ASN B 768 -20.30 7.72 17.75
C ASN B 768 -18.91 8.26 17.44
N TYR B 769 -18.81 9.23 16.53
CA TYR B 769 -17.51 9.83 16.25
C TYR B 769 -17.17 10.89 17.30
N MET B 770 -18.11 11.77 17.60
CA MET B 770 -17.90 12.78 18.63
C MET B 770 -17.58 12.16 19.98
N ALA B 771 -17.89 10.88 20.17
CA ALA B 771 -17.61 10.22 21.44
C ALA B 771 -16.14 10.34 21.81
N GLY B 772 -15.27 9.70 21.04
CA GLY B 772 -13.86 9.70 21.38
C GLY B 772 -13.22 11.06 21.35
N ARG B 773 -13.87 12.07 20.78
CA ARG B 773 -13.28 13.39 20.65
C ARG B 773 -13.71 14.34 21.76
N ASP B 774 -14.15 13.81 22.90
CA ASP B 774 -14.46 14.67 24.03
C ASP B 774 -13.24 14.83 24.92
N GLU B 775 -13.23 15.90 25.71
CA GLU B 775 -12.06 16.21 26.53
C GLU B 775 -11.83 15.13 27.58
N GLY B 776 -12.77 14.96 28.50
CA GLY B 776 -12.64 13.89 29.48
C GLY B 776 -13.59 12.75 29.19
N CYS B 777 -13.08 11.61 28.72
CA CYS B 777 -13.98 10.51 28.31
C CYS B 777 -14.73 10.00 29.52
N LYS B 778 -15.91 10.55 29.72
CA LYS B 778 -16.83 10.09 30.75
C LYS B 778 -18.26 10.07 30.21
N LEU B 779 -18.42 10.09 28.89
CA LEU B 779 -19.72 10.16 28.24
C LEU B 779 -19.71 9.27 27.01
N VAL B 780 -20.63 8.31 26.98
CA VAL B 780 -20.69 7.29 25.93
C VAL B 780 -22.16 6.89 25.72
N THR B 781 -22.55 6.74 24.47
CA THR B 781 -23.90 6.34 24.15
C THR B 781 -24.07 4.82 24.26
N ILE B 782 -25.22 4.35 23.78
CA ILE B 782 -25.43 2.93 23.61
C ILE B 782 -25.03 2.51 22.20
N GLY B 783 -24.61 1.26 22.07
CA GLY B 783 -24.11 0.73 20.82
C GLY B 783 -25.21 0.22 19.91
N SER B 784 -24.82 -0.69 19.03
CA SER B 784 -25.71 -1.24 18.02
C SER B 784 -26.82 -2.08 18.64
N GLY B 785 -27.68 -2.60 17.77
CA GLY B 785 -28.87 -3.29 18.22
C GLY B 785 -29.86 -2.44 18.98
N LYS B 786 -29.60 -1.13 19.08
CA LYS B 786 -30.43 -0.21 19.83
C LYS B 786 -30.65 1.05 19.02
N VAL B 787 -31.04 0.89 17.76
CA VAL B 787 -31.18 2.04 16.87
C VAL B 787 -32.52 1.99 16.17
N PHE B 788 -32.85 3.08 15.47
CA PHE B 788 -34.17 3.25 14.87
C PHE B 788 -34.11 3.38 13.35
N ALA B 789 -33.30 4.29 12.81
CA ALA B 789 -33.27 4.57 11.38
C ALA B 789 -32.21 3.70 10.71
N SER B 790 -32.51 2.40 10.64
CA SER B 790 -31.54 1.43 10.17
C SER B 790 -31.35 1.61 8.67
N THR B 791 -30.35 2.38 8.29
CA THR B 791 -30.03 2.61 6.89
C THR B 791 -28.53 2.54 6.69
N GLY B 792 -28.03 3.07 5.59
CA GLY B 792 -26.60 3.09 5.36
C GLY B 792 -26.16 4.23 4.48
N TYR B 793 -24.98 4.75 4.79
CA TYR B 793 -24.29 5.69 3.91
C TYR B 793 -23.74 4.90 2.73
N GLY B 794 -24.02 5.37 1.53
CA GLY B 794 -23.51 4.69 0.36
C GLY B 794 -22.96 5.63 -0.69
N ILE B 795 -22.73 5.11 -1.87
CA ILE B 795 -22.42 5.92 -3.03
C ILE B 795 -23.65 5.97 -3.90
N ALA B 796 -23.77 7.02 -4.70
CA ALA B 796 -24.92 7.24 -5.56
C ALA B 796 -24.46 7.41 -6.99
N ILE B 797 -25.01 6.60 -7.90
CA ILE B 797 -24.69 6.68 -9.32
C ILE B 797 -25.97 6.84 -10.10
N GLN B 798 -25.81 7.33 -11.33
CA GLN B 798 -26.95 7.59 -12.21
C GLN B 798 -27.65 6.28 -12.54
N LYS B 799 -28.81 6.41 -13.17
CA LYS B 799 -29.75 5.30 -13.21
C LYS B 799 -29.28 4.21 -14.15
N ASP B 800 -29.29 2.97 -13.64
CA ASP B 800 -29.24 1.77 -14.47
C ASP B 800 -28.01 1.72 -15.35
N SER B 801 -26.99 2.52 -15.06
CA SER B 801 -25.77 2.45 -15.83
C SER B 801 -25.07 1.11 -15.59
N GLY B 802 -23.95 0.92 -16.26
CA GLY B 802 -23.25 -0.34 -16.18
C GLY B 802 -22.08 -0.29 -15.22
N TRP B 803 -22.28 0.34 -14.07
CA TRP B 803 -21.20 0.49 -13.09
C TRP B 803 -21.60 0.11 -11.69
N LYS B 804 -22.89 0.08 -11.37
CA LYS B 804 -23.33 -0.32 -10.05
C LYS B 804 -22.73 -1.66 -9.68
N ARG B 805 -22.88 -2.65 -10.56
CA ARG B 805 -22.39 -3.98 -10.28
C ARG B 805 -20.91 -3.96 -9.92
N GLN B 806 -20.11 -3.24 -10.70
CA GLN B 806 -18.66 -3.30 -10.49
C GLN B 806 -18.26 -2.61 -9.19
N VAL B 807 -18.75 -1.38 -8.96
CA VAL B 807 -18.35 -0.72 -7.72
C VAL B 807 -18.83 -1.51 -6.52
N ASP B 808 -19.99 -2.15 -6.64
CA ASP B 808 -20.51 -2.92 -5.51
C ASP B 808 -19.61 -4.10 -5.20
N LEU B 809 -19.28 -4.88 -6.23
CA LEU B 809 -18.31 -5.95 -6.05
C LEU B 809 -17.04 -5.44 -5.41
N ALA B 810 -16.58 -4.28 -5.84
CA ALA B 810 -15.32 -3.78 -5.32
C ALA B 810 -15.42 -3.43 -3.85
N ILE B 811 -16.53 -2.84 -3.41
CA ILE B 811 -16.59 -2.45 -2.01
C ILE B 811 -16.77 -3.66 -1.12
N LEU B 812 -17.50 -4.67 -1.58
CA LEU B 812 -17.52 -5.91 -0.81
C LEU B 812 -16.13 -6.51 -0.72
N GLN B 813 -15.39 -6.48 -1.83
CA GLN B 813 -13.99 -6.87 -1.80
C GLN B 813 -13.22 -6.10 -0.73
N LEU B 814 -13.51 -4.80 -0.60
CA LEU B 814 -12.80 -4.00 0.38
C LEU B 814 -13.12 -4.46 1.80
N PHE B 815 -14.41 -4.55 2.15
CA PHE B 815 -14.77 -5.12 3.45
C PHE B 815 -14.19 -6.50 3.66
N GLY B 816 -13.78 -7.17 2.59
CA GLY B 816 -13.14 -8.47 2.72
C GLY B 816 -11.95 -8.50 3.65
N ASP B 817 -10.86 -7.84 3.28
CA ASP B 817 -9.57 -8.05 3.95
C ASP B 817 -9.29 -7.05 5.05
N GLY B 818 -10.32 -6.36 5.55
CA GLY B 818 -10.15 -5.57 6.77
C GLY B 818 -9.47 -4.23 6.62
N GLU B 819 -9.21 -3.79 5.39
CA GLU B 819 -8.55 -2.49 5.22
C GLU B 819 -9.43 -1.34 5.68
N MET B 820 -10.73 -1.42 5.44
CA MET B 820 -11.64 -0.40 5.95
C MET B 820 -11.42 -0.13 7.42
N GLU B 821 -10.99 -1.16 8.17
CA GLU B 821 -10.79 -0.99 9.60
C GLU B 821 -9.59 -0.11 9.90
N GLU B 822 -8.48 -0.35 9.22
CA GLU B 822 -7.35 0.57 9.34
C GLU B 822 -7.78 1.98 8.98
N LEU B 823 -8.60 2.11 7.94
CA LEU B 823 -9.09 3.42 7.55
C LEU B 823 -9.84 4.09 8.69
N GLU B 824 -10.93 3.49 9.15
CA GLU B 824 -11.70 4.11 10.21
C GLU B 824 -10.87 4.30 11.47
N ALA B 825 -9.88 3.46 11.70
CA ALA B 825 -8.99 3.69 12.83
C ALA B 825 -8.16 4.94 12.63
N LEU B 826 -7.86 5.29 11.39
CA LEU B 826 -7.11 6.51 11.14
C LEU B 826 -7.98 7.75 11.12
N TRP B 827 -9.24 7.66 10.71
CA TRP B 827 -10.06 8.84 10.53
C TRP B 827 -11.34 8.85 11.35
N LEU B 828 -11.86 7.71 11.76
CA LEU B 828 -13.20 7.64 12.33
C LEU B 828 -13.20 7.49 13.85
N THR B 829 -12.57 6.45 14.37
CA THR B 829 -12.66 6.21 15.81
C THR B 829 -11.80 7.22 16.56
N GLY B 830 -12.10 7.35 17.84
CA GLY B 830 -11.24 8.00 18.79
C GLY B 830 -10.21 7.01 19.33
N ILE B 831 -9.91 7.14 20.62
CA ILE B 831 -8.99 6.23 21.28
C ILE B 831 -9.62 5.55 22.49
N CYS B 832 -10.32 6.31 23.33
CA CYS B 832 -10.58 5.89 24.70
C CYS B 832 -11.63 4.77 24.73
N HIS B 833 -11.21 3.61 25.25
CA HIS B 833 -12.08 2.48 25.60
C HIS B 833 -11.50 1.79 26.82
N ASN B 834 -12.16 1.96 27.97
CA ASN B 834 -11.84 1.17 29.17
C ASN B 834 -13.12 0.71 29.86
N GLU B 835 -14.22 1.44 29.64
CA GLU B 835 -15.57 1.05 30.03
C GLU B 835 -15.77 0.92 31.53
N LYS B 836 -14.86 1.45 32.35
CA LYS B 836 -15.01 1.32 33.79
C LYS B 836 -14.00 2.21 34.50
N ASN B 837 -14.40 2.70 35.68
CA ASN B 837 -13.52 3.39 36.60
C ASN B 837 -14.16 3.37 37.98
N GLU B 838 -13.49 4.02 38.93
CA GLU B 838 -13.93 4.02 40.32
C GLU B 838 -13.69 5.38 40.95
N VAL B 839 -14.54 5.72 41.93
CA VAL B 839 -14.49 7.00 42.62
C VAL B 839 -14.79 6.78 44.09
N MET B 840 -14.39 7.74 44.91
CA MET B 840 -14.66 7.74 46.34
C MET B 840 -15.59 8.90 46.66
N SER B 841 -16.73 8.59 47.27
CA SER B 841 -17.74 9.61 47.52
C SER B 841 -17.35 10.43 48.75
N SER B 842 -18.31 11.20 49.26
CA SER B 842 -18.10 12.02 50.45
C SER B 842 -19.24 11.73 51.43
N GLN B 843 -18.93 10.95 52.47
CA GLN B 843 -19.90 10.44 53.44
C GLN B 843 -20.82 9.44 52.75
N LEU B 844 -20.69 9.39 51.43
CA LEU B 844 -21.36 8.50 50.51
C LEU B 844 -22.83 8.83 50.33
N ASP B 845 -23.43 9.56 51.28
CA ASP B 845 -24.82 10.02 51.18
C ASP B 845 -25.27 10.63 52.49
N ILE B 846 -26.51 11.09 52.52
CA ILE B 846 -27.31 10.90 53.72
C ILE B 846 -28.25 9.72 53.52
N ASP B 847 -28.72 9.54 52.29
CA ASP B 847 -29.71 8.51 51.98
C ASP B 847 -29.13 7.11 52.13
N ASN B 848 -27.88 6.89 51.74
CA ASN B 848 -27.29 5.57 51.93
C ASN B 848 -27.13 5.25 53.41
N MET B 849 -26.79 6.26 54.21
CA MET B 849 -26.66 6.10 55.65
C MET B 849 -28.00 5.99 56.36
N ALA B 850 -29.09 6.33 55.68
CA ALA B 850 -30.40 6.34 56.31
C ALA B 850 -30.73 5.05 57.05
N GLY B 851 -30.17 3.92 56.63
CA GLY B 851 -30.50 2.66 57.29
C GLY B 851 -30.16 2.68 58.77
N VAL B 852 -29.05 3.32 59.13
CA VAL B 852 -28.68 3.33 60.53
C VAL B 852 -29.74 4.08 61.34
N PHE B 853 -30.22 5.21 60.85
CA PHE B 853 -31.25 5.92 61.57
C PHE B 853 -32.55 5.14 61.58
N TYR B 854 -32.81 4.37 60.53
CA TYR B 854 -33.96 3.48 60.53
C TYR B 854 -33.89 2.54 61.71
N MET B 855 -32.76 1.86 61.87
CA MET B 855 -32.63 0.92 62.98
C MET B 855 -32.64 1.66 64.31
N LEU B 856 -32.14 2.89 64.35
CA LEU B 856 -32.19 3.69 65.56
C LEU B 856 -33.63 3.94 65.99
N GLY B 857 -34.45 4.45 65.07
CA GLY B 857 -35.84 4.70 65.39
C GLY B 857 -36.57 3.43 65.78
N ALA B 858 -36.28 2.33 65.09
CA ALA B 858 -36.93 1.06 65.42
C ALA B 858 -36.60 0.64 66.84
N ALA B 859 -35.33 0.72 67.22
CA ALA B 859 -34.97 0.41 68.60
C ALA B 859 -35.68 1.34 69.57
N MET B 860 -35.78 2.63 69.25
CA MET B 860 -36.46 3.55 70.16
C MET B 860 -37.91 3.14 70.34
N ALA B 861 -38.57 2.73 69.25
CA ALA B 861 -39.95 2.29 69.35
C ALA B 861 -40.08 1.05 70.21
N LEU B 862 -39.18 0.08 70.02
CA LEU B 862 -39.24 -1.11 70.86
C LEU B 862 -39.00 -0.78 72.31
N SER B 863 -38.12 0.18 72.59
CA SER B 863 -37.90 0.62 73.96
C SER B 863 -39.18 1.17 74.56
N LEU B 864 -39.89 2.01 73.80
CA LEU B 864 -41.14 2.58 74.31
C LEU B 864 -42.16 1.50 74.60
N ILE B 865 -42.38 0.60 73.64
CA ILE B 865 -43.38 -0.44 73.86
C ILE B 865 -42.98 -1.35 75.01
N THR B 866 -41.69 -1.55 75.25
CA THR B 866 -41.29 -2.39 76.35
C THR B 866 -41.46 -1.70 77.69
N PHE B 867 -41.20 -0.39 77.77
CA PHE B 867 -41.53 0.33 78.99
C PHE B 867 -43.02 0.22 79.28
N ILE B 868 -43.83 0.35 78.24
CA ILE B 868 -45.27 0.20 78.44
C ILE B 868 -45.60 -1.18 78.94
N SER B 869 -45.01 -2.22 78.34
CA SER B 869 -45.29 -3.58 78.77
C SER B 869 -44.78 -3.83 80.20
N GLU B 870 -43.77 -3.08 80.65
CA GLU B 870 -43.34 -3.21 82.04
C GLU B 870 -44.32 -2.54 83.00
N HIS B 871 -44.76 -1.33 82.66
CA HIS B 871 -45.85 -0.69 83.40
C HIS B 871 -47.08 -1.59 83.43
N LEU B 872 -47.22 -2.47 82.44
CA LEU B 872 -48.27 -3.48 82.46
C LEU B 872 -47.94 -4.61 83.42
N PHE B 873 -46.76 -5.22 83.27
CA PHE B 873 -46.52 -6.52 83.87
C PHE B 873 -46.06 -6.40 85.32
N TYR B 874 -45.95 -5.18 85.84
CA TYR B 874 -45.89 -5.07 87.31
C TYR B 874 -47.18 -5.62 87.92
N TRP B 875 -48.22 -5.78 87.10
CA TRP B 875 -49.51 -6.28 87.55
C TRP B 875 -49.40 -7.62 88.27
N GLN B 876 -48.50 -8.48 87.80
CA GLN B 876 -48.42 -9.87 88.25
C GLN B 876 -48.26 -9.99 89.76
N LYS C 25 -5.61 -18.83 -75.58
CA LYS C 25 -6.06 -19.45 -74.34
C LYS C 25 -7.58 -19.36 -74.23
N ILE C 26 -8.21 -20.49 -73.91
CA ILE C 26 -9.66 -20.56 -73.75
C ILE C 26 -9.91 -21.18 -72.38
N VAL C 27 -10.08 -20.33 -71.36
CA VAL C 27 -10.24 -20.79 -69.99
C VAL C 27 -11.56 -21.53 -69.87
N ASN C 28 -11.56 -22.64 -69.13
CA ASN C 28 -12.71 -23.51 -69.01
C ASN C 28 -13.41 -23.35 -67.67
N ILE C 29 -14.71 -23.64 -67.67
CA ILE C 29 -15.53 -23.70 -66.47
C ILE C 29 -16.39 -24.95 -66.56
N GLY C 30 -16.22 -25.86 -65.61
CA GLY C 30 -16.78 -27.19 -65.74
C GLY C 30 -18.28 -27.30 -65.56
N ALA C 31 -18.98 -27.55 -66.66
CA ALA C 31 -20.41 -27.84 -66.61
C ALA C 31 -20.57 -29.24 -66.03
N VAL C 32 -20.76 -29.32 -64.72
CA VAL C 32 -20.57 -30.61 -64.07
C VAL C 32 -21.81 -31.06 -63.32
N LEU C 33 -22.63 -30.13 -62.83
CA LEU C 33 -23.85 -30.50 -62.12
C LEU C 33 -24.99 -29.61 -62.57
N SER C 34 -25.97 -30.21 -63.22
CA SER C 34 -27.27 -29.60 -63.52
C SER C 34 -28.18 -30.70 -64.02
N THR C 35 -29.34 -30.31 -64.54
CA THR C 35 -30.18 -31.23 -65.29
C THR C 35 -29.81 -31.16 -66.77
N ARG C 36 -30.08 -32.26 -67.49
CA ARG C 36 -29.77 -32.30 -68.91
C ARG C 36 -30.38 -31.11 -69.64
N LYS C 37 -31.64 -30.80 -69.35
CA LYS C 37 -32.25 -29.62 -69.92
C LYS C 37 -31.49 -28.35 -69.53
N HIS C 38 -30.99 -28.28 -68.31
CA HIS C 38 -30.25 -27.11 -67.88
C HIS C 38 -28.95 -26.91 -68.64
N GLU C 39 -28.50 -27.91 -69.39
CA GLU C 39 -27.27 -27.75 -70.17
C GLU C 39 -27.40 -26.59 -71.15
N GLN C 40 -28.61 -26.31 -71.63
CA GLN C 40 -28.79 -25.16 -72.51
C GLN C 40 -28.34 -23.87 -71.85
N MET C 41 -28.65 -23.71 -70.55
CA MET C 41 -28.21 -22.53 -69.82
C MET C 41 -26.70 -22.37 -69.87
N PHE C 42 -25.97 -23.49 -69.81
CA PHE C 42 -24.51 -23.43 -69.83
C PHE C 42 -24.00 -22.65 -71.04
N ARG C 43 -24.26 -23.16 -72.23
CA ARG C 43 -23.77 -22.51 -73.44
C ARG C 43 -24.41 -21.14 -73.62
N GLU C 44 -25.71 -21.05 -73.39
CA GLU C 44 -26.40 -19.78 -73.63
C GLU C 44 -25.87 -18.67 -72.74
N ALA C 45 -25.34 -18.99 -71.57
CA ALA C 45 -24.82 -17.96 -70.69
C ALA C 45 -23.33 -17.75 -70.88
N VAL C 46 -22.57 -18.80 -71.19
CA VAL C 46 -21.15 -18.61 -71.41
C VAL C 46 -20.94 -17.77 -72.66
N ASN C 47 -21.81 -17.91 -73.66
CA ASN C 47 -21.73 -17.02 -74.81
C ASN C 47 -22.14 -15.60 -74.43
N GLN C 48 -23.19 -15.47 -73.61
CA GLN C 48 -23.65 -14.16 -73.19
C GLN C 48 -22.62 -13.45 -72.31
N ALA C 49 -21.66 -14.20 -71.78
CA ALA C 49 -20.52 -13.60 -71.08
C ALA C 49 -19.34 -13.35 -72.00
N ASN C 50 -19.11 -14.24 -72.98
CA ASN C 50 -18.08 -13.99 -73.98
C ASN C 50 -18.34 -12.69 -74.71
N LYS C 51 -19.61 -12.38 -74.98
CA LYS C 51 -19.94 -11.07 -75.52
C LYS C 51 -19.81 -9.97 -74.49
N ARG C 52 -19.88 -10.29 -73.19
CA ARG C 52 -19.78 -9.28 -72.15
C ARG C 52 -18.36 -8.76 -72.03
N ILE C 58 -9.42 -15.27 -76.76
CA ILE C 58 -9.62 -15.71 -75.38
C ILE C 58 -11.11 -15.87 -75.09
N GLN C 59 -11.57 -17.11 -75.09
CA GLN C 59 -12.98 -17.43 -74.89
C GLN C 59 -13.12 -18.33 -73.68
N LEU C 60 -14.36 -18.75 -73.43
CA LEU C 60 -14.66 -19.66 -72.33
C LEU C 60 -15.48 -20.82 -72.87
N GLN C 61 -15.03 -22.04 -72.59
CA GLN C 61 -15.68 -23.26 -73.08
C GLN C 61 -16.10 -24.12 -71.91
N ALA C 62 -17.41 -24.24 -71.72
CA ALA C 62 -17.94 -25.14 -70.71
C ALA C 62 -17.84 -26.59 -71.16
N THR C 63 -17.75 -27.49 -70.20
CA THR C 63 -17.60 -28.92 -70.47
C THR C 63 -18.69 -29.65 -69.72
N SER C 64 -19.65 -30.20 -70.45
CA SER C 64 -20.90 -30.71 -69.89
C SER C 64 -20.73 -32.15 -69.41
N VAL C 65 -21.03 -32.38 -68.14
CA VAL C 65 -21.14 -33.72 -67.57
C VAL C 65 -22.30 -33.69 -66.57
N THR C 66 -23.09 -34.75 -66.56
CA THR C 66 -24.26 -34.81 -65.70
C THR C 66 -23.98 -35.65 -64.45
N HIS C 67 -24.53 -35.21 -63.32
CA HIS C 67 -24.41 -35.94 -62.07
C HIS C 67 -24.85 -37.39 -62.25
N LYS C 68 -24.33 -38.26 -61.39
CA LYS C 68 -24.70 -39.66 -61.40
C LYS C 68 -24.54 -40.21 -60.00
N PRO C 69 -25.23 -41.31 -59.66
CA PRO C 69 -25.09 -41.89 -58.32
C PRO C 69 -23.76 -42.63 -58.14
N ASN C 70 -23.59 -43.33 -57.02
CA ASN C 70 -22.37 -44.07 -56.71
C ASN C 70 -21.17 -43.12 -56.72
N ALA C 71 -21.23 -42.18 -55.78
CA ALA C 71 -20.33 -41.03 -55.77
C ALA C 71 -18.87 -41.40 -55.94
N ILE C 72 -18.44 -42.54 -55.39
CA ILE C 72 -17.03 -42.87 -55.40
C ILE C 72 -16.45 -42.94 -56.81
N GLN C 73 -17.29 -43.07 -57.83
CA GLN C 73 -16.81 -43.00 -59.20
C GLN C 73 -16.94 -41.61 -59.81
N MET C 74 -17.71 -40.72 -59.18
CA MET C 74 -18.02 -39.44 -59.82
C MET C 74 -16.78 -38.56 -59.91
N ALA C 75 -16.18 -38.24 -58.77
CA ALA C 75 -14.98 -37.42 -58.74
C ALA C 75 -13.89 -37.93 -59.67
N LEU C 76 -13.85 -39.24 -59.91
CA LEU C 76 -12.92 -39.79 -60.88
C LEU C 76 -13.20 -39.24 -62.27
N SER C 77 -14.46 -39.30 -62.71
CA SER C 77 -14.82 -38.70 -63.98
C SER C 77 -14.55 -37.20 -63.97
N VAL C 78 -14.75 -36.54 -62.83
CA VAL C 78 -14.47 -35.12 -62.73
C VAL C 78 -13.02 -34.82 -63.05
N CYS C 79 -12.10 -35.48 -62.36
CA CYS C 79 -10.69 -35.22 -62.65
C CYS C 79 -10.30 -35.69 -64.05
N GLU C 80 -10.93 -36.75 -64.55
CA GLU C 80 -10.60 -37.26 -65.88
C GLU C 80 -10.99 -36.28 -66.98
N ASP C 81 -12.11 -35.56 -66.81
CA ASP C 81 -12.61 -34.70 -67.87
C ASP C 81 -12.35 -33.23 -67.59
N LEU C 82 -12.83 -32.72 -66.46
CA LEU C 82 -12.76 -31.28 -66.20
C LEU C 82 -11.36 -30.83 -65.83
N ILE C 83 -10.74 -31.52 -64.87
CA ILE C 83 -9.37 -31.18 -64.50
C ILE C 83 -8.44 -31.40 -65.68
N SER C 84 -8.77 -32.35 -66.56
CA SER C 84 -8.03 -32.47 -67.81
C SER C 84 -8.42 -31.40 -68.82
N SER C 85 -9.35 -30.50 -68.47
CA SER C 85 -9.76 -29.42 -69.35
C SER C 85 -9.34 -28.05 -68.83
N GLN C 86 -8.58 -28.01 -67.74
CA GLN C 86 -7.99 -26.78 -67.20
C GLN C 86 -9.06 -25.76 -66.81
N VAL C 87 -9.95 -26.20 -65.94
CA VAL C 87 -11.01 -25.33 -65.43
C VAL C 87 -10.44 -24.44 -64.34
N TYR C 88 -10.83 -23.16 -64.34
CA TYR C 88 -10.32 -22.20 -63.38
C TYR C 88 -11.35 -21.76 -62.36
N ALA C 89 -12.58 -22.27 -62.46
CA ALA C 89 -13.63 -22.02 -61.48
C ALA C 89 -14.79 -22.97 -61.80
N ILE C 90 -15.31 -23.62 -60.76
CA ILE C 90 -16.28 -24.69 -60.94
C ILE C 90 -17.59 -24.30 -60.26
N LEU C 91 -18.71 -24.56 -60.93
CA LEU C 91 -20.02 -24.40 -60.34
C LEU C 91 -20.61 -25.77 -60.06
N VAL C 92 -21.29 -25.91 -58.92
CA VAL C 92 -21.88 -27.17 -58.50
C VAL C 92 -23.26 -26.88 -57.91
N SER C 93 -24.22 -27.72 -58.26
CA SER C 93 -25.61 -27.55 -57.86
C SER C 93 -26.10 -28.83 -57.19
N HIS C 94 -27.36 -28.82 -56.78
CA HIS C 94 -27.93 -29.99 -56.15
C HIS C 94 -28.98 -30.62 -57.05
N PRO C 95 -28.98 -31.95 -57.15
CA PRO C 95 -30.09 -32.64 -57.81
C PRO C 95 -31.35 -32.51 -56.99
N PRO C 96 -32.51 -32.87 -57.55
CA PRO C 96 -33.75 -32.79 -56.75
C PRO C 96 -33.76 -33.79 -55.61
N THR C 97 -33.26 -34.99 -55.82
CA THR C 97 -33.13 -35.94 -54.73
C THR C 97 -32.05 -35.46 -53.77
N PRO C 98 -32.40 -35.08 -52.54
CA PRO C 98 -31.40 -34.48 -51.64
C PRO C 98 -30.29 -35.45 -51.24
N ASN C 99 -30.68 -36.61 -50.69
CA ASN C 99 -29.76 -37.61 -50.14
C ASN C 99 -29.06 -37.09 -48.89
N ASP C 100 -29.29 -35.81 -48.58
CA ASP C 100 -28.99 -35.20 -47.29
C ASP C 100 -27.50 -35.00 -47.05
N HIS C 101 -26.65 -35.58 -47.89
CA HIS C 101 -25.22 -35.31 -47.76
C HIS C 101 -24.52 -35.27 -49.11
N PHE C 102 -25.25 -35.55 -50.19
CA PHE C 102 -24.58 -36.01 -51.40
C PHE C 102 -23.95 -34.89 -52.22
N THR C 103 -24.69 -33.84 -52.51
CA THR C 103 -24.35 -33.03 -53.67
C THR C 103 -23.00 -32.33 -53.63
N PRO C 104 -22.49 -31.84 -52.51
CA PRO C 104 -21.28 -31.05 -52.61
C PRO C 104 -19.98 -31.79 -52.29
N THR C 105 -20.05 -32.99 -51.71
CA THR C 105 -18.85 -33.54 -51.08
C THR C 105 -17.79 -33.98 -52.08
N PRO C 106 -18.02 -34.99 -52.93
CA PRO C 106 -16.89 -35.53 -53.68
C PRO C 106 -16.25 -34.50 -54.59
N VAL C 107 -16.96 -33.43 -54.90
CA VAL C 107 -16.41 -32.39 -55.74
C VAL C 107 -15.74 -31.29 -54.93
N SER C 108 -16.15 -31.09 -53.69
CA SER C 108 -15.48 -30.08 -52.87
C SER C 108 -14.11 -30.52 -52.42
N TYR C 109 -13.64 -31.67 -52.90
CA TYR C 109 -12.36 -32.22 -52.48
C TYR C 109 -11.34 -32.30 -53.61
N THR C 110 -11.75 -32.84 -54.76
CA THR C 110 -10.80 -33.00 -55.87
C THR C 110 -10.28 -31.66 -56.33
N ALA C 111 -11.13 -30.81 -56.90
CA ALA C 111 -10.70 -29.44 -57.14
C ALA C 111 -10.35 -28.74 -55.85
N GLY C 112 -10.98 -29.14 -54.75
CA GLY C 112 -10.58 -28.66 -53.45
C GLY C 112 -9.21 -29.11 -53.01
N PHE C 113 -8.65 -30.13 -53.66
CA PHE C 113 -7.29 -30.55 -53.35
C PHE C 113 -6.34 -29.36 -53.36
N TYR C 114 -6.44 -28.52 -54.39
CA TYR C 114 -5.53 -27.39 -54.55
C TYR C 114 -6.28 -26.14 -55.00
N ARG C 115 -6.75 -25.38 -54.01
CA ARG C 115 -7.13 -23.97 -54.16
C ARG C 115 -7.78 -23.63 -55.49
N ILE C 116 -8.76 -24.46 -55.88
CA ILE C 116 -9.57 -24.20 -57.07
C ILE C 116 -10.92 -23.66 -56.60
N PRO C 117 -11.25 -22.40 -56.88
CA PRO C 117 -12.53 -21.84 -56.42
C PRO C 117 -13.70 -22.58 -57.05
N VAL C 118 -14.53 -23.18 -56.19
CA VAL C 118 -15.71 -23.93 -56.61
C VAL C 118 -16.94 -23.18 -56.12
N LEU C 119 -18.04 -23.30 -56.86
CA LEU C 119 -19.26 -22.55 -56.58
C LEU C 119 -20.42 -23.51 -56.36
N GLY C 120 -21.14 -23.32 -55.27
CA GLY C 120 -22.26 -24.16 -54.91
C GLY C 120 -23.59 -23.56 -55.31
N LEU C 121 -24.55 -24.43 -55.59
CA LEU C 121 -25.88 -24.00 -56.02
C LEU C 121 -26.95 -24.88 -55.39
N THR C 122 -28.09 -24.26 -55.07
CA THR C 122 -29.26 -24.85 -54.41
C THR C 122 -28.93 -25.88 -53.34
N THR C 123 -28.15 -25.49 -52.34
CA THR C 123 -28.02 -26.24 -51.11
C THR C 123 -27.66 -25.29 -49.99
N ARG C 124 -28.27 -25.48 -48.83
CA ARG C 124 -28.18 -24.50 -47.76
C ARG C 124 -27.71 -25.10 -46.44
N MET C 125 -27.07 -26.27 -46.48
CA MET C 125 -26.61 -26.92 -45.27
C MET C 125 -25.34 -26.24 -44.77
N SER C 126 -25.35 -25.84 -43.50
CA SER C 126 -24.34 -24.96 -42.94
C SER C 126 -23.03 -25.64 -42.63
N ILE C 127 -22.88 -26.93 -42.95
CA ILE C 127 -21.60 -27.57 -42.75
C ILE C 127 -20.52 -26.91 -43.61
N TYR C 128 -20.90 -26.38 -44.77
CA TYR C 128 -19.95 -25.95 -45.77
C TYR C 128 -19.44 -24.54 -45.55
N SER C 129 -19.83 -23.88 -44.48
CA SER C 129 -19.32 -22.55 -44.19
C SER C 129 -17.86 -22.56 -43.77
N ASP C 130 -17.26 -23.74 -43.66
CA ASP C 130 -15.93 -23.86 -43.08
C ASP C 130 -14.89 -23.17 -43.95
N LYS C 131 -13.84 -22.65 -43.32
CA LYS C 131 -12.73 -22.02 -44.02
C LYS C 131 -11.44 -22.80 -43.86
N SER C 132 -11.46 -23.94 -43.19
CA SER C 132 -10.27 -24.79 -43.11
C SER C 132 -10.61 -26.27 -43.24
N ILE C 133 -11.83 -26.61 -43.63
CA ILE C 133 -12.16 -27.95 -44.11
C ILE C 133 -12.34 -27.97 -45.60
N HIS C 134 -13.33 -27.25 -46.10
CA HIS C 134 -13.44 -26.98 -47.52
C HIS C 134 -12.66 -25.70 -47.76
N LEU C 135 -11.45 -25.85 -48.29
CA LEU C 135 -10.52 -24.73 -48.33
C LEU C 135 -10.93 -23.65 -49.31
N SER C 136 -11.67 -23.99 -50.36
CA SER C 136 -11.93 -23.04 -51.42
C SER C 136 -13.37 -23.13 -51.90
N PHE C 137 -14.32 -23.24 -50.98
CA PHE C 137 -15.72 -23.33 -51.33
C PHE C 137 -16.38 -21.99 -51.09
N LEU C 138 -16.83 -21.35 -52.16
CA LEU C 138 -17.68 -20.18 -52.06
C LEU C 138 -19.10 -20.55 -52.46
N ARG C 139 -20.06 -19.83 -51.90
CA ARG C 139 -21.46 -20.14 -52.14
C ARG C 139 -22.23 -18.87 -52.47
N THR C 140 -23.05 -18.96 -53.51
CA THR C 140 -23.87 -17.84 -53.95
C THR C 140 -25.28 -17.88 -53.37
N VAL C 141 -25.68 -18.97 -52.74
CA VAL C 141 -26.99 -19.11 -52.12
C VAL C 141 -26.82 -19.08 -50.61
N PRO C 142 -27.60 -18.29 -49.88
CA PRO C 142 -27.45 -18.24 -48.42
C PRO C 142 -27.91 -19.53 -47.78
N PRO C 143 -27.18 -20.02 -46.78
CA PRO C 143 -27.50 -21.34 -46.21
C PRO C 143 -28.68 -21.32 -45.26
N TYR C 144 -28.96 -22.47 -44.62
CA TYR C 144 -30.05 -22.60 -43.66
C TYR C 144 -29.72 -21.98 -42.31
N SER C 145 -28.66 -21.19 -42.22
CA SER C 145 -28.18 -20.73 -40.93
C SER C 145 -28.60 -19.31 -40.58
N HIS C 146 -28.20 -18.33 -41.38
CA HIS C 146 -28.38 -16.93 -41.04
C HIS C 146 -29.81 -16.55 -40.73
N GLN C 147 -30.76 -17.42 -41.04
CA GLN C 147 -32.15 -17.20 -40.68
C GLN C 147 -32.36 -17.06 -39.19
N SER C 148 -31.29 -17.11 -38.39
CA SER C 148 -31.35 -16.56 -37.06
C SER C 148 -31.33 -15.05 -37.09
N SER C 149 -30.51 -14.46 -37.96
CA SER C 149 -30.35 -13.00 -37.97
C SER C 149 -31.67 -12.29 -38.16
N VAL C 150 -32.57 -12.87 -38.96
CA VAL C 150 -33.92 -12.31 -39.06
C VAL C 150 -34.59 -12.32 -37.71
N TRP C 151 -34.60 -13.48 -37.04
CA TRP C 151 -35.29 -13.59 -35.76
C TRP C 151 -34.80 -12.58 -34.75
N PHE C 152 -33.53 -12.18 -34.80
CA PHE C 152 -33.04 -11.23 -33.82
C PHE C 152 -33.73 -9.88 -33.96
N GLU C 153 -34.13 -9.51 -35.16
CA GLU C 153 -34.76 -8.22 -35.38
C GLU C 153 -36.27 -8.30 -35.40
N MET C 154 -36.81 -9.41 -35.91
CA MET C 154 -38.25 -9.62 -35.87
C MET C 154 -38.81 -9.39 -34.48
N MET C 155 -38.13 -9.91 -33.46
CA MET C 155 -38.53 -9.63 -32.10
C MET C 155 -38.23 -8.19 -31.69
N ARG C 156 -37.26 -7.55 -32.32
CA ARG C 156 -36.99 -6.15 -31.99
C ARG C 156 -38.07 -5.22 -32.51
N VAL C 157 -38.94 -5.71 -33.39
CA VAL C 157 -40.05 -4.89 -33.84
C VAL C 157 -41.17 -4.89 -32.81
N TYR C 158 -41.17 -5.86 -31.92
CA TYR C 158 -42.27 -6.03 -30.97
C TYR C 158 -41.80 -6.31 -29.55
N ASN C 159 -40.50 -6.22 -29.27
CA ASN C 159 -39.97 -6.15 -27.92
C ASN C 159 -40.22 -7.44 -27.12
N TRP C 160 -40.09 -8.59 -27.76
CA TRP C 160 -40.30 -9.87 -27.07
C TRP C 160 -38.97 -10.26 -26.42
N ASN C 161 -38.55 -9.44 -25.46
CA ASN C 161 -37.20 -9.50 -24.92
C ASN C 161 -36.87 -10.89 -24.38
N HIS C 162 -37.61 -11.34 -23.38
CA HIS C 162 -37.37 -12.67 -22.84
C HIS C 162 -37.58 -13.72 -23.92
N ILE C 163 -36.74 -14.75 -23.91
CA ILE C 163 -36.56 -15.60 -25.07
C ILE C 163 -36.14 -17.01 -24.67
N ILE C 164 -36.33 -17.94 -25.61
CA ILE C 164 -36.07 -19.35 -25.39
C ILE C 164 -35.59 -19.96 -26.71
N LEU C 165 -34.71 -20.95 -26.63
CA LEU C 165 -34.16 -21.60 -27.81
C LEU C 165 -34.23 -23.11 -27.67
N LEU C 166 -34.49 -23.78 -28.78
CA LEU C 166 -34.47 -25.24 -28.87
C LEU C 166 -33.72 -25.62 -30.13
N VAL C 167 -32.66 -26.43 -29.98
CA VAL C 167 -31.78 -26.76 -31.09
C VAL C 167 -31.60 -28.27 -31.12
N SER C 168 -31.44 -28.82 -32.32
CA SER C 168 -31.06 -30.21 -32.46
C SER C 168 -29.69 -30.45 -31.84
N ASP C 169 -29.37 -31.72 -31.62
CA ASP C 169 -28.20 -32.06 -30.84
C ASP C 169 -26.93 -32.18 -31.68
N ASP C 170 -27.04 -32.44 -32.98
CA ASP C 170 -25.89 -32.68 -33.83
C ASP C 170 -25.42 -31.37 -34.46
N HIS C 171 -24.42 -31.48 -35.34
CA HIS C 171 -23.83 -30.27 -35.93
C HIS C 171 -24.82 -29.48 -36.75
N GLU C 172 -25.86 -30.12 -37.27
CA GLU C 172 -26.79 -29.45 -38.18
C GLU C 172 -27.38 -28.18 -37.58
N GLY C 173 -27.33 -28.01 -36.26
CA GLY C 173 -27.90 -26.83 -35.64
C GLY C 173 -26.96 -26.11 -34.71
N ARG C 174 -25.90 -26.81 -34.28
CA ARG C 174 -24.91 -26.16 -33.42
C ARG C 174 -24.53 -24.80 -33.95
N ALA C 175 -24.37 -24.68 -35.27
CA ALA C 175 -24.09 -23.38 -35.86
C ALA C 175 -25.19 -22.38 -35.56
N ALA C 176 -26.45 -22.80 -35.69
CA ALA C 176 -27.55 -21.88 -35.43
C ALA C 176 -27.48 -21.38 -34.00
N GLN C 177 -27.33 -22.28 -33.04
CA GLN C 177 -27.17 -21.86 -31.66
C GLN C 177 -26.04 -20.87 -31.51
N LYS C 178 -24.87 -21.21 -32.03
CA LYS C 178 -23.69 -20.37 -31.83
C LYS C 178 -23.90 -18.98 -32.39
N ARG C 179 -24.40 -18.90 -33.62
CA ARG C 179 -24.52 -17.60 -34.26
C ARG C 179 -25.60 -16.75 -33.63
N LEU C 180 -26.73 -17.35 -33.27
CA LEU C 180 -27.72 -16.57 -32.52
C LEU C 180 -27.12 -16.05 -31.23
N GLU C 181 -26.29 -16.84 -30.57
CA GLU C 181 -25.68 -16.38 -29.33
C GLU C 181 -24.73 -15.21 -29.58
N THR C 182 -23.90 -15.30 -30.63
CA THR C 182 -23.05 -14.17 -30.98
C THR C 182 -23.90 -12.92 -31.20
N LEU C 183 -25.02 -13.07 -31.90
CA LEU C 183 -25.86 -11.90 -32.10
C LEU C 183 -26.50 -11.41 -30.82
N LEU C 184 -26.73 -12.30 -29.86
CA LEU C 184 -27.40 -11.93 -28.63
C LEU C 184 -26.45 -11.42 -27.56
N GLU C 185 -25.14 -11.54 -27.76
CA GLU C 185 -24.20 -10.93 -26.84
C GLU C 185 -23.88 -9.48 -27.20
N GLU C 186 -24.44 -8.97 -28.29
CA GLU C 186 -24.21 -7.60 -28.71
C GLU C 186 -25.03 -6.66 -27.85
N ARG C 187 -25.15 -5.40 -28.29
CA ARG C 187 -25.96 -4.39 -27.62
C ARG C 187 -25.50 -4.18 -26.17
N GLU C 188 -24.29 -3.63 -26.07
CA GLU C 188 -23.71 -3.27 -24.79
C GLU C 188 -23.63 -1.75 -24.64
N SER C 189 -23.47 -1.31 -23.40
CA SER C 189 -23.34 0.10 -23.05
C SER C 189 -22.05 0.28 -22.24
N LYS C 190 -20.96 0.52 -22.95
CA LYS C 190 -19.63 0.68 -22.34
C LYS C 190 -19.23 -0.55 -21.54
N LYS C 207 -33.63 0.42 -20.35
CA LYS C 207 -34.60 -0.52 -20.89
C LYS C 207 -33.94 -1.86 -21.22
N ARG C 208 -34.37 -2.91 -20.53
CA ARG C 208 -33.80 -4.25 -20.70
C ARG C 208 -34.33 -4.85 -21.99
N GLY C 209 -33.49 -4.87 -23.03
CA GLY C 209 -33.87 -5.41 -24.31
C GLY C 209 -33.77 -6.92 -24.33
N PRO C 210 -33.38 -7.47 -25.48
CA PRO C 210 -33.29 -8.94 -25.60
C PRO C 210 -32.21 -9.47 -24.67
N LYS C 211 -32.62 -10.35 -23.77
CA LYS C 211 -31.68 -11.04 -22.86
C LYS C 211 -31.97 -12.52 -22.93
N ALA C 212 -31.03 -13.29 -23.45
CA ALA C 212 -31.18 -14.73 -23.52
C ALA C 212 -31.50 -15.28 -22.14
N GLU C 213 -32.25 -16.39 -22.12
CA GLU C 213 -32.78 -16.92 -20.87
C GLU C 213 -32.58 -18.41 -20.70
N LYS C 214 -32.37 -19.17 -21.77
CA LYS C 214 -32.36 -20.61 -21.63
C LYS C 214 -31.77 -21.20 -22.90
N VAL C 215 -31.43 -22.48 -22.82
CA VAL C 215 -31.02 -23.27 -23.97
C VAL C 215 -31.34 -24.72 -23.65
N LEU C 216 -31.57 -25.51 -24.69
CA LEU C 216 -31.85 -26.92 -24.52
C LEU C 216 -31.09 -27.70 -25.59
N GLN C 217 -31.07 -29.01 -25.43
CA GLN C 217 -30.52 -29.89 -26.44
C GLN C 217 -31.60 -30.87 -26.87
N PHE C 218 -31.31 -31.59 -27.94
CA PHE C 218 -32.32 -32.46 -28.54
C PHE C 218 -31.82 -33.89 -28.64
N ASP C 219 -32.58 -34.67 -29.39
CA ASP C 219 -32.33 -35.99 -29.89
C ASP C 219 -32.32 -35.95 -31.41
N PRO C 220 -31.62 -36.87 -32.06
CA PRO C 220 -31.62 -36.88 -33.52
C PRO C 220 -32.84 -37.58 -34.09
N GLY C 221 -33.87 -37.77 -33.25
CA GLY C 221 -35.09 -38.41 -33.69
C GLY C 221 -35.39 -39.73 -33.03
N THR C 222 -36.28 -39.71 -32.04
CA THR C 222 -36.67 -40.91 -31.30
C THR C 222 -38.03 -40.64 -30.66
N LYS C 223 -38.36 -41.46 -29.66
CA LYS C 223 -39.67 -41.40 -29.01
C LYS C 223 -39.82 -40.14 -28.17
N ASN C 224 -40.90 -40.08 -27.37
CA ASN C 224 -41.30 -38.84 -26.73
C ASN C 224 -40.17 -38.23 -25.90
N VAL C 225 -39.92 -36.94 -26.12
CA VAL C 225 -38.93 -36.19 -25.37
C VAL C 225 -39.68 -35.08 -24.62
N THR C 226 -40.90 -35.40 -24.20
CA THR C 226 -41.75 -34.46 -23.50
C THR C 226 -41.06 -33.78 -22.33
N ALA C 227 -40.14 -34.47 -21.64
CA ALA C 227 -39.48 -33.87 -20.49
C ALA C 227 -38.93 -32.49 -20.80
N LEU C 228 -38.39 -32.32 -22.00
CA LEU C 228 -38.02 -30.99 -22.47
C LEU C 228 -39.22 -30.05 -22.38
N LEU C 229 -40.31 -30.40 -23.05
CA LEU C 229 -41.51 -29.57 -22.98
C LEU C 229 -41.99 -29.42 -21.55
N MET C 230 -41.83 -30.46 -20.73
CA MET C 230 -42.23 -30.35 -19.33
C MET C 230 -41.52 -29.18 -18.68
N GLU C 231 -40.20 -29.27 -18.55
CA GLU C 231 -39.47 -28.17 -17.92
C GLU C 231 -39.61 -26.87 -18.68
N ALA C 232 -39.98 -26.92 -19.95
CA ALA C 232 -40.23 -25.69 -20.70
C ALA C 232 -41.44 -24.96 -20.14
N ARG C 233 -42.59 -25.64 -20.10
CA ARG C 233 -43.76 -25.04 -19.49
C ARG C 233 -43.50 -24.69 -18.03
N GLU C 234 -42.65 -25.45 -17.35
CA GLU C 234 -42.24 -25.06 -16.00
C GLU C 234 -41.53 -23.71 -16.00
N LEU C 235 -40.91 -23.32 -17.10
CA LEU C 235 -40.41 -21.97 -17.24
C LEU C 235 -41.54 -21.05 -17.68
N GLU C 236 -41.43 -19.79 -17.31
CA GLU C 236 -42.54 -18.86 -17.43
C GLU C 236 -42.54 -18.07 -18.73
N ALA C 237 -41.48 -18.12 -19.51
CA ALA C 237 -41.44 -17.36 -20.75
C ALA C 237 -42.43 -17.94 -21.77
N ARG C 238 -42.57 -17.27 -22.89
CA ARG C 238 -43.57 -17.68 -23.88
C ARG C 238 -43.01 -18.03 -25.23
N VAL C 239 -42.09 -17.23 -25.78
CA VAL C 239 -41.62 -17.46 -27.15
C VAL C 239 -40.99 -18.84 -27.26
N ILE C 240 -40.96 -19.35 -28.48
CA ILE C 240 -40.40 -20.67 -28.74
C ILE C 240 -39.75 -20.64 -30.12
N ILE C 241 -38.45 -20.81 -30.18
CA ILE C 241 -37.72 -20.88 -31.43
C ILE C 241 -37.33 -22.32 -31.67
N LEU C 242 -37.22 -22.70 -32.93
CA LEU C 242 -36.82 -24.04 -33.28
C LEU C 242 -36.16 -24.02 -34.64
N SER C 243 -34.96 -24.59 -34.73
CA SER C 243 -34.28 -24.82 -36.00
C SER C 243 -33.91 -26.29 -36.04
N ALA C 244 -34.71 -27.09 -36.73
CA ALA C 244 -34.63 -28.54 -36.60
C ALA C 244 -34.76 -29.17 -37.96
N SER C 245 -34.98 -30.48 -37.97
CA SER C 245 -35.23 -31.22 -39.20
C SER C 245 -36.72 -31.45 -39.38
N GLU C 246 -37.08 -31.90 -40.58
CA GLU C 246 -38.48 -32.16 -40.88
C GLU C 246 -39.05 -33.28 -40.02
N ASP C 247 -38.29 -34.36 -39.83
CA ASP C 247 -38.77 -35.45 -38.99
C ASP C 247 -39.00 -34.99 -37.56
N ASP C 248 -38.35 -33.90 -37.14
CA ASP C 248 -38.59 -33.36 -35.81
C ASP C 248 -39.97 -32.75 -35.67
N ALA C 249 -40.64 -32.47 -36.79
CA ALA C 249 -41.92 -31.77 -36.73
C ALA C 249 -42.94 -32.56 -35.93
N ALA C 250 -43.09 -33.86 -36.20
CA ALA C 250 -44.05 -34.65 -35.46
C ALA C 250 -43.68 -34.70 -33.98
N THR C 251 -42.45 -35.09 -33.68
CA THR C 251 -42.03 -35.24 -32.30
C THR C 251 -42.23 -33.97 -31.50
N VAL C 252 -42.10 -32.81 -32.14
CA VAL C 252 -42.35 -31.58 -31.38
C VAL C 252 -43.83 -31.26 -31.35
N TYR C 253 -44.54 -31.47 -32.46
CA TYR C 253 -45.87 -30.90 -32.61
C TYR C 253 -46.93 -31.74 -31.90
N ARG C 254 -46.87 -33.05 -32.06
CA ARG C 254 -47.81 -33.90 -31.31
C ARG C 254 -47.65 -33.68 -29.81
N ALA C 255 -46.41 -33.53 -29.36
CA ALA C 255 -46.15 -33.33 -27.94
C ALA C 255 -46.65 -31.97 -27.48
N ALA C 256 -46.35 -30.90 -28.21
CA ALA C 256 -46.85 -29.59 -27.84
C ALA C 256 -48.37 -29.52 -27.90
N ALA C 257 -48.99 -30.29 -28.79
CA ALA C 257 -50.44 -30.35 -28.84
C ALA C 257 -51.00 -30.99 -27.58
N MET C 258 -50.52 -32.19 -27.26
CA MET C 258 -51.06 -32.89 -26.10
C MET C 258 -50.73 -32.17 -24.80
N LEU C 259 -49.59 -31.48 -24.72
CA LEU C 259 -49.12 -30.89 -23.49
C LEU C 259 -49.53 -29.43 -23.33
N ASP C 260 -50.33 -28.90 -24.25
CA ASP C 260 -50.85 -27.53 -24.15
C ASP C 260 -49.71 -26.51 -24.06
N MET C 261 -48.95 -26.43 -25.14
CA MET C 261 -48.03 -25.32 -25.33
C MET C 261 -48.47 -24.37 -26.42
N THR C 262 -49.29 -24.85 -27.35
CA THR C 262 -49.90 -24.02 -28.38
C THR C 262 -51.14 -23.29 -27.88
N GLY C 263 -51.32 -23.20 -26.56
CA GLY C 263 -52.43 -22.46 -26.00
C GLY C 263 -52.33 -20.99 -26.32
N SER C 264 -53.31 -20.20 -25.87
CA SER C 264 -53.33 -18.79 -26.19
C SER C 264 -52.04 -18.12 -25.75
N GLY C 265 -51.54 -17.19 -26.55
CA GLY C 265 -50.34 -16.45 -26.24
C GLY C 265 -49.09 -17.31 -26.23
N TYR C 266 -48.73 -17.87 -27.38
CA TYR C 266 -47.47 -18.62 -27.49
C TYR C 266 -46.96 -18.47 -28.92
N VAL C 267 -46.11 -17.45 -29.13
CA VAL C 267 -45.59 -17.17 -30.45
C VAL C 267 -44.66 -18.31 -30.87
N TRP C 268 -44.64 -18.61 -32.16
CA TRP C 268 -43.87 -19.72 -32.71
C TRP C 268 -43.26 -19.31 -34.03
N LEU C 269 -42.03 -18.82 -34.01
CA LEU C 269 -41.25 -18.64 -35.22
C LEU C 269 -40.31 -19.84 -35.37
N VAL C 270 -40.22 -20.36 -36.58
CA VAL C 270 -39.58 -21.65 -36.82
C VAL C 270 -38.79 -21.57 -38.11
N GLY C 271 -37.70 -22.33 -38.19
CA GLY C 271 -36.90 -22.36 -39.40
C GLY C 271 -37.64 -23.02 -40.54
N GLU C 272 -37.16 -22.73 -41.76
CA GLU C 272 -37.85 -23.13 -42.97
C GLU C 272 -37.98 -24.64 -43.12
N ARG C 273 -36.92 -25.39 -42.84
CA ARG C 273 -36.97 -26.83 -43.10
C ARG C 273 -37.99 -27.55 -42.25
N GLU C 274 -38.66 -26.84 -41.33
CA GLU C 274 -39.73 -27.47 -40.58
C GLU C 274 -41.10 -27.13 -41.17
N ILE C 275 -41.27 -25.93 -41.73
CA ILE C 275 -42.56 -25.53 -42.25
C ILE C 275 -42.83 -26.07 -43.64
N SER C 276 -41.97 -26.97 -44.14
CA SER C 276 -42.14 -27.43 -45.51
C SER C 276 -43.16 -28.56 -45.60
N GLY C 277 -42.84 -29.73 -45.05
CA GLY C 277 -43.64 -30.90 -45.30
C GLY C 277 -44.72 -31.23 -44.29
N ASN C 278 -44.34 -31.39 -43.04
CA ASN C 278 -45.30 -31.82 -42.03
C ASN C 278 -46.04 -30.66 -41.38
N ALA C 279 -45.56 -29.43 -41.53
CA ALA C 279 -46.37 -28.29 -41.16
C ALA C 279 -47.67 -28.28 -41.95
N LEU C 280 -47.66 -28.86 -43.14
CA LEU C 280 -48.85 -29.07 -43.92
C LEU C 280 -49.44 -30.46 -43.70
N ARG C 281 -48.59 -31.45 -43.45
CA ARG C 281 -49.09 -32.80 -43.16
C ARG C 281 -49.63 -32.90 -41.74
N TYR C 282 -48.94 -32.30 -40.77
CA TYR C 282 -49.41 -32.28 -39.39
C TYR C 282 -49.73 -30.85 -38.98
N ALA C 283 -50.02 -30.63 -37.70
CA ALA C 283 -50.65 -29.39 -37.26
C ALA C 283 -49.76 -28.60 -36.31
N PRO C 284 -48.95 -27.68 -36.83
CA PRO C 284 -48.47 -26.54 -36.02
C PRO C 284 -49.39 -25.34 -36.20
N ASP C 285 -50.65 -25.51 -35.82
CA ASP C 285 -51.67 -24.53 -36.15
C ASP C 285 -51.34 -23.19 -35.51
N GLY C 286 -51.33 -22.13 -36.31
CA GLY C 286 -51.00 -20.81 -35.82
C GLY C 286 -49.54 -20.62 -35.48
N ILE C 287 -48.67 -20.57 -36.49
CA ILE C 287 -47.25 -20.34 -36.28
C ILE C 287 -46.76 -19.31 -37.30
N ILE C 288 -45.46 -19.07 -37.29
CA ILE C 288 -44.82 -18.11 -38.17
C ILE C 288 -43.50 -18.68 -38.66
N GLY C 289 -43.21 -18.51 -39.95
CA GLY C 289 -41.95 -18.95 -40.52
C GLY C 289 -41.46 -17.97 -41.57
N LEU C 290 -40.25 -18.22 -42.05
CA LEU C 290 -39.66 -17.42 -43.10
C LEU C 290 -39.80 -18.14 -44.44
N GLN C 291 -39.60 -17.40 -45.53
CA GLN C 291 -39.55 -18.02 -46.85
C GLN C 291 -38.60 -17.23 -47.75
N LEU C 292 -37.81 -17.96 -48.52
CA LEU C 292 -36.79 -17.39 -49.39
C LEU C 292 -37.39 -16.91 -50.70
N ILE C 293 -36.68 -15.99 -51.35
CA ILE C 293 -37.18 -15.41 -52.59
C ILE C 293 -36.89 -16.32 -53.78
N ASN C 294 -35.72 -16.95 -53.81
CA ASN C 294 -35.31 -17.70 -54.99
C ASN C 294 -36.03 -19.04 -55.10
N GLY C 295 -36.01 -19.84 -54.04
CA GLY C 295 -36.55 -21.18 -54.13
C GLY C 295 -35.63 -22.04 -54.96
N LYS C 296 -36.04 -22.37 -56.19
CA LYS C 296 -35.18 -23.09 -57.10
C LYS C 296 -35.62 -22.78 -58.53
N ASN C 297 -34.90 -21.88 -59.20
CA ASN C 297 -35.06 -21.62 -60.62
C ASN C 297 -33.67 -21.67 -61.24
N GLU C 298 -33.33 -22.81 -61.85
CA GLU C 298 -31.99 -23.04 -62.35
C GLU C 298 -31.50 -21.92 -63.26
N SER C 299 -32.40 -21.31 -64.02
CA SER C 299 -32.00 -20.36 -65.06
C SER C 299 -31.32 -19.12 -64.51
N ALA C 300 -31.68 -18.66 -63.31
CA ALA C 300 -31.25 -17.35 -62.87
C ALA C 300 -29.82 -17.35 -62.34
N HIS C 301 -29.61 -18.10 -61.26
CA HIS C 301 -28.32 -18.08 -60.58
C HIS C 301 -27.19 -18.59 -61.45
N ILE C 302 -27.46 -19.50 -62.38
CA ILE C 302 -26.42 -19.92 -63.32
C ILE C 302 -25.90 -18.73 -64.08
N SER C 303 -26.80 -17.93 -64.63
CA SER C 303 -26.39 -16.69 -65.28
C SER C 303 -25.67 -15.77 -64.31
N ASP C 304 -26.12 -15.70 -63.07
CA ASP C 304 -25.44 -14.88 -62.08
C ASP C 304 -23.97 -15.29 -61.96
N ALA C 305 -23.72 -16.59 -61.82
CA ALA C 305 -22.36 -17.08 -61.64
C ALA C 305 -21.53 -16.87 -62.89
N VAL C 306 -22.13 -17.05 -64.07
CA VAL C 306 -21.39 -16.79 -65.30
C VAL C 306 -21.00 -15.33 -65.38
N GLY C 307 -21.89 -14.43 -64.94
CA GLY C 307 -21.53 -13.03 -64.89
C GLY C 307 -20.41 -12.75 -63.91
N VAL C 308 -20.42 -13.44 -62.78
CA VAL C 308 -19.32 -13.30 -61.82
C VAL C 308 -18.00 -13.70 -62.45
N VAL C 309 -17.96 -14.87 -63.08
CA VAL C 309 -16.69 -15.36 -63.62
C VAL C 309 -16.24 -14.47 -64.79
N ALA C 310 -17.18 -13.93 -65.56
CA ALA C 310 -16.82 -13.00 -66.62
C ALA C 310 -16.25 -11.72 -66.04
N GLN C 311 -16.83 -11.23 -64.95
CA GLN C 311 -16.24 -10.10 -64.26
C GLN C 311 -14.85 -10.44 -63.73
N ALA C 312 -14.60 -11.72 -63.44
CA ALA C 312 -13.36 -12.10 -62.79
C ALA C 312 -12.20 -12.37 -63.75
N VAL C 313 -12.47 -12.69 -65.01
CA VAL C 313 -11.38 -13.07 -65.92
C VAL C 313 -10.39 -11.93 -66.10
N HIS C 314 -10.87 -10.69 -66.31
CA HIS C 314 -9.95 -9.57 -66.53
C HIS C 314 -9.10 -9.30 -65.31
N GLU C 315 -9.74 -9.15 -64.15
CA GLU C 315 -8.99 -8.95 -62.92
C GLU C 315 -8.11 -10.13 -62.57
N LEU C 316 -8.32 -11.30 -63.19
CA LEU C 316 -7.30 -12.34 -63.12
C LEU C 316 -6.12 -11.99 -64.01
N LEU C 317 -6.41 -11.56 -65.24
CA LEU C 317 -5.35 -11.08 -66.13
C LEU C 317 -4.58 -9.90 -65.55
N GLU C 318 -5.05 -9.34 -64.43
CA GLU C 318 -4.22 -8.43 -63.64
C GLU C 318 -2.81 -8.99 -63.44
N LYS C 319 -2.71 -10.22 -62.92
CA LYS C 319 -1.52 -10.71 -62.26
C LYS C 319 -0.38 -10.96 -63.24
N GLU C 320 0.74 -11.43 -62.69
CA GLU C 320 1.97 -11.67 -63.43
C GLU C 320 2.46 -13.12 -63.27
N ASN C 321 1.54 -14.04 -63.00
CA ASN C 321 1.86 -15.47 -62.98
C ASN C 321 0.55 -16.22 -63.26
N ILE C 322 0.37 -16.65 -64.50
CA ILE C 322 -0.92 -17.14 -64.97
C ILE C 322 -0.80 -18.61 -65.36
N THR C 323 -0.01 -19.35 -64.59
CA THR C 323 0.19 -20.77 -64.86
C THR C 323 -1.14 -21.52 -64.83
N ASP C 324 -1.09 -22.78 -65.27
CA ASP C 324 -2.33 -23.54 -65.36
C ASP C 324 -2.34 -24.74 -64.41
N PRO C 325 -3.51 -25.26 -64.09
CA PRO C 325 -3.57 -26.56 -63.44
C PRO C 325 -3.30 -27.66 -64.44
N PRO C 326 -2.84 -28.83 -64.00
CA PRO C 326 -2.44 -29.88 -64.94
C PRO C 326 -3.63 -30.51 -65.64
N ARG C 327 -3.40 -30.92 -66.88
CA ARG C 327 -4.33 -31.77 -67.61
C ARG C 327 -4.22 -33.18 -67.05
N GLY C 328 -5.16 -33.58 -66.22
CA GLY C 328 -5.04 -34.86 -65.55
C GLY C 328 -4.18 -34.71 -64.31
N CYS C 329 -4.70 -35.14 -63.17
CA CYS C 329 -4.02 -34.89 -61.91
C CYS C 329 -2.89 -35.88 -61.66
N VAL C 330 -3.06 -37.12 -62.14
CA VAL C 330 -2.08 -38.16 -61.86
C VAL C 330 -0.80 -37.82 -62.62
N GLY C 331 0.21 -37.33 -61.89
CA GLY C 331 1.45 -36.92 -62.51
C GLY C 331 1.94 -35.58 -62.02
N ASN C 332 1.03 -34.69 -61.66
CA ASN C 332 1.37 -33.39 -61.10
C ASN C 332 0.96 -33.34 -59.63
N THR C 333 1.77 -32.65 -58.82
CA THR C 333 1.64 -32.73 -57.38
C THR C 333 1.19 -31.42 -56.75
N ASN C 334 1.93 -30.34 -56.95
CA ASN C 334 1.79 -29.18 -56.10
C ASN C 334 0.57 -28.35 -56.47
N ILE C 335 0.32 -27.33 -55.66
CA ILE C 335 -0.84 -26.47 -55.79
C ILE C 335 -0.68 -25.57 -57.00
N TRP C 336 -1.81 -25.10 -57.51
CA TRP C 336 -1.79 -24.01 -58.48
C TRP C 336 -1.17 -22.79 -57.83
N LYS C 337 0.02 -22.39 -58.32
CA LYS C 337 0.93 -21.50 -57.60
C LYS C 337 0.29 -20.20 -57.12
N THR C 338 -0.88 -19.83 -57.63
CA THR C 338 -1.59 -18.64 -57.19
C THR C 338 -3.07 -18.94 -56.96
N GLY C 339 -3.35 -20.13 -56.43
CA GLY C 339 -4.70 -20.58 -56.19
C GLY C 339 -5.48 -19.74 -55.19
N PRO C 340 -5.05 -19.75 -53.92
CA PRO C 340 -5.80 -19.00 -52.91
C PRO C 340 -5.81 -17.51 -53.17
N LEU C 341 -4.80 -16.97 -53.84
CA LEU C 341 -4.82 -15.55 -54.17
C LEU C 341 -5.85 -15.27 -55.26
N PHE C 342 -5.96 -16.14 -56.25
CA PHE C 342 -7.06 -16.00 -57.19
C PHE C 342 -8.40 -16.11 -56.48
N LYS C 343 -8.49 -16.94 -55.45
CA LYS C 343 -9.74 -17.02 -54.69
C LYS C 343 -10.04 -15.71 -53.99
N ARG C 344 -9.05 -15.16 -53.28
CA ARG C 344 -9.23 -13.87 -52.61
C ARG C 344 -9.56 -12.77 -53.59
N VAL C 345 -9.07 -12.89 -54.82
CA VAL C 345 -9.47 -11.98 -55.89
C VAL C 345 -10.94 -12.16 -56.22
N LEU C 346 -11.32 -13.38 -56.61
CA LEU C 346 -12.69 -13.69 -57.02
C LEU C 346 -13.72 -13.31 -55.97
N MET C 347 -13.33 -13.30 -54.70
CA MET C 347 -14.27 -12.98 -53.64
C MET C 347 -14.88 -11.59 -53.78
N SER C 348 -14.43 -10.77 -54.74
CA SER C 348 -14.80 -9.36 -54.81
C SER C 348 -15.70 -9.03 -55.99
N SER C 349 -16.65 -9.90 -56.34
CA SER C 349 -17.54 -9.63 -57.45
C SER C 349 -18.74 -8.82 -56.96
N LYS C 350 -18.85 -7.59 -57.44
CA LYS C 350 -19.91 -6.68 -57.03
C LYS C 350 -20.52 -6.04 -58.27
N TYR C 351 -21.77 -6.38 -58.58
CA TYR C 351 -22.43 -5.77 -59.71
C TYR C 351 -23.92 -5.73 -59.45
N ALA C 352 -24.70 -5.46 -60.50
CA ALA C 352 -26.15 -5.47 -60.40
C ALA C 352 -26.78 -6.19 -61.59
N ASP C 353 -25.98 -6.74 -62.50
CA ASP C 353 -26.50 -7.37 -63.70
C ASP C 353 -27.40 -8.57 -63.41
N GLY C 354 -27.14 -9.31 -62.33
CA GLY C 354 -27.96 -10.45 -62.02
C GLY C 354 -29.41 -10.10 -61.79
N VAL C 355 -30.26 -11.12 -61.91
CA VAL C 355 -31.70 -10.92 -61.71
C VAL C 355 -31.97 -10.34 -60.33
N THR C 356 -31.51 -11.01 -59.28
CA THR C 356 -31.52 -10.46 -57.93
C THR C 356 -30.16 -9.79 -57.71
N GLY C 357 -30.02 -8.61 -58.30
CA GLY C 357 -28.76 -7.91 -58.30
C GLY C 357 -28.32 -7.52 -56.90
N ARG C 358 -27.23 -6.77 -56.85
CA ARG C 358 -26.59 -6.35 -55.60
C ARG C 358 -26.19 -7.58 -54.78
N VAL C 359 -25.32 -8.38 -55.38
CA VAL C 359 -24.80 -9.59 -54.75
C VAL C 359 -23.51 -9.23 -54.03
N GLU C 360 -23.30 -9.82 -52.86
CA GLU C 360 -22.08 -9.63 -52.10
C GLU C 360 -21.62 -10.95 -51.50
N PHE C 361 -20.32 -11.19 -51.52
CA PHE C 361 -19.73 -12.38 -50.95
C PHE C 361 -19.01 -11.98 -49.66
N ASN C 362 -19.45 -12.55 -48.54
CA ASN C 362 -18.90 -12.20 -47.25
C ASN C 362 -17.43 -12.60 -47.18
N GLU C 363 -16.76 -12.18 -46.11
CA GLU C 363 -15.37 -12.50 -45.90
C GLU C 363 -15.17 -13.95 -45.48
N ASP C 364 -16.20 -14.77 -45.67
CA ASP C 364 -16.11 -16.19 -45.40
C ASP C 364 -16.51 -17.05 -46.58
N GLY C 365 -17.35 -16.54 -47.48
CA GLY C 365 -17.62 -17.23 -48.74
C GLY C 365 -19.05 -17.54 -49.07
N ASP C 366 -20.01 -16.80 -48.51
CA ASP C 366 -21.41 -17.08 -48.75
C ASP C 366 -22.13 -15.83 -49.22
N ARG C 367 -23.36 -16.04 -49.69
CA ARG C 367 -24.18 -14.97 -50.22
C ARG C 367 -24.50 -13.94 -49.14
N LYS C 368 -24.59 -12.68 -49.55
CA LYS C 368 -24.97 -11.60 -48.66
C LYS C 368 -26.20 -10.90 -49.21
N PHE C 369 -27.07 -10.45 -48.29
CA PHE C 369 -28.24 -9.63 -48.60
C PHE C 369 -29.17 -10.33 -49.59
N ALA C 370 -29.73 -11.44 -49.13
CA ALA C 370 -30.84 -12.05 -49.84
C ALA C 370 -32.12 -11.29 -49.47
N GLN C 371 -33.27 -11.87 -49.78
CA GLN C 371 -34.52 -11.31 -49.28
C GLN C 371 -35.47 -12.44 -48.92
N TYR C 372 -36.38 -12.15 -47.99
CA TYR C 372 -37.31 -13.14 -47.49
C TYR C 372 -38.64 -12.46 -47.20
N SER C 373 -39.70 -13.26 -47.26
CA SER C 373 -41.05 -12.78 -46.96
C SER C 373 -41.68 -13.76 -45.98
N ILE C 374 -42.09 -13.25 -44.82
CA ILE C 374 -42.61 -14.10 -43.77
C ILE C 374 -43.98 -14.62 -44.16
N MET C 375 -44.29 -15.85 -43.75
CA MET C 375 -45.53 -16.51 -44.14
C MET C 375 -46.28 -16.96 -42.90
N ASN C 376 -47.46 -16.38 -42.68
CA ASN C 376 -48.33 -16.80 -41.60
C ASN C 376 -49.23 -17.94 -42.09
N LEU C 377 -49.70 -18.74 -41.15
CA LEU C 377 -50.62 -19.82 -41.46
C LEU C 377 -52.05 -19.33 -41.30
N GLN C 378 -52.78 -19.23 -42.41
CA GLN C 378 -54.22 -18.91 -42.33
C GLN C 378 -55.06 -20.19 -42.34
N ASN C 379 -54.67 -21.11 -41.47
CA ASN C 379 -55.37 -22.35 -41.16
C ASN C 379 -55.33 -23.32 -42.33
N ARG C 380 -55.02 -22.81 -43.51
CA ARG C 380 -54.55 -23.64 -44.60
C ARG C 380 -53.60 -22.92 -45.53
N LYS C 381 -53.23 -21.67 -45.25
CA LYS C 381 -52.68 -20.80 -46.27
C LYS C 381 -51.35 -20.22 -45.81
N LEU C 382 -50.60 -19.70 -46.78
CA LEU C 382 -49.32 -19.05 -46.54
C LEU C 382 -49.42 -17.63 -47.05
N VAL C 383 -49.57 -16.68 -46.14
CA VAL C 383 -49.78 -15.28 -46.49
C VAL C 383 -48.57 -14.47 -46.04
N GLN C 384 -48.24 -13.46 -46.82
CA GLN C 384 -46.97 -12.76 -46.67
C GLN C 384 -47.17 -11.27 -46.50
N VAL C 385 -46.34 -10.67 -45.66
CA VAL C 385 -46.02 -9.26 -45.74
C VAL C 385 -44.55 -9.17 -46.14
N GLY C 386 -44.18 -8.06 -46.75
CA GLY C 386 -42.78 -7.81 -47.00
C GLY C 386 -42.03 -7.65 -45.68
N ILE C 387 -40.75 -8.03 -45.69
CA ILE C 387 -39.99 -7.94 -44.46
C ILE C 387 -38.50 -8.01 -44.77
N TYR C 388 -37.75 -7.15 -44.09
CA TYR C 388 -36.34 -7.33 -43.76
C TYR C 388 -35.39 -7.15 -44.93
N ASN C 389 -35.88 -7.20 -46.17
CA ASN C 389 -35.23 -6.64 -47.35
C ASN C 389 -33.71 -6.65 -47.27
N GLY C 390 -33.13 -7.80 -46.94
CA GLY C 390 -31.70 -7.80 -46.67
C GLY C 390 -31.40 -7.19 -45.31
N THR C 391 -31.71 -5.90 -45.14
CA THR C 391 -31.75 -5.31 -43.81
C THR C 391 -32.88 -4.30 -43.63
N HIS C 392 -33.70 -4.06 -44.65
CA HIS C 392 -34.81 -3.10 -44.54
C HIS C 392 -36.03 -3.84 -44.04
N VAL C 393 -36.26 -3.82 -42.73
CA VAL C 393 -37.48 -4.39 -42.19
C VAL C 393 -38.68 -3.62 -42.73
N ILE C 394 -39.50 -4.29 -43.53
CA ILE C 394 -40.50 -3.58 -44.33
C ILE C 394 -41.88 -4.24 -44.28
N PRO C 395 -42.56 -4.25 -43.13
CA PRO C 395 -43.92 -4.81 -43.07
C PRO C 395 -44.85 -4.04 -44.00
N ASN C 396 -46.04 -4.61 -44.19
CA ASN C 396 -46.92 -4.13 -45.25
C ASN C 396 -48.38 -4.34 -44.83
N ASP C 397 -49.25 -4.41 -45.84
CA ASP C 397 -50.68 -4.15 -45.72
C ASP C 397 -51.52 -5.42 -45.57
N ARG C 398 -51.07 -6.43 -44.86
CA ARG C 398 -51.86 -7.63 -44.67
C ARG C 398 -52.43 -7.68 -43.26
N LYS C 399 -53.30 -8.67 -43.03
CA LYS C 399 -53.94 -8.87 -41.75
C LYS C 399 -53.12 -9.83 -40.91
N ILE C 400 -52.65 -9.38 -39.75
CA ILE C 400 -51.80 -10.18 -38.88
C ILE C 400 -52.66 -10.99 -37.91
N ILE C 401 -52.38 -12.29 -37.84
CA ILE C 401 -53.13 -13.21 -36.98
C ILE C 401 -52.14 -14.02 -36.17
N TRP C 402 -52.29 -14.00 -34.85
CA TRP C 402 -51.47 -14.79 -33.94
C TRP C 402 -52.26 -16.01 -33.47
N PRO C 403 -51.57 -17.05 -33.02
CA PRO C 403 -52.25 -18.33 -32.74
C PRO C 403 -53.24 -18.21 -31.60
N GLY C 404 -53.91 -19.33 -31.34
CA GLY C 404 -55.03 -19.34 -30.42
C GLY C 404 -56.22 -18.55 -30.88
N GLY C 405 -56.19 -18.01 -32.10
CA GLY C 405 -57.27 -17.19 -32.60
C GLY C 405 -57.21 -15.74 -32.15
N GLU C 406 -56.02 -15.16 -32.10
CA GLU C 406 -55.84 -13.78 -31.65
C GLU C 406 -55.32 -12.90 -32.76
N THR C 407 -55.86 -11.69 -32.84
CA THR C 407 -55.40 -10.68 -33.78
C THR C 407 -54.50 -9.65 -33.11
N GLU C 408 -54.87 -9.22 -31.91
CA GLU C 408 -54.09 -8.24 -31.16
C GLU C 408 -52.69 -8.76 -30.89
N LYS C 409 -51.78 -7.82 -30.63
CA LYS C 409 -50.38 -8.16 -30.42
C LYS C 409 -50.22 -8.92 -29.12
N PRO C 410 -49.84 -10.20 -29.15
CA PRO C 410 -49.75 -10.97 -27.91
C PRO C 410 -48.42 -10.79 -27.20
N ARG C 411 -48.46 -10.22 -25.99
CA ARG C 411 -47.25 -10.07 -25.21
C ARG C 411 -46.66 -11.44 -24.88
N GLY C 412 -45.34 -11.47 -24.68
CA GLY C 412 -44.64 -12.71 -24.50
C GLY C 412 -44.08 -12.99 -23.13
N TYR C 413 -44.39 -12.16 -22.12
CA TYR C 413 -43.88 -12.38 -20.78
C TYR C 413 -45.04 -12.55 -19.81
N GLN C 414 -45.17 -13.76 -19.27
CA GLN C 414 -46.14 -14.06 -18.23
C GLN C 414 -45.40 -14.09 -16.90
N MET C 415 -45.21 -12.92 -16.31
CA MET C 415 -44.45 -12.80 -15.08
C MET C 415 -44.99 -13.77 -14.03
N SER C 416 -44.09 -14.50 -13.38
CA SER C 416 -44.49 -15.53 -12.45
C SER C 416 -45.28 -14.95 -11.29
N THR C 417 -46.16 -15.77 -10.72
CA THR C 417 -47.03 -15.36 -9.62
C THR C 417 -46.71 -16.06 -8.32
N ARG C 418 -46.52 -17.37 -8.33
CA ARG C 418 -46.25 -18.13 -7.13
C ARG C 418 -44.75 -18.37 -7.00
N LEU C 419 -44.18 -17.95 -5.88
CA LEU C 419 -42.76 -18.14 -5.62
C LEU C 419 -42.55 -19.42 -4.81
N LYS C 420 -41.29 -19.70 -4.52
CA LYS C 420 -40.91 -20.82 -3.67
C LYS C 420 -39.73 -20.39 -2.83
N ILE C 421 -39.84 -20.55 -1.51
CA ILE C 421 -38.86 -20.02 -0.58
C ILE C 421 -38.33 -21.15 0.29
N VAL C 422 -37.05 -21.07 0.64
CA VAL C 422 -36.40 -22.07 1.49
C VAL C 422 -35.52 -21.34 2.50
N THR C 423 -35.28 -22.02 3.63
CA THR C 423 -34.48 -21.45 4.71
C THR C 423 -33.91 -22.58 5.54
N ILE C 424 -33.35 -22.24 6.70
CA ILE C 424 -32.60 -23.19 7.53
C ILE C 424 -32.96 -22.99 8.99
N HIS C 425 -33.15 -24.10 9.69
CA HIS C 425 -33.36 -24.07 11.14
C HIS C 425 -32.27 -23.26 11.82
N GLN C 426 -32.67 -22.19 12.48
CA GLN C 426 -31.70 -21.34 13.18
C GLN C 426 -32.39 -20.64 14.32
N GLU C 427 -31.86 -20.83 15.53
CA GLU C 427 -32.68 -20.67 16.74
C GLU C 427 -33.39 -19.33 16.82
N PRO C 428 -32.71 -18.21 16.96
CA PRO C 428 -33.44 -16.99 17.30
C PRO C 428 -33.99 -16.27 16.09
N PHE C 429 -34.07 -16.95 14.97
CA PHE C 429 -34.71 -16.28 13.83
C PHE C 429 -35.81 -17.10 13.19
N VAL C 430 -35.67 -18.42 13.16
CA VAL C 430 -36.71 -19.29 12.62
C VAL C 430 -36.83 -20.56 13.46
N TYR C 431 -37.81 -20.61 14.35
CA TYR C 431 -38.00 -21.81 15.13
C TYR C 431 -38.50 -22.94 14.26
N VAL C 432 -38.39 -24.17 14.77
CA VAL C 432 -38.97 -25.35 14.14
C VAL C 432 -39.66 -26.16 15.22
N LYS C 433 -40.95 -26.44 15.02
CA LYS C 433 -41.70 -27.24 15.97
C LYS C 433 -42.51 -28.29 15.23
N PRO C 434 -42.45 -29.54 15.67
CA PRO C 434 -43.18 -30.62 14.98
C PRO C 434 -44.68 -30.39 15.05
N THR C 435 -45.35 -30.80 13.99
CA THR C 435 -46.78 -30.59 13.88
C THR C 435 -47.51 -31.30 15.03
N MET C 436 -48.49 -30.61 15.58
CA MET C 436 -49.40 -31.27 16.51
C MET C 436 -50.23 -32.29 15.73
N SER C 437 -50.59 -33.38 16.42
CA SER C 437 -51.29 -34.48 15.77
C SER C 437 -52.56 -34.04 15.06
N ASP C 438 -53.01 -32.80 15.29
CA ASP C 438 -54.15 -32.27 14.54
C ASP C 438 -53.85 -32.16 13.05
N GLY C 439 -52.60 -32.36 12.66
CA GLY C 439 -52.18 -32.20 11.27
C GLY C 439 -51.58 -30.85 10.96
N THR C 440 -51.39 -30.01 11.97
CA THR C 440 -50.90 -28.65 11.78
C THR C 440 -50.12 -28.30 13.04
N CYS C 441 -49.84 -27.02 13.26
CA CYS C 441 -49.19 -26.61 14.49
C CYS C 441 -50.19 -26.58 15.64
N LYS C 442 -49.67 -26.83 16.84
CA LYS C 442 -50.45 -26.55 18.03
C LYS C 442 -50.65 -25.04 18.11
N GLU C 443 -51.84 -24.58 17.77
CA GLU C 443 -52.10 -23.14 17.67
C GLU C 443 -51.90 -22.48 19.04
N GLU C 444 -51.09 -21.44 19.07
CA GLU C 444 -50.83 -20.68 20.28
C GLU C 444 -51.03 -19.20 19.99
N PHE C 445 -50.99 -18.41 21.07
CA PHE C 445 -51.00 -16.96 20.98
C PHE C 445 -49.81 -16.43 21.76
N THR C 446 -49.31 -15.28 21.32
CA THR C 446 -48.15 -14.71 21.99
C THR C 446 -48.49 -14.38 23.43
N VAL C 447 -47.43 -14.25 24.25
CA VAL C 447 -47.63 -13.95 25.66
C VAL C 447 -48.31 -12.60 25.85
N ASN C 448 -48.34 -11.77 24.82
CA ASN C 448 -49.14 -10.55 24.83
C ASN C 448 -50.56 -10.78 24.34
N GLY C 449 -50.96 -12.04 24.19
CA GLY C 449 -52.27 -12.36 23.66
C GLY C 449 -52.40 -12.25 22.17
N ASP C 450 -51.37 -11.78 21.46
CA ASP C 450 -51.42 -11.62 20.02
C ASP C 450 -51.30 -12.96 19.31
N PRO C 451 -51.71 -13.03 18.04
CA PRO C 451 -51.59 -14.29 17.30
C PRO C 451 -50.16 -14.51 16.80
N VAL C 452 -49.72 -15.75 16.90
CA VAL C 452 -48.44 -16.15 16.34
C VAL C 452 -48.68 -16.77 14.97
N LYS C 453 -47.80 -16.45 14.02
CA LYS C 453 -47.98 -16.86 12.64
C LYS C 453 -47.13 -18.10 12.38
N LYS C 454 -47.79 -19.20 12.05
CA LYS C 454 -47.11 -20.44 11.74
C LYS C 454 -47.48 -20.88 10.33
N VAL C 455 -46.56 -21.56 9.65
CA VAL C 455 -46.78 -22.05 8.30
C VAL C 455 -46.26 -23.46 8.18
N ILE C 456 -46.60 -24.11 7.07
CA ILE C 456 -46.28 -25.51 6.83
C ILE C 456 -44.87 -25.63 6.28
N CYS C 457 -44.17 -26.68 6.68
CA CYS C 457 -42.83 -26.99 6.20
C CYS C 457 -42.67 -28.49 6.07
N THR C 458 -42.14 -28.93 4.93
CA THR C 458 -42.03 -30.36 4.63
C THR C 458 -40.65 -30.84 5.08
N GLY C 459 -40.51 -31.02 6.39
CA GLY C 459 -39.24 -31.37 6.98
C GLY C 459 -38.68 -32.68 6.45
N PRO C 460 -37.39 -32.70 6.14
CA PRO C 460 -36.77 -33.94 5.68
C PRO C 460 -36.50 -34.90 6.83
N ASN C 461 -36.06 -34.36 7.98
CA ASN C 461 -35.54 -35.19 9.06
C ASN C 461 -36.70 -35.92 9.78
N ASP C 462 -37.32 -36.83 9.02
CA ASP C 462 -38.33 -37.70 9.63
C ASP C 462 -37.73 -38.51 10.77
N THR C 463 -36.70 -39.30 10.46
CA THR C 463 -35.89 -39.93 11.49
C THR C 463 -34.89 -38.90 12.00
N SER C 464 -33.88 -39.36 12.74
CA SER C 464 -32.85 -38.47 13.21
C SER C 464 -31.94 -38.04 12.05
N PRO C 465 -31.39 -36.83 12.11
CA PRO C 465 -30.45 -36.40 11.07
C PRO C 465 -29.26 -37.35 10.98
N GLY C 466 -28.67 -37.41 9.80
CA GLY C 466 -27.58 -38.33 9.56
C GLY C 466 -28.11 -39.68 9.10
N SER C 467 -29.24 -40.09 9.66
CA SER C 467 -29.92 -41.30 9.23
C SER C 467 -30.80 -41.01 8.02
N PRO C 468 -31.13 -42.02 7.23
CA PRO C 468 -32.09 -41.83 6.13
C PRO C 468 -33.39 -41.22 6.64
N ARG C 469 -34.04 -40.46 5.77
CA ARG C 469 -35.10 -39.58 6.19
C ARG C 469 -36.25 -39.62 5.19
N HIS C 470 -37.37 -39.00 5.57
CA HIS C 470 -38.56 -38.95 4.75
C HIS C 470 -39.20 -37.57 4.85
N THR C 471 -39.90 -37.19 3.79
CA THR C 471 -40.61 -35.92 3.79
C THR C 471 -41.74 -35.96 4.81
N VAL C 472 -41.65 -35.12 5.83
CA VAL C 472 -42.67 -35.07 6.87
C VAL C 472 -43.05 -33.61 7.11
N PRO C 473 -44.34 -33.29 7.16
CA PRO C 473 -44.75 -31.89 7.38
C PRO C 473 -44.34 -31.42 8.77
N GLN C 474 -43.63 -30.32 8.82
CA GLN C 474 -43.23 -29.70 10.06
C GLN C 474 -43.68 -28.24 10.04
N CYS C 475 -43.38 -27.52 11.11
CA CYS C 475 -43.88 -26.16 11.26
C CYS C 475 -42.75 -25.24 11.71
N CYS C 476 -42.65 -24.08 11.07
CA CYS C 476 -41.65 -23.08 11.39
C CYS C 476 -42.33 -21.76 11.68
N TYR C 477 -41.64 -20.92 12.46
CA TYR C 477 -42.19 -19.63 12.84
C TYR C 477 -41.10 -18.83 13.52
N GLY C 478 -41.18 -17.51 13.39
CA GLY C 478 -40.16 -16.68 14.00
C GLY C 478 -40.20 -15.27 13.44
N PHE C 479 -39.02 -14.67 13.37
CA PHE C 479 -38.87 -13.28 12.95
C PHE C 479 -39.01 -13.13 11.45
N CYS C 480 -38.10 -13.75 10.71
CA CYS C 480 -38.10 -13.58 9.26
C CYS C 480 -39.37 -14.09 8.62
N ILE C 481 -40.00 -15.11 9.20
CA ILE C 481 -41.29 -15.54 8.68
C ILE C 481 -42.29 -14.42 8.79
N ASP C 482 -42.31 -13.74 9.92
CA ASP C 482 -43.14 -12.55 10.07
C ASP C 482 -42.83 -11.55 8.97
N LEU C 483 -41.55 -11.27 8.73
CA LEU C 483 -41.19 -10.32 7.68
C LEU C 483 -41.73 -10.75 6.33
N LEU C 484 -41.59 -12.02 6.01
CA LEU C 484 -42.02 -12.53 4.71
C LEU C 484 -43.52 -12.39 4.54
N ILE C 485 -44.29 -12.61 5.61
CA ILE C 485 -45.74 -12.51 5.47
C ILE C 485 -46.14 -11.07 5.14
N LYS C 486 -45.50 -10.10 5.80
CA LYS C 486 -45.73 -8.71 5.45
C LYS C 486 -45.37 -8.45 4.00
N LEU C 487 -44.22 -8.98 3.57
CA LEU C 487 -43.82 -8.81 2.18
C LEU C 487 -44.90 -9.31 1.24
N ALA C 488 -45.44 -10.49 1.53
CA ALA C 488 -46.41 -11.11 0.62
C ALA C 488 -47.70 -10.31 0.59
N ARG C 489 -48.15 -9.80 1.73
CA ARG C 489 -49.28 -8.89 1.68
C ARG C 489 -48.92 -7.57 1.02
N THR C 490 -47.63 -7.32 0.79
CA THR C 490 -47.24 -6.11 0.08
C THR C 490 -47.16 -6.31 -1.43
N MET C 491 -46.88 -7.53 -1.91
CA MET C 491 -46.71 -7.74 -3.33
C MET C 491 -47.48 -8.92 -3.91
N GLN C 492 -48.45 -9.46 -3.19
CA GLN C 492 -49.38 -10.47 -3.71
C GLN C 492 -48.63 -11.74 -4.16
N PHE C 493 -48.03 -12.40 -3.17
CA PHE C 493 -47.37 -13.67 -3.44
C PHE C 493 -48.33 -14.83 -3.24
N THR C 494 -47.78 -16.03 -3.29
CA THR C 494 -48.29 -17.24 -2.67
C THR C 494 -47.20 -18.27 -2.81
N TYR C 495 -46.94 -19.03 -1.75
CA TYR C 495 -45.64 -19.66 -1.63
C TYR C 495 -45.72 -20.94 -0.82
N GLU C 496 -44.68 -21.74 -0.97
CA GLU C 496 -44.36 -22.81 -0.05
C GLU C 496 -43.14 -22.40 0.76
N VAL C 497 -42.83 -23.21 1.77
CA VAL C 497 -41.61 -23.05 2.55
C VAL C 497 -41.15 -24.43 2.96
N HIS C 498 -39.92 -24.77 2.63
CA HIS C 498 -39.35 -26.04 3.03
C HIS C 498 -37.85 -25.85 3.20
N LEU C 499 -37.26 -26.65 4.06
CA LEU C 499 -35.83 -26.58 4.35
C LEU C 499 -35.19 -27.90 3.91
N VAL C 500 -34.45 -27.85 2.80
CA VAL C 500 -33.88 -29.06 2.20
C VAL C 500 -32.40 -28.85 1.99
N ALA C 501 -31.58 -29.68 2.61
CA ALA C 501 -30.14 -29.69 2.46
C ALA C 501 -29.62 -30.92 3.18
N ASP C 502 -28.30 -31.00 3.36
CA ASP C 502 -27.79 -31.75 4.49
C ASP C 502 -28.07 -31.01 5.79
N GLY C 503 -28.17 -29.70 5.73
CA GLY C 503 -28.44 -28.86 6.88
C GLY C 503 -27.54 -27.65 6.91
N LYS C 504 -26.31 -27.80 6.44
CA LYS C 504 -25.33 -26.72 6.49
C LYS C 504 -25.63 -25.70 5.41
N PHE C 505 -24.76 -24.71 5.27
CA PHE C 505 -24.86 -23.73 4.19
C PHE C 505 -24.00 -24.08 3.00
N GLY C 506 -22.85 -24.73 3.21
CA GLY C 506 -22.09 -25.35 2.14
C GLY C 506 -21.69 -24.46 0.99
N THR C 507 -20.80 -23.51 1.23
CA THR C 507 -20.43 -22.55 0.19
C THR C 507 -19.52 -23.21 -0.84
N GLN C 508 -18.89 -22.39 -1.69
CA GLN C 508 -18.06 -22.89 -2.78
C GLN C 508 -17.08 -23.95 -2.31
N GLU C 509 -17.04 -25.07 -3.01
CA GLU C 509 -16.15 -26.17 -2.64
C GLU C 509 -15.69 -26.92 -3.88
N ARG C 510 -14.61 -27.68 -3.71
CA ARG C 510 -14.04 -28.53 -4.75
C ARG C 510 -14.02 -29.95 -4.25
N VAL C 511 -14.71 -30.85 -4.94
CA VAL C 511 -15.00 -32.18 -4.41
C VAL C 511 -14.40 -33.25 -5.30
N GLN C 512 -14.35 -34.47 -4.76
CA GLN C 512 -14.05 -35.68 -5.51
C GLN C 512 -12.65 -35.63 -6.14
N ASN C 513 -11.65 -35.32 -5.31
CA ASN C 513 -10.24 -35.33 -5.70
C ASN C 513 -9.96 -34.43 -6.91
N SER C 514 -10.91 -33.57 -7.27
CA SER C 514 -10.76 -32.67 -8.40
C SER C 514 -11.23 -31.28 -7.98
N ASN C 515 -11.01 -30.32 -8.86
CA ASN C 515 -11.46 -28.95 -8.61
C ASN C 515 -12.86 -28.69 -9.11
N LYS C 516 -13.72 -29.71 -9.13
CA LYS C 516 -15.12 -29.51 -9.48
C LYS C 516 -15.76 -28.57 -8.48
N LYS C 517 -16.14 -27.38 -8.94
CA LYS C 517 -16.74 -26.38 -8.08
C LYS C 517 -18.17 -26.75 -7.74
N GLU C 518 -18.55 -26.57 -6.48
CA GLU C 518 -19.87 -26.93 -6.03
C GLU C 518 -20.24 -26.08 -4.82
N TRP C 519 -21.54 -26.06 -4.52
CA TRP C 519 -22.05 -25.36 -3.35
C TRP C 519 -23.09 -26.24 -2.68
N ASN C 520 -22.85 -26.60 -1.43
CA ASN C 520 -23.85 -27.29 -0.66
C ASN C 520 -24.79 -26.27 -0.04
N GLY C 521 -25.60 -26.71 0.91
CA GLY C 521 -26.48 -25.82 1.62
C GLY C 521 -27.43 -25.08 0.70
N MET C 522 -28.12 -24.10 1.27
CA MET C 522 -29.19 -23.45 0.54
C MET C 522 -28.70 -22.73 -0.70
N MET C 523 -27.51 -22.12 -0.64
CA MET C 523 -26.99 -21.49 -1.84
C MET C 523 -26.93 -22.48 -2.99
N GLY C 524 -26.52 -23.71 -2.70
CA GLY C 524 -26.48 -24.73 -3.75
C GLY C 524 -27.82 -24.91 -4.43
N GLU C 525 -28.82 -25.36 -3.67
CA GLU C 525 -30.14 -25.56 -4.24
C GLU C 525 -30.76 -24.26 -4.74
N LEU C 526 -30.11 -23.13 -4.50
CA LEU C 526 -30.49 -21.92 -5.21
C LEU C 526 -29.86 -21.85 -6.59
N LEU C 527 -28.62 -22.31 -6.73
CA LEU C 527 -28.00 -22.25 -8.04
C LEU C 527 -28.59 -23.23 -9.03
N SER C 528 -29.49 -24.10 -8.59
CA SER C 528 -30.09 -25.06 -9.51
C SER C 528 -31.46 -24.63 -10.00
N GLY C 529 -32.36 -24.33 -9.09
CA GLY C 529 -33.75 -24.10 -9.43
C GLY C 529 -34.66 -24.67 -8.38
N GLN C 530 -34.08 -25.31 -7.37
CA GLN C 530 -34.83 -25.79 -6.23
C GLN C 530 -35.37 -24.66 -5.36
N ALA C 531 -35.20 -23.42 -5.78
CA ALA C 531 -35.70 -22.28 -5.04
C ALA C 531 -35.70 -21.06 -5.96
N ASP C 532 -36.25 -19.96 -5.46
CA ASP C 532 -36.24 -18.71 -6.18
C ASP C 532 -35.90 -17.51 -5.31
N MET C 533 -35.85 -17.67 -3.99
CA MET C 533 -35.46 -16.60 -3.08
C MET C 533 -35.30 -17.21 -1.70
N ILE C 534 -34.24 -16.83 -1.00
CA ILE C 534 -34.01 -17.32 0.36
C ILE C 534 -34.18 -16.18 1.33
N VAL C 535 -35.16 -16.29 2.21
CA VAL C 535 -35.25 -15.47 3.40
C VAL C 535 -34.74 -16.30 4.55
N ALA C 536 -33.72 -15.80 5.20
CA ALA C 536 -32.99 -16.52 6.22
C ALA C 536 -31.98 -15.55 6.79
N PRO C 537 -31.26 -15.91 7.81
CA PRO C 537 -30.06 -15.16 8.16
C PRO C 537 -28.94 -15.57 7.22
N LEU C 538 -28.62 -14.70 6.26
CA LEU C 538 -27.61 -14.97 5.26
C LEU C 538 -26.66 -13.80 5.19
N THR C 539 -25.36 -14.10 5.19
CA THR C 539 -24.33 -13.09 5.28
C THR C 539 -24.13 -12.38 3.95
N ILE C 540 -23.07 -11.57 3.86
CA ILE C 540 -22.70 -10.88 2.65
C ILE C 540 -21.19 -10.97 2.50
N ASN C 541 -20.73 -11.69 1.51
CA ASN C 541 -19.30 -11.83 1.30
C ASN C 541 -18.98 -11.71 -0.18
N ASN C 542 -17.81 -11.13 -0.45
CA ASN C 542 -17.34 -10.99 -1.83
C ASN C 542 -17.46 -12.29 -2.60
N GLU C 543 -17.31 -13.44 -1.95
CA GLU C 543 -17.57 -14.70 -2.61
C GLU C 543 -18.97 -14.74 -3.19
N ARG C 544 -19.98 -14.73 -2.32
CA ARG C 544 -21.34 -14.92 -2.78
C ARG C 544 -21.78 -13.80 -3.70
N ALA C 545 -21.14 -12.65 -3.64
CA ALA C 545 -21.63 -11.50 -4.38
C ALA C 545 -21.60 -11.71 -5.89
N GLN C 546 -20.98 -12.78 -6.38
CA GLN C 546 -20.85 -12.89 -7.83
C GLN C 546 -21.95 -13.74 -8.45
N TYR C 547 -22.08 -15.00 -8.06
CA TYR C 547 -23.05 -15.90 -8.64
C TYR C 547 -24.46 -15.66 -8.12
N ILE C 548 -24.67 -14.56 -7.42
CA ILE C 548 -25.99 -14.25 -6.86
C ILE C 548 -26.03 -12.76 -6.59
N GLU C 549 -27.23 -12.23 -6.47
CA GLU C 549 -27.42 -10.81 -6.16
C GLU C 549 -28.25 -10.68 -4.90
N PHE C 550 -27.86 -9.75 -4.03
CA PHE C 550 -28.46 -9.59 -2.73
C PHE C 550 -29.45 -8.43 -2.71
N SER C 551 -30.22 -8.38 -1.64
CA SER C 551 -31.14 -7.27 -1.39
C SER C 551 -30.40 -6.18 -0.63
N LYS C 552 -31.12 -5.19 -0.16
CA LYS C 552 -30.52 -4.24 0.76
C LYS C 552 -30.38 -4.89 2.12
N PRO C 553 -29.65 -4.26 3.05
CA PRO C 553 -29.43 -4.90 4.34
C PRO C 553 -30.56 -4.59 5.31
N PHE C 554 -30.76 -5.51 6.26
CA PHE C 554 -31.77 -5.29 7.29
C PHE C 554 -31.34 -5.76 8.69
N LYS C 555 -30.06 -6.00 8.93
CA LYS C 555 -29.61 -6.39 10.26
C LYS C 555 -28.09 -6.32 10.31
N TYR C 556 -27.56 -5.59 11.30
CA TYR C 556 -26.12 -5.33 11.41
C TYR C 556 -25.51 -6.31 12.41
N GLN C 557 -25.40 -7.55 12.00
CA GLN C 557 -24.85 -8.56 12.89
C GLN C 557 -23.34 -8.44 12.96
N GLY C 558 -22.71 -9.44 13.58
CA GLY C 558 -21.27 -9.46 13.67
C GLY C 558 -20.80 -10.72 14.38
N LEU C 559 -19.69 -10.59 15.08
CA LEU C 559 -19.10 -11.70 15.81
C LEU C 559 -18.57 -11.18 17.13
N THR C 560 -19.02 -11.76 18.23
CA THR C 560 -18.57 -11.35 19.56
C THR C 560 -18.30 -12.56 20.42
N ILE C 561 -18.09 -12.33 21.71
CA ILE C 561 -17.59 -13.36 22.59
C ILE C 561 -18.68 -13.74 23.58
N LEU C 562 -18.51 -14.90 24.22
CA LEU C 562 -19.40 -15.33 25.27
C LEU C 562 -18.62 -16.11 26.32
N VAL C 563 -18.71 -15.66 27.57
CA VAL C 563 -18.06 -16.32 28.70
C VAL C 563 -19.12 -16.59 29.76
N LYS C 564 -18.82 -17.55 30.62
CA LYS C 564 -19.68 -17.83 31.75
C LYS C 564 -19.51 -16.73 32.80
N LYS C 565 -20.63 -16.26 33.33
CA LYS C 565 -20.56 -15.22 34.34
C LYS C 565 -19.84 -15.74 35.57
N GLU C 566 -18.83 -15.00 36.04
CA GLU C 566 -18.16 -15.35 37.27
C GLU C 566 -19.09 -15.08 38.46
N ILE C 567 -18.60 -15.37 39.66
CA ILE C 567 -19.37 -15.09 40.85
C ILE C 567 -18.42 -14.72 41.97
N PRO C 568 -18.77 -13.78 42.84
CA PRO C 568 -17.82 -13.30 43.87
C PRO C 568 -17.73 -14.22 45.08
N ARG C 569 -16.93 -15.27 44.96
CA ARG C 569 -16.65 -16.18 46.07
C ARG C 569 -15.24 -15.86 46.56
N SER C 570 -15.16 -15.00 47.57
CA SER C 570 -13.89 -14.53 48.08
C SER C 570 -13.06 -15.67 48.64
N THR C 571 -11.78 -15.40 48.87
CA THR C 571 -10.86 -16.39 49.41
C THR C 571 -10.21 -15.86 50.69
N LEU C 572 -10.37 -16.63 51.77
CA LEU C 572 -9.72 -16.34 53.04
C LEU C 572 -9.50 -17.67 53.73
N ASP C 573 -8.31 -18.24 53.53
CA ASP C 573 -7.98 -19.54 54.10
C ASP C 573 -8.28 -19.58 55.60
N SER C 574 -7.96 -18.52 56.32
CA SER C 574 -8.22 -18.46 57.75
C SER C 574 -7.95 -17.04 58.22
N PHE C 575 -8.49 -16.73 59.39
CA PHE C 575 -8.18 -15.45 60.00
C PHE C 575 -6.69 -15.28 60.21
N MET C 576 -5.98 -16.37 60.39
CA MET C 576 -4.54 -16.34 60.61
C MET C 576 -3.76 -16.11 59.33
N GLN C 577 -4.42 -15.67 58.28
CA GLN C 577 -3.78 -15.54 56.98
C GLN C 577 -2.63 -14.53 57.01
N PRO C 578 -2.87 -13.25 57.27
CA PRO C 578 -1.89 -12.23 56.93
C PRO C 578 -0.71 -12.14 57.88
N PHE C 579 -0.50 -13.13 58.73
CA PHE C 579 0.69 -13.22 59.57
C PHE C 579 1.42 -14.53 59.31
N GLN C 580 2.69 -14.42 58.95
CA GLN C 580 3.50 -15.61 58.79
C GLN C 580 3.61 -16.34 60.13
N SER C 581 3.61 -17.67 60.06
CA SER C 581 3.47 -18.49 61.25
C SER C 581 4.51 -18.18 62.32
N THR C 582 5.60 -17.50 61.96
CA THR C 582 6.63 -17.21 62.96
C THR C 582 6.21 -16.13 63.95
N LEU C 583 5.49 -15.10 63.49
CA LEU C 583 5.32 -13.93 64.33
C LEU C 583 4.41 -14.20 65.53
N TRP C 584 3.41 -15.07 65.36
CA TRP C 584 2.57 -15.42 66.50
C TRP C 584 3.41 -15.93 67.66
N LEU C 585 4.34 -16.83 67.38
CA LEU C 585 5.20 -17.32 68.45
C LEU C 585 6.04 -16.20 69.03
N LEU C 586 6.48 -15.27 68.19
CA LEU C 586 7.29 -14.17 68.69
C LEU C 586 6.49 -13.34 69.69
N VAL C 587 5.26 -12.97 69.37
CA VAL C 587 4.52 -12.17 70.34
C VAL C 587 4.18 -13.00 71.56
N GLY C 588 3.88 -14.30 71.37
CA GLY C 588 3.55 -15.13 72.52
C GLY C 588 4.67 -15.23 73.52
N LEU C 589 5.91 -15.14 73.07
CA LEU C 589 7.02 -15.10 74.02
C LEU C 589 7.36 -13.68 74.47
N SER C 590 7.22 -12.70 73.59
CA SER C 590 7.55 -11.33 73.95
C SER C 590 6.65 -10.81 75.04
N VAL C 591 5.37 -11.15 75.01
CA VAL C 591 4.48 -10.66 76.04
C VAL C 591 4.90 -11.20 77.41
N HIS C 592 5.20 -12.49 77.48
CA HIS C 592 5.63 -13.07 78.75
C HIS C 592 6.91 -12.42 79.23
N VAL C 593 7.87 -12.20 78.33
CA VAL C 593 9.16 -11.70 78.80
C VAL C 593 9.04 -10.26 79.27
N VAL C 594 8.28 -9.43 78.56
CA VAL C 594 8.14 -8.07 79.07
C VAL C 594 7.34 -8.06 80.37
N ALA C 595 6.37 -8.97 80.50
CA ALA C 595 5.64 -9.07 81.75
C ALA C 595 6.59 -9.37 82.91
N VAL C 596 7.39 -10.42 82.78
CA VAL C 596 8.26 -10.81 83.87
C VAL C 596 9.30 -9.72 84.12
N MET C 597 9.72 -9.01 83.08
CA MET C 597 10.66 -7.92 83.29
C MET C 597 10.04 -6.84 84.16
N LEU C 598 8.81 -6.45 83.86
CA LEU C 598 8.10 -5.52 84.72
C LEU C 598 8.05 -6.04 86.15
N TYR C 599 7.53 -7.25 86.32
CA TYR C 599 7.34 -7.80 87.67
C TYR C 599 8.64 -7.78 88.48
N LEU C 600 9.74 -8.24 87.88
CA LEU C 600 11.04 -8.10 88.51
C LEU C 600 11.29 -6.65 88.89
N LEU C 601 11.09 -5.73 87.95
CA LEU C 601 11.39 -4.34 88.24
C LEU C 601 10.53 -3.82 89.38
N ASP C 602 9.47 -4.54 89.73
CA ASP C 602 8.56 -4.02 90.74
C ASP C 602 9.18 -4.08 92.13
N ARG C 603 9.45 -5.28 92.63
CA ARG C 603 9.67 -5.46 94.07
C ARG C 603 10.99 -4.86 94.52
N PHE C 604 11.89 -4.56 93.59
CA PHE C 604 13.24 -4.22 94.00
C PHE C 604 13.56 -2.73 93.84
N SER C 605 12.57 -1.87 94.02
CA SER C 605 12.76 -0.42 94.07
C SER C 605 13.67 0.10 92.96
N THR C 623 3.07 -8.75 93.61
CA THR C 623 2.24 -8.30 92.51
C THR C 623 2.61 -9.02 91.23
N LEU C 624 2.48 -10.35 91.21
CA LEU C 624 2.87 -11.13 90.04
C LEU C 624 1.70 -11.44 89.12
N SER C 625 0.72 -12.20 89.62
CA SER C 625 -0.44 -12.54 88.81
C SER C 625 -1.10 -11.29 88.26
N SER C 626 -1.07 -10.20 89.03
CA SER C 626 -1.51 -8.92 88.50
C SER C 626 -0.72 -8.55 87.26
N ALA C 627 0.59 -8.78 87.28
CA ALA C 627 1.40 -8.42 86.12
C ALA C 627 1.07 -9.30 84.92
N MET C 628 0.99 -10.61 85.13
CA MET C 628 0.63 -11.49 84.03
C MET C 628 -0.73 -11.12 83.46
N TRP C 629 -1.66 -10.64 84.28
CA TRP C 629 -2.92 -10.16 83.74
C TRP C 629 -2.71 -8.92 82.91
N PHE C 630 -2.31 -7.82 83.56
CA PHE C 630 -2.20 -6.52 82.90
C PHE C 630 -1.49 -6.65 81.56
N SER C 631 -0.49 -7.52 81.48
CA SER C 631 0.25 -7.69 80.25
C SER C 631 -0.64 -8.15 79.10
N TRP C 632 -1.31 -9.29 79.26
CA TRP C 632 -2.17 -9.77 78.19
C TRP C 632 -3.37 -8.87 78.00
N GLY C 633 -3.80 -8.21 79.08
CA GLY C 633 -4.90 -7.29 78.97
C GLY C 633 -4.65 -6.19 77.96
N VAL C 634 -3.58 -5.43 78.15
CA VAL C 634 -3.37 -4.27 77.29
C VAL C 634 -3.30 -4.69 75.82
N LEU C 635 -2.90 -5.92 75.55
CA LEU C 635 -2.92 -6.36 74.16
C LEU C 635 -4.33 -6.68 73.72
N LEU C 636 -5.02 -7.52 74.47
CA LEU C 636 -6.31 -8.00 74.02
C LEU C 636 -7.39 -6.96 74.09
N ASN C 637 -7.05 -5.72 74.39
CA ASN C 637 -7.99 -4.61 74.41
C ASN C 637 -9.15 -4.82 75.37
N SER C 638 -9.09 -5.88 76.17
CA SER C 638 -10.14 -6.14 77.14
C SER C 638 -10.12 -5.11 78.26
N GLY C 639 -11.06 -5.25 79.18
CA GLY C 639 -11.11 -4.48 80.38
C GLY C 639 -10.78 -5.27 81.63
N ILE C 640 -10.41 -6.53 81.46
CA ILE C 640 -10.13 -7.38 82.61
C ILE C 640 -8.91 -6.83 83.35
N GLY C 641 -8.87 -7.06 84.66
CA GLY C 641 -7.69 -6.80 85.44
C GLY C 641 -7.74 -5.47 86.16
N GLU C 642 -6.86 -5.35 87.15
CA GLU C 642 -6.73 -4.13 87.94
C GLU C 642 -5.25 -3.82 88.15
N GLY C 643 -4.96 -2.91 89.07
CA GLY C 643 -3.59 -2.64 89.41
C GLY C 643 -2.90 -1.78 88.37
N ALA C 644 -1.62 -1.54 88.63
CA ALA C 644 -0.84 -0.59 87.86
C ALA C 644 0.62 -0.76 88.24
N PRO C 645 1.53 -0.04 87.60
CA PRO C 645 2.89 0.06 88.12
C PRO C 645 2.99 1.21 89.11
N ARG C 646 3.71 0.97 90.21
CA ARG C 646 3.98 1.99 91.21
C ARG C 646 5.38 2.57 91.10
N SER C 647 6.24 1.98 90.26
CA SER C 647 7.59 2.50 90.05
C SER C 647 7.55 3.71 89.13
N PHE C 648 8.71 4.12 88.64
CA PHE C 648 8.78 5.13 87.60
C PHE C 648 9.03 4.50 86.23
N SER C 649 10.10 3.72 86.14
CA SER C 649 10.43 3.07 84.88
C SER C 649 9.42 2.01 84.47
N ALA C 650 8.76 1.35 85.42
CA ALA C 650 7.72 0.41 85.05
C ALA C 650 6.62 1.10 84.25
N ARG C 651 6.17 2.25 84.74
CA ARG C 651 5.22 3.07 83.99
C ARG C 651 5.80 3.50 82.65
N ILE C 652 7.06 3.94 82.64
CA ILE C 652 7.69 4.38 81.40
C ILE C 652 7.67 3.27 80.38
N LEU C 653 7.94 2.05 80.81
CA LEU C 653 7.85 0.92 79.90
C LEU C 653 6.41 0.67 79.47
N GLY C 654 5.49 0.64 80.42
CA GLY C 654 4.10 0.37 80.10
C GLY C 654 3.58 1.24 78.97
N MET C 655 3.95 2.52 78.96
CA MET C 655 3.51 3.38 77.87
C MET C 655 3.89 2.79 76.51
N VAL C 656 5.18 2.56 76.28
CA VAL C 656 5.59 2.09 74.97
C VAL C 656 5.07 0.69 74.71
N TRP C 657 4.84 -0.09 75.76
CA TRP C 657 4.22 -1.38 75.56
C TRP C 657 2.83 -1.23 74.95
N ALA C 658 2.05 -0.29 75.48
CA ALA C 658 0.75 -0.01 74.90
C ALA C 658 0.87 0.46 73.46
N GLY C 659 1.84 1.34 73.20
CA GLY C 659 2.06 1.80 71.84
C GLY C 659 2.33 0.64 70.89
N PHE C 660 3.16 -0.29 71.31
CA PHE C 660 3.44 -1.46 70.49
C PHE C 660 2.17 -2.26 70.24
N ALA C 661 1.31 -2.37 71.26
CA ALA C 661 0.04 -3.05 71.04
C ALA C 661 -0.77 -2.37 69.95
N MET C 662 -0.89 -1.05 70.03
CA MET C 662 -1.63 -0.34 69.02
C MET C 662 -1.05 -0.61 67.64
N ILE C 663 0.28 -0.61 67.53
CA ILE C 663 0.89 -0.78 66.23
C ILE C 663 0.61 -2.16 65.66
N ILE C 664 0.73 -3.20 66.49
CA ILE C 664 0.49 -4.54 65.97
C ILE C 664 -0.95 -4.69 65.51
N VAL C 665 -1.92 -4.27 66.32
CA VAL C 665 -3.32 -4.41 65.90
C VAL C 665 -3.57 -3.63 64.62
N ALA C 666 -3.13 -2.37 64.58
CA ALA C 666 -3.37 -1.57 63.39
C ALA C 666 -2.78 -2.22 62.15
N SER C 667 -1.52 -2.62 62.21
CA SER C 667 -0.93 -3.24 61.04
C SER C 667 -1.71 -4.45 60.61
N TYR C 668 -2.23 -5.21 61.58
CA TYR C 668 -3.06 -6.34 61.19
C TYR C 668 -4.24 -5.89 60.36
N THR C 669 -4.97 -4.90 60.85
CA THR C 669 -6.12 -4.41 60.10
C THR C 669 -5.72 -3.95 58.71
N ALA C 670 -4.63 -3.20 58.62
CA ALA C 670 -4.24 -2.64 57.33
C ALA C 670 -3.90 -3.72 56.34
N ASN C 671 -3.13 -4.72 56.77
CA ASN C 671 -2.77 -5.78 55.86
C ASN C 671 -4.01 -6.52 55.37
N LEU C 672 -4.95 -6.79 56.26
CA LEU C 672 -6.17 -7.45 55.79
C LEU C 672 -6.90 -6.58 54.80
N ALA C 673 -6.97 -5.28 55.07
CA ALA C 673 -7.60 -4.37 54.13
C ALA C 673 -6.94 -4.45 52.76
N ALA C 674 -5.61 -4.54 52.75
CA ALA C 674 -4.94 -4.68 51.47
C ALA C 674 -5.38 -5.95 50.77
N PHE C 675 -5.31 -7.08 51.47
CA PHE C 675 -5.55 -8.34 50.78
C PHE C 675 -6.98 -8.47 50.30
N LEU C 676 -7.93 -7.81 50.94
CA LEU C 676 -9.30 -7.91 50.41
C LEU C 676 -9.56 -7.03 49.22
N VAL C 677 -8.96 -5.84 49.16
CA VAL C 677 -9.31 -4.92 48.08
C VAL C 677 -8.92 -5.50 46.72
N LEU C 678 -7.73 -6.09 46.62
CA LEU C 678 -7.30 -6.68 45.37
C LEU C 678 -7.68 -8.15 45.24
N ASP C 679 -8.75 -8.57 45.91
CA ASP C 679 -9.29 -9.91 45.71
C ASP C 679 -10.48 -9.78 44.77
N ARG C 680 -10.17 -9.74 43.48
CA ARG C 680 -11.17 -9.69 42.44
C ARG C 680 -10.57 -10.40 41.25
N PRO C 681 -11.37 -11.17 40.50
CA PRO C 681 -10.79 -12.04 39.48
C PRO C 681 -10.21 -11.27 38.30
N GLU C 682 -9.61 -11.99 37.35
CA GLU C 682 -9.08 -11.34 36.17
C GLU C 682 -10.19 -10.71 35.36
N GLU C 683 -9.85 -9.64 34.65
CA GLU C 683 -10.85 -8.92 33.88
C GLU C 683 -11.49 -9.81 32.83
N ARG C 684 -12.75 -9.54 32.53
CA ARG C 684 -13.42 -10.16 31.41
C ARG C 684 -12.59 -9.99 30.15
N ILE C 685 -12.68 -10.97 29.25
CA ILE C 685 -11.96 -10.87 27.98
C ILE C 685 -12.40 -9.57 27.31
N THR C 686 -11.46 -8.65 27.13
CA THR C 686 -11.79 -7.32 26.66
C THR C 686 -12.00 -7.24 25.16
N GLY C 687 -12.02 -8.36 24.47
CA GLY C 687 -12.24 -8.34 23.04
C GLY C 687 -11.38 -9.33 22.28
N ILE C 688 -10.95 -8.95 21.08
CA ILE C 688 -10.15 -9.85 20.26
C ILE C 688 -8.66 -9.60 20.42
N ASN C 689 -8.26 -8.67 21.27
CA ASN C 689 -6.86 -8.31 21.43
C ASN C 689 -6.37 -8.44 22.86
N ASP C 690 -7.05 -9.24 23.66
CA ASP C 690 -6.56 -9.39 25.02
C ASP C 690 -5.30 -10.26 25.04
N PRO C 691 -4.37 -9.95 25.94
CA PRO C 691 -3.24 -10.85 26.15
C PRO C 691 -3.65 -12.30 26.31
N ARG C 692 -4.49 -12.60 27.29
CA ARG C 692 -4.83 -13.99 27.57
C ARG C 692 -5.45 -14.70 26.38
N LEU C 693 -5.78 -14.00 25.31
CA LEU C 693 -6.32 -14.63 24.12
C LEU C 693 -5.47 -14.40 22.88
N ARG C 694 -4.69 -13.32 22.83
CA ARG C 694 -3.87 -13.09 21.65
C ARG C 694 -2.88 -14.23 21.46
N ASN C 695 -1.99 -14.41 22.40
CA ASN C 695 -1.14 -15.59 22.33
C ASN C 695 -1.73 -16.71 23.18
N PRO C 696 -1.85 -17.92 22.64
CA PRO C 696 -2.59 -18.97 23.31
C PRO C 696 -1.96 -19.39 24.63
N SER C 697 -2.73 -20.16 25.39
CA SER C 697 -2.26 -20.76 26.63
C SER C 697 -3.10 -21.99 26.89
N ASP C 698 -2.72 -22.76 27.91
CA ASP C 698 -3.38 -24.02 28.21
C ASP C 698 -4.24 -23.94 29.47
N LYS C 699 -4.31 -22.79 30.12
CA LYS C 699 -5.15 -22.67 31.29
C LYS C 699 -6.62 -22.71 30.93
N PHE C 700 -7.08 -21.74 30.16
CA PHE C 700 -8.47 -21.65 29.73
C PHE C 700 -8.51 -21.55 28.21
N ILE C 701 -9.21 -22.48 27.58
CA ILE C 701 -9.20 -22.64 26.15
C ILE C 701 -10.45 -21.99 25.58
N TYR C 702 -10.39 -21.63 24.29
CA TYR C 702 -11.51 -20.98 23.64
C TYR C 702 -11.50 -21.31 22.16
N ALA C 703 -12.62 -21.81 21.66
CA ALA C 703 -12.71 -22.23 20.27
C ALA C 703 -14.14 -22.03 19.80
N THR C 704 -14.46 -22.63 18.67
CA THR C 704 -15.78 -22.52 18.07
C THR C 704 -16.22 -23.92 17.66
N VAL C 705 -17.28 -24.01 16.88
CA VAL C 705 -17.77 -25.28 16.36
C VAL C 705 -17.01 -25.62 15.10
N LYS C 706 -16.71 -26.91 14.94
CA LYS C 706 -15.90 -27.35 13.81
C LYS C 706 -16.60 -27.09 12.49
N GLN C 707 -15.82 -26.70 11.48
CA GLN C 707 -16.22 -26.66 10.08
C GLN C 707 -17.35 -25.67 9.80
N SER C 708 -17.80 -24.93 10.81
CA SER C 708 -18.83 -23.91 10.61
C SER C 708 -18.25 -22.77 9.77
N SER C 709 -19.06 -21.75 9.48
CA SER C 709 -18.59 -20.57 8.78
C SER C 709 -17.86 -19.60 9.69
N VAL C 710 -17.40 -20.08 10.84
CA VAL C 710 -16.60 -19.26 11.76
C VAL C 710 -15.20 -19.81 11.94
N ASP C 711 -14.92 -21.03 11.51
CA ASP C 711 -13.55 -21.48 11.44
C ASP C 711 -12.90 -21.12 10.12
N ILE C 712 -13.69 -20.85 9.09
CA ILE C 712 -13.14 -20.41 7.81
C ILE C 712 -12.41 -19.08 7.97
N TYR C 713 -13.07 -18.08 8.53
CA TYR C 713 -12.49 -16.75 8.66
C TYR C 713 -11.21 -16.74 9.47
N PHE C 714 -10.98 -17.76 10.29
CA PHE C 714 -9.73 -17.88 11.03
C PHE C 714 -8.75 -18.86 10.39
N ARG C 715 -9.21 -19.66 9.44
CA ARG C 715 -8.25 -20.37 8.60
C ARG C 715 -7.56 -19.41 7.65
N ARG C 716 -8.23 -18.34 7.26
CA ARG C 716 -7.78 -17.51 6.16
C ARG C 716 -6.70 -16.51 6.54
N GLN C 717 -6.70 -16.01 7.78
CA GLN C 717 -5.75 -14.98 8.18
C GLN C 717 -4.53 -15.60 8.85
N VAL C 718 -3.41 -14.89 8.75
CA VAL C 718 -2.12 -15.44 9.14
C VAL C 718 -1.72 -14.95 10.52
N GLU C 719 -2.06 -13.70 10.84
CA GLU C 719 -1.74 -13.14 12.14
C GLU C 719 -2.44 -13.87 13.28
N LEU C 720 -3.28 -14.85 12.96
CA LEU C 720 -4.12 -15.51 13.94
C LEU C 720 -3.92 -17.01 13.97
N SER C 721 -3.09 -17.56 13.06
CA SER C 721 -2.91 -19.01 12.99
C SER C 721 -2.49 -19.59 14.33
N THR C 722 -1.70 -18.86 15.09
CA THR C 722 -1.19 -19.36 16.37
C THR C 722 -2.31 -19.78 17.31
N MET C 723 -3.47 -19.11 17.25
CA MET C 723 -4.61 -19.61 17.98
C MET C 723 -5.53 -20.43 17.10
N TYR C 724 -5.50 -20.19 15.79
CA TYR C 724 -6.45 -20.83 14.88
C TYR C 724 -6.25 -22.33 14.85
N ARG C 725 -5.01 -22.78 14.75
CA ARG C 725 -4.77 -24.22 14.81
C ARG C 725 -5.08 -24.76 16.20
N HIS C 726 -4.82 -23.96 17.24
CA HIS C 726 -5.16 -24.38 18.60
C HIS C 726 -6.65 -24.57 18.75
N MET C 727 -7.43 -23.84 17.97
CA MET C 727 -8.89 -23.94 18.02
C MET C 727 -9.38 -25.12 17.19
N GLU C 728 -8.92 -25.23 15.95
CA GLU C 728 -9.40 -26.25 15.02
C GLU C 728 -9.24 -27.67 15.56
N LYS C 729 -8.53 -27.85 16.68
CA LYS C 729 -8.55 -29.11 17.40
C LYS C 729 -9.57 -29.12 18.53
N HIS C 730 -9.92 -27.96 19.07
CA HIS C 730 -10.79 -27.87 20.24
C HIS C 730 -12.22 -27.53 19.86
N ASN C 731 -12.73 -28.09 18.77
CA ASN C 731 -14.07 -27.77 18.32
C ASN C 731 -15.07 -28.82 18.78
N TYR C 732 -16.21 -28.34 19.28
CA TYR C 732 -17.34 -29.21 19.53
C TYR C 732 -18.15 -29.33 18.24
N GLU C 733 -19.33 -29.96 18.32
CA GLU C 733 -20.11 -30.21 17.12
C GLU C 733 -21.35 -29.34 17.01
N SER C 734 -21.98 -28.98 18.12
CA SER C 734 -23.20 -28.19 18.09
C SER C 734 -23.11 -27.03 19.06
N ALA C 735 -23.83 -25.96 18.74
CA ALA C 735 -23.82 -24.78 19.58
C ALA C 735 -24.18 -25.13 21.02
N ALA C 736 -25.32 -25.79 21.21
CA ALA C 736 -25.77 -26.10 22.55
C ALA C 736 -24.76 -26.94 23.32
N GLU C 737 -23.94 -27.73 22.62
CA GLU C 737 -22.95 -28.55 23.30
C GLU C 737 -21.99 -27.69 24.08
N ALA C 738 -21.23 -26.85 23.39
CA ALA C 738 -20.34 -25.95 24.09
C ALA C 738 -21.11 -24.99 24.98
N ILE C 739 -22.39 -24.73 24.67
CA ILE C 739 -23.19 -23.91 25.57
C ILE C 739 -23.21 -24.53 26.95
N GLN C 740 -23.70 -25.76 27.05
CA GLN C 740 -23.74 -26.45 28.33
C GLN C 740 -22.35 -26.72 28.89
N ALA C 741 -21.34 -26.84 28.03
CA ALA C 741 -19.97 -26.95 28.51
C ALA C 741 -19.57 -25.69 29.26
N VAL C 742 -19.86 -24.53 28.67
CA VAL C 742 -19.69 -23.26 29.37
C VAL C 742 -20.46 -23.29 30.68
N ARG C 743 -21.70 -23.78 30.63
CA ARG C 743 -22.49 -23.94 31.85
C ARG C 743 -21.90 -25.01 32.77
N ASP C 744 -20.84 -25.70 32.36
CA ASP C 744 -20.17 -26.70 33.18
C ASP C 744 -18.66 -26.52 33.21
N ASN C 745 -18.16 -25.34 32.84
CA ASN C 745 -16.74 -24.99 32.95
C ASN C 745 -15.86 -25.87 32.08
N LYS C 746 -16.45 -26.60 31.14
CA LYS C 746 -15.66 -27.45 30.25
C LYS C 746 -14.88 -26.61 29.26
N LEU C 747 -15.57 -25.85 28.42
CA LEU C 747 -14.93 -24.88 27.54
C LEU C 747 -15.07 -23.49 28.15
N HIS C 748 -13.95 -22.79 28.28
CA HIS C 748 -13.95 -21.56 29.05
C HIS C 748 -14.48 -20.37 28.28
N ALA C 749 -14.48 -20.43 26.96
CA ALA C 749 -14.97 -19.28 26.20
C ALA C 749 -15.42 -19.70 24.82
N PHE C 750 -16.49 -19.08 24.35
CA PHE C 750 -17.15 -19.41 23.09
C PHE C 750 -17.37 -18.12 22.33
N ILE C 751 -17.54 -18.23 21.01
CA ILE C 751 -17.63 -17.05 20.17
C ILE C 751 -18.54 -17.34 18.98
N TRP C 752 -19.49 -16.47 18.74
CA TRP C 752 -20.45 -16.64 17.65
C TRP C 752 -21.05 -15.28 17.30
N ASP C 753 -22.18 -15.31 16.60
CA ASP C 753 -22.78 -14.12 16.02
C ASP C 753 -23.68 -13.40 17.02
N SER C 754 -23.65 -12.07 16.98
CA SER C 754 -24.38 -11.29 17.98
C SER C 754 -25.85 -11.62 17.98
N ALA C 755 -26.43 -11.83 16.81
CA ALA C 755 -27.84 -12.13 16.73
C ALA C 755 -28.18 -13.52 17.24
N VAL C 756 -27.24 -14.19 17.90
CA VAL C 756 -27.58 -15.35 18.69
C VAL C 756 -27.28 -15.13 20.17
N LEU C 757 -26.20 -14.42 20.51
CA LEU C 757 -25.93 -14.18 21.92
C LEU C 757 -26.90 -13.19 22.51
N GLU C 758 -27.33 -12.20 21.75
CA GLU C 758 -28.33 -11.26 22.26
C GLU C 758 -29.71 -11.89 22.37
N PHE C 759 -29.81 -13.20 22.16
CA PHE C 759 -30.96 -13.97 22.61
C PHE C 759 -30.59 -15.01 23.65
N GLU C 760 -29.37 -15.53 23.60
CA GLU C 760 -28.97 -16.51 24.61
C GLU C 760 -28.60 -15.87 25.93
N ALA C 761 -28.48 -14.54 25.98
CA ALA C 761 -28.28 -13.83 27.23
C ALA C 761 -29.59 -13.42 27.88
N SER C 762 -30.69 -14.09 27.55
CA SER C 762 -31.98 -13.69 28.07
C SER C 762 -32.90 -14.86 28.40
N GLN C 763 -32.43 -16.10 28.34
CA GLN C 763 -33.19 -17.23 28.84
C GLN C 763 -32.74 -17.61 30.24
N LYS C 764 -31.47 -17.95 30.39
CA LYS C 764 -30.82 -17.90 31.68
C LYS C 764 -30.33 -16.47 31.88
N CYS C 765 -29.59 -16.22 32.94
CA CYS C 765 -29.03 -14.89 33.09
C CYS C 765 -27.61 -14.98 33.64
N ASP C 766 -26.88 -16.04 33.27
CA ASP C 766 -25.55 -16.30 33.77
C ASP C 766 -24.50 -16.36 32.67
N LEU C 767 -24.87 -16.04 31.43
CA LEU C 767 -23.94 -16.08 30.31
C LEU C 767 -24.02 -14.75 29.60
N VAL C 768 -23.12 -13.83 29.95
CA VAL C 768 -23.18 -12.48 29.42
C VAL C 768 -22.09 -12.32 28.39
N THR C 769 -22.29 -11.37 27.50
CA THR C 769 -21.36 -11.07 26.43
C THR C 769 -20.55 -9.84 26.77
N THR C 770 -19.49 -9.61 26.01
CA THR C 770 -18.67 -8.42 26.15
C THR C 770 -17.85 -8.26 24.89
N GLY C 771 -16.95 -7.30 24.93
CA GLY C 771 -16.10 -7.04 23.79
C GLY C 771 -16.73 -6.07 22.82
N GLU C 772 -16.39 -6.26 21.56
CA GLU C 772 -16.95 -5.47 20.48
C GLU C 772 -16.89 -6.26 19.18
N LEU C 773 -18.02 -6.30 18.49
CA LEU C 773 -18.10 -6.91 17.16
C LEU C 773 -16.96 -6.36 16.31
N PHE C 774 -16.31 -7.22 15.54
CA PHE C 774 -15.22 -6.79 14.69
C PHE C 774 -15.48 -7.07 13.22
N PHE C 775 -15.95 -8.26 12.88
CA PHE C 775 -16.10 -8.68 11.49
C PHE C 775 -17.43 -8.15 11.00
N ARG C 776 -17.44 -6.89 10.58
CA ARG C 776 -18.69 -6.26 10.16
C ARG C 776 -19.31 -7.03 9.01
N SER C 777 -20.63 -6.97 8.94
CA SER C 777 -21.36 -7.72 7.95
C SER C 777 -22.75 -7.10 7.82
N GLY C 778 -23.69 -7.84 7.25
CA GLY C 778 -25.07 -7.45 7.27
C GLY C 778 -25.90 -8.52 6.60
N PHE C 779 -27.00 -8.93 7.21
CA PHE C 779 -27.82 -9.93 6.55
C PHE C 779 -28.51 -9.32 5.33
N GLY C 780 -29.27 -10.15 4.64
CA GLY C 780 -30.00 -9.69 3.48
C GLY C 780 -30.68 -10.83 2.77
N ILE C 781 -31.78 -10.54 2.11
CA ILE C 781 -32.53 -11.59 1.41
C ILE C 781 -31.76 -11.96 0.16
N GLY C 782 -31.73 -13.26 -0.15
CA GLY C 782 -31.03 -13.69 -1.34
C GLY C 782 -31.96 -14.00 -2.50
N MET C 783 -31.75 -13.32 -3.63
CA MET C 783 -32.48 -13.60 -4.86
C MET C 783 -31.53 -14.04 -5.96
N ARG C 784 -32.07 -14.79 -6.91
CA ARG C 784 -31.28 -15.28 -8.02
C ARG C 784 -30.83 -14.11 -8.88
N LYS C 785 -30.14 -14.41 -9.96
CA LYS C 785 -29.58 -13.37 -10.82
C LYS C 785 -30.71 -12.71 -11.58
N ASP C 786 -31.10 -11.52 -11.11
CA ASP C 786 -32.06 -10.65 -11.77
C ASP C 786 -33.41 -11.34 -11.97
N SER C 787 -34.06 -11.63 -10.85
CA SER C 787 -35.51 -11.78 -10.87
C SER C 787 -36.14 -10.43 -11.17
N PRO C 788 -37.36 -10.42 -11.64
CA PRO C 788 -38.04 -9.14 -11.88
C PRO C 788 -38.58 -8.53 -10.60
N TRP C 789 -38.09 -9.00 -9.45
CA TRP C 789 -38.58 -8.54 -8.17
C TRP C 789 -37.67 -7.49 -7.52
N LYS C 790 -36.44 -7.34 -7.99
CA LYS C 790 -35.40 -6.70 -7.19
C LYS C 790 -35.86 -5.33 -6.67
N GLN C 791 -36.16 -4.41 -7.58
CA GLN C 791 -36.52 -3.07 -7.14
C GLN C 791 -37.70 -3.06 -6.20
N GLN C 792 -38.65 -3.97 -6.41
CA GLN C 792 -39.82 -3.99 -5.54
C GLN C 792 -39.45 -4.42 -4.12
N VAL C 793 -38.64 -5.47 -3.99
CA VAL C 793 -38.21 -5.88 -2.66
C VAL C 793 -37.41 -4.78 -2.00
N SER C 794 -36.53 -4.14 -2.76
CA SER C 794 -35.67 -3.13 -2.15
C SER C 794 -36.44 -1.87 -1.81
N LEU C 795 -37.57 -1.61 -2.47
CA LEU C 795 -38.41 -0.53 -2.03
C LEU C 795 -39.20 -0.93 -0.78
N SER C 796 -39.68 -2.16 -0.74
CA SER C 796 -40.45 -2.63 0.40
C SER C 796 -39.63 -2.56 1.68
N ILE C 797 -38.41 -3.08 1.64
CA ILE C 797 -37.60 -3.11 2.86
C ILE C 797 -37.43 -1.71 3.43
N LEU C 798 -37.02 -0.77 2.59
CA LEU C 798 -36.96 0.61 3.06
C LEU C 798 -38.31 1.10 3.54
N LYS C 799 -39.41 0.65 2.92
CA LYS C 799 -40.73 1.02 3.45
C LYS C 799 -40.93 0.47 4.85
N SER C 800 -40.20 -0.59 5.20
CA SER C 800 -40.32 -1.20 6.51
C SER C 800 -39.11 -0.90 7.40
N HIS C 801 -38.57 0.30 7.27
CA HIS C 801 -37.61 0.81 8.24
C HIS C 801 -37.83 2.27 8.55
N GLU C 802 -38.93 2.84 8.08
CA GLU C 802 -39.31 4.19 8.46
C GLU C 802 -40.58 4.24 9.29
N ASN C 803 -41.24 3.11 9.52
CA ASN C 803 -42.37 3.03 10.41
C ASN C 803 -42.22 1.92 11.44
N GLY C 804 -41.01 1.72 11.95
CA GLY C 804 -40.78 0.90 13.12
C GLY C 804 -41.24 -0.53 13.05
N PHE C 805 -41.42 -1.06 11.84
CA PHE C 805 -41.88 -2.44 11.72
C PHE C 805 -40.89 -3.40 12.36
N MET C 806 -39.69 -3.49 11.79
CA MET C 806 -38.63 -4.28 12.41
C MET C 806 -38.40 -3.86 13.86
N GLU C 807 -38.46 -2.56 14.13
CA GLU C 807 -38.29 -2.06 15.49
C GLU C 807 -39.29 -2.70 16.44
N ASP C 808 -40.27 -3.42 15.92
CA ASP C 808 -41.19 -4.16 16.75
C ASP C 808 -41.02 -5.66 16.60
N LEU C 809 -40.68 -6.13 15.40
CA LEU C 809 -40.46 -7.57 15.23
C LEU C 809 -39.29 -8.05 16.06
N ASP C 810 -38.22 -7.25 16.14
CA ASP C 810 -37.14 -7.57 17.05
C ASP C 810 -37.65 -7.95 18.42
N LYS C 811 -38.43 -7.05 19.04
CA LYS C 811 -39.08 -7.38 20.31
C LYS C 811 -39.89 -8.65 20.18
N THR C 812 -40.56 -8.84 19.05
CA THR C 812 -41.37 -10.03 18.90
C THR C 812 -40.54 -11.30 19.01
N TRP C 813 -39.27 -11.25 18.68
CA TRP C 813 -38.59 -12.52 18.81
C TRP C 813 -37.20 -12.45 19.43
N VAL C 814 -36.53 -11.28 19.41
CA VAL C 814 -35.12 -11.28 19.80
C VAL C 814 -34.81 -10.35 20.97
N ARG C 815 -35.37 -9.14 20.97
CA ARG C 815 -35.07 -8.16 22.02
C ARG C 815 -36.14 -8.20 23.11
N TYR C 816 -36.31 -9.37 23.73
CA TYR C 816 -37.41 -9.58 24.67
C TYR C 816 -36.89 -10.17 25.98
N GLN C 817 -36.32 -9.30 26.83
CA GLN C 817 -35.98 -9.56 28.23
C GLN C 817 -35.28 -8.34 28.79
N GLU C 818 -34.96 -8.35 30.08
CA GLU C 818 -34.35 -7.17 30.71
C GLU C 818 -33.33 -7.55 31.79
N CYS C 819 -32.41 -8.47 31.49
CA CYS C 819 -31.29 -8.67 32.41
C CYS C 819 -30.36 -7.46 32.44
N ASP C 820 -29.59 -7.37 33.52
CA ASP C 820 -28.74 -6.23 33.82
C ASP C 820 -27.34 -6.73 34.13
N SER C 821 -26.37 -5.82 34.11
CA SER C 821 -24.99 -6.17 34.42
C SER C 821 -24.60 -5.80 35.84
N ARG C 822 -24.66 -4.51 36.19
CA ARG C 822 -24.57 -3.99 37.54
C ARG C 822 -23.18 -4.10 38.16
N SER C 823 -22.25 -4.83 37.53
CA SER C 823 -20.86 -4.94 37.97
C SER C 823 -20.76 -5.19 39.48
N ASN C 824 -21.21 -6.38 39.87
CA ASN C 824 -21.49 -6.72 41.26
C ASN C 824 -20.35 -6.34 42.20
N ALA C 825 -20.70 -6.11 43.47
CA ALA C 825 -19.77 -5.60 44.46
C ALA C 825 -19.06 -6.75 45.17
N PRO C 826 -17.89 -6.49 45.78
CA PRO C 826 -17.02 -7.59 46.21
C PRO C 826 -17.44 -8.39 47.43
N ALA C 827 -18.26 -9.43 47.19
CA ALA C 827 -18.11 -10.73 47.86
C ALA C 827 -18.13 -10.63 49.38
N THR C 828 -19.32 -10.31 49.90
CA THR C 828 -19.51 -10.38 51.34
C THR C 828 -19.02 -11.71 51.90
N LEU C 829 -18.57 -11.67 53.15
CA LEU C 829 -17.94 -12.83 53.74
C LEU C 829 -18.98 -13.88 54.13
N THR C 830 -18.51 -15.13 54.24
CA THR C 830 -19.36 -16.26 54.56
C THR C 830 -18.86 -16.94 55.83
N CYS C 831 -19.77 -17.65 56.49
CA CYS C 831 -19.41 -18.41 57.68
C CYS C 831 -18.28 -19.39 57.39
N GLU C 832 -18.21 -19.89 56.15
CA GLU C 832 -17.17 -20.84 55.78
C GLU C 832 -15.79 -20.24 56.01
N ASN C 833 -15.53 -19.09 55.42
CA ASN C 833 -14.21 -18.50 55.49
C ASN C 833 -13.84 -18.03 56.89
N MET C 834 -14.80 -18.01 57.81
CA MET C 834 -14.57 -17.40 59.12
C MET C 834 -14.58 -18.41 60.27
N ALA C 835 -15.18 -19.58 60.07
CA ALA C 835 -15.37 -20.53 61.18
C ALA C 835 -14.07 -20.82 61.92
N GLY C 836 -12.93 -20.52 61.32
CA GLY C 836 -11.69 -20.58 62.04
C GLY C 836 -11.74 -19.85 63.37
N VAL C 837 -12.32 -18.65 63.37
CA VAL C 837 -12.39 -17.91 64.62
C VAL C 837 -13.31 -18.56 65.62
N PHE C 838 -14.34 -19.27 65.17
CA PHE C 838 -15.24 -19.94 66.10
C PHE C 838 -14.63 -21.19 66.68
N MET C 839 -13.72 -21.83 65.94
CA MET C 839 -12.93 -22.91 66.53
C MET C 839 -12.31 -22.47 67.84
N LEU C 840 -11.85 -21.22 67.91
CA LEU C 840 -11.16 -20.76 69.11
C LEU C 840 -12.07 -20.73 70.31
N VAL C 841 -13.27 -20.16 70.19
CA VAL C 841 -14.18 -20.12 71.33
C VAL C 841 -14.67 -21.52 71.68
N ALA C 842 -14.90 -22.36 70.67
CA ALA C 842 -15.26 -23.74 70.95
C ALA C 842 -14.22 -24.39 71.84
N GLY C 843 -12.95 -24.34 71.43
CA GLY C 843 -11.89 -24.90 72.24
C GLY C 843 -11.71 -24.21 73.57
N GLY C 844 -12.07 -22.93 73.67
CA GLY C 844 -11.97 -22.23 74.93
C GLY C 844 -12.93 -22.77 75.97
N ILE C 845 -14.14 -23.15 75.54
CA ILE C 845 -15.06 -23.80 76.46
C ILE C 845 -14.44 -25.07 77.03
N VAL C 846 -13.86 -25.89 76.16
CA VAL C 846 -13.16 -27.10 76.58
C VAL C 846 -12.08 -26.76 77.60
N ALA C 847 -11.18 -25.84 77.24
CA ALA C 847 -10.08 -25.50 78.13
C ALA C 847 -10.58 -25.07 79.50
N GLY C 848 -11.67 -24.30 79.53
CA GLY C 848 -12.19 -23.83 80.80
C GLY C 848 -12.75 -24.95 81.66
N ILE C 849 -13.54 -25.85 81.05
CA ILE C 849 -14.17 -26.89 81.86
C ILE C 849 -13.16 -27.80 82.51
N PHE C 850 -11.89 -27.74 82.10
CA PHE C 850 -10.84 -28.47 82.78
C PHE C 850 -10.04 -27.59 83.72
N LEU C 851 -9.66 -26.39 83.27
CA LEU C 851 -8.95 -25.46 84.13
C LEU C 851 -9.70 -25.18 85.42
N ILE C 852 -11.03 -25.27 85.42
CA ILE C 852 -11.77 -25.02 86.64
C ILE C 852 -11.42 -26.03 87.73
N PHE C 853 -11.60 -27.32 87.44
CA PHE C 853 -11.23 -28.34 88.41
C PHE C 853 -9.75 -28.29 88.73
N ILE C 854 -8.92 -27.93 87.74
CA ILE C 854 -7.49 -27.78 87.98
C ILE C 854 -7.25 -26.77 89.09
N GLU C 855 -7.86 -25.60 88.97
CA GLU C 855 -7.64 -24.56 89.98
C GLU C 855 -8.34 -24.90 91.30
N ILE C 856 -9.42 -25.69 91.25
CA ILE C 856 -10.03 -26.13 92.51
C ILE C 856 -9.06 -27.03 93.26
N ALA C 857 -8.42 -27.96 92.56
CA ALA C 857 -7.36 -28.75 93.16
C ALA C 857 -6.26 -27.85 93.70
N TYR C 858 -5.82 -26.87 92.90
CA TYR C 858 -4.80 -25.94 93.36
C TYR C 858 -5.19 -25.28 94.68
N LYS C 859 -6.38 -24.68 94.73
CA LYS C 859 -6.84 -24.01 95.94
C LYS C 859 -6.98 -24.97 97.09
N ARG C 860 -7.32 -26.23 96.82
CA ARG C 860 -7.31 -27.26 97.84
C ARG C 860 -5.89 -27.61 98.28
N HIS C 861 -4.88 -27.23 97.49
CA HIS C 861 -3.49 -27.42 97.84
C HIS C 861 -2.85 -26.14 98.38
N LYS C 862 -3.61 -25.34 99.11
CA LYS C 862 -3.10 -24.11 99.70
C LYS C 862 -2.84 -24.27 101.19
N SER D 65 -9.97 -64.61 -43.18
CA SER D 65 -9.97 -63.88 -41.92
C SER D 65 -9.87 -62.37 -42.16
N ILE D 66 -9.35 -61.66 -41.17
CA ILE D 66 -9.24 -60.20 -41.25
C ILE D 66 -7.88 -59.83 -41.83
N GLY D 67 -7.77 -58.59 -42.30
CA GLY D 67 -6.55 -58.13 -42.93
C GLY D 67 -6.18 -56.70 -42.57
N ILE D 68 -4.91 -56.35 -42.77
CA ILE D 68 -4.39 -55.01 -42.50
C ILE D 68 -3.59 -54.56 -43.72
N ALA D 69 -4.24 -53.84 -44.62
CA ALA D 69 -3.60 -53.32 -45.82
C ALA D 69 -2.70 -52.15 -45.44
N VAL D 70 -1.40 -52.31 -45.66
CA VAL D 70 -0.41 -51.31 -45.29
C VAL D 70 0.07 -50.61 -46.55
N ILE D 71 0.01 -49.28 -46.55
CA ILE D 71 0.33 -48.48 -47.73
C ILE D 71 1.20 -47.32 -47.29
N LEU D 72 2.26 -47.08 -48.04
CA LEU D 72 3.21 -46.03 -47.70
C LEU D 72 3.52 -45.21 -48.94
N VAL D 73 4.22 -44.10 -48.73
CA VAL D 73 4.65 -43.19 -49.78
C VAL D 73 6.07 -42.76 -49.46
N GLY D 74 7.04 -43.21 -50.25
CA GLY D 74 8.39 -42.69 -50.19
C GLY D 74 9.36 -43.35 -49.22
N THR D 75 9.24 -43.06 -47.92
CA THR D 75 10.19 -43.55 -46.94
C THR D 75 10.09 -45.07 -46.83
N SER D 76 11.24 -45.69 -46.54
CA SER D 76 11.34 -47.15 -46.49
C SER D 76 11.73 -47.55 -45.07
N ASP D 77 10.84 -48.31 -44.42
CA ASP D 77 11.09 -48.89 -43.10
C ASP D 77 10.74 -50.36 -43.14
N GLU D 78 11.24 -51.04 -44.18
CA GLU D 78 10.97 -52.45 -44.43
C GLU D 78 11.09 -53.30 -43.16
N VAL D 79 11.95 -52.91 -42.22
CA VAL D 79 12.08 -53.65 -40.98
C VAL D 79 10.79 -53.66 -40.16
N ALA D 80 9.85 -52.77 -40.48
CA ALA D 80 8.55 -52.80 -39.82
C ALA D 80 7.84 -54.13 -40.06
N ILE D 81 8.15 -54.80 -41.16
CA ILE D 81 7.53 -56.09 -41.46
C ILE D 81 8.01 -57.16 -40.48
N LYS D 82 9.33 -57.34 -40.37
CA LYS D 82 9.84 -58.31 -39.42
C LYS D 82 9.49 -57.93 -37.99
N ASP D 83 9.43 -56.62 -37.68
CA ASP D 83 8.96 -56.19 -36.37
C ASP D 83 7.51 -56.57 -36.17
N ALA D 84 6.74 -56.62 -37.26
CA ALA D 84 5.37 -57.11 -37.18
C ALA D 84 5.35 -58.62 -36.95
N HIS D 85 6.08 -59.37 -37.79
CA HIS D 85 6.12 -60.82 -37.65
C HIS D 85 6.68 -61.26 -36.30
N GLU D 86 7.57 -60.46 -35.70
CA GLU D 86 8.13 -60.80 -34.40
C GLU D 86 7.28 -60.28 -33.23
N LYS D 87 6.08 -59.76 -33.51
CA LYS D 87 5.19 -59.27 -32.46
C LYS D 87 3.79 -59.84 -32.57
N ASP D 88 3.35 -60.23 -33.77
CA ASP D 88 1.97 -60.66 -33.96
C ASP D 88 1.75 -62.11 -33.57
N ASP D 89 2.65 -63.01 -33.95
CA ASP D 89 2.47 -64.41 -33.61
C ASP D 89 2.55 -64.65 -32.11
N PHE D 90 3.38 -63.89 -31.41
CA PHE D 90 3.48 -63.97 -29.96
C PHE D 90 2.46 -63.06 -29.27
N HIS D 91 1.36 -62.73 -29.95
CA HIS D 91 0.34 -61.84 -29.43
C HIS D 91 -0.98 -62.59 -29.34
N HIS D 92 -0.96 -63.76 -28.72
CA HIS D 92 -2.06 -64.71 -28.78
C HIS D 92 -3.26 -64.18 -27.99
N LEU D 93 -4.21 -65.07 -27.72
CA LEU D 93 -5.68 -64.94 -27.67
C LEU D 93 -6.27 -65.23 -29.05
N SER D 94 -5.43 -65.58 -30.03
CA SER D 94 -5.83 -66.36 -31.21
C SER D 94 -6.92 -65.66 -32.02
N VAL D 95 -6.54 -64.54 -32.61
CA VAL D 95 -7.33 -63.91 -33.67
C VAL D 95 -6.49 -63.91 -34.94
N VAL D 96 -7.14 -64.23 -36.05
CA VAL D 96 -6.46 -64.62 -37.28
C VAL D 96 -6.27 -63.38 -38.14
N PRO D 97 -5.04 -62.90 -38.33
CA PRO D 97 -4.80 -61.81 -39.28
C PRO D 97 -4.36 -62.33 -40.64
N ARG D 98 -4.47 -61.48 -41.67
CA ARG D 98 -3.95 -61.77 -43.02
C ARG D 98 -3.24 -60.52 -43.50
N VAL D 99 -1.96 -60.40 -43.16
CA VAL D 99 -1.25 -59.15 -43.40
C VAL D 99 -1.00 -58.96 -44.89
N GLU D 100 -0.81 -57.70 -45.27
CA GLU D 100 -0.48 -57.31 -46.64
C GLU D 100 0.41 -56.09 -46.55
N LEU D 101 1.40 -56.00 -47.44
CA LEU D 101 2.36 -54.90 -47.42
C LEU D 101 2.51 -54.36 -48.84
N VAL D 102 1.67 -53.43 -49.22
CA VAL D 102 1.68 -52.88 -50.57
C VAL D 102 2.31 -51.49 -50.48
N ALA D 103 3.58 -51.42 -50.85
CA ALA D 103 4.31 -50.16 -50.89
C ALA D 103 4.19 -49.57 -52.29
N MET D 104 3.41 -48.51 -52.41
CA MET D 104 3.18 -47.87 -53.69
C MET D 104 3.98 -46.57 -53.78
N ASN D 105 4.22 -46.14 -55.01
CA ASN D 105 4.95 -44.90 -55.25
C ASN D 105 4.08 -43.73 -54.81
N GLU D 106 4.60 -42.51 -54.96
CA GLU D 106 3.82 -41.33 -54.66
C GLU D 106 2.68 -41.21 -55.68
N THR D 107 1.46 -41.05 -55.18
CA THR D 107 0.28 -40.97 -56.04
C THR D 107 -0.57 -39.76 -55.63
N ASP D 108 -1.76 -39.68 -56.22
CA ASP D 108 -2.62 -38.51 -56.15
C ASP D 108 -4.05 -38.98 -55.95
N PRO D 109 -4.98 -38.06 -55.60
CA PRO D 109 -6.31 -38.50 -55.18
C PRO D 109 -6.96 -39.54 -56.08
N LYS D 110 -6.94 -39.31 -57.39
CA LYS D 110 -7.50 -40.30 -58.32
C LYS D 110 -6.85 -41.66 -58.09
N SER D 111 -5.53 -41.72 -58.29
CA SER D 111 -4.80 -42.96 -58.05
C SER D 111 -4.99 -43.44 -56.63
N ILE D 112 -5.07 -42.51 -55.67
CA ILE D 112 -5.27 -42.89 -54.27
C ILE D 112 -6.49 -43.77 -54.14
N ILE D 113 -7.66 -43.23 -54.52
CA ILE D 113 -8.89 -43.96 -54.30
C ILE D 113 -8.93 -45.23 -55.14
N THR D 114 -8.39 -45.15 -56.37
CA THR D 114 -8.40 -46.34 -57.22
C THR D 114 -7.61 -47.47 -56.57
N ARG D 115 -6.35 -47.21 -56.22
CA ARG D 115 -5.49 -48.22 -55.65
C ARG D 115 -5.87 -48.58 -54.23
N ILE D 116 -6.77 -47.82 -53.60
CA ILE D 116 -7.30 -48.27 -52.33
C ILE D 116 -8.47 -49.22 -52.52
N CYS D 117 -9.44 -48.87 -53.35
CA CYS D 117 -10.63 -49.72 -53.40
C CYS D 117 -10.42 -50.95 -54.26
N ASP D 118 -9.53 -50.89 -55.26
CA ASP D 118 -9.21 -52.09 -56.01
C ASP D 118 -8.66 -53.18 -55.13
N LEU D 119 -7.81 -52.81 -54.18
CA LEU D 119 -7.14 -53.78 -53.31
C LEU D 119 -8.04 -54.28 -52.20
N MET D 120 -9.35 -54.10 -52.32
CA MET D 120 -10.26 -54.54 -51.27
C MET D 120 -10.67 -55.99 -51.45
N SER D 121 -10.77 -56.48 -52.68
CA SER D 121 -11.32 -57.80 -52.96
C SER D 121 -10.25 -58.88 -52.97
N ASP D 122 -9.17 -58.71 -52.22
CA ASP D 122 -8.09 -59.68 -52.24
C ASP D 122 -8.21 -60.71 -51.12
N ARG D 123 -8.16 -60.25 -49.86
CA ARG D 123 -8.21 -61.14 -48.72
C ARG D 123 -9.07 -60.55 -47.62
N LYS D 124 -10.22 -59.99 -47.99
CA LYS D 124 -11.18 -59.41 -47.04
C LYS D 124 -10.52 -58.32 -46.21
N ILE D 125 -10.11 -57.26 -46.90
CA ILE D 125 -9.46 -56.13 -46.26
C ILE D 125 -10.41 -55.55 -45.21
N GLN D 126 -9.99 -55.59 -43.95
CA GLN D 126 -10.81 -55.19 -42.81
C GLN D 126 -10.08 -54.17 -41.96
N GLY D 127 -9.56 -53.13 -42.59
CA GLY D 127 -8.89 -52.08 -41.86
C GLY D 127 -7.59 -51.70 -42.52
N VAL D 128 -7.30 -50.40 -42.57
CA VAL D 128 -6.14 -49.88 -43.29
C VAL D 128 -5.36 -48.95 -42.37
N VAL D 129 -4.05 -49.15 -42.33
CA VAL D 129 -3.15 -48.21 -41.70
C VAL D 129 -2.62 -47.29 -42.78
N PHE D 130 -2.07 -46.15 -42.37
CA PHE D 130 -1.69 -45.16 -43.36
C PHE D 130 -0.60 -44.24 -42.83
N ALA D 131 0.26 -43.81 -43.74
CA ALA D 131 1.27 -42.80 -43.48
C ALA D 131 1.64 -42.16 -44.81
N ASP D 132 2.60 -41.24 -44.77
CA ASP D 132 2.96 -40.51 -45.98
C ASP D 132 4.27 -39.76 -45.75
N ASP D 133 4.71 -39.08 -46.82
CA ASP D 133 5.73 -38.04 -46.74
C ASP D 133 5.14 -36.86 -47.50
N THR D 134 4.27 -36.11 -46.81
CA THR D 134 3.50 -35.07 -47.47
C THR D 134 3.09 -34.05 -46.42
N ASP D 135 2.85 -32.82 -46.87
CA ASP D 135 2.34 -31.80 -45.96
C ASP D 135 1.04 -32.27 -45.32
N GLN D 136 0.79 -31.78 -44.11
CA GLN D 136 -0.39 -32.16 -43.34
C GLN D 136 -1.62 -31.34 -43.72
N GLU D 137 -1.67 -30.83 -44.94
CA GLU D 137 -2.66 -29.85 -45.34
C GLU D 137 -4.00 -30.47 -45.69
N ALA D 138 -4.05 -31.29 -46.74
CA ALA D 138 -5.32 -31.59 -47.37
C ALA D 138 -5.58 -33.07 -47.62
N ILE D 139 -4.55 -33.91 -47.60
CA ILE D 139 -4.76 -35.28 -48.06
C ILE D 139 -5.77 -36.01 -47.18
N ALA D 140 -5.75 -35.77 -45.86
CA ALA D 140 -6.58 -36.53 -44.95
C ALA D 140 -8.05 -36.50 -45.34
N GLN D 141 -8.54 -35.36 -45.80
CA GLN D 141 -9.95 -35.23 -46.16
C GLN D 141 -10.37 -36.29 -47.14
N ILE D 142 -9.48 -36.68 -48.05
CA ILE D 142 -9.85 -37.67 -49.05
C ILE D 142 -10.16 -39.00 -48.39
N LEU D 143 -9.28 -39.45 -47.51
CA LEU D 143 -9.53 -40.68 -46.77
C LEU D 143 -10.75 -40.54 -45.89
N ASP D 144 -10.94 -39.36 -45.30
CA ASP D 144 -12.16 -39.08 -44.57
C ASP D 144 -13.38 -39.44 -45.38
N PHE D 145 -13.52 -38.84 -46.57
CA PHE D 145 -14.66 -39.16 -47.43
C PHE D 145 -14.67 -40.63 -47.83
N ILE D 146 -13.48 -41.22 -48.03
CA ILE D 146 -13.40 -42.59 -48.50
C ILE D 146 -14.04 -43.55 -47.49
N SER D 147 -13.58 -43.47 -46.24
CA SER D 147 -14.06 -44.38 -45.20
C SER D 147 -15.56 -44.31 -45.03
N ALA D 148 -16.17 -43.16 -45.34
CA ALA D 148 -17.60 -43.01 -45.13
C ALA D 148 -18.40 -44.00 -45.95
N GLN D 149 -18.13 -44.10 -47.24
CA GLN D 149 -19.02 -44.82 -48.13
C GLN D 149 -19.01 -46.32 -47.92
N THR D 150 -18.13 -46.85 -47.07
CA THR D 150 -17.90 -48.29 -47.04
C THR D 150 -17.85 -48.89 -45.65
N LEU D 151 -17.84 -48.08 -44.59
CA LEU D 151 -17.71 -48.58 -43.22
C LEU D 151 -16.41 -49.39 -43.09
N THR D 152 -15.30 -48.66 -43.22
CA THR D 152 -13.99 -49.26 -43.07
C THR D 152 -13.15 -48.46 -42.09
N PRO D 153 -12.58 -49.13 -41.09
CA PRO D 153 -11.74 -48.43 -40.11
C PRO D 153 -10.43 -48.00 -40.76
N ILE D 154 -10.11 -46.72 -40.63
CA ILE D 154 -8.86 -46.16 -41.13
C ILE D 154 -8.14 -45.49 -39.98
N LEU D 155 -6.84 -45.69 -39.90
CA LEU D 155 -6.00 -45.10 -38.88
C LEU D 155 -4.94 -44.23 -39.54
N GLY D 156 -4.86 -42.97 -39.10
CA GLY D 156 -3.85 -42.09 -39.61
C GLY D 156 -2.59 -42.15 -38.77
N ILE D 157 -1.46 -42.46 -39.41
CA ILE D 157 -0.18 -42.55 -38.72
C ILE D 157 0.82 -41.71 -39.49
N HIS D 158 1.85 -41.24 -38.79
CA HIS D 158 2.83 -40.33 -39.38
C HIS D 158 2.13 -39.09 -39.89
N GLY D 159 1.68 -38.27 -38.94
CA GLY D 159 0.74 -37.22 -39.25
C GLY D 159 1.26 -36.12 -40.13
N GLY D 160 1.79 -36.50 -41.29
CA GLY D 160 1.81 -35.66 -42.46
C GLY D 160 0.58 -35.89 -43.29
N SER D 161 -0.14 -36.99 -43.03
CA SER D 161 -1.49 -37.19 -43.53
C SER D 161 -2.47 -37.32 -42.39
N SER D 162 -2.10 -36.91 -41.19
CA SER D 162 -2.92 -37.13 -40.02
C SER D 162 -2.92 -35.92 -39.10
N MET D 163 -3.08 -34.73 -39.67
CA MET D 163 -3.54 -33.60 -38.89
C MET D 163 -5.03 -33.79 -38.60
N ILE D 164 -5.44 -33.52 -37.37
CA ILE D 164 -6.78 -33.90 -36.95
C ILE D 164 -7.82 -33.02 -37.61
N MET D 165 -8.76 -33.64 -38.30
CA MET D 165 -9.96 -32.96 -38.73
C MET D 165 -10.85 -32.71 -37.51
N ALA D 166 -11.09 -31.43 -37.20
CA ALA D 166 -11.89 -31.09 -36.03
C ALA D 166 -13.24 -31.79 -36.07
N ASP D 167 -13.86 -31.86 -37.25
CA ASP D 167 -15.11 -32.58 -37.42
C ASP D 167 -15.08 -33.30 -38.76
N LYS D 168 -15.32 -34.60 -38.73
CA LYS D 168 -15.40 -35.39 -39.96
C LYS D 168 -16.83 -35.84 -40.24
N ASP D 169 -17.44 -36.57 -39.32
CA ASP D 169 -18.82 -37.05 -39.41
C ASP D 169 -19.19 -37.71 -38.09
N GLU D 170 -20.43 -38.17 -38.03
CA GLU D 170 -20.88 -39.11 -37.01
C GLU D 170 -21.14 -40.50 -37.57
N SER D 171 -21.02 -40.67 -38.89
CA SER D 171 -21.32 -41.93 -39.56
C SER D 171 -20.12 -42.83 -39.72
N SER D 172 -19.06 -42.34 -40.35
CA SER D 172 -17.91 -43.17 -40.68
C SER D 172 -17.13 -43.52 -39.41
N MET D 173 -16.02 -44.22 -39.57
CA MET D 173 -15.26 -44.68 -38.40
C MET D 173 -13.76 -44.44 -38.54
N PHE D 174 -13.36 -43.35 -39.19
CA PHE D 174 -11.95 -43.00 -39.29
C PHE D 174 -11.43 -42.42 -37.98
N PHE D 175 -10.32 -42.98 -37.50
CA PHE D 175 -9.58 -42.39 -36.40
C PHE D 175 -8.19 -42.01 -36.91
N GLN D 176 -7.52 -41.12 -36.18
CA GLN D 176 -6.18 -40.75 -36.56
C GLN D 176 -5.37 -40.48 -35.30
N PHE D 177 -4.23 -39.82 -35.48
CA PHE D 177 -3.31 -39.51 -34.41
C PHE D 177 -3.19 -38.00 -34.26
N GLY D 178 -2.29 -37.58 -33.38
CA GLY D 178 -2.18 -36.18 -33.04
C GLY D 178 -3.15 -35.84 -31.93
N PRO D 179 -2.96 -34.70 -31.33
CA PRO D 179 -3.82 -34.31 -30.21
C PRO D 179 -4.97 -33.43 -30.63
N SER D 180 -6.10 -33.53 -29.93
CA SER D 180 -7.17 -32.58 -30.13
C SER D 180 -6.87 -31.29 -29.37
N ILE D 181 -7.13 -30.17 -30.04
CA ILE D 181 -6.64 -28.86 -29.60
C ILE D 181 -6.84 -28.63 -28.11
N GLU D 182 -7.96 -29.11 -27.55
CA GLU D 182 -8.17 -28.95 -26.12
C GLU D 182 -7.04 -29.56 -25.31
N GLN D 183 -6.55 -30.72 -25.73
CA GLN D 183 -5.46 -31.35 -25.00
C GLN D 183 -4.22 -30.48 -25.04
N GLN D 184 -3.93 -29.88 -26.19
CA GLN D 184 -2.80 -28.97 -26.28
C GLN D 184 -2.95 -27.82 -25.31
N ALA D 185 -4.11 -27.18 -25.32
CA ALA D 185 -4.37 -26.09 -24.39
C ALA D 185 -4.15 -26.53 -22.96
N SER D 186 -4.65 -27.72 -22.62
CA SER D 186 -4.57 -28.18 -21.24
C SER D 186 -3.13 -28.37 -20.79
N VAL D 187 -2.35 -29.11 -21.58
CA VAL D 187 -0.97 -29.36 -21.17
C VAL D 187 -0.19 -28.05 -21.14
N MET D 188 -0.50 -27.13 -22.06
CA MET D 188 0.11 -25.81 -22.01
C MET D 188 -0.19 -25.13 -20.68
N LEU D 189 -1.44 -25.18 -20.25
CA LEU D 189 -1.80 -24.63 -18.95
C LEU D 189 -1.01 -25.30 -17.83
N ASN D 190 -0.86 -26.61 -17.92
CA ASN D 190 -0.11 -27.32 -16.88
C ASN D 190 1.32 -26.83 -16.81
N ILE D 191 1.93 -26.53 -17.95
CA ILE D 191 3.27 -25.95 -17.94
C ILE D 191 3.24 -24.58 -17.27
N MET D 192 2.34 -23.71 -17.73
CA MET D 192 2.22 -22.39 -17.13
C MET D 192 2.15 -22.48 -15.62
N GLU D 193 1.41 -23.47 -15.11
CA GLU D 193 1.33 -23.64 -13.67
C GLU D 193 2.66 -24.12 -13.10
N GLU D 194 3.14 -25.26 -13.56
CA GLU D 194 4.28 -25.91 -12.92
C GLU D 194 5.59 -25.16 -13.12
N TYR D 195 5.57 -24.00 -13.75
CA TYR D 195 6.73 -23.12 -13.68
C TYR D 195 6.36 -21.74 -13.15
N ASP D 196 5.18 -21.60 -12.56
CA ASP D 196 4.76 -20.37 -11.88
C ASP D 196 4.68 -19.20 -12.85
N TRP D 197 3.98 -19.42 -13.96
CA TRP D 197 3.65 -18.37 -14.91
C TRP D 197 2.13 -18.30 -14.99
N TYR D 198 1.56 -17.23 -14.45
CA TYR D 198 0.12 -17.14 -14.29
C TYR D 198 -0.52 -16.47 -15.50
N ILE D 199 -1.38 -17.22 -16.20
CA ILE D 199 -1.75 -16.92 -17.57
C ILE D 199 -2.22 -15.48 -17.73
N PHE D 200 -1.82 -14.88 -18.83
CA PHE D 200 -2.25 -13.53 -19.16
C PHE D 200 -2.78 -13.53 -20.59
N SER D 201 -2.94 -12.36 -21.19
CA SER D 201 -3.86 -12.16 -22.31
C SER D 201 -3.65 -13.15 -23.45
N ILE D 202 -4.67 -13.25 -24.29
CA ILE D 202 -4.74 -14.17 -25.41
C ILE D 202 -5.13 -13.38 -26.65
N VAL D 203 -4.47 -13.66 -27.76
CA VAL D 203 -4.77 -13.01 -29.03
C VAL D 203 -4.91 -14.07 -30.11
N THR D 204 -5.71 -13.78 -31.12
CA THR D 204 -5.93 -14.74 -32.20
C THR D 204 -6.52 -14.01 -33.39
N THR D 205 -7.01 -14.78 -34.36
CA THR D 205 -7.60 -14.25 -35.58
C THR D 205 -8.78 -15.11 -35.98
N TYR D 206 -9.23 -14.92 -37.22
CA TYR D 206 -10.42 -15.55 -37.75
C TYR D 206 -10.20 -16.97 -38.22
N PHE D 207 -9.03 -17.55 -38.04
CA PHE D 207 -8.84 -18.92 -38.49
C PHE D 207 -9.82 -19.83 -37.76
N PRO D 208 -10.55 -20.68 -38.47
CA PRO D 208 -11.61 -21.46 -37.82
C PRO D 208 -11.06 -22.42 -36.78
N GLY D 209 -11.88 -22.69 -35.78
CA GLY D 209 -11.46 -23.51 -34.67
C GLY D 209 -10.75 -22.71 -33.60
N TYR D 210 -11.41 -21.67 -33.10
CA TYR D 210 -10.83 -20.88 -32.03
C TYR D 210 -11.79 -20.74 -30.86
N GLN D 211 -13.09 -20.64 -31.17
CA GLN D 211 -14.09 -20.52 -30.12
C GLN D 211 -13.96 -21.65 -29.12
N ASP D 212 -13.83 -22.88 -29.60
CA ASP D 212 -13.62 -24.01 -28.71
C ASP D 212 -12.32 -23.86 -27.90
N PHE D 213 -11.28 -23.31 -28.51
CA PHE D 213 -10.02 -23.14 -27.78
C PHE D 213 -10.21 -22.20 -26.61
N VAL D 214 -10.73 -21.00 -26.87
CA VAL D 214 -10.87 -20.04 -25.79
C VAL D 214 -11.93 -20.50 -24.80
N ASN D 215 -12.93 -21.25 -25.25
CA ASN D 215 -13.90 -21.79 -24.31
C ASN D 215 -13.25 -22.80 -23.39
N LYS D 216 -12.33 -23.61 -23.92
CA LYS D 216 -11.58 -24.51 -23.07
C LYS D 216 -10.77 -23.73 -22.04
N ILE D 217 -10.07 -22.69 -22.49
CA ILE D 217 -9.24 -21.94 -21.54
C ILE D 217 -10.11 -21.34 -20.45
N ARG D 218 -11.27 -20.79 -20.81
CA ARG D 218 -12.15 -20.19 -19.82
C ARG D 218 -12.70 -21.23 -18.87
N SER D 219 -13.35 -22.26 -19.40
CA SER D 219 -13.99 -23.25 -18.55
C SER D 219 -12.98 -23.96 -17.65
N THR D 220 -11.79 -24.26 -18.13
CA THR D 220 -10.78 -24.87 -17.29
C THR D 220 -10.05 -23.88 -16.42
N ILE D 221 -10.24 -22.58 -16.62
CA ILE D 221 -9.68 -21.62 -15.69
C ILE D 221 -10.67 -21.17 -14.62
N GLU D 222 -11.96 -21.46 -14.79
CA GLU D 222 -12.95 -21.05 -13.80
C GLU D 222 -13.57 -22.22 -13.05
N ASN D 223 -13.16 -23.46 -13.35
CA ASN D 223 -13.58 -24.59 -12.54
C ASN D 223 -12.34 -25.17 -11.86
N SER D 224 -11.48 -24.29 -11.37
CA SER D 224 -10.26 -24.73 -10.71
C SER D 224 -9.99 -23.82 -9.52
N PHE D 225 -9.71 -24.45 -8.38
CA PHE D 225 -9.62 -23.74 -7.11
C PHE D 225 -8.31 -22.98 -6.94
N VAL D 226 -7.57 -22.76 -8.01
CA VAL D 226 -6.35 -21.97 -7.93
C VAL D 226 -6.64 -20.54 -8.39
N GLY D 227 -5.94 -19.58 -7.81
CA GLY D 227 -6.18 -18.18 -8.10
C GLY D 227 -5.56 -17.69 -9.38
N TRP D 228 -6.10 -18.11 -10.52
CA TRP D 228 -5.64 -17.62 -11.81
C TRP D 228 -6.17 -16.22 -12.05
N GLU D 229 -6.11 -15.78 -13.30
CA GLU D 229 -6.69 -14.51 -13.71
C GLU D 229 -6.81 -14.54 -15.23
N LEU D 230 -7.12 -13.37 -15.80
CA LEU D 230 -7.15 -13.21 -17.24
C LEU D 230 -7.18 -11.73 -17.57
N GLU D 231 -6.70 -11.39 -18.75
CA GLU D 231 -6.63 -10.01 -19.19
C GLU D 231 -7.32 -9.89 -20.54
N GLU D 232 -7.12 -8.75 -21.20
CA GLU D 232 -7.90 -8.43 -22.39
C GLU D 232 -7.73 -9.50 -23.46
N VAL D 233 -8.79 -10.24 -23.72
CA VAL D 233 -8.79 -11.24 -24.78
C VAL D 233 -9.12 -10.53 -26.09
N LEU D 234 -8.21 -10.64 -27.05
CA LEU D 234 -8.27 -9.82 -28.24
C LEU D 234 -8.80 -10.62 -29.42
N LEU D 235 -8.96 -9.92 -30.54
CA LEU D 235 -9.24 -10.54 -31.82
C LEU D 235 -8.81 -9.56 -32.89
N LEU D 236 -8.30 -10.08 -34.00
CA LEU D 236 -7.65 -9.27 -35.01
C LEU D 236 -8.39 -9.40 -36.34
N ASP D 237 -7.89 -8.66 -37.33
CA ASP D 237 -8.38 -8.80 -38.71
C ASP D 237 -7.18 -8.51 -39.61
N MET D 238 -6.49 -9.57 -40.01
CA MET D 238 -5.33 -9.44 -40.88
C MET D 238 -5.71 -8.98 -42.28
N SER D 239 -7.00 -8.90 -42.58
CA SER D 239 -7.46 -8.61 -43.93
C SER D 239 -7.45 -7.12 -44.26
N LEU D 240 -6.75 -6.29 -43.50
CA LEU D 240 -6.74 -4.84 -43.73
C LEU D 240 -5.39 -4.26 -43.37
N ASP D 241 -4.82 -3.46 -44.28
CA ASP D 241 -3.53 -2.83 -44.06
C ASP D 241 -3.61 -1.69 -43.06
N ASP D 242 -4.71 -0.93 -43.05
CA ASP D 242 -4.94 0.02 -41.97
C ASP D 242 -5.31 -0.67 -40.67
N GLY D 243 -5.63 -1.97 -40.72
CA GLY D 243 -5.77 -2.74 -39.49
C GLY D 243 -4.47 -2.89 -38.75
N ASP D 244 -3.36 -2.96 -39.48
CA ASP D 244 -2.04 -3.04 -38.85
C ASP D 244 -1.83 -1.90 -37.86
N SER D 245 -2.28 -0.70 -38.21
CA SER D 245 -2.31 0.38 -37.23
C SER D 245 -3.12 -0.01 -36.01
N LYS D 246 -4.40 -0.37 -36.19
CA LYS D 246 -5.18 -0.87 -35.07
C LYS D 246 -4.55 -2.12 -34.48
N ILE D 247 -3.83 -2.90 -35.30
CA ILE D 247 -3.10 -4.05 -34.78
C ILE D 247 -2.07 -3.61 -33.75
N GLN D 248 -1.16 -2.72 -34.16
CA GLN D 248 -0.22 -2.16 -33.19
C GLN D 248 -0.96 -1.45 -32.06
N ASN D 249 -2.10 -0.81 -32.37
CA ASN D 249 -2.83 -0.07 -31.36
C ASN D 249 -3.24 -0.98 -30.21
N GLN D 250 -4.15 -1.92 -30.48
CA GLN D 250 -4.64 -2.78 -29.42
C GLN D 250 -3.56 -3.74 -28.93
N LEU D 251 -2.56 -4.04 -29.76
CA LEU D 251 -1.42 -4.82 -29.29
C LEU D 251 -0.67 -4.10 -28.19
N LYS D 252 -0.47 -2.79 -28.32
CA LYS D 252 0.18 -2.04 -27.25
C LYS D 252 -0.60 -2.12 -25.96
N LYS D 253 -1.93 -2.19 -26.04
CA LYS D 253 -2.78 -2.13 -24.86
C LYS D 253 -2.58 -3.32 -23.93
N LEU D 254 -1.84 -4.34 -24.36
CA LEU D 254 -1.64 -5.53 -23.54
C LEU D 254 -0.22 -5.50 -22.97
N GLN D 255 -0.12 -5.76 -21.67
CA GLN D 255 1.16 -5.92 -20.99
C GLN D 255 1.11 -7.26 -20.26
N SER D 256 1.84 -8.24 -20.76
CA SER D 256 1.64 -9.59 -20.26
C SER D 256 2.91 -10.42 -20.36
N PRO D 257 3.49 -10.82 -19.22
CA PRO D 257 4.69 -11.66 -19.28
C PRO D 257 4.48 -12.99 -20.01
N ILE D 258 3.26 -13.39 -20.29
CA ILE D 258 3.00 -14.60 -21.04
C ILE D 258 1.84 -14.31 -21.99
N ILE D 259 1.92 -14.83 -23.20
CA ILE D 259 0.94 -14.56 -24.24
C ILE D 259 0.59 -15.87 -24.94
N LEU D 260 -0.65 -16.00 -25.38
CA LEU D 260 -1.05 -17.09 -26.25
C LEU D 260 -1.49 -16.55 -27.60
N LEU D 261 -1.14 -17.26 -28.66
CA LEU D 261 -1.47 -16.85 -30.00
C LEU D 261 -1.87 -18.08 -30.79
N TYR D 262 -2.82 -17.90 -31.70
CA TYR D 262 -3.40 -19.04 -32.42
C TYR D 262 -3.73 -18.61 -33.85
N CYS D 263 -2.90 -19.02 -34.79
CA CYS D 263 -3.08 -18.72 -36.21
C CYS D 263 -2.13 -19.62 -37.00
N THR D 264 -1.98 -19.34 -38.29
CA THR D 264 -1.13 -20.15 -39.14
C THR D 264 0.17 -19.43 -39.43
N LYS D 265 1.02 -20.04 -40.26
CA LYS D 265 2.41 -19.60 -40.36
C LYS D 265 2.54 -18.22 -40.99
N GLU D 266 1.76 -17.94 -42.03
CA GLU D 266 1.88 -16.64 -42.68
C GLU D 266 1.50 -15.52 -41.72
N GLU D 267 0.32 -15.63 -41.12
CA GLU D 267 -0.11 -14.65 -40.14
C GLU D 267 0.87 -14.58 -38.99
N ALA D 268 1.47 -15.71 -38.62
CA ALA D 268 2.46 -15.70 -37.55
C ALA D 268 3.65 -14.84 -37.93
N THR D 269 4.20 -15.06 -39.12
CA THR D 269 5.28 -14.20 -39.60
C THR D 269 4.87 -12.74 -39.57
N TYR D 270 3.65 -12.45 -40.03
CA TYR D 270 3.19 -11.07 -40.09
C TYR D 270 3.16 -10.43 -38.70
N ILE D 271 2.47 -11.09 -37.78
CA ILE D 271 2.30 -10.53 -36.45
C ILE D 271 3.63 -10.42 -35.74
N PHE D 272 4.50 -11.42 -35.88
CA PHE D 272 5.79 -11.36 -35.21
C PHE D 272 6.68 -10.29 -35.82
N GLU D 273 6.58 -10.08 -37.12
CA GLU D 273 7.32 -9.00 -37.76
C GLU D 273 6.87 -7.65 -37.23
N VAL D 274 5.57 -7.50 -36.96
CA VAL D 274 5.11 -6.28 -36.33
C VAL D 274 5.63 -6.19 -34.90
N ALA D 275 5.53 -7.28 -34.14
CA ALA D 275 5.89 -7.26 -32.73
C ALA D 275 7.37 -7.02 -32.50
N ASN D 276 8.21 -7.36 -33.48
CA ASN D 276 9.62 -7.02 -33.35
C ASN D 276 9.82 -5.51 -33.36
N SER D 277 8.79 -4.75 -33.75
CA SER D 277 8.85 -3.30 -33.79
C SER D 277 8.21 -2.63 -32.58
N VAL D 278 7.61 -3.40 -31.68
CA VAL D 278 7.03 -2.84 -30.46
C VAL D 278 7.79 -3.26 -29.21
N GLY D 279 8.36 -4.46 -29.18
CA GLY D 279 9.18 -4.86 -28.05
C GLY D 279 8.64 -6.06 -27.30
N LEU D 280 7.90 -6.92 -27.99
CA LEU D 280 7.33 -8.11 -27.38
C LEU D 280 8.24 -9.31 -27.48
N THR D 281 9.51 -9.11 -27.82
CA THR D 281 10.39 -10.21 -28.15
C THR D 281 11.62 -10.31 -27.26
N GLY D 282 11.85 -9.34 -26.38
CA GLY D 282 13.09 -9.31 -25.63
C GLY D 282 13.09 -10.22 -24.42
N TYR D 283 13.48 -9.67 -23.28
CA TYR D 283 13.64 -10.45 -22.06
C TYR D 283 12.31 -10.56 -21.33
N GLY D 284 11.81 -11.78 -21.20
CA GLY D 284 10.61 -12.02 -20.40
C GLY D 284 9.37 -12.42 -21.16
N TYR D 285 9.11 -11.75 -22.28
CA TYR D 285 7.85 -11.95 -23.03
C TYR D 285 7.93 -13.26 -23.82
N THR D 286 8.03 -14.36 -23.09
CA THR D 286 8.14 -15.66 -23.72
C THR D 286 6.81 -16.02 -24.35
N TRP D 287 6.80 -16.22 -25.65
CA TRP D 287 5.59 -16.52 -26.37
C TRP D 287 5.28 -18.00 -26.30
N ILE D 288 4.01 -18.34 -26.48
CA ILE D 288 3.53 -19.72 -26.44
C ILE D 288 2.54 -19.87 -27.59
N VAL D 289 2.74 -20.89 -28.41
CA VAL D 289 1.88 -21.14 -29.57
C VAL D 289 1.61 -22.64 -29.64
N PRO D 290 0.47 -23.08 -30.14
CA PRO D 290 0.31 -24.52 -30.36
C PRO D 290 1.01 -24.95 -31.63
N SER D 291 0.93 -26.24 -31.94
CA SER D 291 1.71 -26.82 -33.02
C SER D 291 1.09 -26.63 -34.38
N LEU D 292 0.18 -25.68 -34.55
CA LEU D 292 -0.34 -25.42 -35.87
C LEU D 292 0.64 -24.68 -36.75
N VAL D 293 1.54 -23.89 -36.18
CA VAL D 293 2.46 -23.14 -37.02
C VAL D 293 3.58 -24.06 -37.47
N ALA D 294 4.49 -24.40 -36.55
CA ALA D 294 5.04 -25.75 -36.40
C ALA D 294 4.96 -26.59 -37.66
N GLY D 295 5.49 -26.10 -38.78
CA GLY D 295 5.32 -26.82 -40.02
C GLY D 295 6.21 -28.04 -40.07
N ASP D 296 6.77 -28.34 -41.23
CA ASP D 296 7.92 -29.24 -41.21
C ASP D 296 8.94 -28.59 -40.29
N THR D 297 9.17 -29.20 -39.12
CA THR D 297 9.78 -28.48 -38.02
C THR D 297 11.27 -28.31 -38.21
N ASP D 298 11.65 -27.73 -39.35
CA ASP D 298 13.04 -27.48 -39.66
C ASP D 298 13.25 -26.11 -40.29
N THR D 299 12.19 -25.34 -40.49
CA THR D 299 12.30 -23.99 -41.04
C THR D 299 12.35 -22.98 -39.91
N VAL D 300 13.37 -22.13 -39.91
CA VAL D 300 13.47 -21.05 -38.94
C VAL D 300 13.31 -19.73 -39.67
N PRO D 301 12.10 -19.33 -40.01
CA PRO D 301 11.92 -18.05 -40.71
C PRO D 301 12.40 -16.89 -39.85
N SER D 302 12.59 -15.76 -40.50
CA SER D 302 13.16 -14.59 -39.84
C SER D 302 12.26 -14.05 -38.74
N GLU D 303 11.00 -14.44 -38.69
CA GLU D 303 10.04 -13.77 -37.83
C GLU D 303 10.23 -14.10 -36.36
N PHE D 304 10.38 -15.38 -36.02
CA PHE D 304 10.27 -15.80 -34.63
C PHE D 304 11.50 -15.37 -33.84
N PRO D 305 11.33 -14.59 -32.78
CA PRO D 305 12.47 -14.21 -31.94
C PRO D 305 13.00 -15.42 -31.18
N THR D 306 13.98 -15.16 -30.33
CA THR D 306 14.68 -16.25 -29.68
C THR D 306 13.85 -16.83 -28.54
N GLY D 307 13.94 -18.15 -28.37
CA GLY D 307 13.37 -18.79 -27.21
C GLY D 307 11.86 -18.87 -27.19
N LEU D 308 11.25 -19.35 -28.27
CA LEU D 308 9.79 -19.44 -28.35
C LEU D 308 9.37 -20.88 -28.14
N ILE D 309 8.45 -21.10 -27.21
CA ILE D 309 8.01 -22.43 -26.83
C ILE D 309 6.78 -22.78 -27.64
N SER D 310 6.53 -24.06 -27.80
CA SER D 310 5.30 -24.54 -28.40
C SER D 310 5.19 -26.02 -28.16
N VAL D 311 4.03 -26.47 -27.68
CA VAL D 311 3.76 -27.90 -27.65
C VAL D 311 3.79 -28.40 -29.08
N SER D 312 4.36 -29.58 -29.28
CA SER D 312 4.36 -30.19 -30.59
C SER D 312 4.30 -31.70 -30.45
N TYR D 313 4.51 -32.37 -31.56
CA TYR D 313 4.35 -33.83 -31.61
C TYR D 313 5.19 -34.30 -32.79
N ASP D 314 6.37 -34.83 -32.53
CA ASP D 314 7.29 -35.13 -33.62
C ASP D 314 8.22 -36.28 -33.22
N GLU D 315 8.97 -36.74 -34.20
CA GLU D 315 9.82 -37.93 -34.19
C GLU D 315 11.04 -37.75 -33.41
N TRP D 316 11.19 -36.67 -32.65
CA TRP D 316 12.32 -36.55 -31.75
C TRP D 316 12.47 -37.78 -30.85
N ASP D 317 11.40 -38.56 -30.67
CA ASP D 317 11.44 -39.77 -29.86
C ASP D 317 10.80 -40.97 -30.54
N TYR D 318 9.90 -40.77 -31.48
CA TYR D 318 9.11 -41.87 -32.03
C TYR D 318 9.42 -42.06 -33.51
N GLY D 319 9.32 -43.30 -33.98
CA GLY D 319 9.55 -43.62 -35.37
C GLY D 319 8.39 -44.36 -35.99
N LEU D 320 8.59 -44.87 -37.20
CA LEU D 320 7.46 -45.45 -37.95
C LEU D 320 7.02 -46.80 -37.38
N PRO D 321 7.86 -47.84 -37.36
CA PRO D 321 7.33 -49.18 -37.07
C PRO D 321 6.72 -49.30 -35.70
N ALA D 322 7.18 -48.53 -34.72
CA ALA D 322 6.54 -48.54 -33.41
C ALA D 322 5.06 -48.20 -33.54
N ARG D 323 4.75 -47.07 -34.19
CA ARG D 323 3.36 -46.69 -34.35
C ARG D 323 2.62 -47.64 -35.28
N VAL D 324 3.32 -48.24 -36.25
CA VAL D 324 2.67 -49.23 -37.11
C VAL D 324 2.19 -50.41 -36.28
N ARG D 325 3.07 -50.94 -35.42
CA ARG D 325 2.68 -52.02 -34.53
C ARG D 325 1.56 -51.58 -33.61
N ASP D 326 1.64 -50.33 -33.12
CA ASP D 326 0.54 -49.78 -32.33
C ASP D 326 -0.78 -49.97 -33.04
N GLY D 327 -0.87 -49.46 -34.26
CA GLY D 327 -2.13 -49.51 -34.98
C GLY D 327 -2.60 -50.92 -35.26
N ILE D 328 -1.68 -51.78 -35.69
CA ILE D 328 -2.13 -53.13 -36.06
C ILE D 328 -2.60 -53.89 -34.82
N ALA D 329 -1.88 -53.77 -33.71
CA ALA D 329 -2.33 -54.41 -32.48
C ALA D 329 -3.68 -53.88 -32.06
N ILE D 330 -3.87 -52.57 -32.16
CA ILE D 330 -5.14 -51.99 -31.72
C ILE D 330 -6.29 -52.51 -32.56
N ILE D 331 -6.12 -52.51 -33.88
CA ILE D 331 -7.22 -52.96 -34.73
C ILE D 331 -7.53 -54.43 -34.47
N THR D 332 -6.49 -55.24 -34.28
CA THR D 332 -6.75 -56.66 -34.07
C THR D 332 -7.46 -56.93 -32.74
N THR D 333 -6.94 -56.41 -31.63
CA THR D 333 -7.62 -56.65 -30.36
C THR D 333 -8.97 -55.98 -30.30
N ALA D 334 -9.18 -54.93 -31.09
CA ALA D 334 -10.50 -54.32 -31.17
C ALA D 334 -11.46 -55.21 -31.94
N ALA D 335 -10.96 -55.95 -32.92
CA ALA D 335 -11.79 -56.98 -33.52
C ALA D 335 -12.02 -58.13 -32.56
N SER D 336 -11.09 -58.34 -31.62
CA SER D 336 -11.12 -59.50 -30.75
C SER D 336 -12.13 -59.36 -29.61
N ASP D 337 -12.04 -58.28 -28.84
CA ASP D 337 -12.89 -58.14 -27.67
C ASP D 337 -14.38 -58.20 -28.02
N MET D 338 -14.75 -57.80 -29.24
CA MET D 338 -16.14 -57.93 -29.68
C MET D 338 -16.54 -59.40 -29.79
N LEU D 339 -15.69 -60.21 -30.41
CA LEU D 339 -15.89 -61.65 -30.38
C LEU D 339 -15.96 -62.17 -28.97
N SER D 340 -15.31 -61.49 -28.02
CA SER D 340 -15.51 -61.85 -26.62
C SER D 340 -16.87 -61.40 -26.09
N GLU D 341 -17.61 -60.59 -26.86
CA GLU D 341 -18.96 -60.18 -26.48
C GLU D 341 -20.01 -60.95 -27.25
N HIS D 342 -20.00 -60.87 -28.57
CA HIS D 342 -20.83 -61.70 -29.41
C HIS D 342 -20.00 -62.83 -30.01
N SER D 343 -20.66 -63.96 -30.24
CA SER D 343 -20.03 -65.13 -30.82
C SER D 343 -19.78 -64.97 -32.31
N PHE D 344 -19.97 -63.77 -32.85
CA PHE D 344 -19.84 -63.52 -34.28
C PHE D 344 -18.91 -62.35 -34.50
N ILE D 345 -18.57 -62.11 -35.76
CA ILE D 345 -17.65 -61.05 -36.16
C ILE D 345 -18.21 -60.40 -37.42
N PRO D 346 -18.02 -59.10 -37.63
CA PRO D 346 -18.39 -58.49 -38.91
C PRO D 346 -17.78 -59.25 -40.09
N GLU D 347 -18.60 -59.48 -41.11
CA GLU D 347 -18.23 -60.23 -42.29
C GLU D 347 -17.88 -59.28 -43.44
N PRO D 348 -16.97 -59.69 -44.33
CA PRO D 348 -16.46 -58.77 -45.34
C PRO D 348 -17.47 -58.38 -46.41
N LYS D 349 -17.01 -57.61 -47.38
CA LYS D 349 -17.84 -57.09 -48.47
C LYS D 349 -17.18 -57.40 -49.82
N SER D 350 -17.91 -57.10 -50.88
CA SER D 350 -17.44 -57.29 -52.24
C SER D 350 -16.72 -56.01 -52.70
N SER D 351 -16.51 -55.87 -54.01
CA SER D 351 -15.70 -54.80 -54.57
C SER D 351 -16.30 -53.42 -54.26
N CYS D 352 -15.58 -52.39 -54.71
CA CYS D 352 -15.82 -51.03 -54.24
C CYS D 352 -16.90 -50.32 -55.05
N TYR D 353 -16.71 -50.21 -56.37
CA TYR D 353 -17.49 -49.27 -57.17
C TYR D 353 -18.95 -49.70 -57.37
N ASN D 354 -19.26 -50.99 -57.28
CA ASN D 354 -20.63 -51.48 -57.51
C ASN D 354 -20.95 -52.54 -56.46
N THR D 355 -21.50 -52.11 -55.33
CA THR D 355 -21.92 -53.01 -54.26
C THR D 355 -23.29 -52.55 -53.74
N HIS D 356 -24.23 -52.35 -54.68
CA HIS D 356 -25.55 -51.83 -54.35
C HIS D 356 -26.22 -52.58 -53.21
N GLU D 357 -25.96 -53.87 -53.05
CA GLU D 357 -26.57 -54.63 -51.97
C GLU D 357 -26.12 -54.14 -50.60
N LYS D 358 -24.98 -53.46 -50.51
CA LYS D 358 -24.47 -52.93 -49.25
C LYS D 358 -25.04 -51.56 -48.93
N ARG D 359 -26.18 -51.20 -49.51
CA ARG D 359 -26.77 -49.87 -49.31
C ARG D 359 -27.89 -49.86 -48.28
N ILE D 360 -28.16 -50.97 -47.60
CA ILE D 360 -29.18 -51.01 -46.56
C ILE D 360 -28.59 -51.63 -45.30
N TYR D 361 -27.27 -51.51 -45.14
CA TYR D 361 -26.61 -52.14 -44.01
C TYR D 361 -26.63 -51.23 -42.79
N GLN D 362 -27.00 -51.81 -41.65
CA GLN D 362 -27.09 -51.07 -40.40
C GLN D 362 -25.71 -50.67 -39.89
N SER D 363 -25.66 -49.59 -39.13
CA SER D 363 -24.43 -49.16 -38.49
C SER D 363 -24.21 -50.01 -37.24
N ASN D 364 -23.09 -50.73 -37.18
CA ASN D 364 -22.84 -51.65 -36.10
C ASN D 364 -22.07 -50.97 -34.98
N MET D 365 -22.37 -51.38 -33.74
CA MET D 365 -21.83 -50.70 -32.56
C MET D 365 -20.40 -51.16 -32.29
N LEU D 366 -19.60 -51.11 -33.36
CA LEU D 366 -18.20 -51.49 -33.26
C LEU D 366 -17.45 -50.59 -32.28
N ASN D 367 -17.85 -49.33 -32.19
CA ASN D 367 -17.15 -48.35 -31.35
C ASN D 367 -16.86 -48.87 -29.96
N ARG D 368 -17.87 -49.42 -29.28
CA ARG D 368 -17.67 -49.91 -27.92
C ARG D 368 -16.60 -50.97 -27.87
N TYR D 369 -16.40 -51.69 -28.98
CA TYR D 369 -15.30 -52.62 -29.11
C TYR D 369 -14.16 -52.07 -29.95
N LEU D 370 -14.29 -50.83 -30.44
CA LEU D 370 -13.23 -50.19 -31.20
C LEU D 370 -12.57 -49.04 -30.44
N ILE D 371 -12.97 -48.78 -29.20
CA ILE D 371 -12.42 -47.67 -28.43
C ILE D 371 -11.81 -48.15 -27.11
N ASN D 372 -12.55 -48.96 -26.35
CA ASN D 372 -12.03 -49.48 -25.09
C ASN D 372 -10.98 -50.53 -25.42
N VAL D 373 -9.89 -50.05 -26.01
CA VAL D 373 -8.92 -50.91 -26.70
C VAL D 373 -7.53 -50.56 -26.20
N THR D 374 -6.97 -51.42 -25.35
CA THR D 374 -5.61 -51.23 -24.86
C THR D 374 -4.87 -52.56 -24.95
N PHE D 375 -3.56 -52.50 -24.71
CA PHE D 375 -2.72 -53.68 -24.79
C PHE D 375 -1.31 -53.32 -24.35
N GLU D 376 -0.57 -54.31 -23.88
CA GLU D 376 0.86 -54.19 -23.63
C GLU D 376 1.16 -53.16 -22.55
N GLY D 377 0.25 -53.03 -21.58
CA GLY D 377 0.42 -52.09 -20.50
C GLY D 377 0.25 -50.64 -20.87
N ARG D 378 0.00 -50.33 -22.14
CA ARG D 378 -0.23 -48.97 -22.59
C ARG D 378 -1.70 -48.80 -22.96
N ASP D 379 -2.35 -47.83 -22.33
CA ASP D 379 -3.73 -47.50 -22.66
C ASP D 379 -3.74 -46.52 -23.82
N LEU D 380 -4.49 -46.87 -24.87
CA LEU D 380 -4.58 -46.06 -26.08
C LEU D 380 -6.04 -45.88 -26.47
N SER D 381 -6.85 -45.48 -25.50
CA SER D 381 -8.27 -45.25 -25.77
C SER D 381 -8.45 -44.10 -26.76
N PHE D 382 -9.68 -43.95 -27.23
CA PHE D 382 -10.03 -42.93 -28.19
C PHE D 382 -11.24 -42.14 -27.71
N SER D 383 -11.48 -41.02 -28.38
CA SER D 383 -12.70 -40.27 -28.16
C SER D 383 -13.82 -40.90 -28.98
N GLU D 384 -15.00 -40.28 -28.92
CA GLU D 384 -16.05 -40.65 -29.86
C GLU D 384 -15.71 -40.14 -31.25
N ASP D 385 -15.20 -38.91 -31.34
CA ASP D 385 -14.87 -38.30 -32.61
C ASP D 385 -13.46 -38.62 -33.08
N GLY D 386 -12.78 -39.56 -32.43
CA GLY D 386 -11.55 -40.09 -32.99
C GLY D 386 -10.29 -39.27 -32.79
N TYR D 387 -9.85 -39.11 -31.55
CA TYR D 387 -8.48 -38.71 -31.27
C TYR D 387 -7.94 -39.55 -30.11
N GLN D 388 -6.62 -39.54 -29.98
CA GLN D 388 -5.93 -40.38 -29.01
C GLN D 388 -6.30 -39.94 -27.59
N MET D 389 -7.10 -40.74 -26.90
CA MET D 389 -7.21 -40.55 -25.46
C MET D 389 -5.89 -40.92 -24.81
N HIS D 390 -5.51 -40.16 -23.79
CA HIS D 390 -4.18 -40.28 -23.20
C HIS D 390 -3.10 -40.23 -24.26
N PRO D 391 -2.98 -39.13 -25.00
CA PRO D 391 -1.96 -39.05 -26.04
C PRO D 391 -0.61 -38.63 -25.49
N LYS D 392 0.44 -39.18 -26.09
CA LYS D 392 1.80 -38.85 -25.71
C LYS D 392 2.25 -37.61 -26.47
N LEU D 393 2.74 -36.63 -25.74
CA LEU D 393 3.11 -35.34 -26.32
C LEU D 393 4.56 -35.02 -26.01
N VAL D 394 5.04 -33.94 -26.61
CA VAL D 394 6.42 -33.48 -26.45
C VAL D 394 6.42 -31.96 -26.52
N ILE D 395 6.94 -31.33 -25.50
CA ILE D 395 7.18 -29.89 -25.52
C ILE D 395 8.48 -29.64 -26.25
N ILE D 396 8.53 -28.57 -27.05
CA ILE D 396 9.75 -28.17 -27.72
C ILE D 396 10.06 -26.74 -27.34
N LEU D 397 11.18 -26.24 -27.84
CA LEU D 397 11.67 -24.93 -27.42
C LEU D 397 12.67 -24.44 -28.45
N LEU D 398 12.57 -23.16 -28.80
CA LEU D 398 13.49 -22.56 -29.75
C LEU D 398 14.81 -22.26 -29.06
N ASN D 399 15.88 -22.89 -29.53
CA ASN D 399 17.21 -22.60 -29.03
C ASN D 399 17.62 -21.18 -29.39
N LYS D 400 18.75 -20.74 -28.85
CA LYS D 400 19.34 -19.49 -29.27
C LYS D 400 20.21 -19.66 -30.51
N GLU D 401 20.45 -20.90 -30.95
CA GLU D 401 21.22 -21.19 -32.15
C GLU D 401 20.35 -21.65 -33.31
N ARG D 402 19.12 -21.15 -33.39
CA ARG D 402 18.21 -21.41 -34.51
C ARG D 402 17.96 -22.91 -34.69
N LYS D 403 17.32 -23.50 -33.68
CA LYS D 403 17.13 -24.94 -33.66
C LYS D 403 16.03 -25.28 -32.66
N TRP D 404 15.33 -26.37 -32.93
CA TRP D 404 14.33 -26.91 -32.01
C TRP D 404 14.96 -28.00 -31.17
N GLU D 405 14.56 -28.06 -29.90
CA GLU D 405 15.22 -28.85 -28.87
C GLU D 405 14.22 -29.84 -28.26
N ARG D 406 14.62 -30.45 -27.15
CA ARG D 406 13.74 -31.26 -26.33
C ARG D 406 13.86 -30.82 -24.88
N VAL D 407 12.72 -30.71 -24.19
CA VAL D 407 12.69 -30.21 -22.82
C VAL D 407 11.97 -31.18 -21.89
N GLY D 408 10.79 -31.64 -22.25
CA GLY D 408 10.04 -32.48 -21.34
C GLY D 408 9.01 -33.35 -22.01
N LYS D 409 8.93 -34.62 -21.62
CA LYS D 409 7.98 -35.55 -22.19
C LYS D 409 6.78 -35.66 -21.27
N TRP D 410 5.72 -34.92 -21.60
CA TRP D 410 4.50 -34.92 -20.81
C TRP D 410 3.82 -36.27 -20.98
N LYS D 411 3.15 -36.71 -19.93
CA LYS D 411 2.62 -38.06 -19.87
C LYS D 411 1.79 -38.17 -18.61
N ASP D 412 0.67 -38.90 -18.70
CA ASP D 412 -0.27 -39.11 -17.60
C ASP D 412 -0.50 -37.85 -16.77
N LYS D 413 -0.58 -36.70 -17.44
CA LYS D 413 -0.73 -35.41 -16.77
C LYS D 413 0.42 -35.17 -15.78
N SER D 414 1.60 -35.64 -16.15
CA SER D 414 2.80 -35.45 -15.35
C SER D 414 3.87 -34.85 -16.24
N LEU D 415 4.95 -34.41 -15.60
CA LEU D 415 6.03 -33.71 -16.27
C LEU D 415 7.37 -34.39 -16.00
N GLN D 416 8.29 -34.24 -16.95
CA GLN D 416 9.70 -34.55 -16.78
C GLN D 416 10.45 -33.33 -17.30
N MET D 417 10.61 -32.32 -16.46
CA MET D 417 11.15 -31.03 -16.86
C MET D 417 12.62 -30.96 -16.51
N LYS D 418 13.47 -31.08 -17.54
CA LYS D 418 14.91 -31.05 -17.38
C LYS D 418 15.43 -29.72 -16.85
N TYR D 419 14.55 -28.76 -16.59
CA TYR D 419 14.97 -27.40 -16.32
C TYR D 419 14.21 -26.81 -15.14
N TYR D 420 14.26 -27.51 -13.99
CA TYR D 420 13.58 -27.10 -12.76
C TYR D 420 13.61 -25.60 -12.54
N VAL D 421 14.71 -24.95 -12.86
CA VAL D 421 14.76 -23.51 -12.99
C VAL D 421 14.80 -23.18 -14.47
N TRP D 422 13.95 -22.26 -14.90
CA TRP D 422 13.83 -21.99 -16.33
C TRP D 422 15.13 -21.37 -16.86
N PRO D 423 15.51 -21.69 -18.08
CA PRO D 423 16.64 -20.98 -18.70
C PRO D 423 16.34 -19.50 -18.86
N ARG D 424 17.40 -18.74 -19.12
CA ARG D 424 17.28 -17.33 -19.48
C ARG D 424 17.61 -17.14 -20.95
N MET D 425 16.77 -16.37 -21.63
CA MET D 425 16.93 -16.16 -23.07
C MET D 425 18.25 -15.48 -23.39
N ASP D 434 22.78 -9.35 -14.88
CA ASP D 434 21.75 -8.33 -15.09
C ASP D 434 20.57 -8.49 -14.14
N ASP D 435 19.38 -8.17 -14.62
CA ASP D 435 18.23 -8.00 -13.74
C ASP D 435 17.60 -9.34 -13.35
N HIS D 436 18.44 -10.27 -12.90
CA HIS D 436 17.97 -11.59 -12.51
C HIS D 436 19.05 -12.20 -11.64
N LEU D 437 18.78 -12.36 -10.35
CA LEU D 437 19.79 -12.75 -9.39
C LEU D 437 19.42 -14.09 -8.76
N SER D 438 20.27 -14.53 -7.83
CA SER D 438 20.09 -15.79 -7.14
C SER D 438 20.53 -15.61 -5.69
N ILE D 439 19.59 -15.69 -4.77
CA ILE D 439 19.85 -15.40 -3.35
C ILE D 439 19.40 -16.60 -2.52
N VAL D 440 20.04 -16.75 -1.36
CA VAL D 440 19.87 -17.94 -0.53
C VAL D 440 19.54 -17.52 0.90
N THR D 441 18.73 -18.33 1.57
CA THR D 441 18.33 -18.12 2.97
C THR D 441 18.79 -19.31 3.82
N LEU D 442 18.34 -19.33 5.08
CA LEU D 442 18.81 -20.33 6.04
C LEU D 442 17.70 -21.13 6.70
N GLU D 443 16.53 -20.54 6.92
CA GLU D 443 15.42 -21.19 7.62
C GLU D 443 15.87 -21.69 9.00
N GLU D 444 16.20 -20.72 9.85
CA GLU D 444 16.52 -21.04 11.22
C GLU D 444 15.55 -20.41 12.21
N ALA D 445 15.35 -19.12 12.11
CA ALA D 445 14.66 -18.38 13.16
C ALA D 445 13.22 -18.12 12.77
N PRO D 446 12.45 -17.42 13.60
CA PRO D 446 11.16 -16.92 13.15
C PRO D 446 11.28 -15.73 12.20
N PHE D 447 12.47 -15.49 11.68
CA PHE D 447 12.64 -14.51 10.61
C PHE D 447 12.34 -15.11 9.24
N VAL D 448 12.64 -16.38 9.04
CA VAL D 448 12.80 -16.95 7.71
C VAL D 448 11.99 -18.22 7.53
N ILE D 449 10.84 -18.30 8.18
CA ILE D 449 10.12 -19.56 8.33
C ILE D 449 9.82 -20.19 6.97
N VAL D 450 9.66 -21.51 6.97
CA VAL D 450 9.12 -22.27 5.84
C VAL D 450 8.06 -23.23 6.36
N GLU D 451 7.09 -23.52 5.50
CA GLU D 451 5.96 -24.35 5.89
C GLU D 451 5.63 -25.31 4.76
N SER D 452 4.81 -26.30 5.07
CA SER D 452 4.47 -27.33 4.09
C SER D 452 3.67 -26.72 2.95
N VAL D 453 3.92 -27.23 1.74
CA VAL D 453 3.26 -26.72 0.56
C VAL D 453 1.76 -27.00 0.65
N ASP D 454 0.96 -26.01 0.29
CA ASP D 454 -0.48 -26.15 0.37
C ASP D 454 -0.98 -27.00 -0.80
N PRO D 455 -1.61 -28.15 -0.54
CA PRO D 455 -2.12 -28.98 -1.64
C PRO D 455 -3.49 -28.59 -2.14
N LEU D 456 -4.26 -27.81 -1.37
CA LEU D 456 -5.65 -27.54 -1.72
C LEU D 456 -5.78 -26.55 -2.87
N SER D 457 -4.85 -25.62 -2.99
CA SER D 457 -4.83 -24.63 -4.07
C SER D 457 -3.43 -24.45 -4.63
N GLY D 458 -2.77 -25.56 -4.92
CA GLY D 458 -1.50 -25.57 -5.62
C GLY D 458 -0.23 -25.41 -4.81
N THR D 459 0.14 -24.19 -4.41
CA THR D 459 1.44 -23.99 -3.76
C THR D 459 1.34 -23.46 -2.33
N CYS D 460 0.93 -22.22 -2.13
CA CYS D 460 0.80 -21.68 -0.79
C CYS D 460 -0.42 -20.78 -0.62
N MET D 461 -0.94 -20.20 -1.71
CA MET D 461 -2.20 -19.48 -1.76
C MET D 461 -2.19 -18.16 -0.99
N ARG D 462 -1.04 -17.72 -0.49
CA ARG D 462 -1.03 -16.50 0.30
C ARG D 462 0.34 -15.84 0.28
N ASN D 463 0.45 -14.76 -0.49
CA ASN D 463 1.42 -13.67 -0.32
C ASN D 463 2.77 -14.13 0.21
N THR D 464 3.35 -15.16 -0.39
CA THR D 464 4.71 -15.55 -0.05
C THR D 464 5.46 -15.87 -1.33
N VAL D 465 6.73 -16.19 -1.19
CA VAL D 465 7.56 -16.57 -2.33
C VAL D 465 7.99 -18.00 -2.09
N PRO D 466 8.06 -18.84 -3.12
CA PRO D 466 8.55 -20.20 -2.91
C PRO D 466 10.05 -20.21 -2.65
N CYS D 467 10.52 -21.34 -2.14
CA CYS D 467 11.95 -21.61 -2.08
C CYS D 467 12.18 -23.09 -2.28
N GLN D 468 13.22 -23.40 -3.05
CA GLN D 468 13.51 -24.76 -3.50
C GLN D 468 14.57 -25.39 -2.61
N LYS D 469 14.87 -26.65 -2.89
CA LYS D 469 15.86 -27.40 -2.12
C LYS D 469 16.41 -28.53 -2.98
N ARG D 470 17.65 -28.39 -3.43
CA ARG D 470 18.31 -29.41 -4.23
C ARG D 470 19.11 -30.29 -3.26
N ILE D 471 18.62 -31.49 -3.03
CA ILE D 471 19.17 -32.38 -2.02
C ILE D 471 19.74 -33.62 -2.70
N ILE D 472 21.05 -33.83 -2.54
CA ILE D 472 21.70 -35.10 -2.83
C ILE D 472 22.77 -35.33 -1.77
N SER D 473 22.73 -36.49 -1.14
CA SER D 473 23.73 -36.85 -0.14
C SER D 473 23.82 -38.37 -0.10
N GLU D 474 25.04 -38.90 -0.23
CA GLU D 474 25.30 -40.34 -0.26
C GLU D 474 24.44 -41.00 -1.35
N ASN D 475 24.71 -40.58 -2.59
CA ASN D 475 24.00 -41.10 -3.74
C ASN D 475 24.70 -42.32 -4.33
N ASP D 478 25.70 -41.62 -9.53
CA ASP D 478 25.64 -40.25 -10.02
C ASP D 478 24.22 -39.88 -10.40
N GLU D 479 23.76 -38.72 -9.91
CA GLU D 479 22.41 -38.25 -10.19
C GLU D 479 22.35 -36.74 -9.99
N GLU D 480 21.17 -36.17 -10.25
CA GLU D 480 20.96 -34.74 -10.21
C GLU D 480 19.95 -34.36 -9.13
N PRO D 481 20.26 -33.36 -8.32
CA PRO D 481 19.33 -32.94 -7.26
C PRO D 481 18.28 -31.97 -7.77
N GLY D 482 17.47 -31.43 -6.86
CA GLY D 482 16.54 -30.38 -7.22
C GLY D 482 15.08 -30.75 -7.18
N TYR D 483 14.29 -29.93 -6.49
CA TYR D 483 12.82 -30.01 -6.49
C TYR D 483 12.30 -28.83 -5.69
N ILE D 484 11.06 -28.44 -6.00
CA ILE D 484 10.44 -27.32 -5.30
C ILE D 484 10.22 -27.70 -3.85
N LYS D 485 11.01 -27.13 -2.95
CA LYS D 485 10.86 -27.46 -1.55
C LYS D 485 9.49 -27.01 -1.02
N LYS D 486 9.30 -25.70 -0.87
CA LYS D 486 8.15 -25.18 -0.13
C LYS D 486 7.94 -23.72 -0.46
N CYS D 487 6.77 -23.22 -0.07
CA CYS D 487 6.57 -21.77 0.02
C CYS D 487 7.26 -21.27 1.28
N CYS D 488 7.60 -19.98 1.27
CA CYS D 488 8.75 -19.55 2.05
C CYS D 488 8.53 -18.10 2.46
N LYS D 489 8.03 -17.88 3.67
CA LYS D 489 7.65 -16.55 4.10
C LYS D 489 8.35 -16.20 5.40
N GLY D 490 8.29 -14.92 5.77
CA GLY D 490 8.86 -14.51 7.03
C GLY D 490 9.26 -13.05 7.00
N PHE D 491 9.70 -12.58 8.16
CA PHE D 491 10.13 -11.19 8.32
C PHE D 491 11.23 -10.83 7.33
N CYS D 492 12.33 -11.57 7.35
CA CYS D 492 13.38 -11.32 6.38
C CYS D 492 12.85 -11.47 4.96
N ILE D 493 12.02 -12.48 4.72
CA ILE D 493 11.37 -12.61 3.43
C ILE D 493 10.55 -11.36 3.13
N ASP D 494 9.89 -10.80 4.14
CA ASP D 494 9.09 -9.61 3.89
C ASP D 494 9.97 -8.44 3.42
N ILE D 495 11.05 -8.16 4.15
CA ILE D 495 11.87 -7.03 3.75
C ILE D 495 12.47 -7.27 2.37
N LEU D 496 12.89 -8.51 2.10
CA LEU D 496 13.47 -8.79 0.78
C LEU D 496 12.44 -8.57 -0.32
N LYS D 497 11.24 -9.10 -0.14
CA LYS D 497 10.22 -8.99 -1.18
C LYS D 497 9.88 -7.52 -1.45
N LYS D 498 9.64 -6.75 -0.39
CA LYS D 498 9.33 -5.34 -0.61
C LYS D 498 10.48 -4.60 -1.26
N ILE D 499 11.71 -4.83 -0.81
CA ILE D 499 12.81 -4.04 -1.33
C ILE D 499 13.07 -4.39 -2.77
N SER D 500 12.89 -5.65 -3.16
CA SER D 500 13.02 -6.00 -4.56
C SER D 500 11.92 -5.36 -5.38
N LYS D 501 10.68 -5.39 -4.88
CA LYS D 501 9.60 -4.74 -5.60
C LYS D 501 9.87 -3.27 -5.79
N SER D 502 10.64 -2.65 -4.90
CA SER D 502 10.86 -1.22 -5.02
C SER D 502 12.09 -0.84 -5.81
N VAL D 503 13.10 -1.70 -5.90
CA VAL D 503 14.29 -1.38 -6.67
C VAL D 503 14.37 -2.17 -7.97
N LYS D 504 13.27 -2.84 -8.35
CA LYS D 504 13.07 -3.33 -9.72
C LYS D 504 14.16 -4.31 -10.13
N PHE D 505 14.16 -5.45 -9.45
CA PHE D 505 14.99 -6.58 -9.86
C PHE D 505 14.34 -7.84 -9.35
N THR D 506 14.54 -8.94 -10.07
CA THR D 506 13.86 -10.19 -9.78
C THR D 506 14.86 -11.26 -9.39
N TYR D 507 14.36 -12.31 -8.75
CA TYR D 507 15.19 -13.18 -7.93
C TYR D 507 14.57 -14.58 -7.92
N ASP D 508 15.08 -15.41 -7.02
CA ASP D 508 14.52 -16.73 -6.73
C ASP D 508 15.18 -17.24 -5.45
N LEU D 509 14.75 -18.43 -5.02
CA LEU D 509 15.12 -18.91 -3.70
C LEU D 509 15.36 -20.41 -3.68
N TYR D 510 16.54 -20.79 -3.22
CA TYR D 510 16.82 -22.14 -2.79
C TYR D 510 17.68 -22.05 -1.55
N LEU D 511 17.62 -23.08 -0.71
CA LEU D 511 18.19 -23.03 0.63
C LEU D 511 19.63 -23.52 0.62
N VAL D 512 20.28 -23.40 1.77
CA VAL D 512 21.62 -23.93 1.95
C VAL D 512 21.51 -25.41 2.26
N THR D 513 22.33 -26.22 1.60
CA THR D 513 22.34 -27.66 1.84
C THR D 513 23.49 -28.11 2.72
N ASN D 514 24.57 -27.36 2.80
CA ASN D 514 25.76 -27.80 3.54
C ASN D 514 26.42 -26.58 4.17
N GLY D 515 26.06 -26.33 5.43
CA GLY D 515 26.62 -25.25 6.21
C GLY D 515 25.54 -24.45 6.90
N LYS D 516 25.98 -23.37 7.54
CA LYS D 516 25.16 -22.49 8.38
C LYS D 516 25.78 -21.10 8.28
N HIS D 517 25.60 -20.27 9.29
CA HIS D 517 26.39 -19.04 9.30
C HIS D 517 27.83 -19.49 9.43
N GLY D 518 28.49 -19.64 8.28
CA GLY D 518 29.76 -20.33 8.25
C GLY D 518 30.89 -19.55 8.88
N LYS D 519 31.93 -20.28 9.22
CA LYS D 519 33.16 -19.75 9.79
C LYS D 519 34.32 -20.22 8.94
N LYS D 520 35.54 -19.99 9.42
CA LYS D 520 36.72 -20.41 8.70
C LYS D 520 36.97 -21.88 8.98
N ILE D 521 36.82 -22.72 7.95
CA ILE D 521 37.08 -24.15 8.02
C ILE D 521 38.28 -24.42 7.13
N ASN D 522 39.46 -24.54 7.75
CA ASN D 522 40.72 -24.67 7.04
C ASN D 522 40.94 -23.48 6.10
N GLY D 523 40.77 -22.28 6.63
CA GLY D 523 40.98 -21.08 5.85
C GLY D 523 40.02 -20.85 4.72
N THR D 524 38.88 -21.54 4.71
CA THR D 524 37.88 -21.40 3.66
C THR D 524 36.57 -20.86 4.24
N TRP D 525 35.54 -20.86 3.40
CA TRP D 525 34.20 -20.43 3.79
C TRP D 525 33.19 -21.44 3.30
N ASN D 526 32.47 -22.05 4.22
CA ASN D 526 31.40 -22.98 3.87
C ASN D 526 30.07 -22.31 4.16
N GLY D 527 29.00 -23.06 3.89
CA GLY D 527 27.68 -22.59 4.24
C GLY D 527 27.31 -21.30 3.54
N MET D 528 26.67 -20.40 4.29
CA MET D 528 26.04 -19.24 3.69
C MET D 528 27.05 -18.38 2.94
N ILE D 529 28.02 -17.82 3.65
CA ILE D 529 28.94 -16.92 2.98
C ILE D 529 29.79 -17.66 1.97
N GLY D 530 30.10 -18.92 2.26
CA GLY D 530 30.79 -19.74 1.28
C GLY D 530 30.06 -19.80 -0.04
N GLU D 531 28.73 -19.83 0.00
CA GLU D 531 27.94 -19.74 -1.22
C GLU D 531 28.08 -18.39 -1.90
N VAL D 532 28.83 -17.45 -1.32
CA VAL D 532 29.01 -16.16 -1.92
C VAL D 532 30.46 -15.91 -2.32
N VAL D 533 31.42 -16.54 -1.66
CA VAL D 533 32.78 -16.42 -2.16
C VAL D 533 32.93 -17.18 -3.47
N MET D 534 32.24 -18.31 -3.61
CA MET D 534 32.27 -19.12 -4.82
C MET D 534 31.49 -18.50 -5.97
N LYS D 535 30.95 -17.31 -5.78
CA LYS D 535 30.11 -16.63 -6.77
C LYS D 535 28.95 -17.49 -7.24
N ARG D 536 28.61 -18.54 -6.50
CA ARG D 536 27.47 -19.37 -6.84
C ARG D 536 26.15 -18.67 -6.57
N ALA D 537 26.17 -17.48 -5.98
CA ALA D 537 24.97 -16.70 -5.75
C ALA D 537 25.38 -15.25 -5.57
N TYR D 538 24.39 -14.35 -5.54
CA TYR D 538 24.67 -12.93 -5.56
C TYR D 538 24.56 -12.28 -4.18
N MET D 539 23.52 -12.60 -3.41
CA MET D 539 23.32 -11.95 -2.11
C MET D 539 22.89 -12.94 -1.04
N ALA D 540 23.04 -12.50 0.20
CA ALA D 540 22.71 -13.30 1.38
C ALA D 540 21.81 -12.50 2.30
N VAL D 541 20.68 -13.11 2.70
CA VAL D 541 19.76 -12.53 3.66
C VAL D 541 19.49 -13.55 4.75
N GLY D 542 18.59 -13.19 5.67
CA GLY D 542 18.34 -13.97 6.85
C GLY D 542 19.14 -13.47 8.03
N SER D 543 18.87 -14.06 9.18
CA SER D 543 19.51 -13.62 10.42
C SER D 543 21.00 -13.85 10.31
N LEU D 544 21.75 -12.77 10.16
CA LEU D 544 23.19 -12.84 9.93
C LEU D 544 23.86 -11.65 10.59
N THR D 545 24.93 -11.90 11.32
CA THR D 545 25.60 -10.84 12.05
C THR D 545 26.60 -10.12 11.15
N ILE D 546 27.47 -9.33 11.78
CA ILE D 546 28.48 -8.57 11.07
C ILE D 546 29.72 -8.51 11.95
N ASN D 547 30.86 -8.93 11.41
CA ASN D 547 32.12 -8.88 12.12
C ASN D 547 33.20 -8.50 11.12
N GLU D 548 34.46 -8.67 11.52
CA GLU D 548 35.54 -8.44 10.58
C GLU D 548 35.70 -9.61 9.63
N GLU D 549 35.85 -10.83 10.19
CA GLU D 549 36.16 -11.99 9.37
C GLU D 549 35.15 -12.18 8.25
N ARG D 550 33.94 -11.68 8.44
CA ARG D 550 32.97 -11.72 7.36
C ARG D 550 33.00 -10.46 6.51
N SER D 551 33.44 -9.33 7.06
CA SER D 551 33.56 -8.12 6.27
C SER D 551 34.77 -8.13 5.37
N GLU D 552 35.52 -9.24 5.35
CA GLU D 552 36.71 -9.30 4.52
C GLU D 552 36.35 -9.47 3.06
N VAL D 553 35.50 -10.46 2.75
CA VAL D 553 35.23 -10.80 1.36
C VAL D 553 33.92 -10.18 0.91
N VAL D 554 32.81 -10.61 1.52
CA VAL D 554 31.53 -10.06 1.15
C VAL D 554 31.43 -8.66 1.73
N ASP D 555 30.43 -7.91 1.30
CA ASP D 555 30.20 -6.56 1.78
C ASP D 555 28.83 -6.48 2.43
N PHE D 556 28.64 -5.48 3.30
CA PHE D 556 27.45 -5.44 4.14
C PHE D 556 26.75 -4.09 4.04
N SER D 557 25.44 -4.15 3.79
CA SER D 557 24.59 -2.99 3.76
C SER D 557 24.46 -2.39 5.15
N VAL D 558 23.74 -1.29 5.26
CA VAL D 558 23.54 -0.70 6.59
C VAL D 558 22.55 -1.57 7.36
N PRO D 559 22.88 -1.97 8.58
CA PRO D 559 22.01 -2.91 9.31
C PRO D 559 20.69 -2.26 9.66
N PHE D 560 19.70 -3.10 9.95
CA PHE D 560 18.36 -2.61 10.25
C PHE D 560 17.91 -2.92 11.67
N ILE D 561 17.93 -4.19 12.08
CA ILE D 561 17.54 -4.54 13.45
C ILE D 561 18.78 -4.60 14.32
N GLU D 562 18.74 -3.92 15.45
CA GLU D 562 19.88 -3.93 16.34
C GLU D 562 20.05 -5.29 17.00
N THR D 563 21.20 -5.48 17.62
CA THR D 563 21.51 -6.73 18.29
C THR D 563 22.74 -6.55 19.15
N GLY D 564 22.96 -7.50 20.04
CA GLY D 564 24.07 -7.43 20.96
C GLY D 564 23.88 -8.38 22.12
N ILE D 565 24.98 -8.66 22.79
CA ILE D 565 24.94 -9.52 23.95
C ILE D 565 24.25 -8.79 25.08
N SER D 566 23.16 -9.38 25.58
CA SER D 566 22.37 -8.76 26.63
C SER D 566 22.16 -9.71 27.80
N VAL D 567 21.25 -9.34 28.72
CA VAL D 567 20.96 -10.13 29.90
C VAL D 567 19.45 -10.28 30.01
N MET D 568 19.03 -11.29 30.78
CA MET D 568 17.62 -11.50 31.08
C MET D 568 17.46 -11.62 32.59
N VAL D 569 16.49 -10.89 33.13
CA VAL D 569 16.22 -10.87 34.56
C VAL D 569 14.78 -11.28 34.81
N SER D 570 14.40 -11.29 36.08
CA SER D 570 13.05 -11.59 36.50
C SER D 570 12.70 -10.75 37.71
N ARG D 571 11.41 -10.47 37.86
CA ARG D 571 10.96 -9.49 38.84
C ARG D 571 11.05 -10.09 40.25
N SER D 572 10.49 -9.38 41.23
CA SER D 572 10.53 -9.84 42.61
C SER D 572 9.17 -9.64 43.25
N ASN D 573 8.73 -10.63 44.01
CA ASN D 573 7.40 -10.62 44.62
C ASN D 573 7.39 -9.68 45.81
N GLY D 574 7.22 -8.39 45.55
CA GLY D 574 6.90 -7.45 46.63
C GLY D 574 8.04 -7.13 47.57
N THR D 575 8.05 -5.90 48.08
CA THR D 575 9.16 -5.40 48.89
C THR D 575 8.67 -4.61 50.10
N VAL D 576 7.79 -5.20 50.90
CA VAL D 576 7.25 -4.50 52.06
C VAL D 576 8.38 -3.93 52.90
N SER D 577 8.28 -2.64 53.22
CA SER D 577 9.39 -1.93 53.81
C SER D 577 9.74 -2.49 55.18
N PRO D 578 11.01 -2.39 55.59
CA PRO D 578 11.36 -2.80 56.95
C PRO D 578 10.93 -1.80 58.00
N SER D 579 10.99 -0.51 57.69
CA SER D 579 10.57 0.54 58.61
C SER D 579 9.20 1.09 58.24
N ALA D 580 8.30 0.19 57.82
CA ALA D 580 6.96 0.61 57.43
C ALA D 580 6.22 1.28 58.57
N PHE D 581 6.25 0.70 59.76
CA PHE D 581 5.35 1.13 60.82
C PHE D 581 5.66 2.52 61.34
N LEU D 582 6.55 3.28 60.71
CA LEU D 582 6.76 4.67 61.07
C LEU D 582 6.73 5.57 59.85
N GLU D 583 6.19 5.07 58.74
CA GLU D 583 6.18 5.85 57.50
C GLU D 583 5.07 6.90 57.46
N PRO D 584 3.81 6.55 57.67
CA PRO D 584 2.73 7.37 57.11
C PRO D 584 2.46 8.65 57.85
N PHE D 585 3.37 9.08 58.72
CA PHE D 585 3.21 10.35 59.40
C PHE D 585 4.51 11.13 59.39
N SER D 586 4.40 12.45 59.25
CA SER D 586 5.57 13.31 59.17
C SER D 586 6.31 13.33 60.50
N ALA D 587 7.46 14.02 60.49
CA ALA D 587 8.22 14.19 61.72
C ALA D 587 7.55 15.15 62.68
N CYS D 588 6.83 16.16 62.18
CA CYS D 588 6.15 17.08 63.08
C CYS D 588 5.25 16.36 64.06
N VAL D 589 4.22 15.68 63.54
CA VAL D 589 3.03 15.37 64.32
C VAL D 589 3.35 14.72 65.64
N TRP D 590 4.47 14.04 65.77
CA TRP D 590 4.70 13.27 66.99
C TRP D 590 5.16 14.17 68.14
N VAL D 591 6.16 15.02 67.91
CA VAL D 591 6.56 15.94 68.96
C VAL D 591 5.45 16.96 69.23
N MET D 592 4.70 17.33 68.19
CA MET D 592 3.52 18.17 68.41
C MET D 592 2.54 17.48 69.34
N MET D 593 2.29 16.19 69.10
CA MET D 593 1.49 15.42 70.02
C MET D 593 2.03 15.50 71.43
N PHE D 594 3.33 15.28 71.59
CA PHE D 594 3.93 15.25 72.93
C PHE D 594 3.71 16.57 73.65
N VAL D 595 3.98 17.68 72.97
CA VAL D 595 3.83 18.96 73.64
C VAL D 595 2.37 19.28 73.90
N MET D 596 1.45 18.84 73.03
CA MET D 596 0.04 19.00 73.35
C MET D 596 -0.33 18.21 74.59
N LEU D 597 0.21 17.00 74.72
CA LEU D 597 0.07 16.24 75.96
C LEU D 597 0.48 17.09 77.16
N LEU D 598 1.68 17.66 77.09
CA LEU D 598 2.19 18.41 78.23
C LEU D 598 1.29 19.60 78.56
N ILE D 599 0.90 20.37 77.55
CA ILE D 599 0.12 21.55 77.84
C ILE D 599 -1.26 21.19 78.35
N VAL D 600 -1.85 20.10 77.85
CA VAL D 600 -3.16 19.71 78.33
C VAL D 600 -3.07 19.23 79.76
N SER D 601 -2.03 18.50 80.11
CA SER D 601 -1.84 18.09 81.49
C SER D 601 -1.69 19.30 82.40
N ALA D 602 -0.93 20.29 81.96
CA ALA D 602 -0.75 21.50 82.75
C ALA D 602 -2.09 22.20 82.99
N VAL D 603 -2.80 22.50 81.91
CA VAL D 603 -4.08 23.18 82.09
C VAL D 603 -5.05 22.33 82.86
N ALA D 604 -4.91 21.00 82.78
CA ALA D 604 -5.79 20.12 83.55
C ALA D 604 -5.57 20.31 85.04
N VAL D 605 -4.33 20.12 85.50
CA VAL D 605 -4.09 20.30 86.94
C VAL D 605 -4.41 21.71 87.39
N PHE D 606 -4.21 22.71 86.54
CA PHE D 606 -4.40 24.08 86.99
C PHE D 606 -5.85 24.53 86.99
N VAL D 607 -6.67 24.06 86.04
CA VAL D 607 -8.11 24.23 86.20
C VAL D 607 -8.65 23.29 87.25
N PHE D 608 -7.86 22.30 87.66
CA PHE D 608 -8.28 21.41 88.74
C PHE D 608 -8.08 22.01 90.12
N GLU D 609 -7.06 22.86 90.31
CA GLU D 609 -6.86 23.44 91.63
C GLU D 609 -7.85 24.56 91.95
N TYR D 610 -8.97 24.64 91.22
CA TYR D 610 -10.08 25.52 91.60
C TYR D 610 -11.24 24.70 92.15
N PRO D 629 -5.37 9.52 94.56
CA PRO D 629 -6.17 10.40 95.43
C PRO D 629 -6.42 11.75 94.78
N SER D 630 -5.41 12.63 94.82
CA SER D 630 -5.49 13.93 94.18
C SER D 630 -4.81 13.84 92.82
N PHE D 631 -5.56 14.12 91.76
CA PHE D 631 -5.01 14.06 90.42
C PHE D 631 -3.87 15.05 90.26
N THR D 632 -2.75 14.57 89.71
CA THR D 632 -1.56 15.37 89.56
C THR D 632 -0.94 15.07 88.20
N ILE D 633 0.31 15.50 88.03
CA ILE D 633 0.98 15.36 86.75
C ILE D 633 1.02 13.90 86.31
N GLY D 634 1.46 13.01 87.20
CA GLY D 634 1.69 11.63 86.81
C GLY D 634 0.42 10.93 86.35
N LYS D 635 -0.58 10.90 87.22
CA LYS D 635 -1.83 10.23 86.87
C LYS D 635 -2.42 10.80 85.60
N ALA D 636 -2.40 12.12 85.46
CA ALA D 636 -3.01 12.76 84.30
C ALA D 636 -2.30 12.36 83.01
N ILE D 637 -0.97 12.53 82.97
CA ILE D 637 -0.25 12.19 81.75
C ILE D 637 -0.43 10.72 81.42
N TRP D 638 -0.45 9.87 82.44
CA TRP D 638 -0.62 8.45 82.20
C TRP D 638 -1.97 8.18 81.55
N LEU D 639 -3.03 8.76 82.13
CA LEU D 639 -4.35 8.62 81.54
C LEU D 639 -4.36 9.07 80.09
N LEU D 640 -3.75 10.22 79.83
CA LEU D 640 -3.85 10.79 78.50
C LEU D 640 -3.15 9.94 77.47
N TRP D 641 -1.94 9.47 77.79
CA TRP D 641 -1.24 8.55 76.92
C TRP D 641 -2.09 7.31 76.67
N GLY D 642 -2.51 6.65 77.75
CA GLY D 642 -3.27 5.43 77.61
C GLY D 642 -4.58 5.61 76.89
N LEU D 643 -5.05 6.85 76.77
CA LEU D 643 -6.28 7.06 76.03
C LEU D 643 -6.00 7.33 74.57
N VAL D 644 -4.97 8.12 74.26
CA VAL D 644 -4.71 8.43 72.86
C VAL D 644 -4.27 7.18 72.13
N PHE D 645 -3.53 6.31 72.79
CA PHE D 645 -3.39 4.97 72.24
C PHE D 645 -4.65 4.21 72.61
N ASN D 646 -4.96 3.16 71.84
CA ASN D 646 -6.33 2.65 71.79
C ASN D 646 -6.96 2.55 73.16
N ASN D 647 -6.41 1.71 74.04
CA ASN D 647 -6.85 1.74 75.43
C ASN D 647 -5.96 0.84 76.26
N SER D 648 -6.09 0.99 77.57
CA SER D 648 -5.26 0.27 78.52
C SER D 648 -5.68 0.63 79.93
N VAL D 649 -5.28 -0.22 80.88
CA VAL D 649 -5.04 0.12 82.28
C VAL D 649 -6.12 1.03 82.87
N PRO D 650 -7.27 0.49 83.25
CA PRO D 650 -8.22 1.29 84.03
C PRO D 650 -7.52 2.08 85.13
N VAL D 651 -7.74 3.39 85.13
CA VAL D 651 -7.06 4.31 86.03
C VAL D 651 -8.06 5.33 86.57
N GLN D 652 -7.60 6.12 87.52
CA GLN D 652 -8.42 7.15 88.12
C GLN D 652 -8.76 8.23 87.10
N ASN D 653 -9.92 8.82 87.27
CA ASN D 653 -10.42 9.85 86.38
C ASN D 653 -10.16 11.22 86.97
N PRO D 654 -10.38 12.29 86.22
CA PRO D 654 -10.32 13.62 86.81
C PRO D 654 -11.57 13.91 87.62
N LYS D 655 -11.41 14.76 88.62
CA LYS D 655 -12.51 15.19 89.46
C LYS D 655 -13.01 16.55 89.02
N GLY D 656 -14.26 16.84 89.35
CA GLY D 656 -14.87 18.08 88.91
C GLY D 656 -15.59 17.91 87.59
N THR D 657 -16.86 18.29 87.55
CA THR D 657 -17.64 18.12 86.33
C THR D 657 -17.05 18.92 85.18
N THR D 658 -16.57 20.13 85.46
CA THR D 658 -16.14 21.05 84.41
C THR D 658 -14.88 20.59 83.68
N SER D 659 -13.86 20.13 84.40
CA SER D 659 -12.61 19.77 83.76
C SER D 659 -12.74 18.55 82.84
N LYS D 660 -13.84 17.80 82.98
CA LYS D 660 -14.08 16.65 82.11
C LYS D 660 -14.13 17.04 80.64
N ILE D 661 -14.46 18.28 80.32
CA ILE D 661 -14.55 18.68 78.92
C ILE D 661 -13.22 18.46 78.21
N MET D 662 -12.12 18.73 78.91
CA MET D 662 -10.82 18.68 78.26
C MET D 662 -10.48 17.27 77.81
N VAL D 663 -10.52 16.32 78.73
CA VAL D 663 -10.22 14.95 78.34
C VAL D 663 -11.18 14.48 77.26
N SER D 664 -12.40 15.00 77.28
CA SER D 664 -13.36 14.63 76.24
C SER D 664 -12.86 15.04 74.87
N VAL D 665 -12.65 16.34 74.66
CA VAL D 665 -12.23 16.78 73.34
C VAL D 665 -10.91 16.13 72.97
N TRP D 666 -10.06 15.87 73.95
CA TRP D 666 -8.85 15.13 73.67
C TRP D 666 -9.17 13.77 73.09
N ALA D 667 -10.13 13.08 73.69
CA ALA D 667 -10.51 11.77 73.20
C ALA D 667 -11.01 11.85 71.78
N PHE D 668 -11.75 12.90 71.47
CA PHE D 668 -12.19 13.09 70.09
C PHE D 668 -10.98 13.16 69.17
N PHE D 669 -10.04 14.04 69.53
CA PHE D 669 -8.79 14.13 68.78
C PHE D 669 -8.17 12.76 68.57
N ALA D 670 -8.08 11.99 69.65
CA ALA D 670 -7.39 10.71 69.58
C ALA D 670 -8.09 9.74 68.66
N VAL D 671 -9.42 9.68 68.73
CA VAL D 671 -10.12 8.71 67.90
C VAL D 671 -9.93 9.06 66.44
N ILE D 672 -10.11 10.34 66.08
CA ILE D 672 -9.89 10.66 64.69
C ILE D 672 -8.45 10.37 64.31
N PHE D 673 -7.52 10.53 65.26
CA PHE D 673 -6.12 10.29 64.96
C PHE D 673 -5.88 8.84 64.59
N LEU D 674 -6.21 7.92 65.50
CA LEU D 674 -6.00 6.51 65.24
C LEU D 674 -6.68 6.07 63.95
N ALA D 675 -7.90 6.57 63.71
CA ALA D 675 -8.56 6.19 62.48
C ALA D 675 -7.75 6.64 61.27
N SER D 676 -7.39 7.92 61.22
CA SER D 676 -6.60 8.40 60.10
C SER D 676 -5.33 7.59 59.93
N TYR D 677 -4.71 7.21 61.04
CA TYR D 677 -3.41 6.54 60.93
C TYR D 677 -3.56 5.17 60.33
N THR D 678 -4.50 4.37 60.83
CA THR D 678 -4.66 3.08 60.20
C THR D 678 -5.08 3.22 58.76
N ALA D 679 -5.87 4.24 58.45
CA ALA D 679 -6.24 4.45 57.06
C ALA D 679 -5.02 4.64 56.20
N ASN D 680 -4.20 5.63 56.51
CA ASN D 680 -3.02 5.88 55.71
C ASN D 680 -2.14 4.66 55.60
N LEU D 681 -1.79 4.05 56.74
CA LEU D 681 -0.92 2.89 56.70
C LEU D 681 -1.53 1.76 55.89
N ALA D 682 -2.84 1.79 55.66
CA ALA D 682 -3.39 0.79 54.77
C ALA D 682 -3.00 1.01 53.32
N ALA D 683 -2.15 1.98 53.02
CA ALA D 683 -1.68 2.11 51.65
C ALA D 683 -0.31 1.47 51.46
N PHE D 684 0.60 1.66 52.42
CA PHE D 684 1.96 1.16 52.26
C PHE D 684 2.04 -0.35 52.28
N MET D 685 0.93 -1.06 52.24
CA MET D 685 0.97 -2.49 52.00
C MET D 685 0.60 -2.84 50.57
N ILE D 686 0.19 -1.88 49.77
CA ILE D 686 -0.06 -2.09 48.36
C ILE D 686 1.11 -1.46 47.61
N GLN D 687 2.05 -2.28 47.19
CA GLN D 687 3.25 -1.83 46.50
C GLN D 687 3.38 -2.51 45.16
N GLU D 688 3.89 -1.78 44.17
CA GLU D 688 3.90 -2.27 42.81
C GLU D 688 5.01 -3.30 42.62
N GLU D 689 4.95 -3.98 41.48
CA GLU D 689 5.96 -4.96 41.14
C GLU D 689 7.32 -4.31 41.02
N TYR D 690 8.33 -4.94 41.62
CA TYR D 690 9.66 -4.37 41.71
C TYR D 690 10.54 -5.04 40.68
N VAL D 691 10.99 -4.28 39.69
CA VAL D 691 11.92 -4.77 38.68
C VAL D 691 13.33 -4.48 39.15
N ASP D 692 14.19 -5.50 39.11
CA ASP D 692 15.56 -5.32 39.56
C ASP D 692 16.27 -4.32 38.66
N GLN D 693 17.48 -3.94 39.07
CA GLN D 693 18.30 -3.00 38.32
C GLN D 693 19.72 -3.54 38.18
N VAL D 694 20.32 -3.30 37.03
CA VAL D 694 21.70 -3.70 36.77
C VAL D 694 22.19 -2.96 35.53
N SER D 695 23.43 -2.49 35.58
CA SER D 695 24.03 -1.82 34.44
C SER D 695 24.62 -2.86 33.49
N GLY D 696 25.41 -2.42 32.52
CA GLY D 696 26.05 -3.32 31.59
C GLY D 696 27.01 -4.25 32.30
N LEU D 697 27.61 -5.16 31.51
CA LEU D 697 28.42 -6.20 32.11
C LEU D 697 29.76 -5.66 32.58
N SER D 698 29.71 -4.59 33.36
CA SER D 698 30.83 -4.05 34.10
C SER D 698 30.41 -3.86 35.54
N ASP D 699 29.67 -4.83 36.07
CA ASP D 699 28.91 -4.66 37.29
C ASP D 699 29.59 -5.34 38.46
N LYS D 700 29.54 -4.69 39.62
CA LYS D 700 30.03 -5.31 40.83
C LYS D 700 29.32 -6.64 41.09
N LYS D 701 28.07 -6.75 40.66
CA LYS D 701 27.29 -7.93 40.97
C LYS D 701 27.72 -9.17 40.21
N PHE D 702 28.73 -9.07 39.33
CA PHE D 702 29.14 -10.24 38.56
C PHE D 702 30.64 -10.48 38.51
N GLN D 703 31.50 -9.47 38.69
CA GLN D 703 32.92 -9.78 38.80
C GLN D 703 33.23 -10.45 40.13
N ARG D 704 32.42 -10.19 41.15
CA ARG D 704 32.60 -10.74 42.49
C ARG D 704 31.26 -11.34 42.89
N PRO D 705 30.89 -12.48 42.30
CA PRO D 705 29.52 -13.00 42.48
C PRO D 705 29.28 -13.71 43.81
N ASN D 706 30.29 -13.86 44.65
CA ASN D 706 30.11 -14.53 45.93
C ASN D 706 29.79 -13.57 47.06
N ASP D 707 29.62 -12.28 46.76
CA ASP D 707 29.14 -11.34 47.77
C ASP D 707 27.86 -11.83 48.41
N PHE D 708 27.05 -12.57 47.66
CA PHE D 708 25.90 -13.30 48.17
C PHE D 708 25.99 -14.74 47.69
N SER D 709 24.89 -15.46 47.89
CA SER D 709 24.86 -16.90 47.72
C SER D 709 25.24 -17.30 46.29
N PRO D 710 25.74 -18.52 46.10
CA PRO D 710 26.04 -19.03 44.77
C PRO D 710 24.80 -19.24 43.91
N PRO D 711 23.58 -19.44 44.49
CA PRO D 711 22.38 -19.52 43.64
C PRO D 711 22.28 -18.51 42.51
N PHE D 712 23.01 -17.40 42.59
CA PHE D 712 22.97 -16.38 41.54
C PHE D 712 23.62 -16.97 40.30
N ARG D 713 22.84 -17.79 39.60
CA ARG D 713 23.30 -18.54 38.45
C ARG D 713 23.16 -17.73 37.17
N PHE D 714 24.04 -18.00 36.22
CA PHE D 714 24.12 -17.21 34.99
C PHE D 714 23.88 -18.08 33.78
N GLY D 715 23.02 -17.61 32.88
CA GLY D 715 22.57 -18.38 31.75
C GLY D 715 23.23 -18.02 30.44
N THR D 716 24.04 -18.95 29.93
CA THR D 716 24.70 -18.79 28.64
C THR D 716 24.96 -20.15 28.03
N VAL D 717 24.38 -20.38 26.85
CA VAL D 717 24.49 -21.64 26.15
C VAL D 717 25.87 -21.70 25.51
N PRO D 718 26.56 -22.84 25.54
CA PRO D 718 27.91 -22.89 24.98
C PRO D 718 27.95 -23.07 23.47
N ASN D 719 29.17 -23.09 22.91
CA ASN D 719 29.41 -23.44 21.51
C ASN D 719 28.76 -22.43 20.56
N GLY D 720 29.14 -21.17 20.70
CA GLY D 720 28.61 -20.18 19.80
C GLY D 720 29.21 -18.81 20.02
N SER D 721 28.55 -17.81 19.41
CA SER D 721 29.14 -16.47 19.38
C SER D 721 29.28 -15.89 20.76
N THR D 722 28.31 -16.13 21.62
CA THR D 722 28.46 -15.76 23.02
C THR D 722 29.77 -16.27 23.58
N GLU D 723 29.99 -17.58 23.49
CA GLU D 723 31.23 -18.18 23.98
C GLU D 723 32.46 -17.49 23.40
N ARG D 724 32.58 -17.51 22.07
CA ARG D 724 33.80 -17.00 21.46
C ARG D 724 34.04 -15.54 21.80
N ASN D 725 33.00 -14.70 21.74
CA ASN D 725 33.15 -13.32 22.15
C ASN D 725 33.35 -13.17 23.65
N ILE D 726 33.35 -14.27 24.39
CA ILE D 726 33.57 -14.18 25.83
C ILE D 726 34.99 -14.59 26.18
N ARG D 727 35.50 -15.62 25.53
CA ARG D 727 36.79 -16.20 25.88
C ARG D 727 37.95 -15.35 25.40
N ASN D 728 37.68 -14.08 25.15
CA ASN D 728 38.64 -13.15 24.58
C ASN D 728 38.96 -11.98 25.49
N ASN D 729 38.16 -11.73 26.52
CA ASN D 729 38.31 -10.51 27.28
C ASN D 729 38.40 -10.72 28.79
N TYR D 730 37.64 -11.67 29.34
CA TYR D 730 37.67 -11.90 30.78
C TYR D 730 38.11 -13.32 31.14
N ALA D 731 37.42 -14.33 30.59
CA ALA D 731 37.69 -15.75 30.78
C ALA D 731 37.44 -16.19 32.21
N GLU D 732 37.24 -15.24 33.11
CA GLU D 732 37.00 -15.59 34.50
C GLU D 732 35.51 -15.80 34.75
N MET D 733 34.67 -14.92 34.21
CA MET D 733 33.26 -15.25 34.06
C MET D 733 33.09 -16.53 33.28
N HIS D 734 33.94 -16.73 32.27
CA HIS D 734 33.87 -17.93 31.44
C HIS D 734 34.03 -19.19 32.29
N ALA D 735 35.10 -19.26 33.08
CA ALA D 735 35.27 -20.43 33.93
C ALA D 735 34.24 -20.52 35.04
N TYR D 736 33.94 -19.39 35.70
CA TYR D 736 32.97 -19.42 36.80
C TYR D 736 31.61 -19.89 36.34
N MET D 737 31.29 -19.69 35.06
CA MET D 737 30.06 -20.21 34.48
C MET D 737 30.18 -21.67 34.08
N GLY D 738 31.15 -22.39 34.63
CA GLY D 738 31.40 -23.75 34.19
C GLY D 738 30.24 -24.69 34.43
N LYS D 739 29.80 -24.82 35.68
CA LYS D 739 28.67 -25.70 35.98
C LYS D 739 27.34 -25.10 35.54
N PHE D 740 27.30 -23.80 35.29
CA PHE D 740 26.06 -23.13 34.93
C PHE D 740 25.90 -23.07 33.41
N ASN D 741 26.00 -24.23 32.78
CA ASN D 741 25.71 -24.36 31.36
C ASN D 741 24.26 -24.80 31.18
N GLN D 742 23.70 -24.46 30.03
CA GLN D 742 22.29 -24.68 29.81
C GLN D 742 22.06 -25.05 28.35
N ARG D 743 21.14 -25.99 28.12
CA ARG D 743 20.89 -26.52 26.79
C ARG D 743 19.91 -25.62 26.03
N GLY D 744 20.45 -24.68 25.27
CA GLY D 744 19.64 -23.91 24.35
C GLY D 744 18.73 -22.90 25.05
N VAL D 745 17.68 -22.51 24.32
CA VAL D 745 16.73 -21.53 24.82
C VAL D 745 15.49 -22.16 25.44
N ASP D 746 15.11 -23.37 25.03
CA ASP D 746 13.93 -24.01 25.59
C ASP D 746 14.11 -24.23 27.10
N ASP D 747 15.09 -25.06 27.47
CA ASP D 747 15.35 -25.31 28.88
C ASP D 747 15.66 -24.02 29.61
N ALA D 748 16.39 -23.11 28.97
CA ALA D 748 16.71 -21.84 29.59
C ALA D 748 15.46 -21.10 30.00
N LEU D 749 14.64 -20.70 29.02
CA LEU D 749 13.46 -19.92 29.34
C LEU D 749 12.34 -20.74 29.92
N LEU D 750 12.55 -22.02 30.21
CA LEU D 750 11.61 -22.66 31.13
C LEU D 750 12.14 -22.64 32.55
N SER D 751 13.28 -23.28 32.79
CA SER D 751 13.82 -23.40 34.13
C SER D 751 14.37 -22.10 34.68
N LEU D 752 14.27 -21.00 33.95
CA LEU D 752 14.63 -19.72 34.52
C LEU D 752 13.53 -19.18 35.43
N LYS D 753 12.28 -19.49 35.12
CA LYS D 753 11.18 -18.92 35.90
C LYS D 753 11.19 -19.44 37.33
N THR D 754 11.74 -20.64 37.55
CA THR D 754 11.65 -21.32 38.84
C THR D 754 12.96 -21.28 39.62
N GLY D 755 13.66 -20.15 39.62
CA GLY D 755 14.78 -19.92 40.51
C GLY D 755 16.02 -20.74 40.25
N LYS D 756 15.96 -21.77 39.41
CA LYS D 756 17.15 -22.52 39.06
C LYS D 756 18.06 -21.78 38.08
N LEU D 757 17.50 -20.81 37.35
CA LEU D 757 18.25 -19.97 36.42
C LEU D 757 17.81 -18.54 36.63
N ASP D 758 18.75 -17.64 36.92
CA ASP D 758 18.37 -16.31 37.39
C ASP D 758 18.83 -15.19 36.47
N ALA D 759 20.12 -15.09 36.16
CA ALA D 759 20.61 -14.08 35.24
C ALA D 759 21.08 -14.77 33.97
N PHE D 760 21.00 -14.05 32.86
CA PHE D 760 21.22 -14.68 31.56
C PHE D 760 22.26 -13.92 30.75
N ILE D 761 22.84 -14.63 29.79
CA ILE D 761 23.80 -14.07 28.86
C ILE D 761 23.51 -14.63 27.48
N TYR D 762 23.23 -13.76 26.52
CA TYR D 762 22.85 -14.18 25.18
C TYR D 762 22.87 -12.95 24.29
N ASP D 763 22.41 -13.09 23.05
CA ASP D 763 22.32 -11.98 22.13
C ASP D 763 20.89 -11.46 22.09
N ALA D 764 20.73 -10.17 22.34
CA ALA D 764 19.44 -9.58 22.63
C ALA D 764 18.41 -9.82 21.54
N ALA D 765 18.84 -9.99 20.29
CA ALA D 765 17.86 -10.10 19.23
C ALA D 765 17.02 -11.37 19.31
N VAL D 766 17.20 -12.19 20.35
CA VAL D 766 16.34 -13.33 20.58
C VAL D 766 15.52 -13.17 21.85
N LEU D 767 16.12 -12.60 22.89
CA LEU D 767 15.37 -12.32 24.11
C LEU D 767 14.31 -11.28 23.86
N ASN D 768 14.69 -10.17 23.22
CA ASN D 768 13.73 -9.13 22.90
C ASN D 768 12.59 -9.66 22.03
N TYR D 769 12.68 -10.91 21.59
CA TYR D 769 11.56 -11.57 20.92
C TYR D 769 10.82 -12.51 21.86
N MET D 770 11.56 -13.42 22.49
CA MET D 770 10.96 -14.43 23.34
C MET D 770 10.24 -13.87 24.55
N ALA D 771 10.53 -12.61 24.93
CA ALA D 771 9.80 -12.02 26.04
C ALA D 771 8.30 -12.01 25.78
N GLY D 772 7.89 -11.45 24.65
CA GLY D 772 6.47 -11.26 24.39
C GLY D 772 5.78 -12.52 23.92
N ARG D 773 6.17 -13.67 24.46
CA ARG D 773 5.44 -14.88 24.14
C ARG D 773 5.05 -15.65 25.40
N ASP D 774 5.87 -15.59 26.44
CA ASP D 774 5.57 -16.36 27.65
C ASP D 774 4.31 -15.84 28.32
N GLU D 775 3.51 -16.77 28.83
CA GLU D 775 2.22 -16.42 29.42
C GLU D 775 2.39 -15.41 30.54
N GLY D 776 3.39 -15.59 31.38
CA GLY D 776 3.63 -14.69 32.48
C GLY D 776 4.08 -13.32 32.02
N CYS D 777 4.57 -12.56 32.98
CA CYS D 777 5.10 -11.23 32.72
C CYS D 777 6.41 -10.98 33.43
N LYS D 778 6.96 -11.99 34.11
CA LYS D 778 8.17 -11.83 34.89
C LYS D 778 9.43 -12.01 34.05
N LEU D 779 9.34 -11.85 32.73
CA LEU D 779 10.47 -12.03 31.82
C LEU D 779 10.67 -10.74 31.05
N VAL D 780 11.53 -9.88 31.57
CA VAL D 780 11.81 -8.58 30.95
C VAL D 780 13.30 -8.36 30.93
N THR D 781 13.83 -7.94 29.78
CA THR D 781 15.23 -7.57 29.71
C THR D 781 15.48 -6.23 30.41
N ILE D 782 16.75 -5.88 30.52
CA ILE D 782 17.08 -4.56 31.04
C ILE D 782 16.87 -3.60 29.88
N GLY D 783 16.84 -2.32 30.18
CA GLY D 783 16.60 -1.32 29.15
C GLY D 783 17.70 -1.28 28.12
N SER D 784 17.40 -0.61 27.01
CA SER D 784 18.36 -0.46 25.93
C SER D 784 19.48 0.49 26.36
N GLY D 785 20.37 0.78 25.42
CA GLY D 785 21.49 1.64 25.74
C GLY D 785 22.40 1.08 26.81
N LYS D 786 22.32 -0.20 27.11
CA LYS D 786 23.18 -0.84 28.09
C LYS D 786 23.61 -2.21 27.60
N VAL D 787 24.02 -2.29 26.33
CA VAL D 787 24.26 -3.58 25.71
C VAL D 787 25.73 -3.65 25.30
N PHE D 788 26.18 -4.87 24.97
CA PHE D 788 27.60 -5.13 24.85
C PHE D 788 28.13 -5.02 23.42
N ALA D 789 27.66 -5.88 22.53
CA ALA D 789 28.23 -6.00 21.19
C ALA D 789 27.32 -5.28 20.21
N SER D 790 27.54 -3.98 20.06
CA SER D 790 26.70 -3.16 19.21
C SER D 790 26.94 -3.48 17.75
N THR D 791 26.12 -4.36 17.19
CA THR D 791 26.19 -4.75 15.80
C THR D 791 24.75 -4.82 15.27
N GLY D 792 24.58 -5.27 14.05
CA GLY D 792 23.24 -5.38 13.49
C GLY D 792 23.18 -6.41 12.39
N TYR D 793 22.04 -7.10 12.32
CA TYR D 793 21.79 -7.97 11.19
C TYR D 793 21.74 -7.12 9.93
N GLY D 794 22.07 -7.74 8.79
CA GLY D 794 22.10 -6.98 7.56
C GLY D 794 21.85 -7.78 6.31
N ILE D 795 22.45 -7.35 5.20
CA ILE D 795 22.38 -8.07 3.93
C ILE D 795 23.79 -8.20 3.39
N ALA D 796 24.09 -9.34 2.78
CA ALA D 796 25.43 -9.63 2.29
C ALA D 796 25.41 -9.78 0.77
N ILE D 797 26.35 -9.12 0.10
CA ILE D 797 26.43 -9.08 -1.35
C ILE D 797 27.87 -9.36 -1.77
N GLN D 798 28.04 -9.67 -3.06
CA GLN D 798 29.36 -9.89 -3.63
C GLN D 798 30.17 -8.61 -3.61
N LYS D 799 31.49 -8.77 -3.59
CA LYS D 799 32.36 -7.64 -3.30
C LYS D 799 32.28 -6.59 -4.39
N ASP D 800 32.09 -5.33 -3.97
CA ASP D 800 32.21 -4.16 -4.84
C ASP D 800 31.31 -4.24 -6.06
N SER D 801 30.09 -4.75 -5.86
CA SER D 801 29.14 -4.83 -6.96
C SER D 801 28.47 -3.48 -7.16
N GLY D 802 27.44 -3.45 -7.98
CA GLY D 802 26.75 -2.21 -8.29
C GLY D 802 25.36 -2.15 -7.70
N TRP D 803 25.16 -2.85 -6.59
CA TRP D 803 23.90 -2.82 -5.88
C TRP D 803 24.02 -2.36 -4.45
N LYS D 804 25.23 -2.32 -3.89
CA LYS D 804 25.42 -1.80 -2.55
C LYS D 804 24.74 -0.46 -2.41
N ARG D 805 25.05 0.47 -3.30
CA ARG D 805 24.52 1.82 -3.21
C ARG D 805 23.00 1.83 -3.26
N GLN D 806 22.42 1.08 -4.18
CA GLN D 806 20.97 1.17 -4.37
C GLN D 806 20.23 0.54 -3.20
N VAL D 807 20.62 -0.67 -2.78
CA VAL D 807 19.91 -1.24 -1.64
C VAL D 807 20.12 -0.40 -0.41
N ASP D 808 21.29 0.24 -0.29
CA ASP D 808 21.52 1.12 0.85
C ASP D 808 20.51 2.25 0.87
N LEU D 809 20.44 3.00 -0.22
CA LEU D 809 19.51 4.12 -0.28
C LEU D 809 18.09 3.65 -0.01
N ALA D 810 17.70 2.51 -0.58
CA ALA D 810 16.32 2.10 -0.44
C ALA D 810 15.99 1.60 0.95
N ILE D 811 16.93 0.97 1.65
CA ILE D 811 16.60 0.51 2.99
C ILE D 811 16.59 1.69 3.96
N LEU D 812 17.48 2.67 3.76
CA LEU D 812 17.35 3.88 4.56
C LEU D 812 16.03 4.58 4.27
N GLN D 813 15.59 4.58 3.02
CA GLN D 813 14.26 5.08 2.70
C GLN D 813 13.20 4.34 3.50
N LEU D 814 13.29 3.01 3.56
CA LEU D 814 12.33 2.23 4.32
C LEU D 814 12.26 2.70 5.77
N PHE D 815 13.41 2.91 6.41
CA PHE D 815 13.34 3.50 7.75
C PHE D 815 12.70 4.87 7.74
N GLY D 816 13.08 5.73 6.81
CA GLY D 816 12.68 7.13 6.90
C GLY D 816 11.19 7.33 6.75
N ASP D 817 10.52 6.38 6.11
CA ASP D 817 9.10 6.52 5.84
C ASP D 817 8.23 5.84 6.90
N GLY D 818 8.84 5.20 7.90
CA GLY D 818 8.07 4.62 8.97
C GLY D 818 7.25 3.42 8.56
N GLU D 819 7.93 2.32 8.25
CA GLU D 819 7.27 1.06 7.96
C GLU D 819 7.79 -0.10 8.80
N MET D 820 9.10 -0.18 9.03
CA MET D 820 9.66 -1.25 9.83
C MET D 820 8.97 -1.38 11.18
N GLU D 821 8.46 -0.28 11.72
CA GLU D 821 7.64 -0.39 12.92
C GLU D 821 6.44 -1.28 12.67
N GLU D 822 5.74 -1.06 11.56
CA GLU D 822 4.62 -1.93 11.21
C GLU D 822 5.07 -3.38 11.07
N LEU D 823 6.23 -3.61 10.46
CA LEU D 823 6.68 -4.98 10.25
C LEU D 823 6.99 -5.67 11.57
N GLU D 824 7.83 -5.06 12.39
CA GLU D 824 8.08 -5.56 13.73
C GLU D 824 6.78 -5.82 14.46
N ALA D 825 5.78 -4.95 14.27
CA ALA D 825 4.47 -5.19 14.85
C ALA D 825 3.85 -6.45 14.27
N LEU D 826 4.14 -6.75 13.01
CA LEU D 826 3.54 -7.95 12.43
C LEU D 826 4.19 -9.22 12.96
N TRP D 827 5.51 -9.25 13.06
CA TRP D 827 6.19 -10.44 13.58
C TRP D 827 6.96 -10.18 14.86
N LEU D 828 7.86 -9.20 14.87
CA LEU D 828 8.97 -9.23 15.82
C LEU D 828 8.48 -9.03 17.24
N THR D 829 7.96 -7.86 17.56
CA THR D 829 7.42 -7.67 18.90
C THR D 829 6.02 -8.27 18.97
N GLY D 830 5.69 -8.78 20.15
CA GLY D 830 4.41 -9.39 20.37
C GLY D 830 3.41 -8.39 20.90
N ILE D 831 2.45 -8.90 21.68
CA ILE D 831 1.53 -8.03 22.38
C ILE D 831 2.00 -7.75 23.80
N CYS D 832 2.77 -8.68 24.38
CA CYS D 832 3.09 -8.61 25.81
C CYS D 832 4.12 -7.53 26.09
N HIS D 833 3.76 -6.30 25.71
CA HIS D 833 4.46 -5.14 26.22
C HIS D 833 4.40 -5.15 27.73
N ASN D 834 5.46 -4.67 28.37
CA ASN D 834 5.55 -4.74 29.82
C ASN D 834 4.79 -3.59 30.48
N GLU D 835 3.89 -3.93 31.41
CA GLU D 835 3.27 -2.96 32.30
C GLU D 835 3.13 -3.58 33.69
N LYS D 836 3.32 -2.75 34.69
CA LYS D 836 3.30 -3.21 36.08
C LYS D 836 1.91 -3.73 36.44
N ASN D 837 1.87 -4.50 37.53
CA ASN D 837 0.62 -4.98 38.09
C ASN D 837 0.72 -4.96 39.60
N GLU D 838 -0.13 -4.17 40.24
CA GLU D 838 -0.13 -4.06 41.68
C GLU D 838 -0.43 -5.43 42.29
N VAL D 839 0.53 -5.98 43.01
CA VAL D 839 0.33 -7.25 43.68
C VAL D 839 0.21 -6.99 45.17
N MET D 840 -0.60 -7.80 45.84
CA MET D 840 -0.74 -7.68 47.27
C MET D 840 0.61 -7.90 47.94
N SER D 841 0.67 -7.61 49.23
CA SER D 841 1.88 -7.92 49.97
C SER D 841 2.00 -9.42 50.18
N SER D 842 3.16 -9.83 50.65
CA SER D 842 3.24 -11.14 51.25
C SER D 842 2.67 -11.10 52.64
N GLN D 843 2.53 -12.27 53.25
CA GLN D 843 2.25 -12.30 54.68
C GLN D 843 3.43 -11.71 55.42
N LEU D 844 3.15 -10.69 56.25
CA LEU D 844 4.22 -10.03 56.98
C LEU D 844 5.03 -11.04 57.76
N ASP D 845 6.30 -10.72 57.98
CA ASP D 845 7.22 -11.61 58.66
C ASP D 845 8.11 -10.82 59.61
N ILE D 846 9.03 -11.54 60.27
CA ILE D 846 10.04 -10.87 61.09
C ILE D 846 10.91 -9.95 60.27
N ASP D 847 10.85 -10.06 58.94
CA ASP D 847 11.65 -9.22 58.06
C ASP D 847 11.51 -7.74 58.40
N ASN D 848 10.33 -7.32 58.87
CA ASN D 848 10.05 -5.91 59.04
C ASN D 848 9.77 -5.50 60.48
N MET D 849 9.10 -6.35 61.25
CA MET D 849 8.80 -6.03 62.63
C MET D 849 10.04 -5.86 63.50
N ALA D 850 11.21 -6.09 62.93
CA ALA D 850 12.46 -5.80 63.62
C ALA D 850 12.43 -4.39 64.19
N GLY D 851 11.77 -3.45 63.52
CA GLY D 851 11.73 -2.09 64.03
C GLY D 851 11.03 -2.00 65.37
N VAL D 852 9.81 -2.54 65.44
CA VAL D 852 9.11 -2.45 66.71
C VAL D 852 9.88 -3.22 67.78
N PHE D 853 10.54 -4.31 67.41
CA PHE D 853 11.24 -5.04 68.46
C PHE D 853 12.50 -4.30 68.91
N TYR D 854 13.11 -3.54 68.01
CA TYR D 854 14.22 -2.68 68.41
C TYR D 854 13.72 -1.60 69.37
N MET D 855 12.54 -1.04 69.10
CA MET D 855 12.00 -0.07 70.05
C MET D 855 11.73 -0.73 71.40
N LEU D 856 11.32 -2.00 71.39
CA LEU D 856 11.16 -2.73 72.65
C LEU D 856 12.48 -2.81 73.42
N GLY D 857 13.54 -3.23 72.73
CA GLY D 857 14.85 -3.22 73.35
C GLY D 857 15.24 -1.84 73.86
N ALA D 858 14.85 -0.79 73.13
CA ALA D 858 15.10 0.56 73.59
C ALA D 858 14.39 0.84 74.90
N ALA D 859 13.16 0.37 75.02
CA ALA D 859 12.45 0.47 76.29
C ALA D 859 13.24 -0.20 77.41
N MET D 860 13.74 -1.40 77.15
CA MET D 860 14.56 -2.06 78.17
C MET D 860 15.79 -1.23 78.55
N ALA D 861 16.43 -0.62 77.55
CA ALA D 861 17.60 0.21 77.83
C ALA D 861 17.24 1.39 78.74
N LEU D 862 16.15 2.09 78.40
CA LEU D 862 15.70 3.16 79.27
C LEU D 862 15.38 2.64 80.66
N SER D 863 14.86 1.42 80.77
CA SER D 863 14.59 0.87 82.09
C SER D 863 15.87 0.72 82.90
N LEU D 864 16.94 0.23 82.25
CA LEU D 864 18.21 0.10 82.97
C LEU D 864 18.74 1.46 83.41
N ILE D 865 18.72 2.45 82.51
CA ILE D 865 19.25 3.76 82.91
C ILE D 865 18.37 4.40 83.97
N THR D 866 17.09 4.07 84.02
CA THR D 866 16.27 4.54 85.12
C THR D 866 16.56 3.82 86.42
N PHE D 867 17.00 2.57 86.37
CA PHE D 867 17.47 1.94 87.59
C PHE D 867 18.72 2.64 88.12
N ILE D 868 19.65 2.97 87.23
CA ILE D 868 20.84 3.65 87.73
C ILE D 868 20.46 5.02 88.27
N SER D 869 19.53 5.71 87.63
CA SER D 869 19.05 6.96 88.22
C SER D 869 18.28 6.73 89.51
N GLU D 870 17.70 5.54 89.69
CA GLU D 870 17.14 5.20 90.99
C GLU D 870 18.22 5.24 92.05
N HIS D 871 19.36 4.62 91.79
CA HIS D 871 20.45 4.73 92.74
C HIS D 871 20.86 6.20 92.92
N LEU D 872 20.94 6.94 91.82
CA LEU D 872 21.38 8.33 91.90
C LEU D 872 20.42 9.18 92.73
N PHE D 873 19.15 8.82 92.76
CA PHE D 873 18.20 9.48 93.64
C PHE D 873 18.30 8.96 95.06
N TYR D 874 18.63 7.67 95.23
CA TYR D 874 18.90 7.13 96.55
C TYR D 874 20.07 7.85 97.20
N TRP D 875 20.91 8.50 96.40
CA TRP D 875 21.85 9.48 96.95
C TRP D 875 21.17 10.42 97.92
N GLN D 876 19.92 10.79 97.64
CA GLN D 876 19.16 11.67 98.51
C GLN D 876 17.73 11.14 98.72
C1 NAG E . 17.50 49.06 -13.73
C2 NAG E . 18.46 49.28 -12.55
C3 NAG E . 17.66 49.40 -11.25
C4 NAG E . 16.56 50.45 -11.39
C5 NAG E . 15.72 50.16 -12.62
C6 NAG E . 14.67 51.22 -12.90
C7 NAG E . 20.44 48.05 -13.29
C8 NAG E . 21.33 46.87 -13.05
N2 NAG E . 19.41 48.19 -12.45
O3 NAG E . 18.55 49.76 -10.20
O4 NAG E . 15.74 50.44 -10.24
O5 NAG E . 16.57 50.12 -13.79
O6 NAG E . 14.12 51.06 -14.20
O7 NAG E . 20.65 48.84 -14.21
C1 NAG E . 15.83 51.26 -9.15
C2 NAG E . 14.67 50.93 -8.20
C3 NAG E . 13.36 51.49 -8.76
C4 NAG E . 13.50 52.98 -9.02
C5 NAG E . 14.71 53.24 -9.92
C6 NAG E . 14.97 54.72 -10.13
C7 NAG E . 14.04 48.96 -6.89
C8 NAG E . 14.01 47.47 -6.83
N2 NAG E . 14.56 49.50 -7.99
O3 NAG E . 12.32 51.25 -7.83
O4 NAG E . 12.32 53.47 -9.66
O5 NAG E . 15.89 52.68 -9.33
O6 NAG E . 13.77 55.46 -10.15
O7 NAG E . 13.61 49.66 -5.97
C1 NAG F . 53.42 23.37 -47.26
C2 NAG F . 54.85 23.79 -46.98
C3 NAG F . 55.75 23.45 -48.17
C4 NAG F . 55.59 21.98 -48.54
C5 NAG F . 54.13 21.64 -48.76
C6 NAG F . 53.90 20.17 -49.03
C7 NAG F . 55.87 25.75 -45.89
C8 NAG F . 55.78 27.23 -45.70
N2 NAG F . 54.93 25.22 -46.68
O3 NAG F . 57.10 23.73 -47.85
O4 NAG F . 56.32 21.70 -49.73
O5 NAG F . 53.38 21.98 -47.58
O6 NAG F . 54.83 19.37 -48.31
O7 NAG F . 56.74 25.07 -45.36
C4 QGP G . -29.31 14.67 8.02
C5 QGP G . -29.00 14.96 9.34
C6 QGP G . -27.68 15.21 9.70
C7 QGP G . -26.69 15.17 8.73
C8 QGP G . -27.00 14.90 7.42
C9 QGP G . -28.31 14.64 7.06
C10 QGP G . -24.40 14.43 8.87
C11 QGP G . -22.72 15.96 9.66
C12 QGP G . -25.37 15.42 9.05
C13 QGP G . -25.01 16.66 9.51
O2 QGP G . -27.19 12.66 3.57
C14 QGP G . -23.69 16.93 9.82
C15 QGP G . -23.08 14.70 9.19
C16 QGP G . -28.61 14.38 5.73
CA QGP G . -28.59 12.87 5.47
N QGP G . -27.51 12.22 6.21
C QGP G . -28.36 12.60 3.98
O QGP G . -29.38 12.33 3.28
O3 QGP G . -32.37 15.80 9.87
P QGP G . -31.01 16.28 10.27
O4 QGP G . -31.21 16.85 11.57
O5 QGP G . -30.66 17.26 9.28
C1 QGP G . -30.02 14.97 10.29
O6 QGP G . -30.48 14.46 7.70
CL0 QGP G . -24.81 12.87 8.31
CL6 QGP G . -21.10 16.30 10.04
C1 NAG H . -18.70 13.40 39.28
C2 NAG H . -19.78 14.47 39.21
C3 NAG H . -19.22 15.76 38.61
C4 NAG H . -17.99 16.20 39.39
C5 NAG H . -16.98 15.08 39.41
C6 NAG H . -15.76 15.41 40.24
C7 NAG H . -22.18 14.34 38.75
C8 NAG H . -23.25 13.79 37.86
N2 NAG H . -20.92 14.02 38.44
O3 NAG H . -20.21 16.77 38.66
O4 NAG H . -17.41 17.34 38.77
O5 NAG H . -17.56 13.91 39.99
O6 NAG H . -15.32 16.75 39.99
O7 NAG H . -22.45 15.04 39.72
N QGM I . -25.58 -18.06 8.05
CA QGM I . -24.46 -18.81 7.48
C QGM I . -24.10 -18.23 6.10
O QGM I . -23.95 -19.00 5.11
CB QGM I . -23.22 -18.79 8.34
CG QGM I . -23.51 -19.40 9.69
CD1 QGM I . -24.75 -18.69 10.31
ND2 QGM I . -23.82 -20.79 9.53
OXT QGM I . -23.96 -16.98 5.96
CAF QGM I . -20.32 -25.87 11.41
CAG QGM I . -21.63 -25.96 11.86
CAH QGM I . -19.93 -24.91 10.50
CAI QGM I . -22.58 -25.09 11.38
CAJ QGM I . -20.91 -24.06 10.00
CAK QGM I . -25.93 -18.10 12.31
CAL QGM I . -26.79 -17.47 10.14
CAR QGM I . -22.91 -21.78 10.05
CAS QGM I . -26.90 -17.48 11.54
CAT QGM I . -22.21 -24.13 10.45
CAU QGM I . -24.86 -18.70 11.69
CAV QGM I . -25.70 -18.08 9.52
NAN QGM I . -23.18 -23.20 9.90
OAB QGM I . -21.93 -21.41 10.62
CLD QGM I . -28.27 -16.69 12.36
CLE QGM I . -23.60 -19.52 12.62
C4 QGP J . 25.05 -17.24 16.80
C5 QGP J . 24.27 -17.26 17.95
C6 QGP J . 22.89 -17.33 17.84
C7 QGP J . 22.29 -17.40 16.59
C8 QGP J . 23.07 -17.41 15.44
C9 QGP J . 24.44 -17.32 15.56
C10 QGP J . 20.12 -16.56 15.90
C11 QGP J . 18.16 -17.77 16.55
C12 QGP J . 20.91 -17.49 16.55
C13 QGP J . 20.32 -18.56 17.21
O2 QGP J . 25.24 -15.33 11.97
C14 QGP J . 18.95 -18.70 17.21
C15 QGP J . 18.74 -16.69 15.90
C16 QGP J . 25.22 -17.32 14.40
CA QGP J . 25.78 -15.91 14.20
N QGP J . 24.77 -14.94 14.63
C QGP J . 26.17 -15.66 12.74
O QGP J . 27.38 -15.77 12.42
O3 QGP J . 27.26 -17.76 19.44
P QGP J . 25.89 -18.33 19.65
O4 QGP J . 25.84 -18.64 21.06
O5 QGP J . 25.81 -19.48 18.80
C1 QGP J . 24.83 -17.17 19.22
O6 QGP J . 26.27 -17.18 16.90
CL0 QGP J . 20.82 -15.22 15.08
CL6 QGP J . 16.48 -17.95 16.56
C1 NAG K . 4.76 -14.68 43.68
C2 NAG K . 5.14 -16.12 44.01
C3 NAG K . 4.24 -17.10 43.24
C4 NAG K . 2.78 -16.78 43.48
C5 NAG K . 2.50 -15.32 43.16
C6 NAG K . 1.08 -14.91 43.46
C7 NAG K . 7.52 -16.03 44.55
C8 NAG K . 8.91 -16.36 44.10
N2 NAG K . 6.54 -16.38 43.71
O3 NAG K . 4.52 -18.43 43.66
O4 NAG K . 1.95 -17.63 42.69
O5 NAG K . 3.36 -14.48 43.92
O6 NAG K . 0.16 -15.94 43.13
O7 NAG K . 7.30 -15.47 45.62
C1 NAG L . 30.93 -26.96 23.59
C2 NAG L . 30.76 -28.44 23.29
C3 NAG L . 31.37 -29.26 24.42
C4 NAG L . 32.81 -28.87 24.65
C5 NAG L . 32.93 -27.35 24.85
C6 NAG L . 34.37 -26.88 24.88
C7 NAG L . 28.78 -28.86 21.92
C8 NAG L . 27.32 -29.22 21.93
N2 NAG L . 29.36 -28.77 23.12
O3 NAG L . 31.29 -30.64 24.08
O4 NAG L . 33.32 -29.53 25.81
O5 NAG L . 32.31 -26.67 23.76
O6 NAG L . 34.62 -25.99 23.79
O7 NAG L . 29.38 -28.64 20.89
#